data_1IIE
#
_entry.id   1IIE
#
_cell.length_a   1.000
_cell.length_b   1.000
_cell.length_c   1.000
_cell.angle_alpha   90.00
_cell.angle_beta   90.00
_cell.angle_gamma   90.00
#
_symmetry.space_group_name_H-M   'P 1'
#
_entity_poly.entity_id   1
_entity_poly.type   'polypeptide(L)'
_entity_poly.pdbx_seq_one_letter_code
;YGNMTEDHVMHLLQNADPLKVYPPLKGSFPENLRHLKNTMETIDWKVFESWMHHWLLFEMSRHSLEQKPTDAPPK
;
_entity_poly.pdbx_strand_id   A,B,C
#
# COMPACT_ATOMS: atom_id res chain seq x y z
N TYR A 1 5.27 6.87 10.20
CA TYR A 1 6.74 6.66 9.99
C TYR A 1 7.30 7.69 9.02
N GLY A 2 6.55 8.73 8.73
CA GLY A 2 7.06 9.76 7.77
C GLY A 2 7.49 9.08 6.48
N ASN A 3 8.54 9.56 5.86
CA ASN A 3 8.99 8.92 4.61
C ASN A 3 10.35 8.26 4.81
N MET A 4 11.39 8.68 4.12
CA MET A 4 12.72 8.03 4.30
C MET A 4 12.53 6.52 4.15
N THR A 5 11.55 6.13 3.39
CA THR A 5 11.24 4.70 3.21
C THR A 5 11.25 4.32 1.72
N GLU A 6 10.86 5.23 0.86
CA GLU A 6 10.85 4.91 -0.58
C GLU A 6 12.26 4.62 -1.06
N ASP A 7 13.22 5.33 -0.57
CA ASP A 7 14.63 5.05 -0.99
C ASP A 7 15.10 3.76 -0.34
N HIS A 8 14.54 3.44 0.79
CA HIS A 8 14.92 2.20 1.49
C HIS A 8 14.10 1.04 0.96
N VAL A 9 12.95 1.36 0.43
CA VAL A 9 12.06 0.32 -0.16
C VAL A 9 12.47 0.18 -1.62
N MET A 10 12.86 1.28 -2.22
CA MET A 10 13.30 1.23 -3.63
C MET A 10 14.58 0.42 -3.68
N HIS A 11 15.46 0.68 -2.75
CA HIS A 11 16.72 -0.09 -2.72
C HIS A 11 16.40 -1.56 -2.45
N LEU A 12 15.45 -1.81 -1.59
CA LEU A 12 15.06 -3.22 -1.31
C LEU A 12 14.50 -3.83 -2.60
N LEU A 13 14.09 -3.00 -3.52
CA LEU A 13 13.56 -3.50 -4.81
C LEU A 13 14.66 -3.43 -5.88
N GLN A 14 15.59 -2.55 -5.69
CA GLN A 14 16.70 -2.40 -6.67
C GLN A 14 17.76 -3.48 -6.44
N ASN A 15 17.65 -4.22 -5.37
CA ASN A 15 18.65 -5.30 -5.10
C ASN A 15 17.98 -6.65 -5.26
N ALA A 16 16.71 -6.72 -4.99
CA ALA A 16 15.98 -8.02 -5.12
C ALA A 16 15.73 -8.30 -6.59
N ASP A 17 15.59 -7.27 -7.35
CA ASP A 17 15.33 -7.48 -8.80
C ASP A 17 16.06 -6.41 -9.62
N PRO A 18 16.89 -6.85 -10.53
CA PRO A 18 17.65 -5.90 -11.40
C PRO A 18 16.73 -5.25 -12.44
N LEU A 19 15.49 -5.67 -12.51
CA LEU A 19 14.55 -5.07 -13.51
C LEU A 19 13.58 -4.10 -12.83
N LYS A 20 13.80 -3.79 -11.58
CA LYS A 20 12.88 -2.85 -10.88
C LYS A 20 13.26 -1.42 -11.20
N VAL A 21 12.33 -0.66 -11.69
CA VAL A 21 12.63 0.76 -12.02
C VAL A 21 11.57 1.68 -11.45
N TYR A 22 11.95 2.87 -11.20
CA TYR A 22 11.00 3.88 -10.72
C TYR A 22 11.30 5.17 -11.45
N PRO A 23 10.75 5.25 -12.63
CA PRO A 23 10.99 6.44 -13.48
C PRO A 23 10.58 7.71 -12.75
N PRO A 24 11.28 8.78 -13.06
CA PRO A 24 11.00 10.07 -12.40
C PRO A 24 9.63 10.58 -12.78
N LEU A 25 8.69 10.40 -11.90
CA LEU A 25 7.32 10.88 -12.17
C LEU A 25 7.27 12.35 -11.74
N LYS A 26 7.97 13.18 -12.45
CA LYS A 26 8.04 14.62 -12.10
C LYS A 26 6.71 15.32 -12.39
N GLY A 27 5.92 14.77 -13.27
CA GLY A 27 4.59 15.38 -13.57
C GLY A 27 3.75 15.37 -12.29
N SER A 28 2.45 15.33 -12.42
CA SER A 28 1.60 15.28 -11.20
C SER A 28 1.24 13.82 -10.94
N PHE A 29 0.62 13.55 -9.83
CA PHE A 29 0.27 12.14 -9.51
C PHE A 29 -0.55 11.47 -10.63
N PRO A 30 -1.44 12.18 -11.26
CA PRO A 30 -2.22 11.57 -12.37
C PRO A 30 -1.34 11.45 -13.61
N GLU A 31 -0.26 12.19 -13.65
CA GLU A 31 0.69 12.09 -14.80
C GLU A 31 1.70 11.03 -14.41
N ASN A 32 2.09 11.10 -13.19
CA ASN A 32 3.05 10.12 -12.63
C ASN A 32 2.45 8.73 -12.73
N LEU A 33 1.14 8.64 -12.59
CA LEU A 33 0.48 7.30 -12.68
C LEU A 33 0.35 6.90 -14.14
N ARG A 34 -0.14 7.78 -14.94
CA ARG A 34 -0.28 7.49 -16.39
C ARG A 34 1.12 7.37 -17.00
N HIS A 35 2.09 7.99 -16.39
CA HIS A 35 3.47 7.85 -16.90
C HIS A 35 3.95 6.45 -16.52
N LEU A 36 3.84 6.09 -15.28
CA LEU A 36 4.23 4.72 -14.88
C LEU A 36 3.49 3.73 -15.74
N LYS A 37 2.28 4.06 -16.03
CA LYS A 37 1.43 3.18 -16.85
C LYS A 37 1.90 3.22 -18.30
N ASN A 38 2.00 4.39 -18.82
CA ASN A 38 2.46 4.56 -20.23
C ASN A 38 3.97 4.29 -20.33
N THR A 39 4.63 4.15 -19.21
CA THR A 39 6.10 3.90 -19.24
C THR A 39 6.44 2.53 -18.68
N MET A 40 6.13 2.30 -17.45
CA MET A 40 6.44 0.97 -16.84
C MET A 40 5.78 -0.15 -17.64
N GLU A 41 6.04 -1.37 -17.28
CA GLU A 41 5.40 -2.51 -17.99
C GLU A 41 3.92 -2.43 -17.80
N THR A 42 3.21 -2.47 -18.88
CA THR A 42 1.72 -2.44 -18.83
C THR A 42 1.25 -3.44 -17.81
N ILE A 43 2.00 -4.49 -17.70
CA ILE A 43 1.64 -5.56 -16.74
C ILE A 43 2.08 -5.19 -15.36
N ASP A 44 3.09 -4.42 -15.25
CA ASP A 44 3.50 -3.93 -13.92
C ASP A 44 2.50 -2.84 -13.59
N TRP A 45 2.01 -2.19 -14.61
CA TRP A 45 0.97 -1.18 -14.42
C TRP A 45 -0.33 -1.92 -14.11
N LYS A 46 -0.53 -3.04 -14.75
CA LYS A 46 -1.77 -3.81 -14.47
C LYS A 46 -1.80 -4.10 -12.99
N VAL A 47 -0.67 -4.53 -12.55
CA VAL A 47 -0.49 -4.89 -11.13
C VAL A 47 -0.46 -3.61 -10.29
N PHE A 48 0.17 -2.58 -10.78
CA PHE A 48 0.21 -1.32 -10.00
C PHE A 48 -1.21 -0.77 -9.86
N GLU A 49 -1.94 -0.80 -10.94
CA GLU A 49 -3.35 -0.32 -10.88
C GLU A 49 -4.09 -1.17 -9.87
N SER A 50 -3.89 -2.45 -9.92
CA SER A 50 -4.54 -3.34 -8.94
C SER A 50 -3.99 -2.99 -7.56
N TRP A 51 -2.75 -2.57 -7.51
CA TRP A 51 -2.15 -2.17 -6.21
C TRP A 51 -2.80 -0.88 -5.75
N MET A 52 -3.07 -0.01 -6.68
CA MET A 52 -3.74 1.26 -6.32
C MET A 52 -5.20 0.95 -5.97
N HIS A 53 -5.76 0.03 -6.68
CA HIS A 53 -7.17 -0.39 -6.41
C HIS A 53 -7.23 -1.02 -5.03
N HIS A 54 -6.31 -1.90 -4.73
CA HIS A 54 -6.29 -2.52 -3.37
C HIS A 54 -5.97 -1.42 -2.38
N TRP A 55 -4.98 -0.64 -2.68
CA TRP A 55 -4.65 0.51 -1.82
C TRP A 55 -5.92 1.33 -1.61
N LEU A 56 -6.68 1.47 -2.64
CA LEU A 56 -7.93 2.25 -2.56
C LEU A 56 -8.94 1.55 -1.67
N LEU A 57 -9.30 0.32 -1.98
CA LEU A 57 -10.27 -0.41 -1.13
C LEU A 57 -9.85 -0.30 0.32
N PHE A 58 -8.71 -0.86 0.62
CA PHE A 58 -8.17 -0.82 2.01
C PHE A 58 -8.46 0.54 2.66
N GLU A 59 -7.93 1.58 2.12
CA GLU A 59 -8.17 2.94 2.69
C GLU A 59 -9.67 3.22 2.80
N MET A 60 -10.41 2.84 1.81
CA MET A 60 -11.88 3.07 1.87
C MET A 60 -12.47 2.17 2.96
N SER A 61 -12.26 0.88 2.87
CA SER A 61 -12.76 -0.05 3.92
C SER A 61 -12.27 0.39 5.30
N ARG A 62 -11.02 0.78 5.39
CA ARG A 62 -10.48 1.21 6.71
C ARG A 62 -10.77 2.69 6.99
N HIS A 63 -11.63 3.31 6.23
CA HIS A 63 -11.95 4.74 6.47
C HIS A 63 -13.07 4.87 7.50
N SER A 64 -12.95 4.22 8.62
CA SER A 64 -14.01 4.29 9.66
C SER A 64 -14.33 5.75 10.01
N LEU A 65 -13.42 6.63 9.75
CA LEU A 65 -13.66 8.06 10.07
C LEU A 65 -14.84 8.60 9.26
N GLU A 66 -14.72 8.60 7.96
CA GLU A 66 -15.84 9.10 7.11
C GLU A 66 -17.04 8.16 7.21
N GLN A 67 -18.03 8.52 7.98
CA GLN A 67 -19.23 7.65 8.10
C GLN A 67 -20.51 8.48 8.06
N LYS A 68 -21.33 8.28 7.07
CA LYS A 68 -22.60 9.07 6.98
C LYS A 68 -23.57 8.64 8.08
N PRO A 69 -24.27 9.59 8.64
CA PRO A 69 -25.24 9.29 9.71
C PRO A 69 -26.47 8.58 9.14
N THR A 70 -27.38 8.21 9.99
CA THR A 70 -28.59 7.49 9.50
C THR A 70 -29.80 7.78 10.41
N ASP A 71 -30.72 6.85 10.48
CA ASP A 71 -31.91 7.07 11.35
C ASP A 71 -31.81 6.20 12.60
N ALA A 72 -31.53 6.80 13.73
CA ALA A 72 -31.43 6.02 14.99
C ALA A 72 -32.81 5.49 15.41
N PRO A 73 -33.76 6.38 15.54
CA PRO A 73 -35.12 5.97 15.95
C PRO A 73 -35.85 5.30 14.79
N PRO A 74 -36.93 4.62 15.11
CA PRO A 74 -37.72 3.91 14.07
C PRO A 74 -38.58 4.91 13.29
N LYS A 75 -39.25 5.79 13.98
CA LYS A 75 -40.10 6.79 13.27
C LYS A 75 -39.34 8.11 13.08
N TYR B 1 0.60 13.02 2.95
CA TYR B 1 -0.16 13.63 1.82
C TYR B 1 -1.67 13.64 2.12
N GLY B 2 -2.05 13.40 3.35
CA GLY B 2 -3.50 13.39 3.68
C GLY B 2 -4.23 12.44 2.74
N ASN B 3 -5.42 12.77 2.35
CA ASN B 3 -6.16 11.88 1.42
C ASN B 3 -6.35 12.56 0.06
N MET B 4 -7.56 12.82 -0.37
CA MET B 4 -7.76 13.47 -1.70
C MET B 4 -6.96 12.68 -2.73
N THR B 5 -6.77 11.42 -2.47
CA THR B 5 -5.97 10.55 -3.38
C THR B 5 -6.78 9.35 -3.84
N GLU B 6 -7.66 8.85 -3.01
CA GLU B 6 -8.46 7.67 -3.42
C GLU B 6 -9.34 8.02 -4.61
N ASP B 7 -9.85 9.21 -4.64
CA ASP B 7 -10.71 9.61 -5.81
C ASP B 7 -9.80 9.85 -7.01
N HIS B 8 -8.59 10.22 -6.76
CA HIS B 8 -7.64 10.48 -7.85
C HIS B 8 -6.96 9.18 -8.25
N VAL B 9 -6.92 8.25 -7.33
CA VAL B 9 -6.32 6.92 -7.60
C VAL B 9 -7.44 6.05 -8.15
N MET B 10 -8.63 6.25 -7.64
CA MET B 10 -9.78 5.47 -8.13
C MET B 10 -10.02 5.86 -9.58
N HIS B 11 -9.96 7.14 -9.84
CA HIS B 11 -10.17 7.60 -11.24
C HIS B 11 -9.03 7.04 -12.10
N LEU B 12 -7.83 7.03 -11.57
CA LEU B 12 -6.69 6.46 -12.34
C LEU B 12 -6.96 4.98 -12.60
N LEU B 13 -7.83 4.40 -11.82
CA LEU B 13 -8.17 2.97 -12.00
C LEU B 13 -9.47 2.85 -12.79
N GLN B 14 -10.29 3.85 -12.71
CA GLN B 14 -11.60 3.85 -13.43
C GLN B 14 -11.39 4.21 -14.91
N ASN B 15 -10.21 4.63 -15.27
CA ASN B 15 -9.95 4.99 -16.68
C ASN B 15 -8.99 3.98 -17.29
N ALA B 16 -8.12 3.43 -16.50
CA ALA B 16 -7.17 2.41 -17.01
C ALA B 16 -7.88 1.10 -17.23
N ASP B 17 -8.88 0.85 -16.45
CA ASP B 17 -9.64 -0.41 -16.62
C ASP B 17 -11.13 -0.18 -16.38
N PRO B 18 -11.93 -0.54 -17.36
CA PRO B 18 -13.40 -0.37 -17.24
C PRO B 18 -13.99 -1.40 -16.27
N LEU B 19 -13.20 -2.33 -15.79
CA LEU B 19 -13.74 -3.36 -14.85
C LEU B 19 -13.31 -3.05 -13.41
N LYS B 20 -12.74 -1.89 -13.18
CA LYS B 20 -12.31 -1.56 -11.80
C LYS B 20 -13.47 -1.03 -11.00
N VAL B 21 -13.76 -1.64 -9.89
CA VAL B 21 -14.89 -1.16 -9.05
C VAL B 21 -14.46 -1.01 -7.60
N TYR B 22 -15.13 -0.15 -6.92
CA TYR B 22 -14.87 0.03 -5.49
C TYR B 22 -16.21 0.16 -4.80
N PRO B 23 -16.79 -0.97 -4.52
CA PRO B 23 -18.11 -1.00 -3.88
C PRO B 23 -18.10 -0.22 -2.58
N PRO B 24 -19.23 0.36 -2.25
CA PRO B 24 -19.34 1.16 -1.03
C PRO B 24 -19.18 0.29 0.20
N LEU B 25 -18.01 0.32 0.77
CA LEU B 25 -17.78 -0.49 2.00
C LEU B 25 -18.25 0.36 3.19
N LYS B 26 -19.53 0.57 3.27
CA LYS B 26 -20.09 1.42 4.36
C LYS B 26 -20.00 0.70 5.71
N GLY B 27 -19.91 -0.60 5.70
CA GLY B 27 -19.78 -1.34 6.99
C GLY B 27 -18.49 -0.90 7.67
N SER B 28 -17.89 -1.76 8.46
CA SER B 28 -16.62 -1.40 9.13
C SER B 28 -15.47 -1.96 8.29
N PHE B 29 -14.27 -1.61 8.62
CA PHE B 29 -13.11 -2.12 7.82
C PHE B 29 -13.11 -3.66 7.71
N PRO B 30 -13.48 -4.37 8.76
CA PRO B 30 -13.50 -5.84 8.67
C PRO B 30 -14.73 -6.27 7.86
N GLU B 31 -15.69 -5.40 7.71
CA GLU B 31 -16.89 -5.73 6.89
C GLU B 31 -16.57 -5.27 5.49
N ASN B 32 -15.97 -4.13 5.43
CA ASN B 32 -15.54 -3.55 4.13
C ASN B 32 -14.56 -4.50 3.46
N LEU B 33 -13.77 -5.19 4.25
CA LEU B 33 -12.78 -6.14 3.66
C LEU B 33 -13.49 -7.42 3.27
N ARG B 34 -14.26 -7.95 4.17
CA ARG B 34 -15.03 -9.19 3.86
C ARG B 34 -16.06 -8.88 2.79
N HIS B 35 -16.47 -7.64 2.70
CA HIS B 35 -17.43 -7.26 1.64
C HIS B 35 -16.67 -7.25 0.33
N LEU B 36 -15.57 -6.55 0.27
CA LEU B 36 -14.76 -6.55 -0.97
C LEU B 36 -14.44 -7.98 -1.34
N LYS B 37 -14.22 -8.77 -0.33
CA LYS B 37 -13.87 -10.19 -0.54
C LYS B 37 -15.11 -10.94 -0.99
N ASN B 38 -16.15 -10.83 -0.22
CA ASN B 38 -17.42 -11.51 -0.56
C ASN B 38 -18.10 -10.83 -1.76
N THR B 39 -17.60 -9.69 -2.16
CA THR B 39 -18.22 -8.95 -3.30
C THR B 39 -17.27 -8.89 -4.49
N MET B 40 -16.15 -8.25 -4.32
CA MET B 40 -15.19 -8.13 -5.46
C MET B 40 -14.80 -9.52 -5.95
N GLU B 41 -14.02 -9.58 -7.00
CA GLU B 41 -13.58 -10.88 -7.52
C GLU B 41 -12.75 -11.58 -6.49
N THR B 42 -13.12 -12.78 -6.19
CA THR B 42 -12.36 -13.59 -5.19
C THR B 42 -10.89 -13.50 -5.53
N ILE B 43 -10.63 -13.39 -6.78
CA ILE B 43 -9.22 -13.32 -7.25
C ILE B 43 -8.69 -11.91 -7.09
N ASP B 44 -9.55 -10.96 -7.15
CA ASP B 44 -9.11 -9.57 -6.90
C ASP B 44 -8.96 -9.50 -5.39
N TRP B 45 -9.76 -10.27 -4.70
CA TRP B 45 -9.65 -10.34 -3.25
C TRP B 45 -8.40 -11.15 -2.92
N LYS B 46 -8.13 -12.16 -3.72
CA LYS B 46 -6.90 -12.97 -3.45
C LYS B 46 -5.73 -12.02 -3.48
N VAL B 47 -5.76 -11.22 -4.48
CA VAL B 47 -4.70 -10.22 -4.69
C VAL B 47 -4.82 -9.11 -3.66
N PHE B 48 -6.02 -8.70 -3.35
CA PHE B 48 -6.19 -7.64 -2.33
C PHE B 48 -5.70 -8.15 -0.99
N GLU B 49 -6.04 -9.36 -0.67
CA GLU B 49 -5.55 -9.95 0.61
C GLU B 49 -4.03 -9.96 0.57
N SER B 50 -3.49 -10.37 -0.53
CA SER B 50 -2.01 -10.37 -0.67
C SER B 50 -1.53 -8.93 -0.59
N TRP B 51 -2.35 -8.02 -1.07
CA TRP B 51 -1.99 -6.58 -1.00
C TRP B 51 -2.03 -6.13 0.45
N MET B 52 -3.00 -6.62 1.17
CA MET B 52 -3.10 -6.26 2.60
C MET B 52 -1.98 -6.96 3.35
N HIS B 53 -1.68 -8.16 2.94
CA HIS B 53 -0.57 -8.93 3.57
C HIS B 53 0.74 -8.20 3.29
N HIS B 54 0.96 -7.80 2.07
CA HIS B 54 2.20 -7.03 1.75
C HIS B 54 2.13 -5.72 2.49
N TRP B 55 1.00 -5.07 2.40
CA TRP B 55 0.81 -3.82 3.15
C TRP B 55 1.14 -4.08 4.62
N LEU B 56 0.74 -5.22 5.10
CA LEU B 56 1.01 -5.58 6.50
C LEU B 56 2.50 -5.79 6.74
N LEU B 57 3.13 -6.68 6.01
CA LEU B 57 4.59 -6.90 6.18
C LEU B 57 5.30 -5.57 6.17
N PHE B 58 5.23 -4.92 5.04
CA PHE B 58 5.89 -3.57 4.89
C PHE B 58 5.76 -2.76 6.18
N GLU B 59 4.56 -2.45 6.55
CA GLU B 59 4.33 -1.66 7.80
C GLU B 59 5.00 -2.33 8.99
N MET B 60 4.90 -3.62 9.08
CA MET B 60 5.56 -4.34 10.21
C MET B 60 7.09 -4.22 10.05
N SER B 61 7.60 -4.66 8.93
CA SER B 61 9.06 -4.55 8.67
C SER B 61 9.51 -3.09 8.85
N ARG B 62 8.75 -2.17 8.35
CA ARG B 62 9.14 -0.73 8.47
C ARG B 62 8.69 -0.13 9.81
N HIS B 63 8.28 -0.95 10.75
CA HIS B 63 7.83 -0.40 12.06
C HIS B 63 9.01 -0.26 13.01
N SER B 64 10.06 0.39 12.57
CA SER B 64 11.27 0.55 13.44
C SER B 64 10.88 1.17 14.77
N LEU B 65 9.77 1.85 14.83
CA LEU B 65 9.34 2.48 16.10
C LEU B 65 9.09 1.42 17.17
N GLU B 66 8.15 0.55 16.94
CA GLU B 66 7.86 -0.51 17.94
C GLU B 66 9.03 -1.50 18.02
N GLN B 67 9.86 -1.37 19.02
CA GLN B 67 11.01 -2.30 19.15
C GLN B 67 11.18 -2.75 20.61
N LYS B 68 11.02 -4.02 20.87
CA LYS B 68 11.18 -4.52 22.26
C LYS B 68 12.64 -4.44 22.70
N PRO B 69 12.85 -4.08 23.94
CA PRO B 69 14.23 -3.97 24.47
C PRO B 69 14.84 -5.35 24.66
N THR B 70 16.08 -5.42 25.08
CA THR B 70 16.73 -6.73 25.27
C THR B 70 17.80 -6.66 26.36
N ASP B 71 18.80 -7.50 26.28
CA ASP B 71 19.87 -7.48 27.32
C ASP B 71 21.15 -6.84 26.74
N ALA B 72 21.45 -5.64 27.14
CA ALA B 72 22.68 -4.97 26.63
C ALA B 72 23.94 -5.65 27.17
N PRO B 73 24.02 -5.76 28.48
CA PRO B 73 25.19 -6.40 29.11
C PRO B 73 25.14 -7.93 28.94
N PRO B 74 26.26 -8.56 29.15
CA PRO B 74 26.33 -10.04 29.01
C PRO B 74 25.69 -10.73 30.23
N LYS B 75 26.01 -10.27 31.40
CA LYS B 75 25.42 -10.89 32.63
C LYS B 75 24.22 -10.08 33.10
N TYR C 1 -5.28 7.41 9.79
CA TYR C 1 -6.00 6.39 10.61
C TYR C 1 -5.05 5.74 11.62
N GLY C 2 -3.90 6.32 11.83
CA GLY C 2 -2.94 5.72 12.80
C GLY C 2 -2.70 4.26 12.45
N ASN C 3 -2.54 3.42 13.42
CA ASN C 3 -2.33 1.98 13.11
C ASN C 3 -3.53 1.14 13.58
N MET C 4 -3.34 0.23 14.51
CA MET C 4 -4.51 -0.60 14.96
C MET C 4 -5.19 -1.19 13.72
N THR C 5 -4.42 -1.37 12.68
CA THR C 5 -4.98 -1.89 11.41
C THR C 5 -4.24 -3.14 10.97
N GLU C 6 -2.97 -3.24 11.25
CA GLU C 6 -2.21 -4.44 10.82
C GLU C 6 -2.76 -5.68 11.52
N ASP C 7 -3.18 -5.55 12.75
CA ASP C 7 -3.76 -6.73 13.44
C ASP C 7 -5.16 -6.99 12.90
N HIS C 8 -5.79 -5.96 12.43
CA HIS C 8 -7.15 -6.11 11.88
C HIS C 8 -7.06 -6.49 10.41
N VAL C 9 -5.95 -6.17 9.80
CA VAL C 9 -5.72 -6.51 8.38
C VAL C 9 -5.06 -7.89 8.38
N MET C 10 -4.24 -8.13 9.36
CA MET C 10 -3.57 -9.45 9.46
C MET C 10 -4.64 -10.48 9.73
N HIS C 11 -5.53 -10.16 10.62
CA HIS C 11 -6.63 -11.11 10.93
C HIS C 11 -7.49 -11.29 9.68
N LEU C 12 -7.72 -10.22 8.96
CA LEU C 12 -8.52 -10.34 7.70
C LEU C 12 -7.76 -11.23 6.72
N LEU C 13 -6.48 -11.40 6.94
CA LEU C 13 -5.66 -12.27 6.06
C LEU C 13 -5.48 -13.63 6.71
N GLN C 14 -5.55 -13.66 8.01
CA GLN C 14 -5.39 -14.94 8.76
C GLN C 14 -6.69 -15.76 8.72
N ASN C 15 -7.76 -15.17 8.24
CA ASN C 15 -9.04 -15.92 8.17
C ASN C 15 -9.38 -16.19 6.71
N ALA C 16 -8.99 -15.31 5.83
CA ALA C 16 -9.27 -15.52 4.39
C ALA C 16 -8.36 -16.59 3.83
N ASP C 17 -7.20 -16.70 4.39
CA ASP C 17 -6.26 -17.72 3.90
C ASP C 17 -5.46 -18.33 5.07
N PRO C 18 -5.55 -19.64 5.19
CA PRO C 18 -4.82 -20.33 6.29
C PRO C 18 -3.31 -20.37 6.01
N LEU C 19 -2.89 -19.92 4.86
CA LEU C 19 -1.43 -19.94 4.55
C LEU C 19 -0.83 -18.53 4.67
N LYS C 20 -1.57 -17.59 5.19
CA LYS C 20 -1.03 -16.22 5.34
C LYS C 20 -0.19 -16.12 6.60
N VAL C 21 1.03 -15.71 6.45
CA VAL C 21 1.91 -15.57 7.64
C VAL C 21 2.61 -14.22 7.66
N TYR C 22 2.95 -13.79 8.82
CA TYR C 22 3.69 -12.53 8.96
C TYR C 22 4.75 -12.76 10.01
N PRO C 23 5.84 -13.32 9.56
CA PRO C 23 6.95 -13.63 10.47
C PRO C 23 7.41 -12.38 11.21
N PRO C 24 7.89 -12.59 12.41
CA PRO C 24 8.34 -11.47 13.25
C PRO C 24 9.57 -10.81 12.63
N LEU C 25 9.36 -9.71 11.96
CA LEU C 25 10.50 -9.00 11.35
C LEU C 25 11.09 -8.09 12.44
N LYS C 26 11.68 -8.68 13.44
CA LYS C 26 12.24 -7.91 14.57
C LYS C 26 13.50 -7.15 14.13
N GLY C 27 14.14 -7.59 13.09
CA GLY C 27 15.36 -6.87 12.60
C GLY C 27 14.95 -5.45 12.18
N SER C 28 15.64 -4.87 11.25
CA SER C 28 15.25 -3.51 10.78
C SER C 28 14.42 -3.67 9.51
N PHE C 29 13.86 -2.61 9.04
CA PHE C 29 13.02 -2.70 7.81
C PHE C 29 13.76 -3.36 6.64
N PRO C 30 15.03 -3.08 6.47
CA PRO C 30 15.77 -3.72 5.37
C PRO C 30 16.08 -5.17 5.73
N GLU C 31 15.98 -5.51 6.99
CA GLU C 31 16.20 -6.93 7.41
C GLU C 31 14.84 -7.59 7.38
N ASN C 32 13.89 -6.85 7.85
CA ASN C 32 12.49 -7.31 7.86
C ASN C 32 12.06 -7.59 6.42
N LEU C 33 12.56 -6.82 5.49
CA LEU C 33 12.18 -7.04 4.06
C LEU C 33 12.95 -8.23 3.51
N ARG C 34 14.23 -8.21 3.72
CA ARG C 34 15.07 -9.35 3.24
C ARG C 34 14.69 -10.61 4.01
N HIS C 35 14.17 -10.44 5.19
CA HIS C 35 13.73 -11.62 5.98
C HIS C 35 12.45 -12.12 5.34
N LEU C 36 11.49 -11.26 5.16
CA LEU C 36 10.24 -11.69 4.47
C LEU C 36 10.60 -12.31 3.13
N LYS C 37 11.59 -11.76 2.53
CA LYS C 37 12.04 -12.24 1.21
C LYS C 37 12.75 -13.57 1.38
N ASN C 38 13.73 -13.58 2.23
CA ASN C 38 14.50 -14.82 2.50
C ASN C 38 13.66 -15.81 3.30
N THR C 39 12.53 -15.38 3.79
CA THR C 39 11.66 -16.29 4.61
C THR C 39 10.35 -16.58 3.92
N MET C 40 9.57 -15.56 3.68
CA MET C 40 8.25 -15.78 3.02
C MET C 40 8.46 -16.44 1.65
N GLU C 41 7.40 -16.78 0.98
CA GLU C 41 7.52 -17.40 -0.35
C GLU C 41 8.19 -16.43 -1.29
N THR C 42 9.21 -16.88 -1.91
CA THR C 42 9.94 -16.01 -2.89
C THR C 42 8.94 -15.38 -3.82
N ILE C 43 7.89 -16.10 -4.05
CA ILE C 43 6.84 -15.59 -4.97
C ILE C 43 5.92 -14.64 -4.23
N ASP C 44 5.80 -14.81 -2.97
CA ASP C 44 5.01 -13.86 -2.18
C ASP C 44 5.91 -12.65 -2.03
N TRP C 45 7.20 -12.91 -2.02
CA TRP C 45 8.17 -11.81 -1.96
C TRP C 45 8.20 -11.17 -3.34
N LYS C 46 8.06 -11.97 -4.37
CA LYS C 46 8.06 -11.37 -5.73
C LYS C 46 6.95 -10.35 -5.78
N VAL C 47 5.85 -10.80 -5.28
CA VAL C 47 4.64 -9.96 -5.23
C VAL C 47 4.82 -8.86 -4.19
N PHE C 48 5.41 -9.17 -3.07
CA PHE C 48 5.62 -8.13 -2.04
C PHE C 48 6.55 -7.07 -2.59
N GLU C 49 7.60 -7.50 -3.24
CA GLU C 49 8.54 -6.51 -3.84
C GLU C 49 7.76 -5.66 -4.83
N SER C 50 6.96 -6.31 -5.62
CA SER C 50 6.12 -5.55 -6.59
C SER C 50 5.17 -4.67 -5.80
N TRP C 51 4.76 -5.15 -4.65
CA TRP C 51 3.85 -4.34 -3.79
C TRP C 51 4.62 -3.15 -3.25
N MET C 52 5.86 -3.37 -2.91
CA MET C 52 6.68 -2.26 -2.40
C MET C 52 7.01 -1.34 -3.57
N HIS C 53 7.23 -1.91 -4.70
CA HIS C 53 7.52 -1.11 -5.93
C HIS C 53 6.27 -0.28 -6.26
N HIS C 54 5.13 -0.88 -6.24
CA HIS C 54 3.88 -0.11 -6.51
C HIS C 54 3.70 0.88 -5.38
N TRP C 55 3.86 0.42 -4.17
CA TRP C 55 3.80 1.32 -3.02
C TRP C 55 4.77 2.48 -3.25
N LEU C 56 5.91 2.16 -3.79
CA LEU C 56 6.92 3.20 -4.05
C LEU C 56 6.44 4.15 -5.14
N LEU C 57 6.12 3.65 -6.31
CA LEU C 57 5.63 4.54 -7.40
C LEU C 57 4.55 5.43 -6.86
N PHE C 58 3.46 4.83 -6.47
CA PHE C 58 2.31 5.61 -5.90
C PHE C 58 2.80 6.77 -5.04
N GLU C 59 3.50 6.46 -3.98
CA GLU C 59 4.04 7.54 -3.09
C GLU C 59 4.87 8.53 -3.89
N MET C 60 5.67 8.05 -4.79
CA MET C 60 6.50 8.97 -5.62
C MET C 60 5.56 9.77 -6.54
N SER C 61 4.77 9.10 -7.34
CA SER C 61 3.81 9.80 -8.23
C SER C 61 2.92 10.74 -7.40
N ARG C 62 2.47 10.29 -6.27
CA ARG C 62 1.57 11.14 -5.43
C ARG C 62 2.39 12.07 -4.51
N HIS C 63 3.67 12.20 -4.75
CA HIS C 63 4.50 13.09 -3.89
C HIS C 63 4.47 14.53 -4.43
N SER C 64 3.31 15.05 -4.68
CA SER C 64 3.20 16.44 -5.22
C SER C 64 3.97 17.42 -4.34
N LEU C 65 4.21 17.07 -3.11
CA LEU C 65 4.94 17.99 -2.20
C LEU C 65 6.36 18.22 -2.71
N GLU C 66 7.14 17.17 -2.80
CA GLU C 66 8.53 17.32 -3.28
C GLU C 66 8.54 17.69 -4.78
N GLN C 67 8.74 18.94 -5.09
CA GLN C 67 8.74 19.36 -6.52
C GLN C 67 9.90 20.34 -6.79
N LYS C 68 10.84 19.94 -7.61
CA LYS C 68 11.98 20.85 -7.91
C LYS C 68 11.50 22.05 -8.74
N PRO C 69 12.05 23.21 -8.46
CA PRO C 69 11.65 24.43 -9.21
C PRO C 69 12.22 24.39 -10.62
N THR C 70 11.92 25.38 -11.42
CA THR C 70 12.44 25.39 -12.81
C THR C 70 12.61 26.84 -13.31
N ASP C 71 12.50 27.04 -14.59
CA ASP C 71 12.65 28.41 -15.15
C ASP C 71 11.29 28.98 -15.55
N ALA C 72 10.77 29.90 -14.80
CA ALA C 72 9.44 30.49 -15.14
C ALA C 72 9.55 31.36 -16.41
N PRO C 73 10.46 32.30 -16.38
CA PRO C 73 10.64 33.20 -17.56
C PRO C 73 11.37 32.46 -18.68
N PRO C 74 11.30 33.03 -19.87
CA PRO C 74 11.96 32.41 -21.04
C PRO C 74 13.47 32.66 -20.99
N LYS C 75 13.87 33.88 -20.72
CA LYS C 75 15.33 34.18 -20.66
C LYS C 75 15.83 34.14 -19.21
N TYR A 1 16.54 7.99 5.22
CA TYR A 1 16.45 7.72 3.75
C TYR A 1 15.90 8.96 3.02
N GLY A 2 15.95 8.98 1.71
CA GLY A 2 15.40 10.17 0.96
C GLY A 2 13.97 10.42 1.41
N ASN A 3 13.07 9.56 1.05
CA ASN A 3 11.67 9.74 1.52
C ASN A 3 11.51 9.04 2.88
N MET A 4 12.62 8.66 3.47
CA MET A 4 12.61 7.95 4.78
C MET A 4 12.13 6.51 4.61
N THR A 5 11.86 6.10 3.41
CA THR A 5 11.42 4.70 3.18
C THR A 5 11.45 4.37 1.69
N GLU A 6 10.80 5.15 0.88
CA GLU A 6 10.80 4.88 -0.58
C GLU A 6 12.23 4.70 -1.06
N ASP A 7 13.14 5.34 -0.40
CA ASP A 7 14.57 5.19 -0.78
C ASP A 7 15.10 3.87 -0.26
N HIS A 8 14.54 3.43 0.83
CA HIS A 8 14.97 2.16 1.45
C HIS A 8 14.16 1.01 0.87
N VAL A 9 13.01 1.34 0.35
CA VAL A 9 12.13 0.33 -0.26
C VAL A 9 12.52 0.25 -1.73
N MET A 10 12.89 1.37 -2.30
CA MET A 10 13.31 1.36 -3.73
C MET A 10 14.60 0.55 -3.83
N HIS A 11 15.42 0.66 -2.84
CA HIS A 11 16.69 -0.12 -2.85
C HIS A 11 16.37 -1.59 -2.60
N LEU A 12 15.41 -1.85 -1.74
CA LEU A 12 15.02 -3.25 -1.46
C LEU A 12 14.44 -3.89 -2.73
N LEU A 13 13.97 -3.06 -3.63
CA LEU A 13 13.41 -3.57 -4.91
C LEU A 13 14.48 -3.50 -5.99
N GLN A 14 15.41 -2.61 -5.83
CA GLN A 14 16.50 -2.45 -6.83
C GLN A 14 17.54 -3.55 -6.65
N ASN A 15 17.43 -4.34 -5.62
CA ASN A 15 18.40 -5.44 -5.39
C ASN A 15 17.73 -6.77 -5.68
N ALA A 16 16.46 -6.86 -5.40
CA ALA A 16 15.72 -8.13 -5.65
C ALA A 16 15.50 -8.30 -7.14
N ASP A 17 15.35 -7.21 -7.82
CA ASP A 17 15.13 -7.31 -9.28
C ASP A 17 16.07 -6.37 -10.04
N PRO A 18 16.87 -6.93 -10.90
CA PRO A 18 17.82 -6.11 -11.69
C PRO A 18 17.09 -5.33 -12.80
N LEU A 19 15.80 -5.51 -12.91
CA LEU A 19 15.05 -4.77 -13.97
C LEU A 19 13.96 -3.88 -13.35
N LYS A 20 14.13 -3.46 -12.13
CA LYS A 20 13.10 -2.60 -11.49
C LYS A 20 13.48 -1.14 -11.62
N VAL A 21 12.57 -0.32 -12.07
CA VAL A 21 12.89 1.12 -12.22
C VAL A 21 11.79 2.00 -11.66
N TYR A 22 12.16 3.13 -11.18
CA TYR A 22 11.15 4.09 -10.69
C TYR A 22 11.44 5.41 -11.34
N PRO A 23 10.93 5.56 -12.53
CA PRO A 23 11.15 6.79 -13.30
C PRO A 23 10.68 8.01 -12.53
N PRO A 24 11.36 9.11 -12.73
CA PRO A 24 11.02 10.35 -12.02
C PRO A 24 9.65 10.84 -12.45
N LEU A 25 8.67 10.61 -11.64
CA LEU A 25 7.31 11.06 -11.98
C LEU A 25 7.17 12.51 -11.51
N LYS A 26 7.95 13.36 -12.09
CA LYS A 26 7.94 14.81 -11.70
C LYS A 26 6.62 15.46 -12.10
N GLY A 27 5.92 14.88 -13.03
CA GLY A 27 4.60 15.45 -13.44
C GLY A 27 3.67 15.44 -12.23
N SER A 28 2.39 15.35 -12.45
CA SER A 28 1.44 15.30 -11.31
C SER A 28 1.16 13.84 -10.99
N PHE A 29 0.50 13.57 -9.91
CA PHE A 29 0.20 12.15 -9.56
C PHE A 29 -0.58 11.43 -10.68
N PRO A 30 -1.48 12.11 -11.34
CA PRO A 30 -2.21 11.45 -12.44
C PRO A 30 -1.29 11.34 -13.66
N GLU A 31 -0.27 12.15 -13.70
CA GLU A 31 0.72 12.08 -14.81
C GLU A 31 1.72 11.02 -14.42
N ASN A 32 2.09 11.10 -13.19
CA ASN A 32 3.05 10.12 -12.61
C ASN A 32 2.44 8.72 -12.72
N LEU A 33 1.15 8.64 -12.61
CA LEU A 33 0.48 7.30 -12.70
C LEU A 33 0.38 6.88 -14.16
N ARG A 34 -0.07 7.78 -14.98
CA ARG A 34 -0.16 7.47 -16.44
C ARG A 34 1.25 7.36 -17.01
N HIS A 35 2.20 7.96 -16.36
CA HIS A 35 3.61 7.86 -16.83
C HIS A 35 4.08 6.46 -16.47
N LEU A 36 3.96 6.09 -15.23
CA LEU A 36 4.35 4.72 -14.83
C LEU A 36 3.60 3.72 -15.70
N LYS A 37 2.39 4.05 -16.00
CA LYS A 37 1.54 3.18 -16.82
C LYS A 37 2.04 3.22 -18.25
N ASN A 38 2.16 4.40 -18.78
CA ASN A 38 2.64 4.59 -20.17
C ASN A 38 4.14 4.30 -20.26
N THR A 39 4.79 4.13 -19.13
CA THR A 39 6.26 3.89 -19.15
C THR A 39 6.58 2.50 -18.59
N MET A 40 6.25 2.28 -17.35
CA MET A 40 6.55 0.95 -16.74
C MET A 40 5.89 -0.16 -17.56
N GLU A 41 6.07 -1.39 -17.17
CA GLU A 41 5.44 -2.50 -17.90
C GLU A 41 3.95 -2.42 -17.75
N THR A 42 3.27 -2.47 -18.84
CA THR A 42 1.79 -2.44 -18.83
C THR A 42 1.29 -3.44 -17.81
N ILE A 43 2.05 -4.49 -17.67
CA ILE A 43 1.66 -5.54 -16.72
C ILE A 43 2.11 -5.17 -15.32
N ASP A 44 3.12 -4.40 -15.22
CA ASP A 44 3.53 -3.92 -13.89
C ASP A 44 2.53 -2.84 -13.56
N TRP A 45 2.04 -2.18 -14.58
CA TRP A 45 0.99 -1.17 -14.38
C TRP A 45 -0.29 -1.91 -14.08
N LYS A 46 -0.51 -3.03 -14.71
CA LYS A 46 -1.74 -3.80 -14.43
C LYS A 46 -1.76 -4.09 -12.95
N VAL A 47 -0.62 -4.50 -12.50
CA VAL A 47 -0.43 -4.84 -11.08
C VAL A 47 -0.40 -3.57 -10.25
N PHE A 48 0.18 -2.52 -10.77
CA PHE A 48 0.23 -1.25 -10.00
C PHE A 48 -1.18 -0.70 -9.88
N GLU A 49 -1.94 -0.81 -10.91
CA GLU A 49 -3.34 -0.32 -10.86
C GLU A 49 -4.09 -1.17 -9.84
N SER A 50 -3.97 -2.46 -9.95
CA SER A 50 -4.63 -3.34 -8.96
C SER A 50 -4.06 -3.01 -7.59
N TRP A 51 -2.82 -2.60 -7.55
CA TRP A 51 -2.19 -2.22 -6.26
C TRP A 51 -2.84 -0.93 -5.78
N MET A 52 -3.08 -0.03 -6.69
CA MET A 52 -3.73 1.23 -6.32
C MET A 52 -5.18 0.94 -5.94
N HIS A 53 -5.77 0.01 -6.65
CA HIS A 53 -7.17 -0.38 -6.36
C HIS A 53 -7.22 -1.02 -4.97
N HIS A 54 -6.32 -1.92 -4.69
CA HIS A 54 -6.29 -2.55 -3.34
C HIS A 54 -5.96 -1.45 -2.35
N TRP A 55 -4.97 -0.67 -2.67
CA TRP A 55 -4.61 0.48 -1.82
C TRP A 55 -5.87 1.30 -1.59
N LEU A 56 -6.64 1.46 -2.62
CA LEU A 56 -7.87 2.26 -2.54
C LEU A 56 -8.89 1.57 -1.63
N LEU A 57 -9.26 0.34 -1.93
CA LEU A 57 -10.23 -0.36 -1.06
C LEU A 57 -9.80 -0.25 0.37
N PHE A 58 -8.67 -0.83 0.68
CA PHE A 58 -8.14 -0.79 2.07
C PHE A 58 -8.43 0.57 2.74
N GLU A 59 -7.83 1.61 2.22
CA GLU A 59 -8.08 2.97 2.80
C GLU A 59 -9.57 3.26 2.89
N MET A 60 -10.32 2.83 1.92
CA MET A 60 -11.78 3.07 1.95
C MET A 60 -12.40 2.15 3.03
N SER A 61 -12.22 0.87 2.89
CA SER A 61 -12.74 -0.09 3.91
C SER A 61 -12.29 0.35 5.30
N ARG A 62 -11.06 0.78 5.42
CA ARG A 62 -10.54 1.21 6.76
C ARG A 62 -10.84 2.70 7.01
N HIS A 63 -11.75 3.26 6.27
CA HIS A 63 -12.09 4.70 6.47
C HIS A 63 -13.27 4.85 7.44
N SER A 64 -13.43 3.91 8.34
CA SER A 64 -14.56 3.99 9.31
C SER A 64 -14.30 5.09 10.33
N LEU A 65 -13.06 5.45 10.53
CA LEU A 65 -12.75 6.51 11.53
C LEU A 65 -12.58 7.86 10.84
N GLU A 66 -12.14 7.84 9.61
CA GLU A 66 -11.94 9.13 8.88
C GLU A 66 -13.21 9.53 8.14
N GLN A 67 -14.33 8.98 8.51
CA GLN A 67 -15.61 9.34 7.80
C GLN A 67 -16.69 9.71 8.81
N LYS A 68 -17.31 10.84 8.66
CA LYS A 68 -18.38 11.25 9.60
C LYS A 68 -19.62 11.71 8.81
N PRO A 69 -20.68 10.92 8.89
CA PRO A 69 -21.92 11.28 8.16
C PRO A 69 -22.63 12.45 8.82
N THR A 70 -23.59 13.04 8.15
CA THR A 70 -24.31 14.19 8.72
C THR A 70 -25.79 13.84 8.93
N ASP A 71 -26.56 14.77 9.42
CA ASP A 71 -28.01 14.50 9.64
C ASP A 71 -28.76 15.80 9.96
N ALA A 72 -29.87 16.02 9.32
CA ALA A 72 -30.64 17.27 9.59
C ALA A 72 -32.10 17.09 9.14
N PRO A 73 -32.82 16.26 9.85
CA PRO A 73 -34.24 16.00 9.51
C PRO A 73 -35.11 17.21 9.93
N PRO A 74 -36.18 17.41 9.19
CA PRO A 74 -37.10 18.54 9.49
C PRO A 74 -37.90 18.23 10.76
N LYS A 75 -37.56 18.85 11.86
CA LYS A 75 -38.30 18.60 13.13
C LYS A 75 -38.36 19.88 13.97
N TYR B 1 -9.05 16.32 -4.06
CA TYR B 1 -9.85 15.10 -4.39
C TYR B 1 -10.73 14.73 -3.18
N GLY B 2 -11.66 13.81 -3.35
CA GLY B 2 -12.53 13.41 -2.20
C GLY B 2 -11.65 13.01 -1.04
N ASN B 3 -10.98 11.89 -1.14
CA ASN B 3 -10.05 11.49 -0.05
C ASN B 3 -8.69 12.13 -0.30
N MET B 4 -8.63 13.05 -1.23
CA MET B 4 -7.36 13.73 -1.61
C MET B 4 -6.46 12.79 -2.40
N THR B 5 -6.91 11.59 -2.68
CA THR B 5 -6.09 10.66 -3.47
C THR B 5 -6.94 9.48 -3.92
N GLU B 6 -7.58 8.81 -3.00
CA GLU B 6 -8.41 7.64 -3.39
C GLU B 6 -9.37 8.05 -4.51
N ASP B 7 -9.72 9.29 -4.54
CA ASP B 7 -10.62 9.77 -5.62
C ASP B 7 -9.80 9.97 -6.89
N HIS B 8 -8.57 10.26 -6.73
CA HIS B 8 -7.68 10.48 -7.89
C HIS B 8 -7.04 9.15 -8.29
N VAL B 9 -6.99 8.24 -7.38
CA VAL B 9 -6.42 6.91 -7.64
C VAL B 9 -7.57 6.03 -8.13
N MET B 10 -8.75 6.28 -7.59
CA MET B 10 -9.92 5.47 -8.05
C MET B 10 -10.20 5.83 -9.49
N HIS B 11 -10.00 7.07 -9.84
CA HIS B 11 -10.22 7.49 -11.24
C HIS B 11 -9.09 6.93 -12.10
N LEU B 12 -7.90 6.90 -11.57
CA LEU B 12 -6.75 6.35 -12.35
C LEU B 12 -7.00 4.86 -12.60
N LEU B 13 -7.81 4.25 -11.79
CA LEU B 13 -8.12 2.81 -11.96
C LEU B 13 -9.43 2.66 -12.73
N GLN B 14 -10.26 3.65 -12.63
CA GLN B 14 -11.57 3.61 -13.34
C GLN B 14 -11.38 3.93 -14.83
N ASN B 15 -10.19 4.32 -15.22
CA ASN B 15 -9.94 4.63 -16.66
C ASN B 15 -9.08 3.52 -17.26
N ALA B 16 -8.21 2.96 -16.47
CA ALA B 16 -7.33 1.87 -16.97
C ALA B 16 -8.13 0.61 -17.14
N ASP B 17 -9.11 0.44 -16.31
CA ASP B 17 -9.93 -0.78 -16.41
C ASP B 17 -11.43 -0.44 -16.41
N PRO B 18 -12.11 -0.82 -17.46
CA PRO B 18 -13.56 -0.54 -17.55
C PRO B 18 -14.36 -1.46 -16.61
N LEU B 19 -13.70 -2.36 -15.92
CA LEU B 19 -14.44 -3.27 -15.01
C LEU B 19 -13.94 -3.12 -13.57
N LYS B 20 -13.43 -1.97 -13.22
CA LYS B 20 -12.94 -1.78 -11.82
C LYS B 20 -14.03 -1.09 -10.99
N VAL B 21 -14.31 -1.64 -9.84
CA VAL B 21 -15.35 -1.01 -8.98
C VAL B 21 -14.89 -0.92 -7.54
N TYR B 22 -15.35 0.08 -6.87
CA TYR B 22 -15.03 0.21 -5.44
C TYR B 22 -16.33 0.41 -4.70
N PRO B 23 -16.96 -0.70 -4.41
CA PRO B 23 -18.27 -0.65 -3.71
C PRO B 23 -18.15 0.10 -2.39
N PRO B 24 -19.23 0.75 -2.04
CA PRO B 24 -19.25 1.54 -0.79
C PRO B 24 -19.12 0.62 0.41
N LEU B 25 -17.95 0.56 0.97
CA LEU B 25 -17.73 -0.30 2.15
C LEU B 25 -18.13 0.51 3.38
N LYS B 26 -19.39 0.87 3.46
CA LYS B 26 -19.89 1.69 4.59
C LYS B 26 -19.85 0.88 5.89
N GLY B 27 -19.81 -0.42 5.80
CA GLY B 27 -19.74 -1.25 7.03
C GLY B 27 -18.45 -0.92 7.78
N SER B 28 -17.91 -1.84 8.51
CA SER B 28 -16.64 -1.58 9.22
C SER B 28 -15.49 -2.06 8.35
N PHE B 29 -14.29 -1.77 8.70
CA PHE B 29 -13.13 -2.21 7.86
C PHE B 29 -13.11 -3.74 7.68
N PRO B 30 -13.48 -4.49 8.71
CA PRO B 30 -13.49 -5.97 8.55
C PRO B 30 -14.72 -6.35 7.72
N GLU B 31 -15.70 -5.49 7.66
CA GLU B 31 -16.90 -5.76 6.84
C GLU B 31 -16.57 -5.30 5.44
N ASN B 32 -15.96 -4.16 5.40
CA ASN B 32 -15.52 -3.57 4.12
C ASN B 32 -14.55 -4.52 3.45
N LEU B 33 -13.78 -5.22 4.23
CA LEU B 33 -12.79 -6.17 3.64
C LEU B 33 -13.50 -7.44 3.22
N ARG B 34 -14.31 -7.95 4.09
CA ARG B 34 -15.09 -9.19 3.75
C ARG B 34 -16.13 -8.83 2.68
N HIS B 35 -16.48 -7.58 2.59
CA HIS B 35 -17.45 -7.16 1.54
C HIS B 35 -16.69 -7.15 0.23
N LEU B 36 -15.59 -6.46 0.18
CA LEU B 36 -14.77 -6.46 -1.06
C LEU B 36 -14.45 -7.90 -1.42
N LYS B 37 -14.23 -8.68 -0.43
CA LYS B 37 -13.90 -10.10 -0.64
C LYS B 37 -15.15 -10.84 -1.10
N ASN B 38 -16.19 -10.70 -0.36
CA ASN B 38 -17.47 -11.37 -0.69
C ASN B 38 -18.13 -10.68 -1.89
N THR B 39 -17.60 -9.56 -2.30
CA THR B 39 -18.21 -8.82 -3.44
C THR B 39 -17.25 -8.74 -4.62
N MET B 40 -16.13 -8.12 -4.43
CA MET B 40 -15.15 -8.00 -5.55
C MET B 40 -14.77 -9.40 -6.05
N GLU B 41 -13.95 -9.47 -7.05
CA GLU B 41 -13.52 -10.79 -7.57
C GLU B 41 -12.71 -11.51 -6.53
N THR B 42 -13.09 -12.72 -6.26
CA THR B 42 -12.36 -13.54 -5.28
C THR B 42 -10.88 -13.46 -5.58
N ILE B 43 -10.60 -13.33 -6.84
CA ILE B 43 -9.20 -13.26 -7.27
C ILE B 43 -8.66 -11.85 -7.10
N ASP B 44 -9.53 -10.90 -7.17
CA ASP B 44 -9.09 -9.52 -6.92
C ASP B 44 -8.93 -9.45 -5.41
N TRP B 45 -9.74 -10.23 -4.73
CA TRP B 45 -9.63 -10.31 -3.27
C TRP B 45 -8.38 -11.10 -2.95
N LYS B 46 -8.09 -12.11 -3.74
CA LYS B 46 -6.86 -12.91 -3.48
C LYS B 46 -5.71 -11.94 -3.51
N VAL B 47 -5.75 -11.12 -4.50
CA VAL B 47 -4.70 -10.12 -4.70
C VAL B 47 -4.84 -9.01 -3.67
N PHE B 48 -6.05 -8.66 -3.33
CA PHE B 48 -6.22 -7.59 -2.31
C PHE B 48 -5.73 -8.10 -0.96
N GLU B 49 -6.00 -9.34 -0.68
CA GLU B 49 -5.52 -9.92 0.60
C GLU B 49 -4.01 -9.93 0.57
N SER B 50 -3.44 -10.43 -0.49
CA SER B 50 -1.97 -10.43 -0.62
C SER B 50 -1.50 -8.97 -0.57
N TRP B 51 -2.32 -8.08 -1.06
CA TRP B 51 -1.96 -6.64 -1.01
C TRP B 51 -2.00 -6.18 0.43
N MET B 52 -2.98 -6.64 1.15
CA MET B 52 -3.08 -6.25 2.58
C MET B 52 -1.95 -6.93 3.34
N HIS B 53 -1.63 -8.13 2.94
CA HIS B 53 -0.53 -8.88 3.59
C HIS B 53 0.79 -8.15 3.30
N HIS B 54 1.01 -7.77 2.06
CA HIS B 54 2.26 -7.01 1.74
C HIS B 54 2.17 -5.68 2.47
N TRP B 55 1.03 -5.06 2.38
CA TRP B 55 0.82 -3.80 3.11
C TRP B 55 1.15 -4.03 4.58
N LEU B 56 0.75 -5.17 5.07
CA LEU B 56 1.00 -5.51 6.48
C LEU B 56 2.49 -5.70 6.73
N LEU B 57 3.13 -6.59 6.01
CA LEU B 57 4.59 -6.80 6.22
C LEU B 57 5.28 -5.46 6.19
N PHE B 58 5.24 -4.82 5.06
CA PHE B 58 5.89 -3.48 4.92
C PHE B 58 5.76 -2.66 6.19
N GLU B 59 4.55 -2.29 6.54
CA GLU B 59 4.33 -1.50 7.79
C GLU B 59 4.99 -2.18 8.98
N MET B 60 4.93 -3.47 9.03
CA MET B 60 5.56 -4.20 10.17
C MET B 60 7.10 -4.13 10.00
N SER B 61 7.60 -4.60 8.90
CA SER B 61 9.07 -4.53 8.66
C SER B 61 9.56 -3.09 8.84
N ARG B 62 8.79 -2.14 8.38
CA ARG B 62 9.20 -0.71 8.54
C ARG B 62 8.72 -0.14 9.89
N HIS B 63 8.36 -0.98 10.80
CA HIS B 63 7.90 -0.48 12.14
C HIS B 63 9.06 -0.41 13.12
N SER B 64 10.26 -0.21 12.63
CA SER B 64 11.45 -0.12 13.54
C SER B 64 11.42 1.19 14.32
N LEU B 65 10.74 2.18 13.82
CA LEU B 65 10.69 3.49 14.53
C LEU B 65 9.41 3.59 15.36
N GLU B 66 8.36 2.96 14.91
CA GLU B 66 7.08 3.03 15.66
C GLU B 66 6.98 1.90 16.69
N GLN B 67 8.10 1.32 17.05
CA GLN B 67 8.06 0.21 18.06
C GLN B 67 9.10 0.46 19.16
N LYS B 68 8.69 0.42 20.39
CA LYS B 68 9.65 0.64 21.51
C LYS B 68 9.49 -0.48 22.56
N PRO B 69 10.49 -1.32 22.66
CA PRO B 69 10.43 -2.43 23.65
C PRO B 69 10.59 -1.91 25.06
N THR B 70 10.31 -2.73 26.04
CA THR B 70 10.44 -2.29 27.46
C THR B 70 11.50 -3.12 28.17
N ASP B 71 11.72 -2.86 29.44
CA ASP B 71 12.74 -3.63 30.19
C ASP B 71 12.64 -3.34 31.68
N ALA B 72 12.63 -4.36 32.51
CA ALA B 72 12.53 -4.14 33.97
C ALA B 72 13.05 -5.37 34.73
N PRO B 73 14.34 -5.58 34.65
CA PRO B 73 14.96 -6.74 35.34
C PRO B 73 15.03 -6.49 36.86
N PRO B 74 14.96 -7.57 37.61
CA PRO B 74 15.01 -7.45 39.09
C PRO B 74 16.45 -7.10 39.54
N LYS B 75 16.68 -5.87 39.91
CA LYS B 75 18.05 -5.48 40.35
C LYS B 75 17.96 -4.42 41.46
N TYR C 1 -7.01 -1.95 17.66
CA TYR C 1 -6.17 -3.12 17.22
C TYR C 1 -4.71 -2.90 17.65
N GLY C 2 -3.88 -3.90 17.54
CA GLY C 2 -2.43 -3.73 17.94
C GLY C 2 -1.87 -2.52 17.20
N ASN C 3 -1.68 -2.62 15.92
CA ASN C 3 -1.18 -1.46 15.15
C ASN C 3 -2.39 -0.61 14.71
N MET C 4 -3.54 -0.91 15.26
CA MET C 4 -4.79 -0.18 14.91
C MET C 4 -5.28 -0.59 13.51
N THR C 5 -4.60 -1.51 12.88
CA THR C 5 -5.04 -1.97 11.55
C THR C 5 -4.29 -3.23 11.15
N GLU C 6 -2.98 -3.19 11.17
CA GLU C 6 -2.20 -4.40 10.78
C GLU C 6 -2.70 -5.59 11.57
N ASP C 7 -3.22 -5.35 12.74
CA ASP C 7 -3.77 -6.47 13.55
C ASP C 7 -5.14 -6.85 13.02
N HIS C 8 -5.81 -5.89 12.46
CA HIS C 8 -7.15 -6.15 11.92
C HIS C 8 -7.04 -6.58 10.45
N VAL C 9 -5.94 -6.23 9.84
CA VAL C 9 -5.69 -6.61 8.44
C VAL C 9 -4.98 -7.94 8.47
N MET C 10 -4.15 -8.15 9.46
CA MET C 10 -3.45 -9.45 9.57
C MET C 10 -4.48 -10.53 9.84
N HIS C 11 -5.48 -10.19 10.61
CA HIS C 11 -6.56 -11.18 10.90
C HIS C 11 -7.41 -11.37 9.64
N LEU C 12 -7.62 -10.30 8.91
CA LEU C 12 -8.43 -10.42 7.66
C LEU C 12 -7.68 -11.29 6.67
N LEU C 13 -6.39 -11.41 6.83
CA LEU C 13 -5.57 -12.26 5.92
C LEU C 13 -5.37 -13.63 6.57
N GLN C 14 -5.42 -13.67 7.86
CA GLN C 14 -5.23 -14.95 8.59
C GLN C 14 -6.51 -15.79 8.54
N ASN C 15 -7.57 -15.25 8.01
CA ASN C 15 -8.84 -16.02 7.91
C ASN C 15 -9.09 -16.38 6.44
N ALA C 16 -8.69 -15.51 5.55
CA ALA C 16 -8.87 -15.79 4.10
C ALA C 16 -7.91 -16.85 3.65
N ASP C 17 -6.76 -16.87 4.25
CA ASP C 17 -5.77 -17.89 3.85
C ASP C 17 -5.21 -18.61 5.09
N PRO C 18 -5.37 -19.91 5.11
CA PRO C 18 -4.87 -20.71 6.25
C PRO C 18 -3.34 -20.84 6.19
N LEU C 19 -2.71 -20.31 5.17
CA LEU C 19 -1.23 -20.42 5.06
C LEU C 19 -0.58 -19.03 5.03
N LYS C 20 -1.21 -18.05 5.61
CA LYS C 20 -0.61 -16.69 5.61
C LYS C 20 0.13 -16.44 6.92
N VAL C 21 1.34 -15.99 6.84
CA VAL C 21 2.11 -15.72 8.09
C VAL C 21 2.81 -14.38 8.03
N TYR C 22 2.96 -13.78 9.16
CA TYR C 22 3.70 -12.51 9.22
C TYR C 22 4.75 -12.66 10.30
N PRO C 23 5.86 -13.22 9.91
CA PRO C 23 6.95 -13.45 10.87
C PRO C 23 7.39 -12.15 11.53
N PRO C 24 7.81 -12.27 12.76
CA PRO C 24 8.25 -11.08 13.52
C PRO C 24 9.49 -10.49 12.88
N LEU C 25 9.32 -9.42 12.15
CA LEU C 25 10.48 -8.78 11.51
C LEU C 25 11.08 -7.81 12.51
N LYS C 26 11.56 -8.34 13.61
CA LYS C 26 12.14 -7.50 14.69
C LYS C 26 13.44 -6.84 14.21
N GLY C 27 14.06 -7.38 13.20
CA GLY C 27 15.31 -6.77 12.68
C GLY C 27 14.99 -5.35 12.19
N SER C 28 15.72 -4.86 11.23
CA SER C 28 15.43 -3.51 10.69
C SER C 28 14.52 -3.67 9.47
N PHE C 29 14.00 -2.61 8.96
CA PHE C 29 13.09 -2.71 7.78
C PHE C 29 13.78 -3.41 6.59
N PRO C 30 15.07 -3.17 6.39
CA PRO C 30 15.75 -3.85 5.27
C PRO C 30 16.02 -5.31 5.67
N GLU C 31 16.00 -5.58 6.94
CA GLU C 31 16.19 -6.98 7.42
C GLU C 31 14.82 -7.62 7.38
N ASN C 32 13.88 -6.87 7.84
CA ASN C 32 12.47 -7.31 7.86
C ASN C 32 12.04 -7.59 6.42
N LEU C 33 12.57 -6.85 5.50
CA LEU C 33 12.18 -7.07 4.07
C LEU C 33 12.93 -8.26 3.52
N ARG C 34 14.20 -8.30 3.76
CA ARG C 34 15.02 -9.46 3.30
C ARG C 34 14.63 -10.70 4.11
N HIS C 35 14.07 -10.50 5.27
CA HIS C 35 13.61 -11.65 6.08
C HIS C 35 12.34 -12.15 5.44
N LEU C 36 11.38 -11.30 5.25
CA LEU C 36 10.13 -11.73 4.56
C LEU C 36 10.50 -12.35 3.23
N LYS C 37 11.49 -11.80 2.60
CA LYS C 37 11.94 -12.30 1.30
C LYS C 37 12.64 -13.63 1.51
N ASN C 38 13.60 -13.64 2.37
CA ASN C 38 14.37 -14.88 2.66
C ASN C 38 13.51 -15.86 3.46
N THR C 39 12.37 -15.42 3.91
CA THR C 39 11.49 -16.32 4.73
C THR C 39 10.18 -16.60 4.02
N MET C 40 9.41 -15.58 3.78
CA MET C 40 8.10 -15.77 3.10
C MET C 40 8.32 -16.45 1.74
N GLU C 41 7.27 -16.73 1.03
CA GLU C 41 7.41 -17.36 -0.30
C GLU C 41 8.10 -16.41 -1.24
N THR C 42 9.12 -16.90 -1.86
CA THR C 42 9.87 -16.06 -2.84
C THR C 42 8.88 -15.41 -3.78
N ILE C 43 7.82 -16.11 -4.01
CA ILE C 43 6.78 -15.58 -4.91
C ILE C 43 5.88 -14.62 -4.18
N ASP C 44 5.75 -14.81 -2.92
CA ASP C 44 4.96 -13.84 -2.13
C ASP C 44 5.87 -12.64 -1.99
N TRP C 45 7.16 -12.91 -1.98
CA TRP C 45 8.14 -11.82 -1.92
C TRP C 45 8.16 -11.16 -3.30
N LYS C 46 8.02 -11.95 -4.34
CA LYS C 46 8.01 -11.35 -5.69
C LYS C 46 6.89 -10.35 -5.72
N VAL C 47 5.80 -10.78 -5.19
CA VAL C 47 4.60 -9.94 -5.15
C VAL C 47 4.77 -8.85 -4.10
N PHE C 48 5.42 -9.17 -3.00
CA PHE C 48 5.63 -8.12 -1.96
C PHE C 48 6.58 -7.06 -2.51
N GLU C 49 7.56 -7.48 -3.23
CA GLU C 49 8.50 -6.51 -3.82
C GLU C 49 7.74 -5.65 -4.81
N SER C 50 7.00 -6.29 -5.69
CA SER C 50 6.18 -5.52 -6.65
C SER C 50 5.19 -4.67 -5.85
N TRP C 51 4.79 -5.15 -4.71
CA TRP C 51 3.87 -4.36 -3.85
C TRP C 51 4.62 -3.17 -3.30
N MET C 52 5.85 -3.39 -2.93
CA MET C 52 6.66 -2.28 -2.40
C MET C 52 6.98 -1.33 -3.55
N HIS C 53 7.20 -1.89 -4.71
CA HIS C 53 7.48 -1.07 -5.92
C HIS C 53 6.23 -0.24 -6.24
N HIS C 54 5.08 -0.86 -6.25
CA HIS C 54 3.84 -0.08 -6.52
C HIS C 54 3.66 0.90 -5.37
N TRP C 55 3.83 0.42 -4.18
CA TRP C 55 3.76 1.29 -3.00
C TRP C 55 4.72 2.47 -3.23
N LEU C 56 5.86 2.15 -3.76
CA LEU C 56 6.88 3.19 -4.01
C LEU C 56 6.41 4.16 -5.08
N LEU C 57 6.07 3.66 -6.26
CA LEU C 57 5.60 4.58 -7.32
C LEU C 57 4.51 5.47 -6.78
N PHE C 58 3.42 4.86 -6.40
CA PHE C 58 2.28 5.64 -5.84
C PHE C 58 2.78 6.81 -4.96
N GLU C 59 3.42 6.50 -3.87
CA GLU C 59 3.94 7.57 -2.98
C GLU C 59 4.79 8.56 -3.78
N MET C 60 5.55 8.07 -4.70
CA MET C 60 6.40 8.98 -5.52
C MET C 60 5.48 9.77 -6.48
N SER C 61 4.73 9.09 -7.31
CA SER C 61 3.79 9.78 -8.23
C SER C 61 2.91 10.75 -7.43
N ARG C 62 2.47 10.33 -6.27
CA ARG C 62 1.60 11.22 -5.45
C ARG C 62 2.45 12.14 -4.55
N HIS C 63 3.71 12.28 -4.84
CA HIS C 63 4.58 13.16 -4.00
C HIS C 63 4.62 14.58 -4.57
N SER C 64 3.58 14.99 -5.26
CA SER C 64 3.56 16.36 -5.85
C SER C 64 3.41 17.41 -4.75
N LEU C 65 2.87 17.04 -3.63
CA LEU C 65 2.68 18.01 -2.52
C LEU C 65 3.81 17.90 -1.52
N GLU C 66 4.39 16.73 -1.38
CA GLU C 66 5.49 16.57 -0.40
C GLU C 66 6.84 16.84 -1.07
N GLN C 67 6.86 17.52 -2.18
CA GLN C 67 8.15 17.80 -2.87
C GLN C 67 8.25 19.29 -3.23
N LYS C 68 9.31 19.93 -2.84
CA LYS C 68 9.48 21.38 -3.15
C LYS C 68 10.87 21.62 -3.76
N PRO C 69 10.90 21.96 -5.03
CA PRO C 69 12.19 22.21 -5.71
C PRO C 69 12.80 23.53 -5.26
N THR C 70 14.04 23.75 -5.58
CA THR C 70 14.71 25.02 -5.15
C THR C 70 15.11 25.84 -6.38
N ASP C 71 15.71 26.97 -6.17
CA ASP C 71 16.14 27.82 -7.32
C ASP C 71 17.05 28.95 -6.86
N ALA C 72 18.15 29.15 -7.52
CA ALA C 72 19.09 30.24 -7.11
C ALA C 72 20.00 30.63 -8.28
N PRO C 73 19.41 31.23 -9.29
CA PRO C 73 20.19 31.65 -10.48
C PRO C 73 21.05 32.87 -10.15
N PRO C 74 22.18 32.98 -10.81
CA PRO C 74 23.10 34.13 -10.59
C PRO C 74 22.50 35.41 -11.20
N LYS C 75 21.99 36.28 -10.37
CA LYS C 75 21.39 37.53 -10.91
C LYS C 75 21.61 38.69 -9.93
N TYR A 1 2.34 8.19 3.02
CA TYR A 1 3.47 8.40 3.96
C TYR A 1 4.47 9.41 3.37
N GLY A 2 5.10 9.05 2.28
CA GLY A 2 6.09 9.98 1.67
C GLY A 2 7.27 10.17 2.62
N ASN A 3 8.35 9.50 2.37
CA ASN A 3 9.53 9.67 3.27
C ASN A 3 10.75 8.96 2.70
N MET A 4 11.75 8.73 3.51
CA MET A 4 12.98 8.04 3.03
C MET A 4 12.67 6.56 2.78
N THR A 5 11.63 6.05 3.38
CA THR A 5 11.28 4.61 3.17
C THR A 5 11.25 4.28 1.69
N GLU A 6 10.92 5.23 0.86
CA GLU A 6 10.86 4.94 -0.59
C GLU A 6 12.27 4.65 -1.11
N ASP A 7 13.25 5.37 -0.66
CA ASP A 7 14.63 5.07 -1.11
C ASP A 7 15.10 3.79 -0.44
N HIS A 8 14.53 3.46 0.67
CA HIS A 8 14.92 2.24 1.40
C HIS A 8 14.11 1.06 0.85
N VAL A 9 12.94 1.34 0.36
CA VAL A 9 12.08 0.30 -0.24
C VAL A 9 12.50 0.17 -1.70
N MET A 10 12.84 1.28 -2.29
CA MET A 10 13.29 1.27 -3.70
C MET A 10 14.57 0.46 -3.78
N HIS A 11 15.40 0.59 -2.78
CA HIS A 11 16.67 -0.17 -2.76
C HIS A 11 16.34 -1.63 -2.48
N LEU A 12 15.37 -1.87 -1.65
CA LEU A 12 14.97 -3.27 -1.34
C LEU A 12 14.41 -3.92 -2.62
N LEU A 13 14.01 -3.10 -3.57
CA LEU A 13 13.49 -3.64 -4.85
C LEU A 13 14.57 -3.58 -5.92
N GLN A 14 15.50 -2.69 -5.75
CA GLN A 14 16.60 -2.55 -6.74
C GLN A 14 17.63 -3.67 -6.55
N ASN A 15 17.51 -4.44 -5.50
CA ASN A 15 18.47 -5.55 -5.28
C ASN A 15 17.77 -6.89 -5.56
N ALA A 16 16.51 -6.95 -5.26
CA ALA A 16 15.75 -8.21 -5.52
C ALA A 16 15.56 -8.37 -7.01
N ASP A 17 15.39 -7.28 -7.68
CA ASP A 17 15.21 -7.36 -9.15
C ASP A 17 16.14 -6.38 -9.85
N PRO A 18 17.01 -6.89 -10.69
CA PRO A 18 17.96 -6.03 -11.43
C PRO A 18 17.25 -5.24 -12.54
N LEU A 19 15.98 -5.45 -12.72
CA LEU A 19 15.25 -4.70 -13.80
C LEU A 19 14.14 -3.82 -13.20
N LYS A 20 14.25 -3.48 -11.94
CA LYS A 20 13.19 -2.62 -11.33
C LYS A 20 13.57 -1.15 -11.44
N VAL A 21 12.71 -0.35 -12.02
CA VAL A 21 13.00 1.10 -12.15
C VAL A 21 11.88 1.94 -11.59
N TYR A 22 12.22 3.11 -11.19
CA TYR A 22 11.19 4.04 -10.70
C TYR A 22 11.50 5.40 -11.30
N PRO A 23 11.02 5.57 -12.51
CA PRO A 23 11.27 6.83 -13.24
C PRO A 23 10.79 8.02 -12.43
N PRO A 24 11.46 9.13 -12.63
CA PRO A 24 11.10 10.36 -11.90
C PRO A 24 9.74 10.84 -12.36
N LEU A 25 8.73 10.54 -11.60
CA LEU A 25 7.37 11.00 -11.98
C LEU A 25 7.20 12.43 -11.51
N LYS A 26 8.01 13.30 -12.04
CA LYS A 26 7.97 14.73 -11.64
C LYS A 26 6.64 15.35 -12.06
N GLY A 27 5.95 14.74 -12.99
CA GLY A 27 4.64 15.28 -13.43
C GLY A 27 3.70 15.30 -12.24
N SER A 28 2.41 15.33 -12.48
CA SER A 28 1.45 15.32 -11.36
C SER A 28 1.13 13.88 -11.02
N PHE A 29 0.63 13.62 -9.86
CA PHE A 29 0.32 12.22 -9.47
C PHE A 29 -0.48 11.49 -10.57
N PRO A 30 -1.45 12.16 -11.17
CA PRO A 30 -2.22 11.49 -12.24
C PRO A 30 -1.35 11.37 -13.50
N GLU A 31 -0.33 12.17 -13.61
CA GLU A 31 0.61 12.09 -14.76
C GLU A 31 1.63 11.04 -14.40
N ASN A 32 2.07 11.14 -13.19
CA ASN A 32 3.06 10.19 -12.64
C ASN A 32 2.47 8.78 -12.70
N LEU A 33 1.18 8.69 -12.58
CA LEU A 33 0.53 7.34 -12.65
C LEU A 33 0.40 6.92 -14.09
N ARG A 34 -0.13 7.79 -14.89
CA ARG A 34 -0.29 7.49 -16.34
C ARG A 34 1.10 7.37 -16.96
N HIS A 35 2.08 7.97 -16.36
CA HIS A 35 3.46 7.86 -16.88
C HIS A 35 3.96 6.46 -16.53
N LEU A 36 3.87 6.09 -15.28
CA LEU A 36 4.27 4.72 -14.89
C LEU A 36 3.51 3.73 -15.75
N LYS A 37 2.29 4.07 -16.01
CA LYS A 37 1.41 3.21 -16.83
C LYS A 37 1.87 3.25 -18.28
N ASN A 38 1.95 4.43 -18.79
CA ASN A 38 2.39 4.61 -20.20
C ASN A 38 3.89 4.33 -20.34
N THR A 39 4.57 4.13 -19.24
CA THR A 39 6.04 3.89 -19.30
C THR A 39 6.38 2.51 -18.75
N MET A 40 6.09 2.28 -17.51
CA MET A 40 6.42 0.95 -16.90
C MET A 40 5.74 -0.17 -17.71
N GLU A 41 5.97 -1.39 -17.33
CA GLU A 41 5.33 -2.52 -18.05
C GLU A 41 3.84 -2.45 -17.86
N THR A 42 3.14 -2.51 -18.94
CA THR A 42 1.66 -2.46 -18.90
C THR A 42 1.19 -3.45 -17.85
N ILE A 43 1.93 -4.49 -17.72
CA ILE A 43 1.57 -5.54 -16.75
C ILE A 43 2.02 -5.16 -15.36
N ASP A 44 3.04 -4.38 -15.28
CA ASP A 44 3.47 -3.89 -13.95
C ASP A 44 2.47 -2.81 -13.62
N TRP A 45 1.96 -2.17 -14.64
CA TRP A 45 0.92 -1.14 -14.43
C TRP A 45 -0.37 -1.88 -14.11
N LYS A 46 -0.59 -3.01 -14.74
CA LYS A 46 -1.82 -3.77 -14.44
C LYS A 46 -1.83 -4.05 -12.96
N VAL A 47 -0.70 -4.53 -12.53
CA VAL A 47 -0.51 -4.87 -11.12
C VAL A 47 -0.48 -3.60 -10.29
N PHE A 48 0.16 -2.58 -10.77
CA PHE A 48 0.21 -1.31 -9.99
C PHE A 48 -1.21 -0.76 -9.86
N GLU A 49 -1.96 -0.82 -10.91
CA GLU A 49 -3.36 -0.34 -10.85
C GLU A 49 -4.09 -1.18 -9.81
N SER A 50 -3.92 -2.47 -9.89
CA SER A 50 -4.57 -3.34 -8.88
C SER A 50 -4.00 -2.97 -7.51
N TRP A 51 -2.78 -2.54 -7.48
CA TRP A 51 -2.15 -2.12 -6.19
C TRP A 51 -2.82 -0.84 -5.73
N MET A 52 -3.07 0.05 -6.64
CA MET A 52 -3.74 1.32 -6.28
C MET A 52 -5.17 1.01 -5.93
N HIS A 53 -5.76 0.09 -6.65
CA HIS A 53 -7.16 -0.33 -6.39
C HIS A 53 -7.21 -0.98 -5.00
N HIS A 54 -6.31 -1.89 -4.72
CA HIS A 54 -6.29 -2.51 -3.37
C HIS A 54 -5.96 -1.42 -2.37
N TRP A 55 -4.99 -0.62 -2.68
CA TRP A 55 -4.64 0.52 -1.82
C TRP A 55 -5.91 1.33 -1.59
N LEU A 56 -6.68 1.49 -2.63
CA LEU A 56 -7.92 2.27 -2.54
C LEU A 56 -8.94 1.57 -1.65
N LEU A 57 -9.32 0.35 -1.98
CA LEU A 57 -10.30 -0.39 -1.13
C LEU A 57 -9.87 -0.29 0.32
N PHE A 58 -8.73 -0.83 0.58
CA PHE A 58 -8.17 -0.80 1.98
C PHE A 58 -8.46 0.54 2.66
N GLU A 59 -7.86 1.59 2.16
CA GLU A 59 -8.07 2.93 2.76
C GLU A 59 -9.57 3.25 2.84
N MET A 60 -10.32 2.81 1.89
CA MET A 60 -11.79 3.07 1.92
C MET A 60 -12.42 2.19 3.02
N SER A 61 -12.27 0.89 2.91
CA SER A 61 -12.83 -0.01 3.96
C SER A 61 -12.37 0.47 5.34
N ARG A 62 -11.14 0.87 5.45
CA ARG A 62 -10.63 1.36 6.78
C ARG A 62 -10.88 2.86 6.94
N HIS A 63 -11.71 3.43 6.10
CA HIS A 63 -12.00 4.89 6.23
C HIS A 63 -13.17 5.13 7.19
N SER A 64 -13.55 4.13 7.93
CA SER A 64 -14.68 4.31 8.90
C SER A 64 -14.30 5.32 9.98
N LEU A 65 -13.03 5.57 10.15
CA LEU A 65 -12.59 6.56 11.19
C LEU A 65 -12.47 7.94 10.57
N GLU A 66 -11.95 8.02 9.38
CA GLU A 66 -11.79 9.34 8.72
C GLU A 66 -13.11 9.75 8.03
N GLN A 67 -14.16 9.90 8.78
CA GLN A 67 -15.46 10.29 8.17
C GLN A 67 -16.37 10.94 9.22
N LYS A 68 -17.08 11.97 8.86
CA LYS A 68 -17.98 12.64 9.85
C LYS A 68 -19.32 11.90 9.91
N PRO A 69 -19.89 11.85 11.10
CA PRO A 69 -21.19 11.17 11.28
C PRO A 69 -22.32 11.99 10.65
N THR A 70 -23.24 11.35 10.00
CA THR A 70 -24.37 12.10 9.36
C THR A 70 -25.56 11.17 9.11
N ASP A 71 -25.93 10.39 10.09
CA ASP A 71 -27.10 9.47 9.91
C ASP A 71 -28.23 9.87 10.88
N ALA A 72 -29.44 9.45 10.60
CA ALA A 72 -30.56 9.81 11.50
C ALA A 72 -31.75 8.85 11.27
N PRO A 73 -32.58 8.73 12.29
CA PRO A 73 -33.76 7.84 12.19
C PRO A 73 -34.86 8.49 11.32
N PRO A 74 -35.16 7.86 10.20
CA PRO A 74 -36.20 8.40 9.30
C PRO A 74 -37.60 8.23 9.90
N LYS A 75 -38.56 8.99 9.46
CA LYS A 75 -39.94 8.87 10.02
C LYS A 75 -40.97 9.27 8.96
N TYR B 1 -3.53 6.63 5.02
CA TYR B 1 -3.57 8.05 4.57
C TYR B 1 -5.00 8.58 4.60
N GLY B 2 -5.87 8.03 3.79
CA GLY B 2 -7.27 8.50 3.77
C GLY B 2 -7.32 9.95 3.27
N ASN B 3 -7.66 10.14 2.03
CA ASN B 3 -7.72 11.53 1.52
C ASN B 3 -8.34 11.56 0.11
N MET B 4 -8.16 12.63 -0.60
CA MET B 4 -8.73 12.72 -1.97
C MET B 4 -7.95 11.81 -2.92
N THR B 5 -6.74 11.44 -2.56
CA THR B 5 -5.94 10.54 -3.44
C THR B 5 -6.75 9.33 -3.84
N GLU B 6 -7.67 8.90 -3.02
CA GLU B 6 -8.48 7.71 -3.37
C GLU B 6 -9.36 8.04 -4.56
N ASP B 7 -9.94 9.20 -4.60
CA ASP B 7 -10.77 9.56 -5.78
C ASP B 7 -9.86 9.82 -6.96
N HIS B 8 -8.64 10.18 -6.69
CA HIS B 8 -7.69 10.46 -7.79
C HIS B 8 -7.02 9.16 -8.22
N VAL B 9 -6.93 8.23 -7.31
CA VAL B 9 -6.34 6.90 -7.61
C VAL B 9 -7.47 6.04 -8.16
N MET B 10 -8.65 6.24 -7.62
CA MET B 10 -9.82 5.46 -8.09
C MET B 10 -10.08 5.84 -9.53
N HIS B 11 -9.89 7.09 -9.84
CA HIS B 11 -10.09 7.54 -11.24
C HIS B 11 -8.94 7.00 -12.10
N LEU B 12 -7.77 6.96 -11.55
CA LEU B 12 -6.61 6.41 -12.31
C LEU B 12 -6.86 4.92 -12.59
N LEU B 13 -7.74 4.32 -11.83
CA LEU B 13 -8.05 2.88 -12.05
C LEU B 13 -9.36 2.76 -12.83
N GLN B 14 -10.18 3.75 -12.75
CA GLN B 14 -11.48 3.74 -13.47
C GLN B 14 -11.26 4.05 -14.96
N ASN B 15 -10.07 4.44 -15.34
CA ASN B 15 -9.79 4.73 -16.76
C ASN B 15 -8.92 3.62 -17.35
N ALA B 16 -8.06 3.07 -16.55
CA ALA B 16 -7.18 1.98 -17.03
C ALA B 16 -8.01 0.73 -17.21
N ASP B 17 -8.97 0.55 -16.37
CA ASP B 17 -9.83 -0.64 -16.49
C ASP B 17 -11.31 -0.24 -16.43
N PRO B 18 -12.02 -0.55 -17.48
CA PRO B 18 -13.47 -0.19 -17.54
C PRO B 18 -14.30 -1.11 -16.62
N LEU B 19 -13.67 -2.06 -15.97
CA LEU B 19 -14.45 -2.97 -15.08
C LEU B 19 -13.97 -2.85 -13.63
N LYS B 20 -13.35 -1.75 -13.28
CA LYS B 20 -12.86 -1.58 -11.88
C LYS B 20 -13.91 -0.89 -11.03
N VAL B 21 -14.30 -1.50 -9.95
CA VAL B 21 -15.32 -0.88 -9.06
C VAL B 21 -14.84 -0.80 -7.63
N TYR B 22 -15.36 0.13 -6.92
CA TYR B 22 -15.02 0.25 -5.49
C TYR B 22 -16.32 0.50 -4.75
N PRO B 23 -16.99 -0.58 -4.45
CA PRO B 23 -18.28 -0.49 -3.75
C PRO B 23 -18.15 0.27 -2.44
N PRO B 24 -19.20 0.94 -2.07
CA PRO B 24 -19.19 1.73 -0.83
C PRO B 24 -19.09 0.80 0.36
N LEU B 25 -17.90 0.63 0.88
CA LEU B 25 -17.73 -0.25 2.06
C LEU B 25 -18.11 0.55 3.30
N LYS B 26 -19.33 0.97 3.37
CA LYS B 26 -19.80 1.77 4.52
C LYS B 26 -19.77 0.93 5.80
N GLY B 27 -19.73 -0.37 5.67
CA GLY B 27 -19.67 -1.24 6.87
C GLY B 27 -18.40 -0.91 7.65
N SER B 28 -17.94 -1.81 8.46
CA SER B 28 -16.69 -1.57 9.22
C SER B 28 -15.52 -2.05 8.36
N PHE B 29 -14.35 -1.60 8.65
CA PHE B 29 -13.17 -2.04 7.85
C PHE B 29 -13.13 -3.57 7.68
N PRO B 30 -13.42 -4.31 8.74
CA PRO B 30 -13.41 -5.79 8.60
C PRO B 30 -14.63 -6.24 7.81
N GLU B 31 -15.64 -5.41 7.72
CA GLU B 31 -16.85 -5.75 6.91
C GLU B 31 -16.55 -5.29 5.51
N ASN B 32 -16.01 -4.12 5.45
CA ASN B 32 -15.60 -3.52 4.16
C ASN B 32 -14.60 -4.43 3.48
N LEU B 33 -13.81 -5.13 4.24
CA LEU B 33 -12.81 -6.06 3.65
C LEU B 33 -13.51 -7.35 3.24
N ARG B 34 -14.25 -7.89 4.15
CA ARG B 34 -15.00 -9.14 3.84
C ARG B 34 -16.06 -8.85 2.78
N HIS B 35 -16.45 -7.60 2.68
CA HIS B 35 -17.43 -7.23 1.63
C HIS B 35 -16.68 -7.23 0.31
N LEU B 36 -15.60 -6.51 0.23
CA LEU B 36 -14.79 -6.52 -1.02
C LEU B 36 -14.46 -7.96 -1.36
N LYS B 37 -14.22 -8.72 -0.36
CA LYS B 37 -13.87 -10.15 -0.54
C LYS B 37 -15.11 -10.92 -0.97
N ASN B 38 -16.13 -10.80 -0.20
CA ASN B 38 -17.41 -11.49 -0.51
C ASN B 38 -18.10 -10.83 -1.72
N THR B 39 -17.58 -9.72 -2.16
CA THR B 39 -18.22 -9.01 -3.31
C THR B 39 -17.27 -8.94 -4.50
N MET B 40 -16.16 -8.29 -4.35
CA MET B 40 -15.20 -8.17 -5.48
C MET B 40 -14.81 -9.56 -5.98
N GLU B 41 -14.00 -9.63 -7.01
CA GLU B 41 -13.57 -10.93 -7.53
C GLU B 41 -12.73 -11.63 -6.49
N THR B 42 -13.09 -12.84 -6.21
CA THR B 42 -12.34 -13.65 -5.21
C THR B 42 -10.87 -13.55 -5.53
N ILE B 43 -10.58 -13.41 -6.78
CA ILE B 43 -9.18 -13.32 -7.21
C ILE B 43 -8.67 -11.91 -7.05
N ASP B 44 -9.54 -10.97 -7.12
CA ASP B 44 -9.11 -9.58 -6.86
C ASP B 44 -8.97 -9.50 -5.36
N TRP B 45 -9.77 -10.29 -4.67
CA TRP B 45 -9.65 -10.34 -3.20
C TRP B 45 -8.40 -11.14 -2.88
N LYS B 46 -8.10 -12.15 -3.67
CA LYS B 46 -6.88 -12.93 -3.40
C LYS B 46 -5.71 -11.98 -3.44
N VAL B 47 -5.74 -11.20 -4.46
CA VAL B 47 -4.69 -10.20 -4.67
C VAL B 47 -4.81 -9.09 -3.63
N PHE B 48 -6.02 -8.68 -3.34
CA PHE B 48 -6.19 -7.61 -2.31
C PHE B 48 -5.69 -8.13 -0.98
N GLU B 49 -6.00 -9.34 -0.67
CA GLU B 49 -5.51 -9.92 0.61
C GLU B 49 -3.98 -9.91 0.57
N SER B 50 -3.43 -10.36 -0.51
CA SER B 50 -1.95 -10.33 -0.64
C SER B 50 -1.50 -8.88 -0.55
N TRP B 51 -2.33 -7.98 -1.01
CA TRP B 51 -1.99 -6.54 -0.94
C TRP B 51 -2.04 -6.09 0.51
N MET B 52 -3.02 -6.57 1.22
CA MET B 52 -3.12 -6.20 2.66
C MET B 52 -1.99 -6.90 3.40
N HIS B 53 -1.69 -8.09 2.99
CA HIS B 53 -0.58 -8.88 3.62
C HIS B 53 0.74 -8.15 3.33
N HIS B 54 0.96 -7.77 2.09
CA HIS B 54 2.21 -7.02 1.78
C HIS B 54 2.13 -5.70 2.52
N TRP B 55 1.01 -5.06 2.43
CA TRP B 55 0.80 -3.80 3.18
C TRP B 55 1.14 -4.06 4.64
N LEU B 56 0.74 -5.19 5.13
CA LEU B 56 1.00 -5.55 6.54
C LEU B 56 2.49 -5.77 6.77
N LEU B 57 3.11 -6.69 6.06
CA LEU B 57 4.57 -6.91 6.24
C LEU B 57 5.29 -5.58 6.22
N PHE B 58 5.20 -4.93 5.10
CA PHE B 58 5.85 -3.59 4.94
C PHE B 58 5.73 -2.76 6.22
N GLU B 59 4.53 -2.37 6.56
CA GLU B 59 4.33 -1.55 7.78
C GLU B 59 4.95 -2.24 8.99
N MET B 60 4.92 -3.53 9.04
CA MET B 60 5.53 -4.25 10.19
C MET B 60 7.06 -4.16 10.06
N SER B 61 7.61 -4.64 8.98
CA SER B 61 9.09 -4.54 8.78
C SER B 61 9.55 -3.10 9.03
N ARG B 62 8.79 -2.16 8.54
CA ARG B 62 9.18 -0.72 8.73
C ARG B 62 8.60 -0.18 10.06
N HIS B 63 8.14 -1.05 10.92
CA HIS B 63 7.57 -0.57 12.22
C HIS B 63 8.68 -0.44 13.26
N SER B 64 9.92 -0.51 12.86
CA SER B 64 11.04 -0.41 13.84
C SER B 64 11.04 0.98 14.48
N LEU B 65 10.39 1.93 13.88
CA LEU B 65 10.35 3.30 14.47
C LEU B 65 9.12 3.46 15.34
N GLU B 66 8.02 2.91 14.93
CA GLU B 66 6.78 3.03 15.74
C GLU B 66 6.73 1.94 16.81
N GLN B 67 7.69 1.92 17.70
CA GLN B 67 7.71 0.88 18.76
C GLN B 67 8.53 1.36 19.97
N LYS B 68 8.08 1.09 21.16
CA LYS B 68 8.83 1.53 22.36
C LYS B 68 9.95 0.53 22.68
N PRO B 69 11.07 1.04 23.16
CA PRO B 69 12.22 0.16 23.51
C PRO B 69 11.90 -0.64 24.78
N THR B 70 12.26 -1.89 24.81
CA THR B 70 11.98 -2.71 26.03
C THR B 70 12.91 -3.93 26.08
N ASP B 71 14.18 -3.73 25.86
CA ASP B 71 15.13 -4.88 25.89
C ASP B 71 16.14 -4.69 27.02
N ALA B 72 16.77 -5.75 27.47
CA ALA B 72 17.76 -5.61 28.58
C ALA B 72 18.70 -6.82 28.60
N PRO B 73 19.87 -6.61 29.17
CA PRO B 73 20.87 -7.70 29.25
C PRO B 73 20.47 -8.71 30.34
N PRO B 74 20.21 -9.94 29.93
CA PRO B 74 19.81 -10.98 30.91
C PRO B 74 21.02 -11.42 31.74
N LYS B 75 20.78 -12.00 32.88
CA LYS B 75 21.91 -12.44 33.75
C LYS B 75 21.49 -13.65 34.60
N TYR C 1 1.58 4.11 7.89
CA TYR C 1 0.53 4.29 8.92
C TYR C 1 0.97 3.69 10.25
N GLY C 2 1.16 2.40 10.29
CA GLY C 2 1.60 1.75 11.57
C GLY C 2 0.51 1.91 12.62
N ASN C 3 -0.26 0.89 12.83
CA ASN C 3 -1.34 1.00 13.85
C ASN C 3 -1.98 -0.37 14.11
N MET C 4 -3.14 -0.37 14.72
CA MET C 4 -3.84 -1.66 14.99
C MET C 4 -4.37 -2.24 13.68
N THR C 5 -4.54 -1.43 12.67
CA THR C 5 -5.06 -1.94 11.36
C THR C 5 -4.26 -3.16 10.92
N GLU C 6 -3.02 -3.25 11.29
CA GLU C 6 -2.21 -4.43 10.88
C GLU C 6 -2.75 -5.68 11.55
N ASP C 7 -3.11 -5.59 12.79
CA ASP C 7 -3.69 -6.79 13.47
C ASP C 7 -5.10 -7.04 12.93
N HIS C 8 -5.71 -5.99 12.44
CA HIS C 8 -7.08 -6.14 11.90
C HIS C 8 -7.01 -6.55 10.43
N VAL C 9 -5.94 -6.19 9.79
CA VAL C 9 -5.72 -6.57 8.37
C VAL C 9 -5.05 -7.94 8.39
N MET C 10 -4.21 -8.15 9.36
CA MET C 10 -3.53 -9.47 9.47
C MET C 10 -4.59 -10.52 9.74
N HIS C 11 -5.55 -10.17 10.53
CA HIS C 11 -6.65 -11.12 10.84
C HIS C 11 -7.51 -11.29 9.59
N LEU C 12 -7.70 -10.22 8.85
CA LEU C 12 -8.50 -10.31 7.60
C LEU C 12 -7.77 -11.22 6.61
N LEU C 13 -6.49 -11.41 6.82
CA LEU C 13 -5.70 -12.29 5.91
C LEU C 13 -5.51 -13.66 6.56
N GLN C 14 -5.58 -13.69 7.86
CA GLN C 14 -5.42 -14.97 8.59
C GLN C 14 -6.70 -15.81 8.51
N ASN C 15 -7.76 -15.25 7.98
CA ASN C 15 -9.02 -16.03 7.85
C ASN C 15 -9.24 -16.36 6.39
N ALA C 16 -8.85 -15.48 5.51
CA ALA C 16 -9.01 -15.75 4.05
C ALA C 16 -8.05 -16.83 3.62
N ASP C 17 -6.90 -16.84 4.23
CA ASP C 17 -5.92 -17.87 3.86
C ASP C 17 -5.36 -18.53 5.13
N PRO C 18 -5.55 -19.82 5.24
CA PRO C 18 -5.05 -20.56 6.42
C PRO C 18 -3.52 -20.72 6.39
N LEU C 19 -2.88 -20.24 5.35
CA LEU C 19 -1.40 -20.39 5.27
C LEU C 19 -0.73 -19.00 5.23
N LYS C 20 -1.39 -17.98 5.71
CA LYS C 20 -0.77 -16.63 5.67
C LYS C 20 -0.04 -16.36 6.98
N VAL C 21 1.22 -16.03 6.91
CA VAL C 21 1.99 -15.74 8.15
C VAL C 21 2.67 -14.39 8.06
N TYR C 22 2.91 -13.83 9.19
CA TYR C 22 3.65 -12.55 9.23
C TYR C 22 4.67 -12.66 10.34
N PRO C 23 5.79 -13.24 10.01
CA PRO C 23 6.86 -13.45 11.01
C PRO C 23 7.26 -12.12 11.65
N PRO C 24 7.69 -12.21 12.88
CA PRO C 24 8.10 -11.00 13.61
C PRO C 24 9.36 -10.43 12.99
N LEU C 25 9.21 -9.44 12.16
CA LEU C 25 10.39 -8.82 11.52
C LEU C 25 11.00 -7.83 12.52
N LYS C 26 11.42 -8.33 13.64
CA LYS C 26 12.01 -7.46 14.69
C LYS C 26 13.31 -6.83 14.19
N GLY C 27 13.89 -7.39 13.17
CA GLY C 27 15.16 -6.81 12.62
C GLY C 27 14.86 -5.39 12.14
N SER C 28 15.68 -4.87 11.26
CA SER C 28 15.43 -3.52 10.74
C SER C 28 14.54 -3.64 9.52
N PHE C 29 13.90 -2.60 9.12
CA PHE C 29 13.00 -2.67 7.94
C PHE C 29 13.70 -3.34 6.74
N PRO C 30 14.94 -3.02 6.50
CA PRO C 30 15.64 -3.67 5.36
C PRO C 30 15.97 -5.12 5.71
N GLU C 31 15.96 -5.45 6.98
CA GLU C 31 16.20 -6.86 7.41
C GLU C 31 14.86 -7.53 7.39
N ASN C 32 13.92 -6.82 7.90
CA ASN C 32 12.51 -7.30 7.95
C ASN C 32 12.04 -7.57 6.53
N LEU C 33 12.55 -6.81 5.59
CA LEU C 33 12.14 -7.02 4.17
C LEU C 33 12.91 -8.19 3.59
N ARG C 34 14.19 -8.19 3.78
CA ARG C 34 15.03 -9.31 3.28
C ARG C 34 14.68 -10.57 4.06
N HIS C 35 14.14 -10.40 5.24
CA HIS C 35 13.71 -11.59 6.02
C HIS C 35 12.44 -12.11 5.38
N LEU C 36 11.46 -11.28 5.22
CA LEU C 36 10.22 -11.73 4.53
C LEU C 36 10.59 -12.33 3.19
N LYS C 37 11.57 -11.74 2.59
CA LYS C 37 12.04 -12.21 1.26
C LYS C 37 12.77 -13.52 1.43
N ASN C 38 13.75 -13.51 2.29
CA ASN C 38 14.54 -14.74 2.55
C ASN C 38 13.72 -15.75 3.34
N THR C 39 12.56 -15.36 3.78
CA THR C 39 11.71 -16.29 4.60
C THR C 39 10.40 -16.59 3.89
N MET C 40 9.60 -15.58 3.68
CA MET C 40 8.28 -15.82 3.01
C MET C 40 8.51 -16.47 1.64
N GLU C 41 7.44 -16.78 0.96
CA GLU C 41 7.57 -17.40 -0.38
C GLU C 41 8.24 -16.43 -1.32
N THR C 42 9.26 -16.89 -1.96
CA THR C 42 9.99 -16.05 -2.93
C THR C 42 8.98 -15.38 -3.85
N ILE C 43 7.93 -16.08 -4.08
CA ILE C 43 6.88 -15.54 -4.98
C ILE C 43 5.98 -14.60 -4.22
N ASP C 44 5.86 -14.80 -2.96
CA ASP C 44 5.06 -13.84 -2.15
C ASP C 44 5.97 -12.65 -2.00
N TRP C 45 7.26 -12.89 -2.00
CA TRP C 45 8.22 -11.79 -1.94
C TRP C 45 8.24 -11.13 -3.31
N LYS C 46 8.10 -11.92 -4.35
CA LYS C 46 8.10 -11.31 -5.70
C LYS C 46 6.98 -10.31 -5.74
N VAL C 47 5.87 -10.76 -5.27
CA VAL C 47 4.66 -9.95 -5.21
C VAL C 47 4.85 -8.85 -4.18
N PHE C 48 5.41 -9.17 -3.05
CA PHE C 48 5.62 -8.12 -2.01
C PHE C 48 6.55 -7.06 -2.56
N GLU C 49 7.57 -7.47 -3.24
CA GLU C 49 8.51 -6.48 -3.83
C GLU C 49 7.72 -5.63 -4.81
N SER C 50 6.94 -6.26 -5.64
CA SER C 50 6.12 -5.49 -6.60
C SER C 50 5.15 -4.62 -5.78
N TRP C 51 4.78 -5.09 -4.63
CA TRP C 51 3.87 -4.30 -3.75
C TRP C 51 4.64 -3.11 -3.21
N MET C 52 5.87 -3.33 -2.84
CA MET C 52 6.69 -2.21 -2.33
C MET C 52 7.01 -1.29 -3.50
N HIS C 53 7.23 -1.87 -4.65
CA HIS C 53 7.52 -1.07 -5.86
C HIS C 53 6.28 -0.25 -6.21
N HIS C 54 5.12 -0.87 -6.22
CA HIS C 54 3.88 -0.10 -6.50
C HIS C 54 3.70 0.89 -5.37
N TRP C 55 3.87 0.42 -4.16
CA TRP C 55 3.80 1.31 -3.00
C TRP C 55 4.76 2.48 -3.24
N LEU C 56 5.90 2.17 -3.77
CA LEU C 56 6.91 3.21 -4.03
C LEU C 56 6.44 4.15 -5.14
N LEU C 57 6.15 3.66 -6.32
CA LEU C 57 5.66 4.54 -7.41
C LEU C 57 4.57 5.44 -6.88
N PHE C 58 3.51 4.82 -6.46
CA PHE C 58 2.35 5.59 -5.90
C PHE C 58 2.83 6.75 -5.04
N GLU C 59 3.44 6.46 -3.93
CA GLU C 59 3.94 7.55 -3.02
C GLU C 59 4.82 8.52 -3.80
N MET C 60 5.56 8.05 -4.75
CA MET C 60 6.43 8.97 -5.54
C MET C 60 5.53 9.79 -6.48
N SER C 61 4.77 9.14 -7.33
CA SER C 61 3.84 9.87 -8.24
C SER C 61 3.00 10.86 -7.42
N ARG C 62 2.55 10.44 -6.28
CA ARG C 62 1.71 11.34 -5.43
C ARG C 62 2.61 12.17 -4.49
N HIS C 63 3.89 12.20 -4.73
CA HIS C 63 4.79 13.00 -3.84
C HIS C 63 4.89 14.45 -4.35
N SER C 64 4.02 14.84 -5.24
CA SER C 64 4.07 16.24 -5.77
C SER C 64 3.76 17.23 -4.64
N LEU C 65 3.16 16.77 -3.58
CA LEU C 65 2.83 17.70 -2.45
C LEU C 65 3.96 17.68 -1.43
N GLU C 66 4.52 16.54 -1.18
CA GLU C 66 5.63 16.46 -0.19
C GLU C 66 6.96 16.80 -0.86
N GLN C 67 7.09 17.99 -1.38
CA GLN C 67 8.36 18.37 -2.04
C GLN C 67 8.51 19.91 -2.07
N LYS C 68 9.69 20.40 -1.84
CA LYS C 68 9.89 21.89 -1.85
C LYS C 68 10.09 22.37 -3.29
N PRO C 69 9.59 23.55 -3.56
CA PRO C 69 9.72 24.14 -4.92
C PRO C 69 11.18 24.57 -5.17
N THR C 70 11.69 24.34 -6.34
CA THR C 70 13.09 24.75 -6.64
C THR C 70 13.32 24.86 -8.14
N ASP C 71 12.42 25.49 -8.85
CA ASP C 71 12.59 25.64 -10.32
C ASP C 71 12.75 27.11 -10.69
N ALA C 72 13.31 27.40 -11.84
CA ALA C 72 13.49 28.82 -12.24
C ALA C 72 13.69 28.94 -13.76
N PRO C 73 13.38 30.09 -14.30
CA PRO C 73 13.52 30.31 -15.75
C PRO C 73 15.00 30.50 -16.12
N PRO C 74 15.52 29.59 -16.92
CA PRO C 74 16.94 29.67 -17.34
C PRO C 74 17.14 30.81 -18.35
N LYS C 75 18.35 31.29 -18.49
CA LYS C 75 18.61 32.40 -19.45
C LYS C 75 20.04 32.32 -19.97
N TYR A 1 1.61 10.52 2.80
CA TYR A 1 2.26 9.54 1.88
C TYR A 1 3.52 10.14 1.28
N GLY A 2 4.67 9.84 1.83
CA GLY A 2 5.94 10.39 1.28
C GLY A 2 7.01 10.40 2.37
N ASN A 3 7.96 9.51 2.27
CA ASN A 3 9.03 9.48 3.29
C ASN A 3 10.30 8.84 2.71
N MET A 4 11.32 8.70 3.51
CA MET A 4 12.59 8.09 3.00
C MET A 4 12.38 6.60 2.73
N THR A 5 11.37 6.01 3.31
CA THR A 5 11.10 4.56 3.08
C THR A 5 11.10 4.23 1.58
N GLU A 6 10.84 5.20 0.76
CA GLU A 6 10.81 4.92 -0.71
C GLU A 6 12.22 4.64 -1.20
N ASP A 7 13.19 5.38 -0.75
CA ASP A 7 14.59 5.09 -1.18
C ASP A 7 15.05 3.80 -0.53
N HIS A 8 14.46 3.48 0.58
CA HIS A 8 14.85 2.25 1.31
C HIS A 8 14.05 1.07 0.77
N VAL A 9 12.88 1.35 0.26
CA VAL A 9 12.02 0.30 -0.34
C VAL A 9 12.45 0.17 -1.79
N MET A 10 12.81 1.28 -2.38
CA MET A 10 13.28 1.26 -3.79
C MET A 10 14.53 0.43 -3.85
N HIS A 11 15.38 0.60 -2.86
CA HIS A 11 16.64 -0.18 -2.83
C HIS A 11 16.31 -1.64 -2.54
N LEU A 12 15.34 -1.88 -1.69
CA LEU A 12 14.94 -3.27 -1.39
C LEU A 12 14.40 -3.93 -2.65
N LEU A 13 14.02 -3.12 -3.61
CA LEU A 13 13.50 -3.66 -4.90
C LEU A 13 14.61 -3.61 -5.96
N GLN A 14 15.54 -2.73 -5.78
CA GLN A 14 16.67 -2.60 -6.74
C GLN A 14 17.69 -3.73 -6.52
N ASN A 15 17.53 -4.49 -5.47
CA ASN A 15 18.47 -5.60 -5.20
C ASN A 15 17.78 -6.93 -5.49
N ALA A 16 16.49 -6.98 -5.25
CA ALA A 16 15.73 -8.24 -5.52
C ALA A 16 15.55 -8.40 -7.00
N ASP A 17 15.46 -7.32 -7.70
CA ASP A 17 15.27 -7.40 -9.15
C ASP A 17 16.22 -6.43 -9.87
N PRO A 18 17.04 -6.96 -10.74
CA PRO A 18 18.00 -6.12 -11.49
C PRO A 18 17.29 -5.35 -12.62
N LEU A 19 16.00 -5.49 -12.75
CA LEU A 19 15.28 -4.77 -13.83
C LEU A 19 14.13 -3.93 -13.27
N LYS A 20 14.25 -3.46 -12.05
CA LYS A 20 13.16 -2.63 -11.47
C LYS A 20 13.47 -1.16 -11.68
N VAL A 21 12.54 -0.42 -12.22
CA VAL A 21 12.80 1.03 -12.46
C VAL A 21 11.71 1.90 -11.85
N TYR A 22 12.11 3.02 -11.37
CA TYR A 22 11.10 3.98 -10.85
C TYR A 22 11.40 5.31 -11.51
N PRO A 23 10.86 5.46 -12.68
CA PRO A 23 11.10 6.71 -13.45
C PRO A 23 10.70 7.93 -12.65
N PRO A 24 11.36 9.03 -12.95
CA PRO A 24 11.10 10.29 -12.23
C PRO A 24 9.71 10.80 -12.58
N LEU A 25 8.75 10.47 -11.77
CA LEU A 25 7.38 10.96 -12.03
C LEU A 25 7.32 12.39 -11.52
N LYS A 26 7.68 13.34 -12.33
CA LYS A 26 7.70 14.75 -11.89
C LYS A 26 6.39 15.44 -12.29
N GLY A 27 5.64 14.87 -13.18
CA GLY A 27 4.33 15.48 -13.58
C GLY A 27 3.43 15.51 -12.35
N SER A 28 2.14 15.45 -12.55
CA SER A 28 1.21 15.43 -11.41
C SER A 28 0.95 13.97 -11.05
N PHE A 29 0.51 13.71 -9.86
CA PHE A 29 0.25 12.31 -9.45
C PHE A 29 -0.57 11.54 -10.51
N PRO A 30 -1.56 12.17 -11.10
CA PRO A 30 -2.34 11.46 -12.15
C PRO A 30 -1.49 11.35 -13.42
N GLU A 31 -0.46 12.14 -13.53
CA GLU A 31 0.46 12.06 -14.71
C GLU A 31 1.52 11.04 -14.34
N ASN A 32 1.97 11.17 -13.14
CA ASN A 32 2.98 10.23 -12.60
C ASN A 32 2.43 8.81 -12.65
N LEU A 33 1.13 8.69 -12.50
CA LEU A 33 0.52 7.33 -12.55
C LEU A 33 0.38 6.91 -14.00
N ARG A 34 -0.18 7.75 -14.78
CA ARG A 34 -0.33 7.46 -16.24
C ARG A 34 1.05 7.38 -16.86
N HIS A 35 2.02 7.97 -16.22
CA HIS A 35 3.41 7.88 -16.73
C HIS A 35 3.91 6.50 -16.43
N LEU A 36 3.83 6.08 -15.19
CA LEU A 36 4.26 4.70 -14.83
C LEU A 36 3.49 3.73 -15.72
N LYS A 37 2.30 4.08 -16.02
CA LYS A 37 1.44 3.24 -16.86
C LYS A 37 1.91 3.32 -18.29
N ASN A 38 2.00 4.52 -18.78
CA ASN A 38 2.45 4.75 -20.19
C ASN A 38 3.98 4.54 -20.30
N THR A 39 4.63 4.32 -19.19
CA THR A 39 6.12 4.15 -19.23
C THR A 39 6.53 2.80 -18.66
N MET A 40 6.20 2.55 -17.42
CA MET A 40 6.58 1.26 -16.81
C MET A 40 5.96 0.10 -17.60
N GLU A 41 6.10 -1.09 -17.10
CA GLU A 41 5.51 -2.26 -17.81
C GLU A 41 4.02 -2.25 -17.65
N THR A 42 3.35 -2.29 -18.75
CA THR A 42 1.85 -2.32 -18.74
C THR A 42 1.39 -3.36 -17.75
N ILE A 43 2.17 -4.39 -17.64
CA ILE A 43 1.82 -5.48 -16.72
C ILE A 43 2.20 -5.12 -15.31
N ASP A 44 3.21 -4.34 -15.17
CA ASP A 44 3.58 -3.86 -13.82
C ASP A 44 2.59 -2.75 -13.51
N TRP A 45 2.04 -2.16 -14.56
CA TRP A 45 1.01 -1.14 -14.37
C TRP A 45 -0.28 -1.88 -14.09
N LYS A 46 -0.47 -3.02 -14.71
CA LYS A 46 -1.72 -3.79 -14.45
C LYS A 46 -1.75 -4.08 -12.98
N VAL A 47 -0.62 -4.52 -12.52
CA VAL A 47 -0.46 -4.87 -11.11
C VAL A 47 -0.44 -3.60 -10.27
N PHE A 48 0.17 -2.55 -10.77
CA PHE A 48 0.19 -1.28 -9.99
C PHE A 48 -1.22 -0.73 -9.88
N GLU A 49 -1.97 -0.82 -10.94
CA GLU A 49 -3.36 -0.33 -10.90
C GLU A 49 -4.11 -1.19 -9.88
N SER A 50 -3.96 -2.47 -9.97
CA SER A 50 -4.62 -3.36 -8.97
C SER A 50 -4.06 -3.00 -7.60
N TRP A 51 -2.82 -2.58 -7.56
CA TRP A 51 -2.21 -2.18 -6.27
C TRP A 51 -2.84 -0.89 -5.80
N MET A 52 -3.09 -0.02 -6.74
CA MET A 52 -3.75 1.27 -6.39
C MET A 52 -5.19 0.97 -6.01
N HIS A 53 -5.77 0.04 -6.71
CA HIS A 53 -7.18 -0.37 -6.41
C HIS A 53 -7.22 -1.03 -5.03
N HIS A 54 -6.31 -1.93 -4.76
CA HIS A 54 -6.29 -2.55 -3.41
C HIS A 54 -5.96 -1.47 -2.42
N TRP A 55 -4.97 -0.68 -2.74
CA TRP A 55 -4.62 0.46 -1.88
C TRP A 55 -5.89 1.28 -1.64
N LEU A 56 -6.64 1.46 -2.68
CA LEU A 56 -7.89 2.25 -2.57
C LEU A 56 -8.90 1.55 -1.68
N LEU A 57 -9.27 0.33 -1.99
CA LEU A 57 -10.24 -0.41 -1.13
C LEU A 57 -9.79 -0.32 0.31
N PHE A 58 -8.64 -0.87 0.57
CA PHE A 58 -8.05 -0.85 1.94
C PHE A 58 -8.37 0.47 2.67
N GLU A 59 -7.91 1.58 2.13
CA GLU A 59 -8.18 2.88 2.80
C GLU A 59 -9.69 3.15 2.86
N MET A 60 -10.39 2.81 1.83
CA MET A 60 -11.87 3.02 1.85
C MET A 60 -12.46 2.13 2.94
N SER A 61 -12.23 0.85 2.89
CA SER A 61 -12.72 -0.06 3.94
C SER A 61 -12.28 0.44 5.32
N ARG A 62 -11.05 0.83 5.42
CA ARG A 62 -10.53 1.31 6.74
C ARG A 62 -10.82 2.82 6.92
N HIS A 63 -11.67 3.38 6.09
CA HIS A 63 -11.99 4.83 6.22
C HIS A 63 -13.09 5.05 7.26
N SER A 64 -12.98 4.43 8.40
CA SER A 64 -14.02 4.60 9.45
C SER A 64 -13.76 5.87 10.26
N LEU A 65 -14.72 6.30 11.04
CA LEU A 65 -14.54 7.54 11.86
C LEU A 65 -14.33 8.76 10.97
N GLU A 66 -14.52 8.63 9.70
CA GLU A 66 -14.32 9.79 8.81
C GLU A 66 -15.60 10.09 8.02
N GLN A 67 -16.72 9.63 8.50
CA GLN A 67 -18.00 9.88 7.79
C GLN A 67 -18.98 10.61 8.71
N LYS A 68 -18.76 11.87 8.95
CA LYS A 68 -19.68 12.63 9.84
C LYS A 68 -20.91 13.11 9.04
N PRO A 69 -22.05 13.07 9.68
CA PRO A 69 -23.30 13.51 9.00
C PRO A 69 -23.33 15.04 8.88
N THR A 70 -23.96 15.55 7.85
CA THR A 70 -24.02 17.02 7.67
C THR A 70 -24.75 17.67 8.85
N ASP A 71 -24.36 18.86 9.21
CA ASP A 71 -25.03 19.54 10.36
C ASP A 71 -26.47 19.89 9.99
N ALA A 72 -27.42 19.21 10.55
CA ALA A 72 -28.86 19.51 10.23
C ALA A 72 -29.73 19.28 11.46
N PRO A 73 -30.86 19.94 11.49
CA PRO A 73 -31.80 19.79 12.62
C PRO A 73 -32.51 18.44 12.57
N PRO A 74 -33.12 18.06 13.68
CA PRO A 74 -33.83 16.76 13.75
C PRO A 74 -35.14 16.85 12.95
N LYS A 75 -35.83 17.95 13.04
CA LYS A 75 -37.12 18.08 12.28
C LYS A 75 -38.04 16.90 12.60
N TYR B 1 -4.58 6.93 7.23
CA TYR B 1 -4.99 6.27 5.95
C TYR B 1 -6.37 6.79 5.51
N GLY B 2 -6.40 7.74 4.61
CA GLY B 2 -7.71 8.28 4.15
C GLY B 2 -7.50 9.68 3.57
N ASN B 3 -7.58 9.82 2.29
CA ASN B 3 -7.39 11.17 1.69
C ASN B 3 -8.08 11.24 0.32
N MET B 4 -7.97 12.35 -0.35
CA MET B 4 -8.61 12.48 -1.69
C MET B 4 -7.89 11.61 -2.71
N THR B 5 -6.68 11.22 -2.42
CA THR B 5 -5.91 10.36 -3.38
C THR B 5 -6.76 9.15 -3.80
N GLU B 6 -7.70 8.75 -3.00
CA GLU B 6 -8.53 7.57 -3.37
C GLU B 6 -9.42 7.92 -4.56
N ASP B 7 -9.99 9.09 -4.57
CA ASP B 7 -10.84 9.46 -5.75
C ASP B 7 -9.93 9.72 -6.94
N HIS B 8 -8.70 10.07 -6.67
CA HIS B 8 -7.75 10.36 -7.76
C HIS B 8 -7.08 9.05 -8.19
N VAL B 9 -6.98 8.12 -7.28
CA VAL B 9 -6.39 6.79 -7.59
C VAL B 9 -7.52 5.94 -8.14
N MET B 10 -8.71 6.15 -7.61
CA MET B 10 -9.87 5.38 -8.10
C MET B 10 -10.10 5.75 -9.55
N HIS B 11 -9.95 7.01 -9.84
CA HIS B 11 -10.14 7.46 -11.24
C HIS B 11 -8.98 6.94 -12.10
N LEU B 12 -7.80 6.90 -11.54
CA LEU B 12 -6.64 6.36 -12.31
C LEU B 12 -6.89 4.89 -12.59
N LEU B 13 -7.77 4.28 -11.85
CA LEU B 13 -8.10 2.84 -12.08
C LEU B 13 -9.38 2.73 -12.89
N GLN B 14 -10.21 3.73 -12.81
CA GLN B 14 -11.49 3.72 -13.56
C GLN B 14 -11.24 4.06 -15.03
N ASN B 15 -10.04 4.43 -15.38
CA ASN B 15 -9.73 4.75 -16.80
C ASN B 15 -8.86 3.64 -17.38
N ALA B 16 -8.04 3.05 -16.56
CA ALA B 16 -7.16 1.94 -17.05
C ALA B 16 -7.99 0.69 -17.23
N ASP B 17 -9.00 0.56 -16.44
CA ASP B 17 -9.84 -0.64 -16.56
C ASP B 17 -11.33 -0.25 -16.53
N PRO B 18 -12.04 -0.61 -17.57
CA PRO B 18 -13.49 -0.27 -17.64
C PRO B 18 -14.31 -1.21 -16.75
N LEU B 19 -13.67 -2.10 -16.03
CA LEU B 19 -14.45 -3.03 -15.15
C LEU B 19 -13.95 -2.97 -13.71
N LYS B 20 -13.43 -1.85 -13.29
CA LYS B 20 -12.94 -1.73 -11.89
C LYS B 20 -14.04 -1.16 -11.00
N VAL B 21 -14.33 -1.80 -9.91
CA VAL B 21 -15.40 -1.27 -9.01
C VAL B 21 -14.91 -1.14 -7.59
N TYR B 22 -15.38 -0.13 -6.93
CA TYR B 22 -15.06 0.04 -5.51
C TYR B 22 -16.37 0.24 -4.78
N PRO B 23 -16.98 -0.87 -4.45
CA PRO B 23 -18.29 -0.82 -3.77
C PRO B 23 -18.22 0.00 -2.50
N PRO B 24 -19.33 0.57 -2.14
CA PRO B 24 -19.40 1.42 -0.93
C PRO B 24 -19.22 0.58 0.30
N LEU B 25 -18.01 0.46 0.75
CA LEU B 25 -17.77 -0.33 1.98
C LEU B 25 -18.17 0.57 3.15
N LYS B 26 -19.39 0.45 3.59
CA LYS B 26 -19.86 1.33 4.70
C LYS B 26 -19.86 0.57 6.04
N GLY B 27 -19.76 -0.73 6.00
CA GLY B 27 -19.72 -1.50 7.27
C GLY B 27 -18.48 -1.11 8.06
N SER B 28 -17.89 -2.03 8.77
CA SER B 28 -16.65 -1.74 9.51
C SER B 28 -15.48 -2.17 8.64
N PHE B 29 -14.32 -1.66 8.86
CA PHE B 29 -13.16 -2.04 7.99
C PHE B 29 -13.05 -3.57 7.81
N PRO B 30 -13.31 -4.34 8.84
CA PRO B 30 -13.25 -5.82 8.68
C PRO B 30 -14.47 -6.29 7.88
N GLU B 31 -15.48 -5.46 7.79
CA GLU B 31 -16.69 -5.82 6.99
C GLU B 31 -16.44 -5.30 5.60
N ASN B 32 -15.92 -4.11 5.56
CA ASN B 32 -15.56 -3.47 4.26
C ASN B 32 -14.59 -4.40 3.53
N LEU B 33 -13.75 -5.07 4.28
CA LEU B 33 -12.75 -5.99 3.66
C LEU B 33 -13.44 -7.28 3.25
N ARG B 34 -14.12 -7.88 4.17
CA ARG B 34 -14.86 -9.14 3.86
C ARG B 34 -15.93 -8.81 2.83
N HIS B 35 -16.31 -7.57 2.73
CA HIS B 35 -17.30 -7.18 1.70
C HIS B 35 -16.59 -7.20 0.37
N LEU B 36 -15.50 -6.50 0.26
CA LEU B 36 -14.72 -6.52 -1.02
C LEU B 36 -14.41 -7.97 -1.36
N LYS B 37 -14.21 -8.75 -0.35
CA LYS B 37 -13.89 -10.16 -0.54
C LYS B 37 -15.16 -10.91 -0.95
N ASN B 38 -16.17 -10.75 -0.17
CA ASN B 38 -17.46 -11.42 -0.47
C ASN B 38 -18.19 -10.71 -1.61
N THR B 39 -17.66 -9.61 -2.08
CA THR B 39 -18.33 -8.85 -3.17
C THR B 39 -17.42 -8.71 -4.38
N MET B 40 -16.29 -8.10 -4.20
CA MET B 40 -15.37 -7.92 -5.35
C MET B 40 -14.96 -9.28 -5.92
N GLU B 41 -14.05 -9.30 -6.83
CA GLU B 41 -13.61 -10.59 -7.42
C GLU B 41 -12.77 -11.34 -6.43
N THR B 42 -13.16 -12.54 -6.16
CA THR B 42 -12.39 -13.39 -5.22
C THR B 42 -10.93 -13.33 -5.58
N ILE B 43 -10.68 -13.19 -6.84
CA ILE B 43 -9.28 -13.15 -7.32
C ILE B 43 -8.72 -11.76 -7.13
N ASP B 44 -9.56 -10.78 -7.18
CA ASP B 44 -9.08 -9.42 -6.90
C ASP B 44 -8.98 -9.34 -5.39
N TRP B 45 -9.73 -10.20 -4.72
CA TRP B 45 -9.64 -10.27 -3.26
C TRP B 45 -8.40 -11.09 -2.94
N LYS B 46 -8.11 -12.08 -3.74
CA LYS B 46 -6.90 -12.89 -3.49
C LYS B 46 -5.73 -11.96 -3.51
N VAL B 47 -5.74 -11.15 -4.52
CA VAL B 47 -4.68 -10.16 -4.71
C VAL B 47 -4.81 -9.06 -3.66
N PHE B 48 -6.01 -8.68 -3.33
CA PHE B 48 -6.17 -7.62 -2.30
C PHE B 48 -5.69 -8.14 -0.96
N GLU B 49 -5.99 -9.37 -0.67
CA GLU B 49 -5.52 -9.97 0.61
C GLU B 49 -4.00 -9.98 0.58
N SER B 50 -3.45 -10.43 -0.51
CA SER B 50 -1.97 -10.43 -0.62
C SER B 50 -1.51 -8.98 -0.55
N TRP B 51 -2.33 -8.08 -1.03
CA TRP B 51 -1.98 -6.63 -0.97
C TRP B 51 -2.04 -6.18 0.47
N MET B 52 -3.02 -6.67 1.18
CA MET B 52 -3.15 -6.31 2.61
C MET B 52 -2.01 -6.98 3.37
N HIS B 53 -1.68 -8.18 2.95
CA HIS B 53 -0.57 -8.93 3.59
C HIS B 53 0.74 -8.19 3.29
N HIS B 54 0.97 -7.82 2.06
CA HIS B 54 2.20 -7.07 1.74
C HIS B 54 2.12 -5.74 2.46
N TRP B 55 0.99 -5.11 2.38
CA TRP B 55 0.78 -3.85 3.11
C TRP B 55 1.14 -4.09 4.58
N LEU B 56 0.72 -5.21 5.09
CA LEU B 56 0.99 -5.56 6.50
C LEU B 56 2.48 -5.76 6.72
N LEU B 57 3.11 -6.67 6.01
CA LEU B 57 4.56 -6.88 6.19
C LEU B 57 5.27 -5.54 6.14
N PHE B 58 5.16 -4.91 5.02
CA PHE B 58 5.80 -3.56 4.81
C PHE B 58 5.76 -2.73 6.10
N GLU B 59 4.58 -2.39 6.56
CA GLU B 59 4.48 -1.58 7.81
C GLU B 59 5.13 -2.31 8.98
N MET B 60 4.95 -3.59 9.05
CA MET B 60 5.57 -4.36 10.17
C MET B 60 7.10 -4.25 10.04
N SER B 61 7.65 -4.65 8.93
CA SER B 61 9.12 -4.51 8.72
C SER B 61 9.51 -3.05 8.94
N ARG B 62 8.69 -2.17 8.46
CA ARG B 62 8.98 -0.71 8.60
C ARG B 62 8.46 -0.19 9.97
N HIS B 63 8.07 -1.07 10.84
CA HIS B 63 7.57 -0.61 12.17
C HIS B 63 8.73 -0.41 13.16
N SER B 64 9.76 0.28 12.75
CA SER B 64 10.91 0.50 13.67
C SER B 64 10.65 1.72 14.56
N LEU B 65 11.43 1.89 15.60
CA LEU B 65 11.24 3.06 16.53
C LEU B 65 9.88 3.01 17.20
N GLU B 66 9.17 1.93 17.07
CA GLU B 66 7.84 1.85 17.72
C GLU B 66 7.79 0.66 18.67
N GLN B 67 8.93 0.18 19.10
CA GLN B 67 8.95 -0.98 20.03
C GLN B 67 9.67 -0.62 21.33
N LYS B 68 9.04 0.16 22.17
CA LYS B 68 9.69 0.57 23.45
C LYS B 68 9.51 -0.53 24.50
N PRO B 69 10.52 -0.74 25.29
CA PRO B 69 10.46 -1.79 26.35
C PRO B 69 9.56 -1.32 27.50
N THR B 70 8.90 -2.23 28.16
CA THR B 70 8.02 -1.83 29.29
C THR B 70 8.83 -1.16 30.39
N ASP B 71 8.24 -0.22 31.08
CA ASP B 71 8.99 0.49 32.17
C ASP B 71 9.27 -0.48 33.32
N ALA B 72 10.50 -0.89 33.49
CA ALA B 72 10.83 -1.82 34.60
C ALA B 72 12.23 -1.52 35.15
N PRO B 73 12.45 -1.91 36.39
CA PRO B 73 13.77 -1.68 37.02
C PRO B 73 14.82 -2.63 36.45
N PRO B 74 16.07 -2.32 36.70
CA PRO B 74 17.17 -3.18 36.19
C PRO B 74 17.25 -4.48 37.00
N LYS B 75 17.06 -4.40 38.29
CA LYS B 75 17.12 -5.64 39.12
C LYS B 75 18.43 -6.38 38.87
N TYR C 1 3.46 5.22 9.05
CA TYR C 1 3.16 3.81 8.67
C TYR C 1 3.26 2.90 9.90
N GLY C 2 2.16 2.59 10.52
CA GLY C 2 2.20 1.71 11.72
C GLY C 2 0.96 1.94 12.57
N ASN C 3 0.05 1.02 12.57
CA ASN C 3 -1.17 1.20 13.40
C ASN C 3 -1.80 -0.16 13.73
N MET C 4 -2.91 -0.15 14.41
CA MET C 4 -3.57 -1.45 14.77
C MET C 4 -4.15 -2.11 13.51
N THR C 5 -4.35 -1.35 12.47
CA THR C 5 -4.92 -1.93 11.21
C THR C 5 -4.13 -3.17 10.79
N GLU C 6 -2.90 -3.29 11.21
CA GLU C 6 -2.10 -4.48 10.81
C GLU C 6 -2.66 -5.72 11.51
N ASP C 7 -3.01 -5.63 12.75
CA ASP C 7 -3.58 -6.81 13.43
C ASP C 7 -4.98 -7.06 12.91
N HIS C 8 -5.60 -6.02 12.40
CA HIS C 8 -6.96 -6.15 11.87
C HIS C 8 -6.90 -6.58 10.40
N VAL C 9 -5.82 -6.22 9.75
CA VAL C 9 -5.61 -6.60 8.33
C VAL C 9 -4.96 -7.98 8.36
N MET C 10 -4.13 -8.20 9.33
CA MET C 10 -3.46 -9.51 9.46
C MET C 10 -4.53 -10.56 9.71
N HIS C 11 -5.48 -10.20 10.52
CA HIS C 11 -6.59 -11.15 10.82
C HIS C 11 -7.46 -11.31 9.57
N LEU C 12 -7.66 -10.25 8.84
CA LEU C 12 -8.46 -10.33 7.60
C LEU C 12 -7.74 -11.24 6.61
N LEU C 13 -6.47 -11.44 6.81
CA LEU C 13 -5.68 -12.34 5.92
C LEU C 13 -5.53 -13.71 6.58
N GLN C 14 -5.60 -13.74 7.87
CA GLN C 14 -5.47 -15.04 8.60
C GLN C 14 -6.77 -15.83 8.51
N ASN C 15 -7.81 -15.25 7.98
CA ASN C 15 -9.10 -15.98 7.85
C ASN C 15 -9.33 -16.31 6.38
N ALA C 16 -8.87 -15.47 5.49
CA ALA C 16 -9.04 -15.74 4.04
C ALA C 16 -8.07 -16.82 3.62
N ASP C 17 -6.97 -16.88 4.26
CA ASP C 17 -5.98 -17.91 3.89
C ASP C 17 -5.42 -18.59 5.15
N PRO C 18 -5.59 -19.90 5.22
CA PRO C 18 -5.09 -20.65 6.39
C PRO C 18 -3.57 -20.83 6.33
N LEU C 19 -2.91 -20.28 5.34
CA LEU C 19 -1.43 -20.45 5.24
C LEU C 19 -0.74 -19.08 5.14
N LYS C 20 -1.31 -18.06 5.70
CA LYS C 20 -0.67 -16.72 5.64
C LYS C 20 0.16 -16.48 6.89
N VAL C 21 1.40 -16.12 6.74
CA VAL C 21 2.26 -15.87 7.92
C VAL C 21 2.91 -14.52 7.88
N TYR C 22 3.06 -13.94 9.02
CA TYR C 22 3.76 -12.65 9.11
C TYR C 22 4.81 -12.80 10.19
N PRO C 23 5.93 -13.33 9.79
CA PRO C 23 7.03 -13.57 10.76
C PRO C 23 7.41 -12.29 11.48
N PRO C 24 7.90 -12.45 12.68
CA PRO C 24 8.30 -11.29 13.50
C PRO C 24 9.50 -10.61 12.89
N LEU C 25 9.28 -9.61 12.09
CA LEU C 25 10.42 -8.89 11.49
C LEU C 25 10.93 -7.92 12.56
N LYS C 26 11.83 -8.39 13.38
CA LYS C 26 12.37 -7.52 14.46
C LYS C 26 13.67 -6.85 14.03
N GLY C 27 14.29 -7.33 12.98
CA GLY C 27 15.55 -6.70 12.51
C GLY C 27 15.22 -5.27 12.06
N SER C 28 15.95 -4.77 11.11
CA SER C 28 15.68 -3.41 10.60
C SER C 28 14.72 -3.54 9.42
N PHE C 29 14.03 -2.50 9.08
CA PHE C 29 13.08 -2.59 7.94
C PHE C 29 13.73 -3.24 6.70
N PRO C 30 14.97 -2.92 6.41
CA PRO C 30 15.63 -3.56 5.24
C PRO C 30 15.95 -5.01 5.57
N GLU C 31 15.97 -5.34 6.84
CA GLU C 31 16.23 -6.76 7.26
C GLU C 31 14.88 -7.43 7.29
N ASN C 32 13.95 -6.73 7.82
CA ASN C 32 12.56 -7.23 7.91
C ASN C 32 12.05 -7.49 6.50
N LEU C 33 12.53 -6.74 5.55
CA LEU C 33 12.09 -6.95 4.14
C LEU C 33 12.85 -8.13 3.56
N ARG C 34 14.13 -8.10 3.69
CA ARG C 34 14.97 -9.24 3.20
C ARG C 34 14.62 -10.48 4.01
N HIS C 35 14.07 -10.29 5.17
CA HIS C 35 13.67 -11.45 5.99
C HIS C 35 12.41 -12.01 5.37
N LEU C 36 11.42 -11.20 5.16
CA LEU C 36 10.18 -11.69 4.49
C LEU C 36 10.57 -12.31 3.16
N LYS C 37 11.57 -11.76 2.57
CA LYS C 37 12.05 -12.24 1.27
C LYS C 37 12.79 -13.55 1.48
N ASN C 38 13.75 -13.51 2.34
CA ASN C 38 14.56 -14.73 2.64
C ASN C 38 13.76 -15.71 3.52
N THR C 39 12.58 -15.31 3.94
CA THR C 39 11.77 -16.20 4.83
C THR C 39 10.41 -16.51 4.19
N MET C 40 9.65 -15.49 3.94
CA MET C 40 8.31 -15.73 3.34
C MET C 40 8.46 -16.42 1.99
N GLU C 41 7.39 -16.57 1.27
CA GLU C 41 7.46 -17.24 -0.06
C GLU C 41 8.12 -16.31 -1.05
N THR C 42 9.14 -16.79 -1.67
CA THR C 42 9.85 -15.99 -2.69
C THR C 42 8.85 -15.39 -3.64
N ILE C 43 7.80 -16.12 -3.84
CA ILE C 43 6.75 -15.64 -4.77
C ILE C 43 5.84 -14.65 -4.07
N ASP C 44 5.71 -14.80 -2.80
CA ASP C 44 4.93 -13.80 -2.05
C ASP C 44 5.86 -12.61 -1.88
N TRP C 45 7.14 -12.88 -1.94
CA TRP C 45 8.13 -11.81 -1.89
C TRP C 45 8.17 -11.17 -3.27
N LYS C 46 8.01 -11.97 -4.29
CA LYS C 46 8.02 -11.40 -5.66
C LYS C 46 6.92 -10.37 -5.71
N VAL C 47 5.81 -10.80 -5.23
CA VAL C 47 4.61 -9.96 -5.18
C VAL C 47 4.80 -8.85 -4.16
N PHE C 48 5.41 -9.17 -3.05
CA PHE C 48 5.62 -8.11 -2.02
C PHE C 48 6.58 -7.06 -2.56
N GLU C 49 7.59 -7.49 -3.26
CA GLU C 49 8.53 -6.52 -3.85
C GLU C 49 7.76 -5.67 -4.85
N SER C 50 7.00 -6.31 -5.68
CA SER C 50 6.18 -5.53 -6.64
C SER C 50 5.22 -4.67 -5.85
N TRP C 51 4.81 -5.15 -4.70
CA TRP C 51 3.89 -4.36 -3.83
C TRP C 51 4.66 -3.18 -3.27
N MET C 52 5.89 -3.41 -2.93
CA MET C 52 6.73 -2.31 -2.40
C MET C 52 7.05 -1.37 -3.55
N HIS C 53 7.23 -1.93 -4.71
CA HIS C 53 7.53 -1.11 -5.92
C HIS C 53 6.27 -0.29 -6.25
N HIS C 54 5.12 -0.91 -6.26
CA HIS C 54 3.88 -0.15 -6.53
C HIS C 54 3.70 0.83 -5.39
N TRP C 55 3.87 0.36 -4.20
CA TRP C 55 3.79 1.25 -3.03
C TRP C 55 4.74 2.43 -3.27
N LEU C 56 5.90 2.12 -3.78
CA LEU C 56 6.90 3.16 -4.04
C LEU C 56 6.42 4.12 -5.12
N LEU C 57 6.12 3.62 -6.30
CA LEU C 57 5.61 4.51 -7.38
C LEU C 57 4.52 5.39 -6.84
N PHE C 58 3.46 4.75 -6.43
CA PHE C 58 2.28 5.48 -5.84
C PHE C 58 2.73 6.69 -5.02
N GLU C 59 3.48 6.47 -3.98
CA GLU C 59 3.94 7.60 -3.14
C GLU C 59 4.79 8.56 -3.95
N MET C 60 5.62 8.04 -4.81
CA MET C 60 6.47 8.93 -5.65
C MET C 60 5.55 9.74 -6.57
N SER C 61 4.74 9.10 -7.36
CA SER C 61 3.78 9.85 -8.24
C SER C 61 2.95 10.80 -7.39
N ARG C 62 2.50 10.35 -6.25
CA ARG C 62 1.67 11.24 -5.38
C ARG C 62 2.57 12.10 -4.47
N HIS C 63 3.85 12.14 -4.74
CA HIS C 63 4.76 12.96 -3.88
C HIS C 63 4.76 14.43 -4.36
N SER C 64 3.61 14.99 -4.58
CA SER C 64 3.54 16.40 -5.05
C SER C 64 3.63 17.35 -3.85
N LEU C 65 3.85 18.61 -4.09
CA LEU C 65 3.95 19.62 -2.98
C LEU C 65 5.12 19.30 -2.05
N GLU C 66 5.96 18.39 -2.43
CA GLU C 66 7.11 18.05 -1.55
C GLU C 66 8.42 18.26 -2.30
N GLN C 67 8.40 19.05 -3.34
CA GLN C 67 9.65 19.29 -4.12
C GLN C 67 9.97 20.78 -4.15
N LYS C 68 10.44 21.33 -3.05
CA LYS C 68 10.77 22.78 -3.02
C LYS C 68 12.16 23.02 -3.60
N PRO C 69 12.31 24.11 -4.33
CA PRO C 69 13.61 24.44 -4.94
C PRO C 69 14.59 24.94 -3.87
N THR C 70 15.86 24.68 -4.05
CA THR C 70 16.86 25.14 -3.05
C THR C 70 16.83 26.67 -2.93
N ASP C 71 17.09 27.19 -1.76
CA ASP C 71 17.08 28.66 -1.58
C ASP C 71 18.24 29.30 -2.34
N ALA C 72 17.96 29.97 -3.43
CA ALA C 72 19.06 30.61 -4.22
C ALA C 72 18.56 31.93 -4.83
N PRO C 73 19.50 32.81 -5.13
CA PRO C 73 19.15 34.12 -5.72
C PRO C 73 18.74 33.94 -7.19
N PRO C 74 18.13 34.96 -7.73
CA PRO C 74 17.69 34.91 -9.16
C PRO C 74 18.90 35.05 -10.09
N LYS C 75 19.83 35.90 -9.75
CA LYS C 75 21.03 36.07 -10.61
C LYS C 75 20.61 36.35 -12.06
N TYR A 1 6.42 10.86 -0.23
CA TYR A 1 6.18 10.05 1.01
C TYR A 1 6.80 10.71 2.24
N GLY A 2 7.99 11.26 2.13
CA GLY A 2 8.62 11.91 3.33
C GLY A 2 8.69 10.89 4.44
N ASN A 3 9.42 9.84 4.25
CA ASN A 3 9.51 8.80 5.30
C ASN A 3 10.86 8.08 5.25
N MET A 4 11.80 8.54 4.46
CA MET A 4 13.10 7.83 4.38
C MET A 4 12.87 6.34 4.08
N THR A 5 11.73 6.04 3.50
CA THR A 5 11.39 4.62 3.20
C THR A 5 11.46 4.33 1.70
N GLU A 6 10.86 5.15 0.89
CA GLU A 6 10.86 4.87 -0.57
C GLU A 6 12.28 4.65 -1.09
N ASP A 7 13.24 5.35 -0.56
CA ASP A 7 14.63 5.11 -1.02
C ASP A 7 15.13 3.82 -0.39
N HIS A 8 14.55 3.46 0.71
CA HIS A 8 14.97 2.23 1.41
C HIS A 8 14.15 1.05 0.87
N VAL A 9 13.02 1.35 0.30
CA VAL A 9 12.15 0.31 -0.31
C VAL A 9 12.57 0.18 -1.77
N MET A 10 12.95 1.30 -2.35
CA MET A 10 13.40 1.27 -3.76
C MET A 10 14.68 0.46 -3.81
N HIS A 11 15.51 0.62 -2.82
CA HIS A 11 16.79 -0.15 -2.78
C HIS A 11 16.47 -1.61 -2.47
N LEU A 12 15.49 -1.85 -1.64
CA LEU A 12 15.11 -3.26 -1.33
C LEU A 12 14.60 -3.92 -2.61
N LEU A 13 14.17 -3.13 -3.56
CA LEU A 13 13.69 -3.69 -4.85
C LEU A 13 14.81 -3.65 -5.89
N GLN A 14 15.74 -2.76 -5.70
CA GLN A 14 16.87 -2.65 -6.66
C GLN A 14 17.92 -3.72 -6.38
N ASN A 15 17.82 -4.39 -5.26
CA ASN A 15 18.80 -5.47 -4.93
C ASN A 15 18.12 -6.82 -5.16
N ALA A 16 16.85 -6.89 -4.87
CA ALA A 16 16.11 -8.16 -5.07
C ALA A 16 15.80 -8.33 -6.53
N ASP A 17 15.58 -7.24 -7.20
CA ASP A 17 15.27 -7.33 -8.64
C ASP A 17 16.13 -6.35 -9.44
N PRO A 18 16.85 -6.86 -10.41
CA PRO A 18 17.73 -5.99 -11.24
C PRO A 18 16.90 -5.20 -12.26
N LEU A 19 15.60 -5.34 -12.25
CA LEU A 19 14.77 -4.59 -13.24
C LEU A 19 13.78 -3.67 -12.52
N LYS A 20 14.02 -3.36 -11.28
CA LYS A 20 13.08 -2.46 -10.54
C LYS A 20 13.41 -1.00 -10.85
N VAL A 21 12.54 -0.34 -11.55
CA VAL A 21 12.80 1.09 -11.89
C VAL A 21 11.69 1.98 -11.39
N TYR A 22 12.04 3.14 -10.97
CA TYR A 22 11.01 4.10 -10.54
C TYR A 22 11.36 5.41 -11.21
N PRO A 23 10.90 5.53 -12.42
CA PRO A 23 11.18 6.74 -13.22
C PRO A 23 10.73 7.99 -12.48
N PRO A 24 11.40 9.08 -12.78
CA PRO A 24 11.07 10.36 -12.12
C PRO A 24 9.69 10.83 -12.55
N LEU A 25 8.71 10.56 -11.74
CA LEU A 25 7.33 11.01 -12.10
C LEU A 25 7.22 12.47 -11.65
N LYS A 26 7.99 13.32 -12.28
CA LYS A 26 8.00 14.76 -11.91
C LYS A 26 6.66 15.43 -12.24
N GLY A 27 5.90 14.86 -13.14
CA GLY A 27 4.57 15.45 -13.47
C GLY A 27 3.71 15.45 -12.21
N SER A 28 2.42 15.38 -12.35
CA SER A 28 1.54 15.33 -11.16
C SER A 28 1.23 13.87 -10.85
N PHE A 29 0.56 13.61 -9.78
CA PHE A 29 0.24 12.19 -9.42
C PHE A 29 -0.57 11.50 -10.53
N PRO A 30 -1.48 12.21 -11.17
CA PRO A 30 -2.27 11.56 -12.25
C PRO A 30 -1.39 11.46 -13.51
N GLU A 31 -0.32 12.22 -13.55
CA GLU A 31 0.62 12.15 -14.70
C GLU A 31 1.63 11.10 -14.35
N ASN A 32 2.05 11.15 -13.13
CA ASN A 32 3.02 10.17 -12.60
C ASN A 32 2.42 8.78 -12.71
N LEU A 33 1.13 8.67 -12.53
CA LEU A 33 0.47 7.34 -12.63
C LEU A 33 0.34 6.95 -14.10
N ARG A 34 -0.15 7.85 -14.88
CA ARG A 34 -0.30 7.58 -16.35
C ARG A 34 1.10 7.47 -16.96
N HIS A 35 2.07 8.07 -16.33
CA HIS A 35 3.46 7.96 -16.85
C HIS A 35 3.94 6.56 -16.51
N LEU A 36 3.83 6.17 -15.27
CA LEU A 36 4.23 4.79 -14.90
C LEU A 36 3.46 3.81 -15.77
N LYS A 37 2.25 4.15 -16.05
CA LYS A 37 1.39 3.29 -16.88
C LYS A 37 1.86 3.35 -18.32
N ASN A 38 1.95 4.54 -18.83
CA ASN A 38 2.40 4.74 -20.24
C ASN A 38 3.90 4.45 -20.35
N THR A 39 4.57 4.27 -19.25
CA THR A 39 6.05 4.03 -19.29
C THR A 39 6.38 2.63 -18.76
N MET A 40 6.06 2.39 -17.53
CA MET A 40 6.38 1.05 -16.95
C MET A 40 5.68 -0.06 -17.74
N GLU A 41 5.91 -1.28 -17.38
CA GLU A 41 5.26 -2.41 -18.09
C GLU A 41 3.77 -2.34 -17.92
N THR A 42 3.07 -2.41 -19.00
CA THR A 42 1.58 -2.38 -18.96
C THR A 42 1.13 -3.39 -17.92
N ILE A 43 1.88 -4.43 -17.81
CA ILE A 43 1.52 -5.49 -16.85
C ILE A 43 1.98 -5.13 -15.46
N ASP A 44 3.00 -4.35 -15.38
CA ASP A 44 3.43 -3.88 -14.04
C ASP A 44 2.44 -2.79 -13.69
N TRP A 45 1.93 -2.13 -14.72
CA TRP A 45 0.90 -1.11 -14.50
C TRP A 45 -0.40 -1.84 -14.18
N LYS A 46 -0.60 -2.97 -14.81
CA LYS A 46 -1.85 -3.73 -14.51
C LYS A 46 -1.85 -4.02 -13.04
N VAL A 47 -0.73 -4.53 -12.62
CA VAL A 47 -0.54 -4.89 -11.22
C VAL A 47 -0.51 -3.62 -10.37
N PHE A 48 0.13 -2.59 -10.85
CA PHE A 48 0.18 -1.33 -10.06
C PHE A 48 -1.24 -0.78 -9.93
N GLU A 49 -1.98 -0.81 -10.99
CA GLU A 49 -3.39 -0.33 -10.92
C GLU A 49 -4.12 -1.20 -9.91
N SER A 50 -3.94 -2.49 -10.01
CA SER A 50 -4.58 -3.40 -9.03
C SER A 50 -4.02 -3.06 -7.65
N TRP A 51 -2.79 -2.63 -7.61
CA TRP A 51 -2.18 -2.24 -6.31
C TRP A 51 -2.81 -0.93 -5.85
N MET A 52 -3.11 -0.08 -6.78
CA MET A 52 -3.75 1.20 -6.42
C MET A 52 -5.20 0.92 -6.05
N HIS A 53 -5.78 -0.02 -6.75
CA HIS A 53 -7.19 -0.43 -6.47
C HIS A 53 -7.23 -1.08 -5.08
N HIS A 54 -6.34 -1.99 -4.80
CA HIS A 54 -6.30 -2.60 -3.45
C HIS A 54 -5.97 -1.50 -2.47
N TRP A 55 -5.00 -0.71 -2.80
CA TRP A 55 -4.66 0.44 -1.95
C TRP A 55 -5.93 1.26 -1.72
N LEU A 56 -6.70 1.41 -2.76
CA LEU A 56 -7.95 2.19 -2.66
C LEU A 56 -8.93 1.50 -1.73
N LEU A 57 -9.29 0.27 -2.00
CA LEU A 57 -10.24 -0.44 -1.10
C LEU A 57 -9.77 -0.32 0.33
N PHE A 58 -8.64 -0.90 0.60
CA PHE A 58 -8.07 -0.86 1.98
C PHE A 58 -8.30 0.50 2.65
N GLU A 59 -7.71 1.53 2.13
CA GLU A 59 -7.89 2.88 2.74
C GLU A 59 -9.36 3.25 2.80
N MET A 60 -10.15 2.74 1.89
CA MET A 60 -11.61 3.04 1.92
C MET A 60 -12.27 2.16 3.00
N SER A 61 -12.18 0.85 2.86
CA SER A 61 -12.74 -0.07 3.90
C SER A 61 -12.32 0.42 5.29
N ARG A 62 -11.11 0.85 5.40
CA ARG A 62 -10.61 1.38 6.69
C ARG A 62 -11.13 2.82 6.88
N HIS A 63 -10.91 3.65 5.90
CA HIS A 63 -11.39 5.07 5.97
C HIS A 63 -11.17 5.67 7.37
N SER A 64 -9.94 5.85 7.76
CA SER A 64 -9.66 6.42 9.12
C SER A 64 -10.03 7.90 9.15
N LEU A 65 -11.29 8.21 8.97
CA LEU A 65 -11.72 9.65 8.99
C LEU A 65 -13.24 9.74 8.97
N GLU A 66 -13.86 9.19 7.97
CA GLU A 66 -15.34 9.25 7.88
C GLU A 66 -15.98 8.31 8.90
N GLN A 67 -15.74 8.55 10.16
CA GLN A 67 -16.34 7.67 11.22
C GLN A 67 -16.87 8.53 12.37
N LYS A 68 -17.76 7.99 13.16
CA LYS A 68 -18.31 8.77 14.31
C LYS A 68 -17.72 8.27 15.63
N PRO A 69 -17.61 9.17 16.57
CA PRO A 69 -17.05 8.81 17.90
C PRO A 69 -18.08 8.01 18.70
N THR A 70 -17.64 7.31 19.72
CA THR A 70 -18.59 6.50 20.53
C THR A 70 -19.24 7.37 21.61
N ASP A 71 -20.52 7.24 21.81
CA ASP A 71 -21.20 8.06 22.85
C ASP A 71 -21.18 7.33 24.19
N ALA A 72 -20.48 7.85 25.16
CA ALA A 72 -20.43 7.18 26.49
C ALA A 72 -20.11 8.20 27.59
N PRO A 73 -20.88 9.27 27.62
CA PRO A 73 -20.67 10.32 28.65
C PRO A 73 -21.09 9.80 30.04
N PRO A 74 -20.49 10.34 31.06
CA PRO A 74 -20.81 9.92 32.44
C PRO A 74 -22.19 10.44 32.86
N LYS A 75 -22.47 11.69 32.58
CA LYS A 75 -23.81 12.24 32.96
C LYS A 75 -24.24 13.32 31.95
N TYR B 1 -9.21 7.65 4.01
CA TYR B 1 -7.82 8.09 3.70
C TYR B 1 -7.65 9.60 3.95
N GLY B 2 -8.61 10.42 3.58
CA GLY B 2 -8.46 11.88 3.81
C GLY B 2 -7.18 12.35 3.13
N ASN B 3 -7.12 12.24 1.85
CA ASN B 3 -5.90 12.65 1.13
C ASN B 3 -6.21 13.12 -0.30
N MET B 4 -7.46 13.26 -0.64
CA MET B 4 -7.79 13.69 -2.04
C MET B 4 -7.07 12.78 -3.03
N THR B 5 -6.73 11.59 -2.61
CA THR B 5 -6.01 10.64 -3.49
C THR B 5 -6.90 9.48 -3.94
N GLU B 6 -7.59 8.85 -3.03
CA GLU B 6 -8.44 7.69 -3.42
C GLU B 6 -9.36 8.05 -4.57
N ASP B 7 -9.87 9.24 -4.59
CA ASP B 7 -10.75 9.64 -5.73
C ASP B 7 -9.88 9.89 -6.95
N HIS B 8 -8.65 10.21 -6.71
CA HIS B 8 -7.71 10.49 -7.82
C HIS B 8 -7.03 9.18 -8.25
N VAL B 9 -7.02 8.22 -7.36
CA VAL B 9 -6.44 6.89 -7.65
C VAL B 9 -7.56 6.04 -8.20
N MET B 10 -8.75 6.25 -7.68
CA MET B 10 -9.92 5.48 -8.16
C MET B 10 -10.17 5.87 -9.61
N HIS B 11 -9.98 7.13 -9.90
CA HIS B 11 -10.18 7.60 -11.29
C HIS B 11 -9.03 7.09 -12.15
N LEU B 12 -7.85 7.03 -11.60
CA LEU B 12 -6.69 6.51 -12.37
C LEU B 12 -6.93 5.04 -12.69
N LEU B 13 -7.80 4.40 -11.94
CA LEU B 13 -8.13 2.97 -12.21
C LEU B 13 -9.41 2.88 -13.03
N GLN B 14 -10.23 3.89 -12.94
CA GLN B 14 -11.51 3.90 -13.70
C GLN B 14 -11.26 4.29 -15.16
N ASN B 15 -10.09 4.80 -15.46
CA ASN B 15 -9.78 5.19 -16.87
C ASN B 15 -8.87 4.12 -17.47
N ALA B 16 -8.00 3.59 -16.67
CA ALA B 16 -7.08 2.53 -17.17
C ALA B 16 -7.82 1.22 -17.27
N ASP B 17 -8.76 1.02 -16.39
CA ASP B 17 -9.53 -0.23 -16.43
C ASP B 17 -11.03 0.07 -16.35
N PRO B 18 -11.77 -0.43 -17.32
CA PRO B 18 -13.24 -0.20 -17.34
C PRO B 18 -13.94 -1.11 -16.33
N LEU B 19 -13.22 -1.91 -15.59
CA LEU B 19 -13.87 -2.82 -14.61
C LEU B 19 -13.40 -2.52 -13.19
N LYS B 20 -12.84 -1.36 -12.96
CA LYS B 20 -12.36 -1.03 -11.58
C LYS B 20 -13.52 -0.52 -10.74
N VAL B 21 -13.92 -1.28 -9.76
CA VAL B 21 -15.04 -0.82 -8.89
C VAL B 21 -14.62 -0.77 -7.45
N TYR B 22 -15.13 0.18 -6.76
CA TYR B 22 -14.85 0.27 -5.32
C TYR B 22 -16.18 0.47 -4.63
N PRO B 23 -16.85 -0.62 -4.39
CA PRO B 23 -18.18 -0.59 -3.76
C PRO B 23 -18.13 0.16 -2.44
N PRO B 24 -19.25 0.74 -2.08
CA PRO B 24 -19.32 1.51 -0.83
C PRO B 24 -19.19 0.58 0.36
N LEU B 25 -18.01 0.50 0.90
CA LEU B 25 -17.80 -0.38 2.08
C LEU B 25 -18.22 0.44 3.31
N LYS B 26 -19.49 0.75 3.38
CA LYS B 26 -20.03 1.56 4.50
C LYS B 26 -19.94 0.80 5.83
N GLY B 27 -19.86 -0.50 5.78
CA GLY B 27 -19.74 -1.28 7.04
C GLY B 27 -18.45 -0.87 7.75
N SER B 28 -17.87 -1.74 8.52
CA SER B 28 -16.60 -1.40 9.20
C SER B 28 -15.45 -1.91 8.34
N PHE B 29 -14.25 -1.60 8.70
CA PHE B 29 -13.09 -2.07 7.88
C PHE B 29 -13.05 -3.60 7.75
N PRO B 30 -13.41 -4.33 8.79
CA PRO B 30 -13.41 -5.81 8.69
C PRO B 30 -14.64 -6.24 7.90
N GLU B 31 -15.62 -5.37 7.77
CA GLU B 31 -16.83 -5.70 6.97
C GLU B 31 -16.53 -5.26 5.56
N ASN B 32 -15.94 -4.12 5.48
CA ASN B 32 -15.53 -3.54 4.17
C ASN B 32 -14.56 -4.50 3.50
N LEU B 33 -13.73 -5.15 4.29
CA LEU B 33 -12.75 -6.12 3.69
C LEU B 33 -13.48 -7.39 3.31
N ARG B 34 -14.24 -7.91 4.21
CA ARG B 34 -15.03 -9.14 3.91
C ARG B 34 -16.07 -8.83 2.86
N HIS B 35 -16.46 -7.59 2.75
CA HIS B 35 -17.44 -7.21 1.71
C HIS B 35 -16.69 -7.22 0.39
N LEU B 36 -15.60 -6.52 0.32
CA LEU B 36 -14.80 -6.54 -0.93
C LEU B 36 -14.48 -7.99 -1.28
N LYS B 37 -14.25 -8.76 -0.27
CA LYS B 37 -13.92 -10.18 -0.47
C LYS B 37 -15.17 -10.94 -0.90
N ASN B 38 -16.19 -10.80 -0.13
CA ASN B 38 -17.48 -11.48 -0.44
C ASN B 38 -18.16 -10.81 -1.64
N THR B 39 -17.63 -9.69 -2.08
CA THR B 39 -18.26 -8.97 -3.23
C THR B 39 -17.32 -8.92 -4.42
N MET B 40 -16.19 -8.30 -4.25
CA MET B 40 -15.23 -8.20 -5.39
C MET B 40 -14.83 -9.61 -5.87
N GLU B 41 -14.04 -9.68 -6.90
CA GLU B 41 -13.59 -10.99 -7.41
C GLU B 41 -12.77 -11.70 -6.36
N THR B 42 -13.12 -12.91 -6.11
CA THR B 42 -12.35 -13.72 -5.12
C THR B 42 -10.89 -13.62 -5.46
N ILE B 43 -10.63 -13.49 -6.71
CA ILE B 43 -9.22 -13.41 -7.17
C ILE B 43 -8.71 -12.00 -7.01
N ASP B 44 -9.58 -11.05 -7.07
CA ASP B 44 -9.14 -9.67 -6.84
C ASP B 44 -8.99 -9.57 -5.33
N TRP B 45 -9.79 -10.35 -4.64
CA TRP B 45 -9.67 -10.41 -3.17
C TRP B 45 -8.43 -11.20 -2.85
N LYS B 46 -8.13 -12.21 -3.64
CA LYS B 46 -6.90 -12.99 -3.36
C LYS B 46 -5.75 -12.03 -3.41
N VAL B 47 -5.75 -11.28 -4.46
CA VAL B 47 -4.70 -10.28 -4.69
C VAL B 47 -4.82 -9.17 -3.66
N PHE B 48 -6.02 -8.76 -3.34
CA PHE B 48 -6.19 -7.69 -2.33
C PHE B 48 -5.69 -8.20 -0.99
N GLU B 49 -6.01 -9.41 -0.66
CA GLU B 49 -5.53 -9.98 0.62
C GLU B 49 -4.00 -10.00 0.56
N SER B 50 -3.49 -10.46 -0.53
CA SER B 50 -2.00 -10.46 -0.69
C SER B 50 -1.53 -9.02 -0.62
N TRP B 51 -2.35 -8.11 -1.09
CA TRP B 51 -1.99 -6.67 -1.03
C TRP B 51 -2.06 -6.20 0.41
N MET B 52 -3.00 -6.73 1.14
CA MET B 52 -3.12 -6.36 2.57
C MET B 52 -2.00 -7.04 3.33
N HIS B 53 -1.67 -8.23 2.91
CA HIS B 53 -0.56 -8.99 3.55
C HIS B 53 0.75 -8.25 3.26
N HIS B 54 0.98 -7.88 2.02
CA HIS B 54 2.21 -7.11 1.71
C HIS B 54 2.12 -5.79 2.44
N TRP B 55 0.98 -5.17 2.37
CA TRP B 55 0.77 -3.92 3.13
C TRP B 55 1.12 -4.19 4.59
N LEU B 56 0.71 -5.32 5.08
CA LEU B 56 0.98 -5.67 6.49
C LEU B 56 2.48 -5.83 6.72
N LEU B 57 3.14 -6.70 5.98
CA LEU B 57 4.61 -6.85 6.18
C LEU B 57 5.28 -5.51 6.14
N PHE B 58 5.21 -4.88 5.00
CA PHE B 58 5.84 -3.54 4.83
C PHE B 58 5.68 -2.67 6.09
N GLU B 59 4.47 -2.32 6.42
CA GLU B 59 4.25 -1.47 7.62
C GLU B 59 4.83 -2.14 8.86
N MET B 60 4.88 -3.44 8.87
CA MET B 60 5.47 -4.14 10.05
C MET B 60 7.00 -4.08 9.94
N SER B 61 7.57 -4.61 8.89
CA SER B 61 9.05 -4.54 8.68
C SER B 61 9.51 -3.11 8.95
N ARG B 62 8.75 -2.16 8.50
CA ARG B 62 9.10 -0.74 8.74
C ARG B 62 8.72 -0.36 10.17
N HIS B 63 7.48 -0.62 10.54
CA HIS B 63 7.00 -0.32 11.93
C HIS B 63 7.52 1.05 12.41
N SER B 64 7.08 2.11 11.79
CA SER B 64 7.55 3.46 12.21
C SER B 64 6.96 3.84 13.57
N LEU B 65 7.30 3.10 14.59
CA LEU B 65 6.76 3.42 15.94
C LEU B 65 7.45 2.56 17.00
N GLU B 66 7.37 1.27 16.86
CA GLU B 66 8.01 0.37 17.86
C GLU B 66 9.53 0.39 17.70
N GLN B 67 10.14 1.53 17.87
CA GLN B 67 11.62 1.62 17.73
C GLN B 67 12.22 2.47 18.86
N LYS B 68 13.48 2.33 19.13
CA LYS B 68 14.12 3.13 20.21
C LYS B 68 14.98 4.24 19.62
N PRO B 69 15.09 5.34 20.34
CA PRO B 69 15.90 6.48 19.87
C PRO B 69 17.39 6.16 20.01
N THR B 70 18.24 6.89 19.33
CA THR B 70 19.71 6.63 19.44
C THR B 70 20.28 7.37 20.65
N ASP B 71 21.13 6.72 21.39
CA ASP B 71 21.73 7.39 22.59
C ASP B 71 23.03 8.10 22.19
N ALA B 72 23.05 9.40 22.24
CA ALA B 72 24.28 10.14 21.87
C ALA B 72 24.32 11.51 22.57
N PRO B 73 24.17 11.49 23.87
CA PRO B 73 24.19 12.76 24.65
C PRO B 73 25.62 13.32 24.71
N PRO B 74 25.71 14.62 24.85
CA PRO B 74 27.04 15.27 24.91
C PRO B 74 27.73 14.97 26.25
N LYS B 75 27.01 15.08 27.33
CA LYS B 75 27.63 14.81 28.66
C LYS B 75 26.59 14.22 29.62
N TYR C 1 3.19 0.49 12.20
CA TYR C 1 2.05 1.23 11.59
C TYR C 1 1.32 2.09 12.65
N GLY C 2 1.11 1.57 13.83
CA GLY C 2 0.40 2.38 14.87
C GLY C 2 -0.94 2.81 14.32
N ASN C 3 -1.79 1.86 14.04
CA ASN C 3 -3.12 2.21 13.47
C ASN C 3 -4.17 1.17 13.85
N MET C 4 -3.87 0.25 14.73
CA MET C 4 -4.87 -0.79 15.10
C MET C 4 -5.41 -1.44 13.82
N THR C 5 -4.65 -1.39 12.76
CA THR C 5 -5.10 -1.96 11.47
C THR C 5 -4.34 -3.24 11.12
N GLU C 6 -3.04 -3.22 11.21
CA GLU C 6 -2.26 -4.43 10.83
C GLU C 6 -2.77 -5.65 11.57
N ASP C 7 -3.17 -5.51 12.79
CA ASP C 7 -3.71 -6.69 13.52
C ASP C 7 -5.12 -6.98 13.00
N HIS C 8 -5.74 -5.98 12.47
CA HIS C 8 -7.11 -6.14 11.94
C HIS C 8 -7.04 -6.55 10.47
N VAL C 9 -5.92 -6.27 9.85
CA VAL C 9 -5.70 -6.65 8.43
C VAL C 9 -5.04 -8.01 8.44
N MET C 10 -4.22 -8.24 9.44
CA MET C 10 -3.54 -9.56 9.56
C MET C 10 -4.61 -10.60 9.84
N HIS C 11 -5.58 -10.22 10.64
CA HIS C 11 -6.68 -11.18 10.95
C HIS C 11 -7.56 -11.33 9.70
N LEU C 12 -7.74 -10.27 8.97
CA LEU C 12 -8.57 -10.36 7.73
C LEU C 12 -7.86 -11.29 6.75
N LEU C 13 -6.59 -11.49 6.93
CA LEU C 13 -5.83 -12.40 6.02
C LEU C 13 -5.70 -13.78 6.69
N GLN C 14 -5.78 -13.80 7.98
CA GLN C 14 -5.66 -15.09 8.73
C GLN C 14 -6.99 -15.85 8.69
N ASN C 15 -8.05 -15.21 8.27
CA ASN C 15 -9.36 -15.90 8.20
C ASN C 15 -9.66 -16.22 6.73
N ALA C 16 -9.25 -15.34 5.86
CA ALA C 16 -9.47 -15.56 4.41
C ALA C 16 -8.47 -16.56 3.89
N ASP C 17 -7.31 -16.54 4.46
CA ASP C 17 -6.27 -17.49 4.01
C ASP C 17 -5.62 -18.19 5.21
N PRO C 18 -5.66 -19.50 5.20
CA PRO C 18 -5.06 -20.27 6.32
C PRO C 18 -3.52 -20.29 6.21
N LEU C 19 -2.96 -19.64 5.23
CA LEU C 19 -1.47 -19.65 5.09
C LEU C 19 -0.91 -18.22 5.19
N LYS C 20 -1.67 -17.30 5.72
CA LYS C 20 -1.13 -15.91 5.82
C LYS C 20 -0.27 -15.77 7.06
N VAL C 21 1.00 -15.57 6.87
CA VAL C 21 1.91 -15.42 8.04
C VAL C 21 2.66 -14.11 7.98
N TYR C 22 2.87 -13.55 9.11
CA TYR C 22 3.66 -12.31 9.17
C TYR C 22 4.68 -12.50 10.27
N PRO C 23 5.77 -13.13 9.90
CA PRO C 23 6.83 -13.42 10.87
C PRO C 23 7.31 -12.15 11.56
N PRO C 24 7.80 -12.32 12.76
CA PRO C 24 8.27 -11.16 13.54
C PRO C 24 9.51 -10.57 12.90
N LEU C 25 9.33 -9.53 12.15
CA LEU C 25 10.50 -8.88 11.50
C LEU C 25 11.11 -7.93 12.52
N LYS C 26 11.62 -8.50 13.59
CA LYS C 26 12.21 -7.68 14.69
C LYS C 26 13.47 -6.96 14.22
N GLY C 27 14.10 -7.44 13.18
CA GLY C 27 15.32 -6.75 12.67
C GLY C 27 14.94 -5.35 12.22
N SER C 28 15.64 -4.78 11.29
CA SER C 28 15.28 -3.43 10.81
C SER C 28 14.40 -3.58 9.57
N PHE C 29 13.87 -2.52 9.06
CA PHE C 29 12.99 -2.62 7.87
C PHE C 29 13.71 -3.27 6.68
N PRO C 30 14.99 -3.00 6.49
CA PRO C 30 15.71 -3.63 5.36
C PRO C 30 16.03 -5.08 5.73
N GLU C 31 15.96 -5.40 7.00
CA GLU C 31 16.20 -6.80 7.44
C GLU C 31 14.85 -7.49 7.42
N ASN C 32 13.89 -6.77 7.88
CA ASN C 32 12.49 -7.26 7.89
C ASN C 32 12.06 -7.56 6.46
N LEU C 33 12.54 -6.76 5.53
CA LEU C 33 12.16 -6.99 4.10
C LEU C 33 12.95 -8.17 3.56
N ARG C 34 14.22 -8.16 3.78
CA ARG C 34 15.08 -9.28 3.32
C ARG C 34 14.71 -10.54 4.10
N HIS C 35 14.17 -10.36 5.28
CA HIS C 35 13.74 -11.54 6.07
C HIS C 35 12.49 -12.06 5.43
N LEU C 36 11.52 -11.23 5.22
CA LEU C 36 10.28 -11.68 4.53
C LEU C 36 10.66 -12.30 3.20
N LYS C 37 11.65 -11.72 2.59
CA LYS C 37 12.12 -12.21 1.28
C LYS C 37 12.85 -13.53 1.48
N ASN C 38 13.81 -13.51 2.33
CA ASN C 38 14.60 -14.74 2.61
C ASN C 38 13.77 -15.75 3.41
N THR C 39 12.62 -15.34 3.87
CA THR C 39 11.76 -16.25 4.69
C THR C 39 10.46 -16.56 3.97
N MET C 40 9.67 -15.55 3.72
CA MET C 40 8.36 -15.79 3.04
C MET C 40 8.60 -16.44 1.66
N GLU C 41 7.54 -16.75 0.97
CA GLU C 41 7.67 -17.37 -0.37
C GLU C 41 8.35 -16.41 -1.31
N THR C 42 9.36 -16.87 -1.96
CA THR C 42 10.08 -16.02 -2.95
C THR C 42 9.07 -15.38 -3.87
N ILE C 43 8.02 -16.10 -4.09
CA ILE C 43 6.96 -15.59 -4.98
C ILE C 43 6.05 -14.64 -4.25
N ASP C 44 5.93 -14.83 -2.98
CA ASP C 44 5.13 -13.88 -2.18
C ASP C 44 6.02 -12.67 -2.03
N TRP C 45 7.32 -12.92 -2.01
CA TRP C 45 8.28 -11.82 -1.95
C TRP C 45 8.30 -11.17 -3.32
N LYS C 46 8.16 -11.95 -4.36
CA LYS C 46 8.15 -11.34 -5.72
C LYS C 46 7.03 -10.34 -5.75
N VAL C 47 5.92 -10.82 -5.30
CA VAL C 47 4.70 -10.01 -5.26
C VAL C 47 4.87 -8.91 -4.22
N PHE C 48 5.45 -9.22 -3.10
CA PHE C 48 5.65 -8.17 -2.06
C PHE C 48 6.58 -7.10 -2.61
N GLU C 49 7.62 -7.51 -3.27
CA GLU C 49 8.55 -6.52 -3.86
C GLU C 49 7.78 -5.70 -4.87
N SER C 50 7.00 -6.36 -5.69
CA SER C 50 6.17 -5.62 -6.67
C SER C 50 5.20 -4.76 -5.87
N TRP C 51 4.80 -5.21 -4.71
CA TRP C 51 3.88 -4.43 -3.86
C TRP C 51 4.64 -3.24 -3.28
N MET C 52 5.88 -3.45 -2.99
CA MET C 52 6.71 -2.35 -2.46
C MET C 52 7.04 -1.41 -3.61
N HIS C 53 7.23 -1.98 -4.77
CA HIS C 53 7.53 -1.16 -5.98
C HIS C 53 6.27 -0.34 -6.30
N HIS C 54 5.12 -0.96 -6.32
CA HIS C 54 3.88 -0.18 -6.58
C HIS C 54 3.72 0.79 -5.43
N TRP C 55 3.90 0.33 -4.24
CA TRP C 55 3.85 1.22 -3.08
C TRP C 55 4.80 2.38 -3.32
N LEU C 56 5.95 2.06 -3.85
CA LEU C 56 6.96 3.11 -4.13
C LEU C 56 6.45 4.08 -5.19
N LEU C 57 6.09 3.60 -6.36
CA LEU C 57 5.58 4.52 -7.40
C LEU C 57 4.49 5.40 -6.82
N PHE C 58 3.41 4.77 -6.45
CA PHE C 58 2.25 5.52 -5.86
C PHE C 58 2.72 6.66 -4.96
N GLU C 59 3.36 6.34 -3.87
CA GLU C 59 3.82 7.41 -2.94
C GLU C 59 4.74 8.39 -3.67
N MET C 60 5.42 7.94 -4.69
CA MET C 60 6.31 8.86 -5.44
C MET C 60 5.44 9.69 -6.40
N SER C 61 4.73 9.04 -7.30
CA SER C 61 3.80 9.78 -8.22
C SER C 61 2.98 10.79 -7.42
N ARG C 62 2.55 10.37 -6.26
CA ARG C 62 1.76 11.29 -5.39
C ARG C 62 2.73 12.25 -4.69
N HIS C 63 3.74 11.71 -4.05
CA HIS C 63 4.76 12.55 -3.34
C HIS C 63 4.08 13.71 -2.58
N SER C 64 3.31 13.41 -1.57
CA SER C 64 2.64 14.50 -0.82
C SER C 64 3.65 15.28 0.02
N LEU C 65 4.57 15.94 -0.63
CA LEU C 65 5.60 16.74 0.12
C LEU C 65 6.42 17.57 -0.84
N GLU C 66 7.06 16.94 -1.78
CA GLU C 66 7.91 17.69 -2.75
C GLU C 66 7.02 18.47 -3.74
N GLN C 67 6.22 19.37 -3.25
CA GLN C 67 5.33 20.15 -4.16
C GLN C 67 5.34 21.64 -3.77
N LYS C 68 4.97 22.50 -4.67
CA LYS C 68 4.96 23.95 -4.35
C LYS C 68 3.52 24.46 -4.14
N PRO C 69 3.37 25.44 -3.30
CA PRO C 69 2.02 26.01 -3.03
C PRO C 69 1.55 26.85 -4.21
N THR C 70 0.28 27.11 -4.29
CA THR C 70 -0.24 27.93 -5.43
C THR C 70 -0.11 29.42 -5.10
N ASP C 71 0.32 30.22 -6.04
CA ASP C 71 0.47 31.67 -5.78
C ASP C 71 -0.83 32.40 -6.14
N ALA C 72 -1.50 32.95 -5.17
CA ALA C 72 -2.78 33.67 -5.45
C ALA C 72 -3.06 34.71 -4.36
N PRO C 73 -2.09 35.56 -4.12
CA PRO C 73 -2.25 36.62 -3.09
C PRO C 73 -3.22 37.69 -3.58
N PRO C 74 -3.88 38.34 -2.65
CA PRO C 74 -4.85 39.40 -3.01
C PRO C 74 -4.13 40.64 -3.52
N LYS C 75 -3.09 41.07 -2.85
CA LYS C 75 -2.35 42.27 -3.30
C LYS C 75 -0.87 42.15 -2.93
N TYR A 1 3.32 9.58 2.08
CA TYR A 1 4.16 9.12 3.22
C TYR A 1 5.23 10.16 3.58
N GLY A 2 5.81 10.80 2.59
CA GLY A 2 6.86 11.83 2.87
C GLY A 2 7.93 11.22 3.75
N ASN A 3 8.90 10.58 3.18
CA ASN A 3 9.96 9.96 4.02
C ASN A 3 11.10 9.40 3.15
N MET A 4 11.98 8.67 3.77
CA MET A 4 13.10 8.04 3.01
C MET A 4 12.76 6.55 2.76
N THR A 5 11.73 6.05 3.41
CA THR A 5 11.34 4.63 3.21
C THR A 5 11.31 4.27 1.73
N GLU A 6 10.98 5.20 0.89
CA GLU A 6 10.92 4.87 -0.56
C GLU A 6 12.32 4.59 -1.09
N ASP A 7 13.30 5.31 -0.62
CA ASP A 7 14.69 5.01 -1.07
C ASP A 7 15.15 3.73 -0.41
N HIS A 8 14.57 3.42 0.71
CA HIS A 8 14.96 2.19 1.44
C HIS A 8 14.10 1.02 0.92
N VAL A 9 12.95 1.34 0.38
CA VAL A 9 12.06 0.30 -0.20
C VAL A 9 12.47 0.14 -1.65
N MET A 10 12.86 1.23 -2.26
CA MET A 10 13.30 1.19 -3.67
C MET A 10 14.58 0.37 -3.73
N HIS A 11 15.44 0.58 -2.78
CA HIS A 11 16.71 -0.20 -2.76
C HIS A 11 16.37 -1.67 -2.48
N LEU A 12 15.38 -1.90 -1.65
CA LEU A 12 14.97 -3.30 -1.35
C LEU A 12 14.41 -3.94 -2.62
N LEU A 13 14.05 -3.14 -3.59
CA LEU A 13 13.52 -3.68 -4.86
C LEU A 13 14.55 -3.50 -5.98
N GLN A 14 15.58 -2.75 -5.72
CA GLN A 14 16.64 -2.52 -6.76
C GLN A 14 17.74 -3.59 -6.67
N ASN A 15 17.78 -4.33 -5.59
CA ASN A 15 18.81 -5.39 -5.46
C ASN A 15 18.16 -6.74 -5.70
N ALA A 16 16.93 -6.88 -5.28
CA ALA A 16 16.21 -8.16 -5.50
C ALA A 16 15.97 -8.36 -6.97
N ASP A 17 15.78 -7.28 -7.66
CA ASP A 17 15.55 -7.39 -9.11
C ASP A 17 16.38 -6.36 -9.87
N PRO A 18 17.17 -6.82 -10.81
CA PRO A 18 18.02 -5.91 -11.59
C PRO A 18 17.20 -5.18 -12.67
N LEU A 19 15.92 -5.41 -12.73
CA LEU A 19 15.09 -4.74 -13.76
C LEU A 19 14.00 -3.88 -13.10
N LYS A 20 14.20 -3.48 -11.87
CA LYS A 20 13.16 -2.64 -11.20
C LYS A 20 13.58 -1.17 -11.24
N VAL A 21 12.71 -0.34 -11.73
CA VAL A 21 13.04 1.11 -11.80
C VAL A 21 11.88 1.95 -11.29
N TYR A 22 12.16 3.16 -10.98
CA TYR A 22 11.11 4.09 -10.53
C TYR A 22 11.40 5.43 -11.18
N PRO A 23 10.93 5.57 -12.39
CA PRO A 23 11.16 6.81 -13.15
C PRO A 23 10.69 8.03 -12.36
N PRO A 24 11.38 9.13 -12.57
CA PRO A 24 11.03 10.37 -11.86
C PRO A 24 9.66 10.86 -12.30
N LEU A 25 8.66 10.59 -11.51
CA LEU A 25 7.30 11.05 -11.86
C LEU A 25 7.18 12.50 -11.39
N LYS A 26 7.96 13.37 -12.00
CA LYS A 26 7.94 14.80 -11.61
C LYS A 26 6.62 15.47 -12.04
N GLY A 27 5.92 14.87 -12.97
CA GLY A 27 4.63 15.45 -13.40
C GLY A 27 3.68 15.47 -12.20
N SER A 28 2.41 15.39 -12.43
CA SER A 28 1.44 15.38 -11.31
C SER A 28 1.14 13.92 -10.97
N PHE A 29 0.55 13.68 -9.84
CA PHE A 29 0.24 12.26 -9.46
C PHE A 29 -0.55 11.53 -10.55
N PRO A 30 -1.48 12.19 -11.20
CA PRO A 30 -2.24 11.52 -12.27
C PRO A 30 -1.35 11.39 -13.51
N GLU A 31 -0.30 12.17 -13.57
CA GLU A 31 0.67 12.07 -14.70
C GLU A 31 1.67 11.02 -14.30
N ASN A 32 2.07 11.12 -13.07
CA ASN A 32 3.02 10.15 -12.49
C ASN A 32 2.44 8.75 -12.59
N LEU A 33 1.14 8.65 -12.50
CA LEU A 33 0.50 7.30 -12.59
C LEU A 33 0.38 6.90 -14.05
N ARG A 34 -0.08 7.79 -14.86
CA ARG A 34 -0.21 7.49 -16.32
C ARG A 34 1.19 7.38 -16.92
N HIS A 35 2.17 7.99 -16.29
CA HIS A 35 3.55 7.87 -16.80
C HIS A 35 4.04 6.47 -16.45
N LEU A 36 3.94 6.09 -15.22
CA LEU A 36 4.34 4.72 -14.83
C LEU A 36 3.58 3.74 -15.71
N LYS A 37 2.36 4.07 -15.98
CA LYS A 37 1.50 3.21 -16.81
C LYS A 37 1.98 3.26 -18.25
N ASN A 38 2.06 4.43 -18.76
CA ASN A 38 2.52 4.62 -20.18
C ASN A 38 4.03 4.35 -20.29
N THR A 39 4.70 4.19 -19.18
CA THR A 39 6.17 3.95 -19.22
C THR A 39 6.51 2.56 -18.68
N MET A 40 6.18 2.31 -17.46
CA MET A 40 6.51 0.99 -16.86
C MET A 40 5.82 -0.14 -17.66
N GLU A 41 6.04 -1.36 -17.27
CA GLU A 41 5.40 -2.49 -17.97
C GLU A 41 3.91 -2.42 -17.80
N THR A 42 3.22 -2.45 -18.89
CA THR A 42 1.74 -2.42 -18.84
C THR A 42 1.26 -3.44 -17.83
N ILE A 43 2.01 -4.49 -17.73
CA ILE A 43 1.65 -5.57 -16.80
C ILE A 43 2.08 -5.22 -15.39
N ASP A 44 3.10 -4.45 -15.29
CA ASP A 44 3.52 -3.98 -13.95
C ASP A 44 2.54 -2.89 -13.60
N TRP A 45 2.04 -2.23 -14.62
CA TRP A 45 1.01 -1.19 -14.41
C TRP A 45 -0.28 -1.92 -14.10
N LYS A 46 -0.51 -3.04 -14.74
CA LYS A 46 -1.76 -3.79 -14.45
C LYS A 46 -1.77 -4.07 -12.97
N VAL A 47 -0.65 -4.54 -12.53
CA VAL A 47 -0.46 -4.89 -11.12
C VAL A 47 -0.43 -3.62 -10.28
N PHE A 48 0.18 -2.58 -10.77
CA PHE A 48 0.22 -1.32 -10.00
C PHE A 48 -1.20 -0.77 -9.87
N GLU A 49 -1.94 -0.82 -10.93
CA GLU A 49 -3.34 -0.32 -10.88
C GLU A 49 -4.10 -1.17 -9.88
N SER A 50 -3.91 -2.45 -9.93
CA SER A 50 -4.58 -3.33 -8.93
C SER A 50 -4.02 -2.99 -7.57
N TRP A 51 -2.78 -2.59 -7.52
CA TRP A 51 -2.16 -2.20 -6.22
C TRP A 51 -2.80 -0.90 -5.77
N MET A 52 -3.06 -0.03 -6.70
CA MET A 52 -3.71 1.25 -6.35
C MET A 52 -5.17 0.96 -6.00
N HIS A 53 -5.75 0.03 -6.70
CA HIS A 53 -7.16 -0.35 -6.42
C HIS A 53 -7.22 -1.00 -5.04
N HIS A 54 -6.31 -1.89 -4.74
CA HIS A 54 -6.29 -2.52 -3.39
C HIS A 54 -5.97 -1.42 -2.41
N TRP A 55 -4.99 -0.63 -2.72
CA TRP A 55 -4.64 0.52 -1.86
C TRP A 55 -5.92 1.33 -1.64
N LEU A 56 -6.67 1.51 -2.69
CA LEU A 56 -7.92 2.30 -2.60
C LEU A 56 -8.91 1.59 -1.68
N LEU A 57 -9.28 0.37 -1.97
CA LEU A 57 -10.23 -0.36 -1.10
C LEU A 57 -9.76 -0.26 0.34
N PHE A 58 -8.63 -0.84 0.59
CA PHE A 58 -8.05 -0.83 1.98
C PHE A 58 -8.30 0.51 2.68
N GLU A 59 -7.71 1.56 2.19
CA GLU A 59 -7.89 2.89 2.82
C GLU A 59 -9.37 3.25 2.89
N MET A 60 -10.14 2.80 1.94
CA MET A 60 -11.59 3.08 1.97
C MET A 60 -12.24 2.19 3.06
N SER A 61 -12.08 0.90 2.95
CA SER A 61 -12.63 -0.02 3.98
C SER A 61 -12.16 0.41 5.37
N ARG A 62 -10.91 0.76 5.49
CA ARG A 62 -10.38 1.19 6.82
C ARG A 62 -10.64 2.68 7.07
N HIS A 63 -11.56 3.27 6.36
CA HIS A 63 -11.85 4.71 6.56
C HIS A 63 -12.87 4.91 7.69
N SER A 64 -13.24 3.86 8.38
CA SER A 64 -14.23 4.01 9.48
C SER A 64 -13.66 4.89 10.60
N LEU A 65 -12.37 4.87 10.77
CA LEU A 65 -11.77 5.71 11.85
C LEU A 65 -11.57 7.13 11.35
N GLU A 66 -11.57 7.33 10.06
CA GLU A 66 -11.37 8.69 9.52
C GLU A 66 -12.72 9.37 9.27
N GLN A 67 -13.73 8.95 9.98
CA GLN A 67 -15.07 9.57 9.78
C GLN A 67 -15.85 9.61 11.11
N LYS A 68 -15.67 10.65 11.87
CA LYS A 68 -16.40 10.74 13.18
C LYS A 68 -17.91 10.80 12.95
N PRO A 69 -18.65 10.21 13.86
CA PRO A 69 -20.13 10.20 13.74
C PRO A 69 -20.71 11.58 14.05
N THR A 70 -21.12 12.30 13.04
CA THR A 70 -21.70 13.66 13.27
C THR A 70 -23.17 13.68 12.83
N ASP A 71 -23.85 14.77 13.07
CA ASP A 71 -25.28 14.87 12.67
C ASP A 71 -26.09 13.71 13.27
N ALA A 72 -25.61 13.17 14.36
CA ALA A 72 -26.34 12.04 15.01
C ALA A 72 -27.78 12.47 15.35
N PRO A 73 -27.90 13.52 16.11
CA PRO A 73 -29.25 14.02 16.50
C PRO A 73 -29.91 14.74 15.33
N PRO A 74 -31.23 14.68 15.29
CA PRO A 74 -31.98 15.34 14.20
C PRO A 74 -31.99 16.86 14.40
N LYS A 75 -32.18 17.31 15.60
CA LYS A 75 -32.20 18.78 15.86
C LYS A 75 -30.77 19.28 16.14
N TYR B 1 -5.40 7.05 5.30
CA TYR B 1 -4.79 8.19 4.55
C TYR B 1 -5.65 9.45 4.69
N GLY B 2 -6.96 9.32 4.67
CA GLY B 2 -7.84 10.52 4.79
C GLY B 2 -7.44 11.54 3.75
N ASN B 3 -7.97 11.44 2.57
CA ASN B 3 -7.61 12.42 1.53
C ASN B 3 -8.45 12.24 0.26
N MET B 4 -8.08 12.90 -0.79
CA MET B 4 -8.82 12.76 -2.07
C MET B 4 -8.02 11.83 -2.99
N THR B 5 -6.81 11.51 -2.63
CA THR B 5 -5.96 10.61 -3.48
C THR B 5 -6.76 9.38 -3.91
N GLU B 6 -7.67 8.94 -3.10
CA GLU B 6 -8.45 7.73 -3.48
C GLU B 6 -9.36 8.05 -4.66
N ASP B 7 -9.91 9.23 -4.70
CA ASP B 7 -10.76 9.58 -5.87
C ASP B 7 -9.84 9.83 -7.06
N HIS B 8 -8.64 10.19 -6.79
CA HIS B 8 -7.67 10.47 -7.87
C HIS B 8 -6.97 9.17 -8.26
N VAL B 9 -6.93 8.24 -7.35
CA VAL B 9 -6.32 6.91 -7.61
C VAL B 9 -7.42 6.04 -8.17
N MET B 10 -8.62 6.24 -7.68
CA MET B 10 -9.77 5.44 -8.17
C MET B 10 -10.01 5.83 -9.62
N HIS B 11 -9.90 7.10 -9.91
CA HIS B 11 -10.10 7.54 -11.31
C HIS B 11 -8.95 6.99 -12.16
N LEU B 12 -7.78 6.93 -11.59
CA LEU B 12 -6.61 6.38 -12.35
C LEU B 12 -6.85 4.90 -12.62
N LEU B 13 -7.76 4.30 -11.89
CA LEU B 13 -8.07 2.86 -12.11
C LEU B 13 -9.44 2.71 -12.78
N GLN B 14 -10.18 3.78 -12.86
CA GLN B 14 -11.53 3.72 -13.49
C GLN B 14 -11.45 4.02 -14.99
N ASN B 15 -10.34 4.54 -15.44
CA ASN B 15 -10.20 4.83 -16.90
C ASN B 15 -9.31 3.77 -17.52
N ALA B 16 -8.33 3.32 -16.78
CA ALA B 16 -7.43 2.25 -17.31
C ALA B 16 -8.21 0.98 -17.47
N ASP B 17 -9.16 0.78 -16.62
CA ASP B 17 -9.97 -0.45 -16.73
C ASP B 17 -11.46 -0.12 -16.58
N PRO B 18 -12.24 -0.53 -17.57
CA PRO B 18 -13.69 -0.26 -17.52
C PRO B 18 -14.40 -1.24 -16.56
N LEU B 19 -13.68 -2.11 -15.92
CA LEU B 19 -14.33 -3.08 -14.99
C LEU B 19 -13.80 -2.89 -13.57
N LYS B 20 -13.27 -1.75 -13.25
CA LYS B 20 -12.76 -1.53 -11.87
C LYS B 20 -13.79 -0.77 -11.03
N VAL B 21 -14.12 -1.30 -9.90
CA VAL B 21 -15.12 -0.61 -9.02
C VAL B 21 -14.65 -0.60 -7.59
N TYR B 22 -15.23 0.26 -6.82
CA TYR B 22 -14.91 0.32 -5.40
C TYR B 22 -16.21 0.53 -4.65
N PRO B 23 -16.87 -0.56 -4.38
CA PRO B 23 -18.18 -0.50 -3.69
C PRO B 23 -18.05 0.26 -2.37
N PRO B 24 -19.13 0.91 -2.01
CA PRO B 24 -19.14 1.70 -0.77
C PRO B 24 -19.02 0.78 0.43
N LEU B 25 -17.84 0.68 0.97
CA LEU B 25 -17.65 -0.19 2.15
C LEU B 25 -18.05 0.63 3.38
N LYS B 26 -19.32 0.96 3.46
CA LYS B 26 -19.82 1.79 4.60
C LYS B 26 -19.81 0.97 5.89
N GLY B 27 -19.77 -0.33 5.79
CA GLY B 27 -19.73 -1.18 7.02
C GLY B 27 -18.45 -0.84 7.79
N SER B 28 -17.92 -1.77 8.53
CA SER B 28 -16.67 -1.51 9.27
C SER B 28 -15.50 -2.00 8.41
N PHE B 29 -14.32 -1.62 8.75
CA PHE B 29 -13.14 -2.05 7.93
C PHE B 29 -13.10 -3.58 7.77
N PRO B 30 -13.42 -4.33 8.79
CA PRO B 30 -13.41 -5.80 8.64
C PRO B 30 -14.64 -6.23 7.83
N GLU B 31 -15.62 -5.37 7.72
CA GLU B 31 -16.82 -5.67 6.89
C GLU B 31 -16.49 -5.21 5.49
N ASN B 32 -15.91 -4.06 5.45
CA ASN B 32 -15.47 -3.46 4.18
C ASN B 32 -14.49 -4.40 3.49
N LEU B 33 -13.72 -5.11 4.27
CA LEU B 33 -12.73 -6.05 3.66
C LEU B 33 -13.45 -7.34 3.25
N ARG B 34 -14.25 -7.85 4.13
CA ARG B 34 -15.02 -9.09 3.80
C ARG B 34 -16.06 -8.76 2.75
N HIS B 35 -16.46 -7.52 2.64
CA HIS B 35 -17.42 -7.13 1.60
C HIS B 35 -16.68 -7.13 0.28
N LEU B 36 -15.58 -6.44 0.21
CA LEU B 36 -14.78 -6.46 -1.05
C LEU B 36 -14.47 -7.90 -1.39
N LYS B 37 -14.22 -8.67 -0.39
CA LYS B 37 -13.90 -10.09 -0.59
C LYS B 37 -15.14 -10.84 -1.03
N ASN B 38 -16.17 -10.72 -0.26
CA ASN B 38 -17.45 -11.39 -0.58
C ASN B 38 -18.13 -10.72 -1.78
N THR B 39 -17.62 -9.59 -2.20
CA THR B 39 -18.26 -8.86 -3.34
C THR B 39 -17.32 -8.81 -4.54
N MET B 40 -16.19 -8.20 -4.37
CA MET B 40 -15.23 -8.08 -5.50
C MET B 40 -14.84 -9.48 -6.00
N GLU B 41 -14.02 -9.54 -7.02
CA GLU B 41 -13.57 -10.85 -7.54
C GLU B 41 -12.75 -11.55 -6.50
N THR B 42 -13.13 -12.75 -6.19
CA THR B 42 -12.37 -13.56 -5.21
C THR B 42 -10.90 -13.49 -5.55
N ILE B 43 -10.64 -13.39 -6.81
CA ILE B 43 -9.24 -13.33 -7.27
C ILE B 43 -8.70 -11.94 -7.14
N ASP B 44 -9.55 -10.98 -7.19
CA ASP B 44 -9.09 -9.60 -6.97
C ASP B 44 -8.95 -9.49 -5.46
N TRP B 45 -9.76 -10.26 -4.75
CA TRP B 45 -9.65 -10.31 -3.29
C TRP B 45 -8.41 -11.10 -2.96
N LYS B 46 -8.12 -12.12 -3.73
CA LYS B 46 -6.90 -12.91 -3.46
C LYS B 46 -5.74 -11.96 -3.49
N VAL B 47 -5.75 -11.18 -4.50
CA VAL B 47 -4.70 -10.18 -4.73
C VAL B 47 -4.82 -9.07 -3.68
N PHE B 48 -6.02 -8.69 -3.35
CA PHE B 48 -6.20 -7.62 -2.34
C PHE B 48 -5.70 -8.13 -0.99
N GLU B 49 -6.02 -9.35 -0.68
CA GLU B 49 -5.55 -9.93 0.61
C GLU B 49 -4.03 -9.96 0.58
N SER B 50 -3.48 -10.38 -0.51
CA SER B 50 -1.99 -10.38 -0.62
C SER B 50 -1.52 -8.94 -0.56
N TRP B 51 -2.33 -8.04 -1.06
CA TRP B 51 -1.97 -6.59 -1.00
C TRP B 51 -2.03 -6.14 0.44
N MET B 52 -3.00 -6.63 1.15
CA MET B 52 -3.14 -6.27 2.57
C MET B 52 -2.02 -6.96 3.34
N HIS B 53 -1.70 -8.15 2.94
CA HIS B 53 -0.60 -8.92 3.58
C HIS B 53 0.72 -8.19 3.31
N HIS B 54 0.94 -7.79 2.08
CA HIS B 54 2.19 -7.05 1.76
C HIS B 54 2.11 -5.72 2.50
N TRP B 55 0.98 -5.08 2.42
CA TRP B 55 0.78 -3.84 3.17
C TRP B 55 1.13 -4.10 4.63
N LEU B 56 0.69 -5.21 5.12
CA LEU B 56 0.95 -5.58 6.53
C LEU B 56 2.45 -5.75 6.76
N LEU B 57 3.09 -6.64 6.04
CA LEU B 57 4.56 -6.82 6.21
C LEU B 57 5.24 -5.48 6.16
N PHE B 58 5.17 -4.87 5.02
CA PHE B 58 5.81 -3.53 4.83
C PHE B 58 5.69 -2.66 6.07
N GLU B 59 4.49 -2.27 6.41
CA GLU B 59 4.29 -1.42 7.62
C GLU B 59 4.90 -2.09 8.84
N MET B 60 4.87 -3.38 8.89
CA MET B 60 5.47 -4.08 10.06
C MET B 60 7.01 -4.01 9.94
N SER B 61 7.55 -4.49 8.85
CA SER B 61 9.02 -4.41 8.63
C SER B 61 9.50 -2.97 8.82
N ARG B 62 8.77 -2.03 8.29
CA ARG B 62 9.18 -0.60 8.43
C ARG B 62 8.67 0.00 9.75
N HIS B 63 8.34 -0.83 10.71
CA HIS B 63 7.84 -0.29 12.01
C HIS B 63 9.01 0.01 12.95
N SER B 64 10.22 -0.10 12.48
CA SER B 64 11.39 0.18 13.37
C SER B 64 11.40 1.65 13.79
N LEU B 65 10.88 2.52 12.97
CA LEU B 65 10.85 3.96 13.33
C LEU B 65 9.64 4.26 14.21
N GLU B 66 8.67 3.40 14.21
CA GLU B 66 7.46 3.63 15.04
C GLU B 66 7.60 2.94 16.39
N GLN B 67 8.82 2.70 16.82
CA GLN B 67 9.01 2.03 18.14
C GLN B 67 10.28 2.55 18.82
N LYS B 68 10.16 3.60 19.59
CA LYS B 68 11.35 4.17 20.28
C LYS B 68 11.93 3.15 21.27
N PRO B 69 13.23 3.16 21.43
CA PRO B 69 13.90 2.22 22.36
C PRO B 69 13.65 2.63 23.82
N THR B 70 12.78 1.94 24.50
CA THR B 70 12.51 2.29 25.93
C THR B 70 12.92 1.14 26.84
N ASP B 71 12.82 1.32 28.13
CA ASP B 71 13.22 0.24 29.07
C ASP B 71 14.66 -0.21 28.79
N ALA B 72 15.46 0.64 28.22
CA ALA B 72 16.87 0.25 27.92
C ALA B 72 17.59 -0.17 29.21
N PRO B 73 17.60 0.72 30.18
CA PRO B 73 18.27 0.42 31.47
C PRO B 73 17.42 -0.55 32.31
N PRO B 74 18.08 -1.35 33.10
CA PRO B 74 17.36 -2.32 33.96
C PRO B 74 16.68 -1.61 35.13
N LYS B 75 17.35 -0.67 35.74
CA LYS B 75 16.74 0.06 36.88
C LYS B 75 15.95 1.27 36.37
N TYR C 1 2.51 3.40 9.45
CA TYR C 1 1.09 3.62 9.82
C TYR C 1 0.93 3.72 11.35
N GLY C 2 1.65 2.90 12.09
CA GLY C 2 1.53 2.94 13.58
C GLY C 2 0.07 2.80 13.97
N ASN C 3 -0.40 1.59 14.10
CA ASN C 3 -1.83 1.42 14.47
C ASN C 3 -2.17 -0.05 14.73
N MET C 4 -3.43 -0.35 14.87
CA MET C 4 -3.85 -1.75 15.07
C MET C 4 -4.37 -2.32 13.75
N THR C 5 -4.57 -1.47 12.76
CA THR C 5 -5.08 -1.95 11.44
C THR C 5 -4.31 -3.18 10.98
N GLU C 6 -3.06 -3.29 11.32
CA GLU C 6 -2.28 -4.46 10.87
C GLU C 6 -2.80 -5.72 11.56
N ASP C 7 -3.18 -5.63 12.79
CA ASP C 7 -3.75 -6.83 13.46
C ASP C 7 -5.15 -7.07 12.93
N HIS C 8 -5.77 -6.03 12.45
CA HIS C 8 -7.13 -6.15 11.90
C HIS C 8 -7.05 -6.53 10.43
N VAL C 9 -5.95 -6.19 9.80
CA VAL C 9 -5.72 -6.54 8.38
C VAL C 9 -5.08 -7.91 8.37
N MET C 10 -4.25 -8.17 9.35
CA MET C 10 -3.58 -9.49 9.45
C MET C 10 -4.66 -10.53 9.70
N HIS C 11 -5.58 -10.20 10.56
CA HIS C 11 -6.69 -11.16 10.85
C HIS C 11 -7.54 -11.32 9.60
N LEU C 12 -7.71 -10.26 8.86
CA LEU C 12 -8.50 -10.34 7.60
C LEU C 12 -7.77 -11.24 6.60
N LEU C 13 -6.50 -11.46 6.82
CA LEU C 13 -5.71 -12.34 5.92
C LEU C 13 -5.41 -13.68 6.61
N GLN C 14 -5.67 -13.75 7.89
CA GLN C 14 -5.38 -15.01 8.64
C GLN C 14 -6.60 -15.93 8.62
N ASN C 15 -7.75 -15.43 8.24
CA ASN C 15 -8.96 -16.29 8.19
C ASN C 15 -9.26 -16.63 6.74
N ALA C 16 -9.00 -15.70 5.86
CA ALA C 16 -9.23 -15.96 4.42
C ALA C 16 -8.27 -17.01 3.94
N ASP C 17 -7.12 -17.03 4.50
CA ASP C 17 -6.12 -18.04 4.08
C ASP C 17 -5.46 -18.67 5.31
N PRO C 18 -5.51 -19.98 5.39
CA PRO C 18 -4.90 -20.68 6.54
C PRO C 18 -3.37 -20.77 6.38
N LEU C 19 -2.83 -20.22 5.32
CA LEU C 19 -1.36 -20.28 5.13
C LEU C 19 -0.74 -18.87 5.10
N LYS C 20 -1.42 -17.90 5.66
CA LYS C 20 -0.85 -16.53 5.65
C LYS C 20 -0.17 -16.22 6.99
N VAL C 21 1.05 -15.80 6.95
CA VAL C 21 1.77 -15.48 8.21
C VAL C 21 2.51 -14.17 8.09
N TYR C 22 2.85 -13.62 9.22
CA TYR C 22 3.63 -12.37 9.22
C TYR C 22 4.67 -12.51 10.31
N PRO C 23 5.77 -13.11 9.95
CA PRO C 23 6.87 -13.33 10.92
C PRO C 23 7.29 -12.03 11.58
N PRO C 24 7.72 -12.13 12.80
CA PRO C 24 8.15 -10.94 13.55
C PRO C 24 9.39 -10.35 12.93
N LEU C 25 9.23 -9.32 12.15
CA LEU C 25 10.39 -8.68 11.52
C LEU C 25 10.99 -7.71 12.54
N LYS C 26 11.51 -8.26 13.62
CA LYS C 26 12.08 -7.42 14.70
C LYS C 26 13.40 -6.78 14.24
N GLY C 27 14.01 -7.33 13.22
CA GLY C 27 15.27 -6.73 12.70
C GLY C 27 14.97 -5.30 12.23
N SER C 28 15.71 -4.82 11.27
CA SER C 28 15.45 -3.47 10.75
C SER C 28 14.55 -3.60 9.54
N PHE C 29 13.97 -2.53 9.09
CA PHE C 29 13.06 -2.60 7.91
C PHE C 29 13.74 -3.28 6.70
N PRO C 30 15.02 -3.01 6.48
CA PRO C 30 15.69 -3.66 5.34
C PRO C 30 15.98 -5.13 5.71
N GLU C 31 15.94 -5.44 6.97
CA GLU C 31 16.13 -6.85 7.41
C GLU C 31 14.77 -7.49 7.39
N ASN C 32 13.84 -6.75 7.87
CA ASN C 32 12.43 -7.19 7.89
C ASN C 32 11.98 -7.48 6.46
N LEU C 33 12.51 -6.75 5.53
CA LEU C 33 12.11 -6.98 4.11
C LEU C 33 12.88 -8.17 3.55
N ARG C 34 14.15 -8.19 3.78
CA ARG C 34 14.98 -9.33 3.31
C ARG C 34 14.62 -10.58 4.10
N HIS C 35 14.07 -10.40 5.27
CA HIS C 35 13.64 -11.58 6.08
C HIS C 35 12.38 -12.11 5.43
N LEU C 36 11.40 -11.27 5.24
CA LEU C 36 10.16 -11.72 4.57
C LEU C 36 10.53 -12.33 3.23
N LYS C 37 11.51 -11.75 2.62
CA LYS C 37 11.97 -12.24 1.31
C LYS C 37 12.70 -13.56 1.49
N ASN C 38 13.67 -13.55 2.34
CA ASN C 38 14.46 -14.78 2.61
C ASN C 38 13.63 -15.78 3.42
N THR C 39 12.49 -15.37 3.89
CA THR C 39 11.64 -16.28 4.71
C THR C 39 10.33 -16.59 4.01
N MET C 40 9.54 -15.59 3.76
CA MET C 40 8.23 -15.81 3.09
C MET C 40 8.44 -16.47 1.72
N GLU C 41 7.38 -16.76 1.03
CA GLU C 41 7.51 -17.38 -0.31
C GLU C 41 8.18 -16.42 -1.25
N THR C 42 9.21 -16.87 -1.88
CA THR C 42 9.94 -16.02 -2.86
C THR C 42 8.94 -15.40 -3.79
N ILE C 43 7.90 -16.12 -4.04
CA ILE C 43 6.85 -15.63 -4.95
C ILE C 43 5.91 -14.69 -4.24
N ASP C 44 5.80 -14.86 -2.98
CA ASP C 44 4.98 -13.91 -2.20
C ASP C 44 5.87 -12.70 -2.02
N TRP C 45 7.16 -12.94 -2.00
CA TRP C 45 8.14 -11.84 -1.93
C TRP C 45 8.16 -11.18 -3.29
N LYS C 46 8.04 -11.96 -4.34
CA LYS C 46 8.05 -11.34 -5.69
C LYS C 46 6.93 -10.35 -5.73
N VAL C 47 5.83 -10.80 -5.25
CA VAL C 47 4.62 -9.97 -5.20
C VAL C 47 4.80 -8.86 -4.16
N PHE C 48 5.40 -9.17 -3.05
CA PHE C 48 5.61 -8.14 -2.02
C PHE C 48 6.55 -7.07 -2.56
N GLU C 49 7.58 -7.48 -3.24
CA GLU C 49 8.53 -6.51 -3.82
C GLU C 49 7.76 -5.66 -4.82
N SER C 50 6.97 -6.29 -5.63
CA SER C 50 6.15 -5.51 -6.60
C SER C 50 5.18 -4.65 -5.81
N TRP C 51 4.76 -5.15 -4.67
CA TRP C 51 3.84 -4.35 -3.81
C TRP C 51 4.62 -3.16 -3.25
N MET C 52 5.84 -3.40 -2.91
CA MET C 52 6.68 -2.30 -2.38
C MET C 52 7.02 -1.37 -3.53
N HIS C 53 7.23 -1.92 -4.69
CA HIS C 53 7.53 -1.11 -5.89
C HIS C 53 6.29 -0.28 -6.23
N HIS C 54 5.14 -0.88 -6.22
CA HIS C 54 3.89 -0.11 -6.50
C HIS C 54 3.72 0.87 -5.37
N TRP C 55 3.89 0.41 -4.16
CA TRP C 55 3.83 1.30 -3.00
C TRP C 55 4.78 2.47 -3.24
N LEU C 56 5.94 2.14 -3.74
CA LEU C 56 6.95 3.18 -4.02
C LEU C 56 6.46 4.14 -5.09
N LEU C 57 6.12 3.65 -6.26
CA LEU C 57 5.61 4.56 -7.32
C LEU C 57 4.50 5.42 -6.77
N PHE C 58 3.44 4.78 -6.39
CA PHE C 58 2.26 5.51 -5.82
C PHE C 58 2.70 6.68 -4.93
N GLU C 59 3.33 6.38 -3.83
CA GLU C 59 3.78 7.47 -2.91
C GLU C 59 4.67 8.46 -3.66
N MET C 60 5.41 7.99 -4.62
CA MET C 60 6.29 8.91 -5.39
C MET C 60 5.39 9.73 -6.34
N SER C 61 4.64 9.07 -7.19
CA SER C 61 3.71 9.80 -8.10
C SER C 61 2.83 10.75 -7.30
N ARG C 62 2.33 10.30 -6.18
CA ARG C 62 1.45 11.18 -5.35
C ARG C 62 2.28 12.07 -4.41
N HIS C 63 3.54 12.26 -4.69
CA HIS C 63 4.39 13.12 -3.82
C HIS C 63 4.28 14.59 -4.24
N SER C 64 3.41 14.91 -5.16
CA SER C 64 3.27 16.33 -5.59
C SER C 64 2.78 17.19 -4.44
N LEU C 65 2.01 16.63 -3.55
CA LEU C 65 1.49 17.42 -2.40
C LEU C 65 2.54 17.47 -1.30
N GLU C 66 3.48 16.57 -1.31
CA GLU C 66 4.52 16.57 -0.24
C GLU C 66 5.74 17.38 -0.71
N GLN C 67 5.56 18.30 -1.61
CA GLN C 67 6.71 19.10 -2.10
C GLN C 67 6.26 20.53 -2.42
N LYS C 68 6.28 21.41 -1.46
CA LYS C 68 5.84 22.82 -1.73
C LYS C 68 6.78 23.47 -2.75
N PRO C 69 6.22 24.34 -3.56
CA PRO C 69 7.03 25.05 -4.58
C PRO C 69 7.92 26.11 -3.93
N THR C 70 9.19 25.86 -3.82
CA THR C 70 10.10 26.85 -3.20
C THR C 70 11.15 27.32 -4.23
N ASP C 71 11.96 28.28 -3.87
CA ASP C 71 12.99 28.78 -4.83
C ASP C 71 12.32 29.24 -6.13
N ALA C 72 11.07 29.60 -6.07
CA ALA C 72 10.37 30.05 -7.31
C ALA C 72 11.12 31.25 -7.94
N PRO C 73 11.29 32.29 -7.16
CA PRO C 73 11.99 33.49 -7.66
C PRO C 73 13.50 33.25 -7.73
N PRO C 74 14.14 33.90 -8.68
CA PRO C 74 15.61 33.73 -8.84
C PRO C 74 16.35 34.47 -7.72
N LYS C 75 15.93 35.65 -7.38
CA LYS C 75 16.61 36.41 -6.29
C LYS C 75 16.02 36.03 -4.93
N TYR A 1 4.22 10.60 2.27
CA TYR A 1 4.97 9.96 3.40
C TYR A 1 6.09 10.89 3.91
N GLY A 2 6.67 11.69 3.05
CA GLY A 2 7.77 12.60 3.50
C GLY A 2 8.80 11.80 4.29
N ASN A 3 9.36 10.80 3.68
CA ASN A 3 10.36 9.98 4.41
C ASN A 3 11.44 9.44 3.47
N MET A 4 12.19 8.49 3.96
CA MET A 4 13.25 7.86 3.13
C MET A 4 12.84 6.42 2.83
N THR A 5 11.79 5.94 3.45
CA THR A 5 11.32 4.55 3.21
C THR A 5 11.27 4.25 1.72
N GLU A 6 10.95 5.21 0.92
CA GLU A 6 10.88 4.96 -0.54
C GLU A 6 12.28 4.69 -1.07
N ASP A 7 13.26 5.38 -0.57
CA ASP A 7 14.66 5.11 -1.01
C ASP A 7 15.13 3.82 -0.37
N HIS A 8 14.57 3.49 0.75
CA HIS A 8 14.96 2.26 1.47
C HIS A 8 14.14 1.08 0.92
N VAL A 9 13.00 1.38 0.37
CA VAL A 9 12.12 0.35 -0.23
C VAL A 9 12.55 0.22 -1.68
N MET A 10 12.91 1.33 -2.27
CA MET A 10 13.36 1.32 -3.69
C MET A 10 14.65 0.50 -3.75
N HIS A 11 15.46 0.62 -2.75
CA HIS A 11 16.74 -0.14 -2.72
C HIS A 11 16.42 -1.61 -2.43
N LEU A 12 15.45 -1.85 -1.61
CA LEU A 12 15.07 -3.26 -1.29
C LEU A 12 14.55 -3.93 -2.56
N LEU A 13 14.10 -3.14 -3.49
CA LEU A 13 13.60 -3.70 -4.77
C LEU A 13 14.72 -3.70 -5.81
N GLN A 14 15.68 -2.85 -5.62
CA GLN A 14 16.82 -2.76 -6.57
C GLN A 14 17.83 -3.89 -6.30
N ASN A 15 17.69 -4.57 -5.20
CA ASN A 15 18.62 -5.70 -4.90
C ASN A 15 17.89 -7.02 -5.12
N ALA A 16 16.60 -7.01 -4.97
CA ALA A 16 15.80 -8.25 -5.18
C ALA A 16 15.39 -8.35 -6.64
N ASP A 17 15.27 -7.23 -7.28
CA ASP A 17 14.87 -7.27 -8.70
C ASP A 17 15.78 -6.34 -9.53
N PRO A 18 16.45 -6.93 -10.50
CA PRO A 18 17.37 -6.13 -11.35
C PRO A 18 16.59 -5.27 -12.35
N LEU A 19 15.29 -5.35 -12.36
CA LEU A 19 14.49 -4.54 -13.32
C LEU A 19 13.55 -3.58 -12.58
N LYS A 20 13.83 -3.28 -11.33
CA LYS A 20 12.93 -2.34 -10.59
C LYS A 20 13.30 -0.90 -10.92
N VAL A 21 12.40 -0.21 -11.55
CA VAL A 21 12.68 1.21 -11.89
C VAL A 21 11.60 2.12 -11.37
N TYR A 22 12.00 3.24 -10.88
CA TYR A 22 11.01 4.22 -10.41
C TYR A 22 11.36 5.54 -11.06
N PRO A 23 10.92 5.67 -12.28
CA PRO A 23 11.21 6.90 -13.04
C PRO A 23 10.68 8.12 -12.31
N PRO A 24 11.33 9.23 -12.54
CA PRO A 24 10.94 10.48 -11.86
C PRO A 24 9.55 10.91 -12.30
N LEU A 25 8.57 10.71 -11.46
CA LEU A 25 7.19 11.12 -11.82
C LEU A 25 6.97 12.53 -11.26
N LYS A 26 7.59 13.51 -11.87
CA LYS A 26 7.46 14.91 -11.38
C LYS A 26 6.25 15.60 -12.01
N GLY A 27 5.75 15.08 -13.09
CA GLY A 27 4.56 15.70 -13.76
C GLY A 27 3.48 16.02 -12.73
N SER A 28 2.76 15.01 -12.34
CA SER A 28 1.67 15.14 -11.34
C SER A 28 1.25 13.73 -10.96
N PHE A 29 0.66 13.52 -9.82
CA PHE A 29 0.26 12.14 -9.44
C PHE A 29 -0.55 11.46 -10.55
N PRO A 30 -1.45 12.16 -11.19
CA PRO A 30 -2.25 11.54 -12.28
C PRO A 30 -1.37 11.41 -13.55
N GLU A 31 -0.30 12.15 -13.61
CA GLU A 31 0.63 12.05 -14.77
C GLU A 31 1.65 10.99 -14.40
N ASN A 32 2.03 11.04 -13.17
CA ASN A 32 3.00 10.07 -12.60
C ASN A 32 2.38 8.68 -12.68
N LEU A 33 1.09 8.61 -12.58
CA LEU A 33 0.42 7.27 -12.66
C LEU A 33 0.28 6.87 -14.12
N ARG A 34 -0.13 7.78 -14.93
CA ARG A 34 -0.27 7.49 -16.38
C ARG A 34 1.12 7.37 -16.99
N HIS A 35 2.10 7.96 -16.37
CA HIS A 35 3.49 7.83 -16.89
C HIS A 35 3.96 6.44 -16.54
N LEU A 36 3.87 6.06 -15.30
CA LEU A 36 4.26 4.68 -14.91
C LEU A 36 3.48 3.70 -15.78
N LYS A 37 2.27 4.04 -16.04
CA LYS A 37 1.41 3.17 -16.86
C LYS A 37 1.87 3.23 -18.31
N ASN A 38 1.98 4.41 -18.81
CA ASN A 38 2.42 4.60 -20.22
C ASN A 38 3.93 4.34 -20.35
N THR A 39 4.59 4.11 -19.25
CA THR A 39 6.06 3.88 -19.30
C THR A 39 6.41 2.50 -18.75
N MET A 40 6.09 2.26 -17.53
CA MET A 40 6.41 0.93 -16.93
C MET A 40 5.73 -0.19 -17.71
N GLU A 41 5.92 -1.42 -17.30
CA GLU A 41 5.27 -2.55 -18.01
C GLU A 41 3.78 -2.50 -17.80
N THR A 42 3.07 -2.51 -18.87
CA THR A 42 1.58 -2.49 -18.81
C THR A 42 1.13 -3.50 -17.78
N ILE A 43 1.87 -4.54 -17.68
CA ILE A 43 1.51 -5.62 -16.72
C ILE A 43 1.96 -5.26 -15.33
N ASP A 44 2.97 -4.48 -15.22
CA ASP A 44 3.38 -4.00 -13.90
C ASP A 44 2.41 -2.89 -13.57
N TRP A 45 1.91 -2.25 -14.60
CA TRP A 45 0.89 -1.22 -14.41
C TRP A 45 -0.41 -1.92 -14.09
N LYS A 46 -0.63 -3.08 -14.69
CA LYS A 46 -1.88 -3.81 -14.39
C LYS A 46 -1.88 -4.08 -12.91
N VAL A 47 -0.78 -4.60 -12.48
CA VAL A 47 -0.59 -4.93 -11.07
C VAL A 47 -0.55 -3.66 -10.25
N PHE A 48 0.11 -2.65 -10.73
CA PHE A 48 0.17 -1.37 -9.98
C PHE A 48 -1.23 -0.80 -9.85
N GLU A 49 -1.99 -0.87 -10.91
CA GLU A 49 -3.38 -0.36 -10.85
C GLU A 49 -4.13 -1.20 -9.83
N SER A 50 -3.97 -2.48 -9.91
CA SER A 50 -4.63 -3.36 -8.90
C SER A 50 -4.06 -3.00 -7.54
N TRP A 51 -2.82 -2.59 -7.50
CA TRP A 51 -2.20 -2.19 -6.21
C TRP A 51 -2.84 -0.88 -5.76
N MET A 52 -3.12 -0.02 -6.69
CA MET A 52 -3.77 1.26 -6.34
C MET A 52 -5.22 0.97 -5.97
N HIS A 53 -5.81 0.03 -6.67
CA HIS A 53 -7.22 -0.36 -6.38
C HIS A 53 -7.25 -1.01 -5.00
N HIS A 54 -6.34 -1.92 -4.73
CA HIS A 54 -6.30 -2.54 -3.38
C HIS A 54 -5.99 -1.44 -2.40
N TRP A 55 -5.01 -0.64 -2.71
CA TRP A 55 -4.67 0.50 -1.85
C TRP A 55 -5.94 1.31 -1.61
N LEU A 56 -6.71 1.48 -2.65
CA LEU A 56 -7.97 2.26 -2.53
C LEU A 56 -8.96 1.54 -1.63
N LEU A 57 -9.32 0.30 -1.93
CA LEU A 57 -10.27 -0.43 -1.06
C LEU A 57 -9.81 -0.32 0.37
N PHE A 58 -8.67 -0.89 0.62
CA PHE A 58 -8.10 -0.87 2.01
C PHE A 58 -8.33 0.48 2.68
N GLU A 59 -7.73 1.51 2.16
CA GLU A 59 -7.89 2.87 2.76
C GLU A 59 -9.37 3.22 2.89
N MET A 60 -10.16 2.82 1.96
CA MET A 60 -11.62 3.12 2.05
C MET A 60 -12.24 2.21 3.13
N SER A 61 -12.12 0.92 2.98
CA SER A 61 -12.66 -0.01 4.01
C SER A 61 -12.16 0.41 5.40
N ARG A 62 -10.92 0.78 5.49
CA ARG A 62 -10.36 1.20 6.82
C ARG A 62 -10.62 2.70 7.10
N HIS A 63 -11.64 3.27 6.52
CA HIS A 63 -11.94 4.71 6.78
C HIS A 63 -13.07 4.83 7.79
N SER A 64 -13.23 3.85 8.65
CA SER A 64 -14.32 3.91 9.66
C SER A 64 -14.06 4.99 10.70
N LEU A 65 -12.84 5.45 10.80
CA LEU A 65 -12.52 6.52 11.80
C LEU A 65 -12.47 7.88 11.12
N GLU A 66 -11.88 7.95 9.95
CA GLU A 66 -11.79 9.27 9.26
C GLU A 66 -13.08 9.56 8.50
N GLN A 67 -14.21 9.57 9.18
CA GLN A 67 -15.50 9.86 8.50
C GLN A 67 -16.03 11.23 8.92
N LYS A 68 -17.09 11.67 8.31
CA LYS A 68 -17.66 13.00 8.66
C LYS A 68 -19.13 13.09 8.21
N PRO A 69 -20.02 13.01 9.16
CA PRO A 69 -21.47 13.08 8.82
C PRO A 69 -21.87 14.51 8.46
N THR A 70 -22.45 14.70 7.31
CA THR A 70 -22.88 16.07 6.90
C THR A 70 -23.84 15.98 5.71
N ASP A 71 -24.78 15.09 5.77
CA ASP A 71 -25.76 14.96 4.64
C ASP A 71 -27.19 15.16 5.14
N ALA A 72 -28.14 15.06 4.27
CA ALA A 72 -29.57 15.24 4.69
C ALA A 72 -30.46 14.22 3.98
N PRO A 73 -30.72 13.12 4.65
CA PRO A 73 -31.57 12.05 4.06
C PRO A 73 -33.05 12.49 4.05
N PRO A 74 -33.80 11.89 3.17
CA PRO A 74 -35.25 12.23 3.07
C PRO A 74 -36.03 11.60 4.23
N LYS A 75 -35.45 10.65 4.91
CA LYS A 75 -36.16 10.01 6.06
C LYS A 75 -35.28 10.04 7.31
N TYR B 1 -6.28 8.10 5.52
CA TYR B 1 -5.54 9.11 4.70
C TYR B 1 -6.25 10.47 4.72
N GLY B 2 -7.56 10.49 4.86
CA GLY B 2 -8.29 11.79 4.89
C GLY B 2 -7.84 12.65 3.71
N ASN B 3 -8.00 12.17 2.52
CA ASN B 3 -7.57 12.96 1.35
C ASN B 3 -8.44 12.70 0.14
N MET B 4 -7.98 13.12 -1.01
CA MET B 4 -8.74 12.89 -2.26
C MET B 4 -7.96 11.89 -3.14
N THR B 5 -6.75 11.54 -2.73
CA THR B 5 -5.93 10.58 -3.51
C THR B 5 -6.76 9.36 -3.89
N GLU B 6 -7.66 8.96 -3.04
CA GLU B 6 -8.48 7.76 -3.36
C GLU B 6 -9.39 8.09 -4.53
N ASP B 7 -9.91 9.28 -4.58
CA ASP B 7 -10.77 9.65 -5.74
C ASP B 7 -9.88 9.90 -6.95
N HIS B 8 -8.65 10.27 -6.70
CA HIS B 8 -7.71 10.54 -7.80
C HIS B 8 -7.03 9.23 -8.22
N VAL B 9 -6.99 8.29 -7.32
CA VAL B 9 -6.40 6.97 -7.60
C VAL B 9 -7.53 6.11 -8.16
N MET B 10 -8.71 6.31 -7.62
CA MET B 10 -9.89 5.54 -8.10
C MET B 10 -10.14 5.92 -9.54
N HIS B 11 -9.93 7.17 -9.87
CA HIS B 11 -10.14 7.63 -11.25
C HIS B 11 -8.99 7.12 -12.13
N LEU B 12 -7.81 7.05 -11.58
CA LEU B 12 -6.66 6.53 -12.35
C LEU B 12 -6.90 5.06 -12.68
N LEU B 13 -7.72 4.41 -11.91
CA LEU B 13 -8.04 2.99 -12.16
C LEU B 13 -9.31 2.88 -13.02
N GLN B 14 -10.12 3.90 -12.96
CA GLN B 14 -11.38 3.91 -13.75
C GLN B 14 -11.09 4.25 -15.22
N ASN B 15 -9.92 4.71 -15.51
CA ASN B 15 -9.57 5.05 -16.93
C ASN B 15 -8.65 3.95 -17.48
N ALA B 16 -7.90 3.32 -16.61
CA ALA B 16 -6.98 2.24 -17.05
C ALA B 16 -7.71 0.93 -17.04
N ASP B 17 -8.68 0.80 -16.21
CA ASP B 17 -9.43 -0.47 -16.15
C ASP B 17 -10.95 -0.20 -16.14
N PRO B 18 -11.63 -0.72 -17.13
CA PRO B 18 -13.10 -0.53 -17.23
C PRO B 18 -13.84 -1.37 -16.19
N LEU B 19 -13.15 -2.16 -15.41
CA LEU B 19 -13.85 -2.99 -14.40
C LEU B 19 -13.39 -2.63 -12.99
N LYS B 20 -12.85 -1.46 -12.79
CA LYS B 20 -12.39 -1.08 -11.43
C LYS B 20 -13.57 -0.57 -10.61
N VAL B 21 -13.93 -1.28 -9.58
CA VAL B 21 -15.07 -0.83 -8.73
C VAL B 21 -14.66 -0.73 -7.28
N TYR B 22 -15.12 0.27 -6.63
CA TYR B 22 -14.84 0.40 -5.19
C TYR B 22 -16.16 0.64 -4.50
N PRO B 23 -16.84 -0.45 -4.27
CA PRO B 23 -18.17 -0.38 -3.63
C PRO B 23 -18.07 0.32 -2.28
N PRO B 24 -19.15 0.94 -1.90
CA PRO B 24 -19.16 1.69 -0.62
C PRO B 24 -19.01 0.72 0.55
N LEU B 25 -17.84 0.69 1.13
CA LEU B 25 -17.61 -0.20 2.29
C LEU B 25 -17.87 0.61 3.56
N LYS B 26 -19.13 0.89 3.83
CA LYS B 26 -19.48 1.71 5.03
C LYS B 26 -19.68 0.82 6.26
N GLY B 27 -19.88 -0.46 6.06
CA GLY B 27 -20.08 -1.40 7.21
C GLY B 27 -19.00 -1.15 8.27
N SER B 28 -17.84 -1.66 8.02
CA SER B 28 -16.68 -1.52 8.95
C SER B 28 -15.45 -2.02 8.20
N PHE B 29 -14.27 -1.61 8.57
CA PHE B 29 -13.07 -2.09 7.82
C PHE B 29 -13.05 -3.62 7.70
N PRO B 30 -13.42 -4.34 8.74
CA PRO B 30 -13.43 -5.82 8.64
C PRO B 30 -14.65 -6.28 7.83
N GLU B 31 -15.63 -5.43 7.70
CA GLU B 31 -16.82 -5.77 6.87
C GLU B 31 -16.52 -5.30 5.46
N ASN B 32 -15.89 -4.18 5.40
CA ASN B 32 -15.47 -3.57 4.11
C ASN B 32 -14.46 -4.51 3.45
N LEU B 33 -13.71 -5.23 4.25
CA LEU B 33 -12.72 -6.17 3.66
C LEU B 33 -13.42 -7.46 3.27
N ARG B 34 -14.25 -7.94 4.13
CA ARG B 34 -15.02 -9.19 3.83
C ARG B 34 -16.07 -8.87 2.76
N HIS B 35 -16.45 -7.63 2.65
CA HIS B 35 -17.43 -7.26 1.60
C HIS B 35 -16.67 -7.26 0.28
N LEU B 36 -15.58 -6.55 0.21
CA LEU B 36 -14.77 -6.57 -1.04
C LEU B 36 -14.45 -8.01 -1.38
N LYS B 37 -14.20 -8.78 -0.38
CA LYS B 37 -13.86 -10.19 -0.56
C LYS B 37 -15.10 -10.95 -0.99
N ASN B 38 -16.13 -10.81 -0.23
CA ASN B 38 -17.41 -11.50 -0.55
C ASN B 38 -18.11 -10.82 -1.73
N THR B 39 -17.58 -9.73 -2.20
CA THR B 39 -18.22 -9.01 -3.35
C THR B 39 -17.28 -8.94 -4.54
N MET B 40 -16.15 -8.33 -4.37
CA MET B 40 -15.19 -8.20 -5.50
C MET B 40 -14.78 -9.60 -6.00
N GLU B 41 -13.94 -9.64 -6.99
CA GLU B 41 -13.48 -10.96 -7.52
C GLU B 41 -12.63 -11.64 -6.48
N THR B 42 -12.99 -12.84 -6.18
CA THR B 42 -12.22 -13.64 -5.18
C THR B 42 -10.74 -13.54 -5.52
N ILE B 43 -10.49 -13.43 -6.78
CA ILE B 43 -9.09 -13.36 -7.24
C ILE B 43 -8.55 -11.95 -7.09
N ASP B 44 -9.41 -11.00 -7.14
CA ASP B 44 -8.97 -9.62 -6.89
C ASP B 44 -8.86 -9.53 -5.39
N TRP B 45 -9.65 -10.32 -4.70
CA TRP B 45 -9.57 -10.37 -3.23
C TRP B 45 -8.32 -11.16 -2.89
N LYS B 46 -8.00 -12.15 -3.69
CA LYS B 46 -6.78 -12.93 -3.42
C LYS B 46 -5.62 -11.97 -3.43
N VAL B 47 -5.60 -11.22 -4.48
CA VAL B 47 -4.56 -10.22 -4.68
C VAL B 47 -4.71 -9.10 -3.64
N PHE B 48 -5.93 -8.70 -3.37
CA PHE B 48 -6.13 -7.64 -2.37
C PHE B 48 -5.64 -8.14 -1.01
N GLU B 49 -5.95 -9.37 -0.69
CA GLU B 49 -5.48 -9.93 0.60
C GLU B 49 -3.96 -9.94 0.56
N SER B 50 -3.40 -10.40 -0.52
CA SER B 50 -1.92 -10.38 -0.62
C SER B 50 -1.47 -8.92 -0.56
N TRP B 51 -2.28 -8.03 -1.04
CA TRP B 51 -1.94 -6.59 -0.98
C TRP B 51 -2.02 -6.13 0.47
N MET B 52 -2.97 -6.65 1.17
CA MET B 52 -3.10 -6.29 2.61
C MET B 52 -1.96 -6.97 3.38
N HIS B 53 -1.65 -8.17 2.97
CA HIS B 53 -0.53 -8.91 3.61
C HIS B 53 0.78 -8.18 3.32
N HIS B 54 1.00 -7.80 2.09
CA HIS B 54 2.22 -7.03 1.76
C HIS B 54 2.14 -5.72 2.49
N TRP B 55 1.01 -5.08 2.42
CA TRP B 55 0.81 -3.84 3.17
C TRP B 55 1.17 -4.09 4.64
N LEU B 56 0.76 -5.23 5.12
CA LEU B 56 1.05 -5.57 6.54
C LEU B 56 2.54 -5.77 6.75
N LEU B 57 3.18 -6.65 6.02
CA LEU B 57 4.64 -6.84 6.20
C LEU B 57 5.33 -5.49 6.14
N PHE B 58 5.24 -4.87 5.00
CA PHE B 58 5.88 -3.54 4.82
C PHE B 58 5.72 -2.67 6.07
N GLU B 59 4.52 -2.30 6.38
CA GLU B 59 4.27 -1.45 7.59
C GLU B 59 4.92 -2.07 8.83
N MET B 60 4.88 -3.36 8.92
CA MET B 60 5.51 -4.02 10.11
C MET B 60 7.04 -3.94 9.96
N SER B 61 7.58 -4.47 8.89
CA SER B 61 9.05 -4.38 8.66
C SER B 61 9.51 -2.93 8.83
N ARG B 62 8.76 -2.01 8.31
CA ARG B 62 9.15 -0.57 8.42
C ARG B 62 8.67 0.05 9.75
N HIS B 63 8.48 -0.73 10.78
CA HIS B 63 8.03 -0.17 12.08
C HIS B 63 9.22 -0.03 13.03
N SER B 64 10.40 0.13 12.50
CA SER B 64 11.61 0.24 13.36
C SER B 64 11.59 1.56 14.14
N LEU B 65 10.80 2.51 13.72
CA LEU B 65 10.75 3.81 14.43
C LEU B 65 9.53 3.87 15.35
N GLU B 66 8.41 3.39 14.88
CA GLU B 66 7.18 3.43 15.72
C GLU B 66 7.16 2.24 16.69
N GLN B 67 8.17 2.11 17.51
CA GLN B 67 8.21 0.98 18.47
C GLN B 67 8.02 1.49 19.90
N LYS B 68 7.90 0.60 20.84
CA LYS B 68 7.71 1.03 22.26
C LYS B 68 8.08 -0.11 23.21
N PRO B 69 9.22 0.02 23.86
CA PRO B 69 9.67 -1.02 24.81
C PRO B 69 8.86 -0.97 26.10
N THR B 70 8.27 -2.07 26.48
CA THR B 70 7.46 -2.10 27.72
C THR B 70 7.19 -3.55 28.14
N ASP B 71 8.18 -4.39 28.08
CA ASP B 71 7.98 -5.81 28.47
C ASP B 71 8.93 -6.19 29.62
N ALA B 72 8.87 -7.42 30.06
CA ALA B 72 9.77 -7.86 31.16
C ALA B 72 10.28 -9.28 30.88
N PRO B 73 11.46 -9.36 30.30
CA PRO B 73 12.05 -10.68 29.98
C PRO B 73 12.55 -11.37 31.25
N PRO B 74 12.66 -12.67 31.19
CA PRO B 74 13.13 -13.45 32.36
C PRO B 74 14.64 -13.29 32.54
N LYS B 75 15.33 -12.83 31.53
CA LYS B 75 16.81 -12.65 31.65
C LYS B 75 17.20 -11.23 31.26
N TYR C 1 2.52 3.44 10.82
CA TYR C 1 1.05 3.64 11.01
C TYR C 1 0.68 3.77 12.49
N GLY C 2 1.42 3.12 13.37
CA GLY C 2 1.10 3.22 14.82
C GLY C 2 -0.38 2.95 15.04
N ASN C 3 -0.85 1.81 14.63
CA ASN C 3 -2.29 1.52 14.80
C ASN C 3 -2.54 0.03 15.02
N MET C 4 -3.78 -0.37 14.90
CA MET C 4 -4.12 -1.80 15.06
C MET C 4 -4.56 -2.37 13.70
N THR C 5 -4.70 -1.51 12.71
CA THR C 5 -5.12 -1.96 11.36
C THR C 5 -4.30 -3.18 10.93
N GLU C 6 -3.06 -3.23 11.31
CA GLU C 6 -2.23 -4.39 10.91
C GLU C 6 -2.74 -5.64 11.60
N ASP C 7 -3.16 -5.53 12.82
CA ASP C 7 -3.72 -6.72 13.51
C ASP C 7 -5.12 -6.99 13.00
N HIS C 8 -5.76 -5.97 12.50
CA HIS C 8 -7.13 -6.12 11.96
C HIS C 8 -7.04 -6.53 10.49
N VAL C 9 -5.94 -6.20 9.87
CA VAL C 9 -5.71 -6.57 8.44
C VAL C 9 -5.06 -7.94 8.47
N MET C 10 -4.22 -8.16 9.45
CA MET C 10 -3.54 -9.48 9.58
C MET C 10 -4.59 -10.53 9.85
N HIS C 11 -5.59 -10.16 10.61
CA HIS C 11 -6.68 -11.12 10.92
C HIS C 11 -7.56 -11.28 9.69
N LEU C 12 -7.74 -10.23 8.94
CA LEU C 12 -8.57 -10.32 7.71
C LEU C 12 -7.87 -11.27 6.72
N LEU C 13 -6.58 -11.42 6.87
CA LEU C 13 -5.83 -12.33 5.96
C LEU C 13 -5.72 -13.72 6.60
N GLN C 14 -5.84 -13.76 7.89
CA GLN C 14 -5.74 -15.06 8.62
C GLN C 14 -7.06 -15.83 8.51
N ASN C 15 -8.11 -15.18 8.05
CA ASN C 15 -9.41 -15.88 7.91
C ASN C 15 -9.66 -16.15 6.43
N ALA C 16 -9.10 -15.33 5.58
CA ALA C 16 -9.28 -15.54 4.11
C ALA C 16 -8.19 -16.44 3.59
N ASP C 17 -7.07 -16.45 4.24
CA ASP C 17 -5.98 -17.32 3.77
C ASP C 17 -5.37 -18.09 4.96
N PRO C 18 -5.41 -19.40 4.89
CA PRO C 18 -4.85 -20.23 5.98
C PRO C 18 -3.32 -20.23 5.96
N LEU C 19 -2.72 -19.57 5.00
CA LEU C 19 -1.23 -19.55 4.94
C LEU C 19 -0.69 -18.13 5.09
N LYS C 20 -1.46 -17.23 5.65
CA LYS C 20 -0.96 -15.83 5.81
C LYS C 20 -0.09 -15.73 7.05
N VAL C 21 1.15 -15.46 6.87
CA VAL C 21 2.06 -15.33 8.05
C VAL C 21 2.78 -14.01 8.04
N TYR C 22 2.90 -13.42 9.18
CA TYR C 22 3.66 -12.17 9.27
C TYR C 22 4.67 -12.33 10.39
N PRO C 23 5.76 -12.97 10.04
CA PRO C 23 6.81 -13.24 11.03
C PRO C 23 7.29 -11.95 11.65
N PRO C 24 7.76 -12.04 12.87
CA PRO C 24 8.25 -10.84 13.59
C PRO C 24 9.47 -10.27 12.90
N LEU C 25 9.30 -9.19 12.21
CA LEU C 25 10.45 -8.56 11.52
C LEU C 25 11.00 -7.49 12.46
N LYS C 26 11.66 -7.90 13.52
CA LYS C 26 12.21 -6.94 14.51
C LYS C 26 13.62 -6.49 14.11
N GLY C 27 14.28 -7.24 13.26
CA GLY C 27 15.67 -6.87 12.83
C GLY C 27 15.71 -5.39 12.45
N SER C 28 15.24 -5.09 11.28
CA SER C 28 15.21 -3.70 10.74
C SER C 28 14.37 -3.72 9.48
N PHE C 29 13.81 -2.63 9.08
CA PHE C 29 12.97 -2.65 7.85
C PHE C 29 13.70 -3.31 6.66
N PRO C 30 14.98 -3.04 6.49
CA PRO C 30 15.72 -3.68 5.37
C PRO C 30 16.02 -5.14 5.70
N GLU C 31 15.94 -5.48 6.97
CA GLU C 31 16.16 -6.90 7.39
C GLU C 31 14.81 -7.57 7.37
N ASN C 32 13.85 -6.82 7.81
CA ASN C 32 12.44 -7.29 7.82
C ASN C 32 12.00 -7.54 6.40
N LEU C 33 12.55 -6.81 5.46
CA LEU C 33 12.16 -7.01 4.03
C LEU C 33 12.95 -8.19 3.48
N ARG C 34 14.21 -8.22 3.76
CA ARG C 34 15.05 -9.36 3.28
C ARG C 34 14.68 -10.61 4.06
N HIS C 35 14.14 -10.45 5.24
CA HIS C 35 13.69 -11.64 6.02
C HIS C 35 12.44 -12.15 5.36
N LEU C 36 11.46 -11.31 5.19
CA LEU C 36 10.22 -11.75 4.49
C LEU C 36 10.60 -12.36 3.16
N LYS C 37 11.57 -11.77 2.54
CA LYS C 37 12.04 -12.26 1.23
C LYS C 37 12.77 -13.57 1.41
N ASN C 38 13.73 -13.56 2.29
CA ASN C 38 14.54 -14.78 2.55
C ASN C 38 13.72 -15.79 3.37
N THR C 39 12.54 -15.41 3.79
CA THR C 39 11.69 -16.33 4.61
C THR C 39 10.38 -16.62 3.91
N MET C 40 9.60 -15.62 3.66
CA MET C 40 8.28 -15.84 3.00
C MET C 40 8.49 -16.50 1.62
N GLU C 41 7.42 -16.75 0.91
CA GLU C 41 7.55 -17.37 -0.43
C GLU C 41 8.19 -16.38 -1.37
N THR C 42 9.23 -16.82 -2.00
CA THR C 42 9.95 -15.96 -2.98
C THR C 42 8.94 -15.32 -3.90
N ILE C 43 7.90 -16.05 -4.14
CA ILE C 43 6.84 -15.54 -5.06
C ILE C 43 5.92 -14.60 -4.33
N ASP C 44 5.80 -14.77 -3.06
CA ASP C 44 5.01 -13.81 -2.28
C ASP C 44 5.92 -12.61 -2.10
N TRP C 45 7.21 -12.89 -2.10
CA TRP C 45 8.19 -11.79 -2.02
C TRP C 45 8.22 -11.12 -3.38
N LYS C 46 8.06 -11.90 -4.43
CA LYS C 46 8.07 -11.28 -5.77
C LYS C 46 6.95 -10.26 -5.79
N VAL C 47 5.83 -10.73 -5.37
CA VAL C 47 4.62 -9.90 -5.31
C VAL C 47 4.81 -8.81 -4.25
N PHE C 48 5.37 -9.16 -3.13
CA PHE C 48 5.59 -8.13 -2.07
C PHE C 48 6.54 -7.07 -2.60
N GLU C 49 7.55 -7.48 -3.28
CA GLU C 49 8.50 -6.50 -3.86
C GLU C 49 7.73 -5.65 -4.85
N SER C 50 6.97 -6.28 -5.69
CA SER C 50 6.14 -5.50 -6.66
C SER C 50 5.18 -4.64 -5.84
N TRP C 51 4.78 -5.12 -4.70
CA TRP C 51 3.87 -4.33 -3.83
C TRP C 51 4.64 -3.15 -3.26
N MET C 52 5.88 -3.38 -2.94
CA MET C 52 6.72 -2.29 -2.41
C MET C 52 7.03 -1.33 -3.56
N HIS C 53 7.25 -1.90 -4.72
CA HIS C 53 7.53 -1.07 -5.93
C HIS C 53 6.27 -0.25 -6.25
N HIS C 54 5.13 -0.88 -6.26
CA HIS C 54 3.88 -0.12 -6.52
C HIS C 54 3.71 0.87 -5.39
N TRP C 55 3.89 0.40 -4.19
CA TRP C 55 3.83 1.30 -3.03
C TRP C 55 4.77 2.47 -3.28
N LEU C 56 5.92 2.17 -3.80
CA LEU C 56 6.92 3.22 -4.08
C LEU C 56 6.43 4.16 -5.17
N LEU C 57 6.09 3.67 -6.34
CA LEU C 57 5.58 4.57 -7.41
C LEU C 57 4.48 5.43 -6.84
N PHE C 58 3.41 4.79 -6.47
CA PHE C 58 2.25 5.53 -5.88
C PHE C 58 2.71 6.67 -4.98
N GLU C 59 3.33 6.35 -3.89
CA GLU C 59 3.81 7.40 -2.94
C GLU C 59 4.66 8.43 -3.68
N MET C 60 5.43 8.00 -4.62
CA MET C 60 6.29 8.97 -5.38
C MET C 60 5.38 9.77 -6.32
N SER C 61 4.67 9.10 -7.20
CA SER C 61 3.73 9.82 -8.12
C SER C 61 2.83 10.75 -7.31
N ARG C 62 2.36 10.29 -6.17
CA ARG C 62 1.46 11.15 -5.34
C ARG C 62 2.27 12.06 -4.40
N HIS C 63 3.49 12.40 -4.74
CA HIS C 63 4.28 13.30 -3.87
C HIS C 63 4.28 14.72 -4.43
N SER C 64 3.23 15.08 -5.13
CA SER C 64 3.16 16.45 -5.72
C SER C 64 2.98 17.50 -4.62
N LEU C 65 2.57 17.10 -3.45
CA LEU C 65 2.39 18.08 -2.35
C LEU C 65 3.58 18.06 -1.40
N GLU C 66 4.08 16.89 -1.10
CA GLU C 66 5.24 16.81 -0.16
C GLU C 66 6.55 17.05 -0.93
N GLN C 67 6.67 18.18 -1.58
CA GLN C 67 7.92 18.47 -2.34
C GLN C 67 8.71 19.58 -1.65
N LYS C 68 9.88 19.87 -2.13
CA LYS C 68 10.71 20.95 -1.51
C LYS C 68 11.78 21.42 -2.50
N PRO C 69 11.58 22.60 -3.04
CA PRO C 69 12.55 23.16 -4.02
C PRO C 69 13.81 23.63 -3.29
N THR C 70 14.96 23.15 -3.70
CA THR C 70 16.23 23.58 -3.04
C THR C 70 17.43 23.17 -3.90
N ASP C 71 17.35 23.39 -5.18
CA ASP C 71 18.49 23.02 -6.08
C ASP C 71 18.99 24.23 -6.83
N ALA C 72 19.98 24.06 -7.67
CA ALA C 72 20.52 25.21 -8.44
C ALA C 72 20.84 24.77 -9.88
N PRO C 73 19.90 25.00 -10.77
CA PRO C 73 20.09 24.61 -12.19
C PRO C 73 21.09 25.56 -12.87
N PRO C 74 21.70 25.08 -13.93
CA PRO C 74 22.67 25.91 -14.67
C PRO C 74 21.96 26.97 -15.52
N LYS C 75 20.68 26.81 -15.73
CA LYS C 75 19.93 27.80 -16.55
C LYS C 75 18.69 28.29 -15.79
N TYR A 1 1.77 10.89 3.07
CA TYR A 1 2.11 9.69 2.26
C TYR A 1 3.47 9.88 1.58
N GLY A 2 4.47 10.31 2.31
CA GLY A 2 5.81 10.52 1.69
C GLY A 2 6.89 10.41 2.75
N ASN A 3 7.94 9.69 2.47
CA ASN A 3 9.03 9.56 3.47
C ASN A 3 10.26 8.91 2.84
N MET A 4 11.35 8.83 3.57
CA MET A 4 12.58 8.21 3.00
C MET A 4 12.35 6.71 2.78
N THR A 5 11.35 6.14 3.40
CA THR A 5 11.06 4.70 3.21
C THR A 5 11.07 4.33 1.73
N GLU A 6 10.75 5.26 0.88
CA GLU A 6 10.75 4.95 -0.57
C GLU A 6 12.17 4.69 -1.05
N ASP A 7 13.12 5.42 -0.54
CA ASP A 7 14.53 5.16 -0.94
C ASP A 7 15.02 3.88 -0.29
N HIS A 8 14.42 3.55 0.82
CA HIS A 8 14.83 2.32 1.53
C HIS A 8 14.04 1.13 0.99
N VAL A 9 12.87 1.42 0.46
CA VAL A 9 12.03 0.35 -0.14
C VAL A 9 12.47 0.23 -1.60
N MET A 10 12.83 1.35 -2.18
CA MET A 10 13.29 1.33 -3.59
C MET A 10 14.57 0.51 -3.63
N HIS A 11 15.42 0.73 -2.67
CA HIS A 11 16.68 -0.04 -2.61
C HIS A 11 16.36 -1.51 -2.36
N LEU A 12 15.39 -1.77 -1.53
CA LEU A 12 15.00 -3.18 -1.28
C LEU A 12 14.46 -3.78 -2.57
N LEU A 13 14.06 -2.95 -3.50
CA LEU A 13 13.55 -3.45 -4.80
C LEU A 13 14.63 -3.34 -5.86
N GLN A 14 15.62 -2.53 -5.62
CA GLN A 14 16.73 -2.36 -6.60
C GLN A 14 17.75 -3.49 -6.44
N ASN A 15 17.65 -4.26 -5.40
CA ASN A 15 18.61 -5.39 -5.20
C ASN A 15 17.86 -6.72 -5.31
N ALA A 16 16.63 -6.75 -4.89
CA ALA A 16 15.84 -8.00 -4.98
C ALA A 16 15.43 -8.26 -6.40
N ASP A 17 15.26 -7.22 -7.16
CA ASP A 17 14.87 -7.41 -8.56
C ASP A 17 15.79 -6.60 -9.49
N PRO A 18 16.38 -7.28 -10.44
CA PRO A 18 17.30 -6.61 -11.39
C PRO A 18 16.52 -5.78 -12.43
N LEU A 19 15.22 -5.73 -12.34
CA LEU A 19 14.45 -4.95 -13.34
C LEU A 19 13.46 -4.00 -12.65
N LYS A 20 13.80 -3.51 -11.48
CA LYS A 20 12.88 -2.57 -10.78
C LYS A 20 13.20 -1.13 -11.18
N VAL A 21 12.27 -0.45 -11.77
CA VAL A 21 12.53 0.96 -12.17
C VAL A 21 11.50 1.89 -11.59
N TYR A 22 11.93 3.05 -11.22
CA TYR A 22 10.99 4.06 -10.72
C TYR A 22 11.33 5.35 -11.42
N PRO A 23 10.84 5.46 -12.62
CA PRO A 23 11.12 6.65 -13.44
C PRO A 23 10.68 7.91 -12.70
N PRO A 24 11.34 8.99 -13.01
CA PRO A 24 11.02 10.27 -12.35
C PRO A 24 9.64 10.74 -12.75
N LEU A 25 8.68 10.50 -11.91
CA LEU A 25 7.30 10.94 -12.23
C LEU A 25 7.17 12.39 -11.77
N LYS A 26 7.97 13.24 -12.34
CA LYS A 26 7.94 14.68 -11.96
C LYS A 26 6.60 15.29 -12.33
N GLY A 27 5.88 14.66 -13.22
CA GLY A 27 4.54 15.21 -13.61
C GLY A 27 3.66 15.22 -12.37
N SER A 28 2.37 15.24 -12.55
CA SER A 28 1.46 15.23 -11.38
C SER A 28 1.14 13.79 -11.05
N PHE A 29 0.62 13.52 -9.91
CA PHE A 29 0.29 12.13 -9.53
C PHE A 29 -0.55 11.42 -10.62
N PRO A 30 -1.49 12.10 -11.23
CA PRO A 30 -2.29 11.46 -12.29
C PRO A 30 -1.44 11.33 -13.57
N GLU A 31 -0.38 12.10 -13.66
CA GLU A 31 0.53 12.01 -14.84
C GLU A 31 1.57 10.97 -14.48
N ASN A 32 2.01 11.07 -13.27
CA ASN A 32 3.01 10.11 -12.73
C ASN A 32 2.42 8.71 -12.77
N LEU A 33 1.14 8.61 -12.61
CA LEU A 33 0.49 7.26 -12.66
C LEU A 33 0.35 6.81 -14.10
N ARG A 34 -0.19 7.67 -14.90
CA ARG A 34 -0.34 7.34 -16.35
C ARG A 34 1.05 7.23 -16.97
N HIS A 35 2.01 7.88 -16.39
CA HIS A 35 3.40 7.77 -16.92
C HIS A 35 3.90 6.39 -16.54
N LEU A 36 3.82 6.05 -15.28
CA LEU A 36 4.25 4.68 -14.88
C LEU A 36 3.50 3.66 -15.72
N LYS A 37 2.28 3.98 -16.00
CA LYS A 37 1.43 3.09 -16.81
C LYS A 37 1.91 3.11 -18.26
N ASN A 38 1.97 4.28 -18.80
CA ASN A 38 2.42 4.44 -20.21
C ASN A 38 3.93 4.19 -20.32
N THR A 39 4.59 4.05 -19.21
CA THR A 39 6.07 3.84 -19.24
C THR A 39 6.43 2.47 -18.69
N MET A 40 6.12 2.24 -17.45
CA MET A 40 6.46 0.91 -16.83
C MET A 40 5.80 -0.21 -17.63
N GLU A 41 6.02 -1.43 -17.24
CA GLU A 41 5.39 -2.57 -17.94
C GLU A 41 3.90 -2.50 -17.78
N THR A 42 3.21 -2.56 -18.86
CA THR A 42 1.72 -2.53 -18.81
C THR A 42 1.25 -3.53 -17.78
N ILE A 43 2.00 -4.57 -17.65
CA ILE A 43 1.64 -5.63 -16.68
C ILE A 43 2.09 -5.23 -15.29
N ASP A 44 3.10 -4.46 -15.20
CA ASP A 44 3.53 -3.96 -13.89
C ASP A 44 2.52 -2.89 -13.55
N TRP A 45 2.02 -2.23 -14.58
CA TRP A 45 0.98 -1.22 -14.37
C TRP A 45 -0.31 -1.96 -14.06
N LYS A 46 -0.52 -3.10 -14.68
CA LYS A 46 -1.76 -3.86 -14.37
C LYS A 46 -1.75 -4.14 -12.89
N VAL A 47 -0.62 -4.58 -12.46
CA VAL A 47 -0.43 -4.91 -11.06
C VAL A 47 -0.38 -3.62 -10.23
N PHE A 48 0.20 -2.59 -10.75
CA PHE A 48 0.24 -1.31 -9.99
C PHE A 48 -1.17 -0.75 -9.89
N GLU A 49 -1.91 -0.86 -10.94
CA GLU A 49 -3.31 -0.37 -10.91
C GLU A 49 -4.05 -1.19 -9.87
N SER A 50 -3.97 -2.48 -9.99
CA SER A 50 -4.64 -3.35 -8.99
C SER A 50 -4.06 -3.01 -7.61
N TRP A 51 -2.82 -2.63 -7.58
CA TRP A 51 -2.20 -2.24 -6.28
C TRP A 51 -2.84 -0.95 -5.80
N MET A 52 -3.07 -0.05 -6.69
CA MET A 52 -3.73 1.21 -6.31
C MET A 52 -5.18 0.92 -5.96
N HIS A 53 -5.76 0.00 -6.67
CA HIS A 53 -7.17 -0.39 -6.40
C HIS A 53 -7.23 -1.05 -5.01
N HIS A 54 -6.31 -1.93 -4.73
CA HIS A 54 -6.29 -2.57 -3.38
C HIS A 54 -5.97 -1.49 -2.38
N TRP A 55 -4.98 -0.71 -2.68
CA TRP A 55 -4.64 0.43 -1.81
C TRP A 55 -5.91 1.26 -1.58
N LEU A 56 -6.66 1.44 -2.63
CA LEU A 56 -7.89 2.24 -2.53
C LEU A 56 -8.92 1.53 -1.66
N LEU A 57 -9.29 0.32 -1.98
CA LEU A 57 -10.27 -0.41 -1.12
C LEU A 57 -9.86 -0.31 0.32
N PHE A 58 -8.72 -0.88 0.61
CA PHE A 58 -8.18 -0.85 2.01
C PHE A 58 -8.45 0.50 2.68
N GLU A 59 -7.90 1.54 2.14
CA GLU A 59 -8.11 2.90 2.74
C GLU A 59 -9.60 3.21 2.81
N MET A 60 -10.36 2.75 1.87
CA MET A 60 -11.83 3.00 1.91
C MET A 60 -12.46 2.09 2.98
N SER A 61 -12.32 0.80 2.84
CA SER A 61 -12.86 -0.13 3.88
C SER A 61 -12.35 0.31 5.25
N ARG A 62 -11.10 0.66 5.32
CA ARG A 62 -10.52 1.10 6.63
C ARG A 62 -10.87 2.57 6.94
N HIS A 63 -11.68 3.20 6.13
CA HIS A 63 -12.06 4.62 6.39
C HIS A 63 -13.21 4.69 7.38
N SER A 64 -13.10 4.00 8.49
CA SER A 64 -14.20 4.02 9.50
C SER A 64 -14.05 5.21 10.44
N LEU A 65 -12.87 5.74 10.55
CA LEU A 65 -12.66 6.92 11.45
C LEU A 65 -12.68 8.21 10.66
N GLU A 66 -12.00 8.23 9.55
CA GLU A 66 -11.97 9.46 8.71
C GLU A 66 -13.32 9.64 7.99
N GLN A 67 -14.32 10.12 8.69
CA GLN A 67 -15.64 10.31 8.04
C GLN A 67 -16.29 11.61 8.53
N LYS A 68 -17.38 12.01 7.91
CA LYS A 68 -18.07 13.25 8.34
C LYS A 68 -17.10 14.44 8.33
N PRO A 69 -17.17 15.23 7.27
CA PRO A 69 -16.28 16.42 7.16
C PRO A 69 -16.79 17.54 8.06
N THR A 70 -15.97 18.54 8.31
CA THR A 70 -16.41 19.66 9.19
C THR A 70 -16.57 20.94 8.37
N ASP A 71 -17.12 20.83 7.18
CA ASP A 71 -17.31 22.05 6.34
C ASP A 71 -18.70 22.04 5.70
N ALA A 72 -19.62 22.78 6.25
CA ALA A 72 -20.99 22.82 5.68
C ALA A 72 -21.20 24.11 4.86
N PRO A 73 -22.29 24.15 4.14
CA PRO A 73 -22.59 25.34 3.30
C PRO A 73 -22.96 26.54 4.18
N PRO A 74 -22.93 27.71 3.61
CA PRO A 74 -23.28 28.95 4.37
C PRO A 74 -24.79 29.02 4.60
N LYS A 75 -25.21 29.86 5.50
CA LYS A 75 -26.67 29.98 5.79
C LYS A 75 -27.39 30.59 4.58
N TYR B 1 -4.67 7.37 7.42
CA TYR B 1 -4.75 6.52 6.19
C TYR B 1 -6.00 6.89 5.39
N GLY B 2 -6.22 8.15 5.14
CA GLY B 2 -7.42 8.55 4.36
C GLY B 2 -7.19 9.91 3.72
N ASN B 3 -7.51 10.04 2.45
CA ASN B 3 -7.31 11.34 1.77
C ASN B 3 -8.00 11.34 0.41
N MET B 4 -8.01 12.46 -0.26
CA MET B 4 -8.67 12.54 -1.60
C MET B 4 -7.90 11.66 -2.61
N THR B 5 -6.68 11.32 -2.30
CA THR B 5 -5.88 10.47 -3.24
C THR B 5 -6.69 9.27 -3.69
N GLU B 6 -7.62 8.82 -2.89
CA GLU B 6 -8.43 7.64 -3.30
C GLU B 6 -9.32 8.02 -4.47
N ASP B 7 -9.84 9.22 -4.48
CA ASP B 7 -10.68 9.63 -5.63
C ASP B 7 -9.79 9.91 -6.82
N HIS B 8 -8.56 10.25 -6.56
CA HIS B 8 -7.62 10.54 -7.66
C HIS B 8 -6.96 9.23 -8.11
N VAL B 9 -6.88 8.28 -7.22
CA VAL B 9 -6.30 6.96 -7.53
C VAL B 9 -7.44 6.12 -8.09
N MET B 10 -8.62 6.32 -7.55
CA MET B 10 -9.79 5.56 -8.05
C MET B 10 -10.02 5.96 -9.49
N HIS B 11 -9.90 7.22 -9.75
CA HIS B 11 -10.09 7.71 -11.14
C HIS B 11 -8.96 7.14 -12.01
N LEU B 12 -7.77 7.09 -11.48
CA LEU B 12 -6.64 6.51 -12.26
C LEU B 12 -6.93 5.03 -12.52
N LEU B 13 -7.81 4.46 -11.75
CA LEU B 13 -8.16 3.03 -11.94
C LEU B 13 -9.49 2.92 -12.70
N GLN B 14 -10.25 3.97 -12.69
CA GLN B 14 -11.56 3.96 -13.39
C GLN B 14 -11.36 4.24 -14.89
N ASN B 15 -10.17 4.64 -15.28
CA ASN B 15 -9.92 4.92 -16.73
C ASN B 15 -8.91 3.91 -17.26
N ALA B 16 -7.99 3.48 -16.43
CA ALA B 16 -6.98 2.49 -16.88
C ALA B 16 -7.61 1.12 -16.98
N ASP B 17 -8.59 0.89 -16.18
CA ASP B 17 -9.24 -0.44 -16.23
C ASP B 17 -10.77 -0.27 -16.34
N PRO B 18 -11.34 -0.88 -17.35
CA PRO B 18 -12.81 -0.78 -17.55
C PRO B 18 -13.57 -1.67 -16.55
N LEU B 19 -12.89 -2.34 -15.67
CA LEU B 19 -13.60 -3.22 -14.69
C LEU B 19 -13.15 -2.92 -13.26
N LYS B 20 -12.79 -1.70 -12.96
CA LYS B 20 -12.36 -1.36 -11.58
C LYS B 20 -13.57 -0.92 -10.75
N VAL B 21 -13.88 -1.63 -9.71
CA VAL B 21 -15.03 -1.23 -8.86
C VAL B 21 -14.63 -1.05 -7.43
N TYR B 22 -15.21 -0.10 -6.79
CA TYR B 22 -14.95 0.10 -5.37
C TYR B 22 -16.29 0.28 -4.70
N PRO B 23 -16.92 -0.83 -4.43
CA PRO B 23 -18.25 -0.81 -3.82
C PRO B 23 -18.21 -0.06 -2.50
N PRO B 24 -19.33 0.51 -2.16
CA PRO B 24 -19.43 1.29 -0.90
C PRO B 24 -19.25 0.37 0.29
N LEU B 25 -18.07 0.35 0.84
CA LEU B 25 -17.83 -0.51 2.02
C LEU B 25 -18.24 0.30 3.25
N LYS B 26 -19.48 0.67 3.31
CA LYS B 26 -19.99 1.47 4.45
C LYS B 26 -19.91 0.65 5.75
N GLY B 27 -19.80 -0.65 5.63
CA GLY B 27 -19.69 -1.49 6.85
C GLY B 27 -18.42 -1.09 7.60
N SER B 28 -17.91 -1.95 8.41
CA SER B 28 -16.66 -1.64 9.14
C SER B 28 -15.50 -2.14 8.30
N PHE B 29 -14.32 -1.70 8.58
CA PHE B 29 -13.14 -2.15 7.78
C PHE B 29 -13.09 -3.68 7.66
N PRO B 30 -13.39 -4.41 8.72
CA PRO B 30 -13.36 -5.88 8.62
C PRO B 30 -14.60 -6.36 7.83
N GLU B 31 -15.58 -5.53 7.70
CA GLU B 31 -16.80 -5.90 6.90
C GLU B 31 -16.51 -5.43 5.49
N ASN B 32 -15.98 -4.27 5.42
CA ASN B 32 -15.59 -3.66 4.12
C ASN B 32 -14.58 -4.56 3.44
N LEU B 33 -13.76 -5.22 4.21
CA LEU B 33 -12.74 -6.13 3.60
C LEU B 33 -13.41 -7.44 3.19
N ARG B 34 -14.15 -8.00 4.08
CA ARG B 34 -14.88 -9.26 3.76
C ARG B 34 -15.94 -8.96 2.71
N HIS B 35 -16.37 -7.73 2.64
CA HIS B 35 -17.36 -7.35 1.60
C HIS B 35 -16.62 -7.31 0.28
N LEU B 36 -15.54 -6.59 0.22
CA LEU B 36 -14.74 -6.56 -1.04
C LEU B 36 -14.40 -7.98 -1.41
N LYS B 37 -14.15 -8.78 -0.43
CA LYS B 37 -13.78 -10.18 -0.64
C LYS B 37 -15.01 -10.95 -1.10
N ASN B 38 -16.05 -10.87 -0.33
CA ASN B 38 -17.31 -11.57 -0.67
C ASN B 38 -18.01 -10.88 -1.85
N THR B 39 -17.51 -9.74 -2.26
CA THR B 39 -18.16 -8.99 -3.37
C THR B 39 -17.21 -8.90 -4.57
N MET B 40 -16.10 -8.27 -4.40
CA MET B 40 -15.15 -8.12 -5.53
C MET B 40 -14.75 -9.51 -6.06
N GLU B 41 -13.93 -9.56 -7.06
CA GLU B 41 -13.49 -10.86 -7.59
C GLU B 41 -12.65 -11.57 -6.56
N THR B 42 -13.02 -12.79 -6.29
CA THR B 42 -12.26 -13.60 -5.31
C THR B 42 -10.79 -13.50 -5.62
N ILE B 43 -10.52 -13.35 -6.87
CA ILE B 43 -9.11 -13.26 -7.31
C ILE B 43 -8.59 -11.86 -7.15
N ASP B 44 -9.47 -10.92 -7.21
CA ASP B 44 -9.05 -9.52 -6.95
C ASP B 44 -8.90 -9.45 -5.44
N TRP B 45 -9.69 -10.24 -4.75
CA TRP B 45 -9.57 -10.31 -3.29
C TRP B 45 -8.32 -11.10 -2.98
N LYS B 46 -8.02 -12.10 -3.78
CA LYS B 46 -6.79 -12.88 -3.51
C LYS B 46 -5.64 -11.91 -3.54
N VAL B 47 -5.68 -11.12 -4.56
CA VAL B 47 -4.64 -10.11 -4.77
C VAL B 47 -4.79 -9.00 -3.72
N PHE B 48 -6.00 -8.65 -3.38
CA PHE B 48 -6.19 -7.60 -2.36
C PHE B 48 -5.72 -8.12 -1.01
N GLU B 49 -6.00 -9.36 -0.74
CA GLU B 49 -5.55 -9.96 0.53
C GLU B 49 -4.03 -9.95 0.53
N SER B 50 -3.46 -10.46 -0.52
CA SER B 50 -1.97 -10.44 -0.61
C SER B 50 -1.51 -8.99 -0.56
N TRP B 51 -2.32 -8.10 -1.08
CA TRP B 51 -1.96 -6.66 -1.03
C TRP B 51 -2.00 -6.20 0.41
N MET B 52 -2.98 -6.64 1.14
CA MET B 52 -3.08 -6.26 2.57
C MET B 52 -1.95 -6.95 3.33
N HIS B 53 -1.65 -8.15 2.92
CA HIS B 53 -0.55 -8.91 3.58
C HIS B 53 0.77 -8.20 3.28
N HIS B 54 0.99 -7.79 2.06
CA HIS B 54 2.23 -7.05 1.73
C HIS B 54 2.17 -5.72 2.45
N TRP B 55 1.05 -5.08 2.37
CA TRP B 55 0.86 -3.82 3.10
C TRP B 55 1.20 -4.07 4.58
N LEU B 56 0.76 -5.19 5.07
CA LEU B 56 1.01 -5.53 6.49
C LEU B 56 2.51 -5.75 6.73
N LEU B 57 3.13 -6.66 6.01
CA LEU B 57 4.58 -6.88 6.21
C LEU B 57 5.31 -5.56 6.19
N PHE B 58 5.24 -4.91 5.06
CA PHE B 58 5.90 -3.57 4.91
C PHE B 58 5.76 -2.73 6.18
N GLU B 59 4.56 -2.41 6.54
CA GLU B 59 4.34 -1.59 7.76
C GLU B 59 4.97 -2.27 8.97
N MET B 60 4.97 -3.56 9.00
CA MET B 60 5.59 -4.29 10.15
C MET B 60 7.11 -4.22 9.99
N SER B 61 7.65 -4.73 8.92
CA SER B 61 9.12 -4.64 8.70
C SER B 61 9.57 -3.19 8.86
N ARG B 62 8.80 -2.28 8.34
CA ARG B 62 9.16 -0.84 8.44
C ARG B 62 8.75 -0.25 9.81
N HIS B 63 8.26 -1.07 10.70
CA HIS B 63 7.87 -0.55 12.04
C HIS B 63 9.09 -0.47 12.97
N SER B 64 10.16 0.12 12.51
CA SER B 64 11.38 0.23 13.37
C SER B 64 11.29 1.45 14.28
N LEU B 65 10.49 2.41 13.92
CA LEU B 65 10.37 3.63 14.78
C LEU B 65 9.14 3.53 15.67
N GLU B 66 8.03 3.12 15.11
CA GLU B 66 6.79 3.00 15.93
C GLU B 66 6.88 1.78 16.84
N GLN B 67 7.59 1.88 17.93
CA GLN B 67 7.72 0.73 18.86
C GLN B 67 7.67 1.20 20.32
N LYS B 68 7.58 0.27 21.24
CA LYS B 68 7.54 0.67 22.68
C LYS B 68 6.41 1.66 22.95
N PRO B 69 5.30 1.16 23.46
CA PRO B 69 4.14 2.03 23.76
C PRO B 69 4.41 2.83 25.04
N THR B 70 3.63 3.84 25.29
CA THR B 70 3.84 4.65 26.53
C THR B 70 2.67 4.45 27.50
N ASP B 71 2.20 3.24 27.64
CA ASP B 71 1.06 2.98 28.56
C ASP B 71 1.33 1.71 29.38
N ALA B 72 1.77 1.87 30.60
CA ALA B 72 2.05 0.67 31.45
C ALA B 72 0.89 0.44 32.44
N PRO B 73 0.92 -0.69 33.10
CA PRO B 73 -0.14 -1.02 34.09
C PRO B 73 0.02 -0.15 35.34
N PRO B 74 -1.03 -0.10 36.13
CA PRO B 74 -1.01 0.72 37.37
C PRO B 74 -0.13 0.05 38.43
N LYS B 75 0.24 0.78 39.45
CA LYS B 75 1.09 0.18 40.52
C LYS B 75 0.30 -0.88 41.30
N TYR C 1 3.42 5.48 9.48
CA TYR C 1 3.07 4.23 8.75
C TYR C 1 2.96 3.06 9.72
N GLY C 2 2.23 3.23 10.79
CA GLY C 2 2.08 2.13 11.78
C GLY C 2 0.79 2.31 12.57
N ASN C 3 0.03 1.26 12.73
CA ASN C 3 -1.24 1.38 13.49
C ASN C 3 -1.81 -0.01 13.78
N MET C 4 -2.86 -0.07 14.55
CA MET C 4 -3.48 -1.40 14.87
C MET C 4 -4.09 -2.01 13.59
N THR C 5 -4.30 -1.21 12.58
CA THR C 5 -4.89 -1.76 11.31
C THR C 5 -4.14 -3.02 10.87
N GLU C 6 -2.89 -3.12 11.23
CA GLU C 6 -2.13 -4.33 10.82
C GLU C 6 -2.69 -5.55 11.54
N ASP C 7 -3.07 -5.41 12.78
CA ASP C 7 -3.66 -6.57 13.50
C ASP C 7 -5.06 -6.81 12.98
N HIS C 8 -5.68 -5.79 12.47
CA HIS C 8 -7.06 -5.94 11.96
C HIS C 8 -6.99 -6.37 10.48
N VAL C 9 -5.92 -6.04 9.84
CA VAL C 9 -5.72 -6.44 8.43
C VAL C 9 -5.07 -7.81 8.45
N MET C 10 -4.22 -8.02 9.44
CA MET C 10 -3.55 -9.35 9.56
C MET C 10 -4.64 -10.38 9.84
N HIS C 11 -5.56 -10.02 10.69
CA HIS C 11 -6.66 -10.95 10.99
C HIS C 11 -7.52 -11.15 9.74
N LEU C 12 -7.72 -10.09 8.99
CA LEU C 12 -8.50 -10.23 7.73
C LEU C 12 -7.74 -11.14 6.77
N LEU C 13 -6.47 -11.31 6.99
CA LEU C 13 -5.66 -12.19 6.12
C LEU C 13 -5.45 -13.54 6.81
N GLN C 14 -5.63 -13.58 8.10
CA GLN C 14 -5.46 -14.86 8.86
C GLN C 14 -6.72 -15.71 8.75
N ASN C 15 -7.79 -15.16 8.24
CA ASN C 15 -9.04 -15.95 8.11
C ASN C 15 -9.37 -16.13 6.63
N ALA C 16 -9.04 -15.17 5.82
CA ALA C 16 -9.31 -15.28 4.36
C ALA C 16 -8.34 -16.24 3.72
N ASP C 17 -7.17 -16.31 4.27
CA ASP C 17 -6.17 -17.23 3.70
C ASP C 17 -5.57 -18.13 4.79
N PRO C 18 -5.64 -19.41 4.58
CA PRO C 18 -5.10 -20.37 5.58
C PRO C 18 -3.56 -20.43 5.53
N LEU C 19 -2.95 -19.64 4.68
CA LEU C 19 -1.46 -19.68 4.60
C LEU C 19 -0.86 -18.27 4.72
N LYS C 20 -1.50 -17.39 5.43
CA LYS C 20 -0.94 -16.01 5.57
C LYS C 20 -0.03 -15.94 6.79
N VAL C 21 1.22 -15.63 6.58
CA VAL C 21 2.16 -15.54 7.73
C VAL C 21 2.84 -14.19 7.78
N TYR C 22 3.05 -13.72 8.95
CA TYR C 22 3.77 -12.45 9.10
C TYR C 22 4.81 -12.68 10.18
N PRO C 23 5.89 -13.27 9.79
CA PRO C 23 6.96 -13.59 10.74
C PRO C 23 7.43 -12.33 11.44
N PRO C 24 7.93 -12.51 12.64
CA PRO C 24 8.40 -11.36 13.44
C PRO C 24 9.62 -10.73 12.77
N LEU C 25 9.41 -9.67 12.05
CA LEU C 25 10.56 -9.01 11.40
C LEU C 25 11.17 -8.04 12.42
N LYS C 26 11.63 -8.59 13.51
CA LYS C 26 12.22 -7.74 14.58
C LYS C 26 13.50 -7.07 14.07
N GLY C 27 14.07 -7.59 13.01
CA GLY C 27 15.29 -6.95 12.45
C GLY C 27 14.96 -5.53 12.02
N SER C 28 15.72 -4.97 11.14
CA SER C 28 15.41 -3.61 10.66
C SER C 28 14.53 -3.73 9.42
N PHE C 29 13.90 -2.68 9.03
CA PHE C 29 13.01 -2.75 7.84
C PHE C 29 13.73 -3.39 6.63
N PRO C 30 14.98 -3.08 6.41
CA PRO C 30 15.70 -3.69 5.27
C PRO C 30 16.04 -5.16 5.60
N GLU C 31 16.00 -5.50 6.86
CA GLU C 31 16.25 -6.92 7.26
C GLU C 31 14.90 -7.60 7.26
N ASN C 32 13.96 -6.90 7.79
CA ASN C 32 12.57 -7.38 7.84
C ASN C 32 12.06 -7.63 6.42
N LEU C 33 12.55 -6.86 5.49
CA LEU C 33 12.12 -7.06 4.07
C LEU C 33 12.87 -8.23 3.48
N ARG C 34 14.15 -8.21 3.63
CA ARG C 34 14.98 -9.36 3.11
C ARG C 34 14.62 -10.61 3.90
N HIS C 35 14.13 -10.45 5.09
CA HIS C 35 13.72 -11.63 5.89
C HIS C 35 12.43 -12.14 5.28
N LEU C 36 11.46 -11.28 5.12
CA LEU C 36 10.19 -11.72 4.48
C LEU C 36 10.53 -12.34 3.13
N LYS C 37 11.50 -11.77 2.50
CA LYS C 37 11.93 -12.26 1.17
C LYS C 37 12.65 -13.60 1.34
N ASN C 38 13.64 -13.59 2.16
CA ASN C 38 14.41 -14.84 2.41
C ASN C 38 13.59 -15.83 3.24
N THR C 39 12.46 -15.41 3.73
CA THR C 39 11.62 -16.31 4.56
C THR C 39 10.29 -16.60 3.88
N MET C 40 9.50 -15.58 3.67
CA MET C 40 8.18 -15.80 3.02
C MET C 40 8.38 -16.47 1.65
N GLU C 41 7.31 -16.76 0.96
CA GLU C 41 7.43 -17.39 -0.38
C GLU C 41 8.10 -16.42 -1.32
N THR C 42 9.11 -16.88 -1.97
CA THR C 42 9.84 -16.04 -2.95
C THR C 42 8.83 -15.39 -3.86
N ILE C 43 7.77 -16.08 -4.09
CA ILE C 43 6.72 -15.55 -4.98
C ILE C 43 5.83 -14.61 -4.23
N ASP C 44 5.71 -14.80 -2.96
CA ASP C 44 4.93 -13.84 -2.15
C ASP C 44 5.84 -12.64 -2.01
N TRP C 45 7.13 -12.90 -2.01
CA TRP C 45 8.09 -11.81 -1.97
C TRP C 45 8.11 -11.15 -3.33
N LYS C 46 7.95 -11.93 -4.37
CA LYS C 46 7.93 -11.33 -5.72
C LYS C 46 6.82 -10.32 -5.74
N VAL C 47 5.73 -10.77 -5.24
CA VAL C 47 4.52 -9.94 -5.18
C VAL C 47 4.71 -8.85 -4.13
N PHE C 48 5.36 -9.18 -3.03
CA PHE C 48 5.58 -8.14 -1.98
C PHE C 48 6.54 -7.10 -2.53
N GLU C 49 7.53 -7.53 -3.24
CA GLU C 49 8.50 -6.57 -3.83
C GLU C 49 7.73 -5.70 -4.80
N SER C 50 7.01 -6.31 -5.70
CA SER C 50 6.19 -5.52 -6.65
C SER C 50 5.22 -4.67 -5.85
N TRP C 51 4.79 -5.17 -4.72
CA TRP C 51 3.88 -4.38 -3.86
C TRP C 51 4.62 -3.19 -3.31
N MET C 52 5.84 -3.40 -2.93
CA MET C 52 6.65 -2.27 -2.40
C MET C 52 6.98 -1.34 -3.56
N HIS C 53 7.21 -1.91 -4.71
CA HIS C 53 7.51 -1.09 -5.91
C HIS C 53 6.26 -0.27 -6.26
N HIS C 54 5.10 -0.88 -6.24
CA HIS C 54 3.85 -0.12 -6.53
C HIS C 54 3.67 0.87 -5.40
N TRP C 55 3.82 0.41 -4.20
CA TRP C 55 3.74 1.31 -3.04
C TRP C 55 4.70 2.47 -3.26
N LEU C 56 5.86 2.16 -3.77
CA LEU C 56 6.88 3.20 -4.03
C LEU C 56 6.41 4.15 -5.12
N LEU C 57 6.11 3.65 -6.30
CA LEU C 57 5.63 4.55 -7.38
C LEU C 57 4.55 5.45 -6.85
N PHE C 58 3.47 4.84 -6.47
CA PHE C 58 2.31 5.61 -5.89
C PHE C 58 2.79 6.77 -5.03
N GLU C 59 3.46 6.46 -3.95
CA GLU C 59 3.96 7.54 -3.04
C GLU C 59 4.84 8.52 -3.83
N MET C 60 5.55 8.04 -4.79
CA MET C 60 6.41 8.96 -5.60
C MET C 60 5.51 9.76 -6.56
N SER C 61 4.78 9.09 -7.42
CA SER C 61 3.85 9.81 -8.32
C SER C 61 2.96 10.74 -7.50
N ARG C 62 2.50 10.26 -6.38
CA ARG C 62 1.61 11.09 -5.51
C ARG C 62 2.44 12.06 -4.65
N HIS C 63 3.73 12.11 -4.84
CA HIS C 63 4.56 13.06 -4.03
C HIS C 63 4.54 14.46 -4.64
N SER C 64 3.38 14.97 -4.93
CA SER C 64 3.29 16.33 -5.54
C SER C 64 3.29 17.41 -4.45
N LEU C 65 2.94 17.05 -3.25
CA LEU C 65 2.92 18.06 -2.16
C LEU C 65 4.20 17.95 -1.33
N GLU C 66 4.60 16.76 -1.00
CA GLU C 66 5.83 16.59 -0.18
C GLU C 66 7.06 16.84 -1.05
N GLN C 67 7.39 18.07 -1.30
CA GLN C 67 8.59 18.38 -2.14
C GLN C 67 9.34 19.59 -1.58
N LYS C 68 10.51 19.86 -2.10
CA LYS C 68 11.31 21.02 -1.60
C LYS C 68 11.52 20.94 -0.09
N PRO C 69 12.68 20.47 0.30
CA PRO C 69 13.00 20.36 1.74
C PRO C 69 13.31 21.74 2.33
N THR C 70 13.32 21.86 3.63
CA THR C 70 13.63 23.18 4.25
C THR C 70 14.97 23.13 4.97
N ASP C 71 15.95 22.50 4.38
CA ASP C 71 17.29 22.41 5.03
C ASP C 71 18.39 22.68 4.01
N ALA C 72 18.92 23.88 3.99
CA ALA C 72 20.00 24.20 3.01
C ALA C 72 21.37 24.16 3.70
N PRO C 73 22.41 24.23 2.91
CA PRO C 73 23.79 24.21 3.47
C PRO C 73 24.10 25.53 4.19
N PRO C 74 25.13 25.52 4.99
CA PRO C 74 25.52 26.74 5.74
C PRO C 74 26.17 27.76 4.79
N LYS C 75 26.28 28.98 5.23
CA LYS C 75 26.89 30.03 4.36
C LYS C 75 28.39 29.74 4.16
N TYR A 1 1.77 10.61 2.93
CA TYR A 1 2.23 9.79 1.76
C TYR A 1 3.52 10.36 1.21
N GLY A 2 4.64 9.92 1.72
CA GLY A 2 5.95 10.43 1.22
C GLY A 2 6.98 10.39 2.34
N ASN A 3 7.98 9.56 2.22
CA ASN A 3 9.01 9.49 3.29
C ASN A 3 10.28 8.85 2.75
N MET A 4 11.33 8.85 3.53
CA MET A 4 12.60 8.23 3.07
C MET A 4 12.42 6.73 2.82
N THR A 5 11.35 6.16 3.33
CA THR A 5 11.11 4.70 3.12
C THR A 5 11.12 4.35 1.63
N GLU A 6 10.85 5.29 0.78
CA GLU A 6 10.83 4.97 -0.67
C GLU A 6 12.24 4.65 -1.15
N ASP A 7 13.22 5.36 -0.67
CA ASP A 7 14.62 5.05 -1.07
C ASP A 7 15.05 3.76 -0.37
N HIS A 8 14.43 3.47 0.73
CA HIS A 8 14.78 2.25 1.48
C HIS A 8 14.00 1.06 0.92
N VAL A 9 12.85 1.35 0.36
CA VAL A 9 12.01 0.29 -0.26
C VAL A 9 12.46 0.17 -1.70
N MET A 10 12.83 1.28 -2.29
CA MET A 10 13.31 1.27 -3.69
C MET A 10 14.59 0.45 -3.71
N HIS A 11 15.43 0.69 -2.75
CA HIS A 11 16.70 -0.07 -2.67
C HIS A 11 16.39 -1.54 -2.41
N LEU A 12 15.40 -1.79 -1.59
CA LEU A 12 15.02 -3.21 -1.31
C LEU A 12 14.50 -3.84 -2.60
N LEU A 13 14.07 -3.02 -3.52
CA LEU A 13 13.57 -3.54 -4.83
C LEU A 13 14.68 -3.43 -5.88
N GLN A 14 15.60 -2.54 -5.66
CA GLN A 14 16.72 -2.37 -6.63
C GLN A 14 17.81 -3.42 -6.39
N ASN A 15 17.66 -4.22 -5.36
CA ASN A 15 18.68 -5.27 -5.07
C ASN A 15 18.05 -6.64 -5.31
N ALA A 16 16.76 -6.74 -5.11
CA ALA A 16 16.07 -8.04 -5.34
C ALA A 16 15.88 -8.26 -6.81
N ASP A 17 15.68 -7.21 -7.53
CA ASP A 17 15.47 -7.37 -8.99
C ASP A 17 16.23 -6.28 -9.76
N PRO A 18 17.11 -6.70 -10.64
CA PRO A 18 17.90 -5.74 -11.44
C PRO A 18 17.02 -5.08 -12.51
N LEU A 19 15.79 -5.51 -12.65
CA LEU A 19 14.90 -4.90 -13.68
C LEU A 19 13.88 -3.95 -13.04
N LYS A 20 14.04 -3.64 -11.78
CA LYS A 20 13.08 -2.72 -11.12
C LYS A 20 13.47 -1.27 -11.39
N VAL A 21 12.54 -0.49 -11.83
CA VAL A 21 12.84 0.94 -12.12
C VAL A 21 11.75 1.85 -11.57
N TYR A 22 12.14 2.99 -11.14
CA TYR A 22 11.14 3.96 -10.66
C TYR A 22 11.44 5.28 -11.34
N PRO A 23 10.95 5.40 -12.54
CA PRO A 23 11.19 6.62 -13.33
C PRO A 23 10.69 7.84 -12.56
N PRO A 24 11.36 8.94 -12.77
CA PRO A 24 11.00 10.20 -12.07
C PRO A 24 9.62 10.68 -12.51
N LEU A 25 8.65 10.52 -11.65
CA LEU A 25 7.29 10.99 -11.99
C LEU A 25 7.10 12.36 -11.35
N LYS A 26 7.69 13.36 -11.93
CA LYS A 26 7.58 14.73 -11.35
C LYS A 26 6.39 15.49 -11.95
N GLY A 27 5.81 14.97 -13.01
CA GLY A 27 4.63 15.66 -13.63
C GLY A 27 3.58 15.94 -12.55
N SER A 28 2.85 14.93 -12.19
CA SER A 28 1.79 15.04 -11.15
C SER A 28 1.35 13.62 -10.80
N PHE A 29 0.81 13.39 -9.65
CA PHE A 29 0.40 12.00 -9.31
C PHE A 29 -0.47 11.38 -10.41
N PRO A 30 -1.37 12.13 -11.00
CA PRO A 30 -2.21 11.55 -12.09
C PRO A 30 -1.40 11.47 -13.39
N GLU A 31 -0.34 12.23 -13.48
CA GLU A 31 0.54 12.19 -14.69
C GLU A 31 1.57 11.12 -14.43
N ASN A 32 2.03 11.13 -13.22
CA ASN A 32 3.03 10.14 -12.75
C ASN A 32 2.42 8.74 -12.81
N LEU A 33 1.14 8.66 -12.57
CA LEU A 33 0.48 7.33 -12.63
C LEU A 33 0.34 6.93 -14.10
N ARG A 34 -0.15 7.82 -14.89
CA ARG A 34 -0.27 7.54 -16.35
C ARG A 34 1.12 7.44 -16.96
N HIS A 35 2.08 8.05 -16.34
CA HIS A 35 3.47 7.95 -16.85
C HIS A 35 3.96 6.56 -16.50
N LEU A 36 3.85 6.17 -15.26
CA LEU A 36 4.27 4.80 -14.88
C LEU A 36 3.52 3.81 -15.76
N LYS A 37 2.31 4.14 -16.05
CA LYS A 37 1.46 3.27 -16.88
C LYS A 37 1.94 3.33 -18.32
N ASN A 38 2.02 4.52 -18.83
CA ASN A 38 2.48 4.71 -20.24
C ASN A 38 3.98 4.45 -20.33
N THR A 39 4.64 4.27 -19.22
CA THR A 39 6.12 4.03 -19.25
C THR A 39 6.46 2.64 -18.71
N MET A 40 6.15 2.40 -17.48
CA MET A 40 6.47 1.07 -16.89
C MET A 40 5.79 -0.04 -17.71
N GLU A 41 6.02 -1.27 -17.36
CA GLU A 41 5.38 -2.39 -18.07
C GLU A 41 3.90 -2.34 -17.88
N THR A 42 3.19 -2.39 -18.96
CA THR A 42 1.70 -2.37 -18.90
C THR A 42 1.25 -3.39 -17.88
N ILE A 43 2.01 -4.42 -17.76
CA ILE A 43 1.66 -5.49 -16.81
C ILE A 43 2.11 -5.12 -15.42
N ASP A 44 3.12 -4.33 -15.33
CA ASP A 44 3.53 -3.86 -13.99
C ASP A 44 2.52 -2.78 -13.65
N TRP A 45 2.03 -2.12 -14.67
CA TRP A 45 0.97 -1.12 -14.47
C TRP A 45 -0.31 -1.86 -14.14
N LYS A 46 -0.52 -2.99 -14.76
CA LYS A 46 -1.74 -3.76 -14.46
C LYS A 46 -1.74 -4.05 -12.99
N VAL A 47 -0.61 -4.51 -12.56
CA VAL A 47 -0.42 -4.86 -11.16
C VAL A 47 -0.38 -3.61 -10.31
N PHE A 48 0.20 -2.55 -10.82
CA PHE A 48 0.25 -1.29 -10.03
C PHE A 48 -1.17 -0.74 -9.90
N GLU A 49 -1.92 -0.78 -10.96
CA GLU A 49 -3.31 -0.30 -10.88
C GLU A 49 -4.05 -1.16 -9.88
N SER A 50 -3.89 -2.44 -9.99
CA SER A 50 -4.55 -3.34 -9.00
C SER A 50 -4.01 -3.01 -7.62
N TRP A 51 -2.77 -2.58 -7.57
CA TRP A 51 -2.17 -2.19 -6.26
C TRP A 51 -2.81 -0.89 -5.81
N MET A 52 -3.06 -0.02 -6.74
CA MET A 52 -3.71 1.27 -6.40
C MET A 52 -5.16 0.98 -6.03
N HIS A 53 -5.75 0.04 -6.73
CA HIS A 53 -7.15 -0.36 -6.44
C HIS A 53 -7.19 -1.01 -5.05
N HIS A 54 -6.31 -1.92 -4.78
CA HIS A 54 -6.28 -2.55 -3.43
C HIS A 54 -5.94 -1.46 -2.43
N TRP A 55 -4.97 -0.66 -2.76
CA TRP A 55 -4.63 0.48 -1.90
C TRP A 55 -5.91 1.28 -1.64
N LEU A 56 -6.67 1.46 -2.68
CA LEU A 56 -7.92 2.23 -2.57
C LEU A 56 -8.92 1.52 -1.65
N LEU A 57 -9.29 0.30 -1.97
CA LEU A 57 -10.24 -0.43 -1.08
C LEU A 57 -9.78 -0.35 0.35
N PHE A 58 -8.63 -0.90 0.58
CA PHE A 58 -8.02 -0.88 1.96
C PHE A 58 -8.37 0.40 2.71
N GLU A 59 -7.94 1.53 2.20
CA GLU A 59 -8.23 2.83 2.89
C GLU A 59 -9.73 3.12 2.86
N MET A 60 -10.40 2.74 1.81
CA MET A 60 -11.88 2.99 1.76
C MET A 60 -12.54 2.13 2.84
N SER A 61 -12.39 0.83 2.76
CA SER A 61 -12.95 -0.06 3.82
C SER A 61 -12.48 0.48 5.18
N ARG A 62 -11.27 0.94 5.20
CA ARG A 62 -10.66 1.51 6.44
C ARG A 62 -11.37 2.82 6.85
N HIS A 63 -12.15 3.39 5.99
CA HIS A 63 -12.84 4.66 6.34
C HIS A 63 -14.15 4.38 7.09
N SER A 64 -14.09 3.56 8.11
CA SER A 64 -15.33 3.26 8.88
C SER A 64 -15.53 4.28 10.00
N LEU A 65 -16.69 4.28 10.61
CA LEU A 65 -16.99 5.25 11.71
C LEU A 65 -16.84 6.69 11.22
N GLU A 66 -16.80 6.88 9.94
CA GLU A 66 -16.66 8.26 9.42
C GLU A 66 -17.87 8.61 8.56
N GLN A 67 -18.41 7.66 7.86
CA GLN A 67 -19.59 7.93 7.00
C GLN A 67 -20.87 7.88 7.83
N LYS A 68 -21.08 8.87 8.66
CA LYS A 68 -22.31 8.89 9.51
C LYS A 68 -23.26 10.00 9.02
N PRO A 69 -24.52 9.66 8.88
CA PRO A 69 -25.51 10.66 8.41
C PRO A 69 -25.83 11.66 9.53
N THR A 70 -25.81 12.93 9.21
CA THR A 70 -26.11 13.96 10.25
C THR A 70 -27.62 14.06 10.48
N ASP A 71 -28.22 13.04 11.02
CA ASP A 71 -29.69 13.07 11.27
C ASP A 71 -30.02 12.44 12.62
N ALA A 72 -30.78 13.11 13.43
CA ALA A 72 -31.14 12.55 14.76
C ALA A 72 -32.65 12.67 15.00
N PRO A 73 -33.17 11.82 15.86
CA PRO A 73 -34.61 11.84 16.18
C PRO A 73 -34.96 13.06 17.04
N PRO A 74 -36.22 13.42 17.04
CA PRO A 74 -36.67 14.59 17.83
C PRO A 74 -36.65 14.26 19.34
N LYS A 75 -36.94 15.24 20.16
CA LYS A 75 -36.93 15.00 21.63
C LYS A 75 -38.27 14.41 22.08
N TYR B 1 -4.61 7.16 7.20
CA TYR B 1 -5.19 6.27 6.15
C TYR B 1 -6.53 6.83 5.65
N GLY B 2 -6.49 7.69 4.66
CA GLY B 2 -7.76 8.27 4.15
C GLY B 2 -7.49 9.66 3.58
N ASN B 3 -7.63 9.82 2.30
CA ASN B 3 -7.38 11.16 1.72
C ASN B 3 -8.03 11.26 0.33
N MET B 4 -8.03 12.43 -0.25
CA MET B 4 -8.65 12.60 -1.59
C MET B 4 -7.91 11.74 -2.63
N THR B 5 -6.73 11.28 -2.31
CA THR B 5 -5.96 10.44 -3.28
C THR B 5 -6.79 9.24 -3.73
N GLU B 6 -7.74 8.81 -2.95
CA GLU B 6 -8.55 7.64 -3.35
C GLU B 6 -9.40 7.98 -4.56
N ASP B 7 -9.94 9.17 -4.61
CA ASP B 7 -10.75 9.55 -5.80
C ASP B 7 -9.80 9.82 -6.96
N HIS B 8 -8.58 10.15 -6.65
CA HIS B 8 -7.59 10.44 -7.70
C HIS B 8 -6.95 9.12 -8.15
N VAL B 9 -6.91 8.17 -7.26
CA VAL B 9 -6.33 6.83 -7.59
C VAL B 9 -7.48 6.01 -8.15
N MET B 10 -8.65 6.21 -7.61
CA MET B 10 -9.83 5.47 -8.11
C MET B 10 -10.04 5.87 -9.55
N HIS B 11 -9.95 7.15 -9.80
CA HIS B 11 -10.12 7.65 -11.18
C HIS B 11 -8.99 7.10 -12.06
N LEU B 12 -7.80 7.04 -11.52
CA LEU B 12 -6.67 6.48 -12.30
C LEU B 12 -6.94 5.00 -12.59
N LEU B 13 -7.79 4.40 -11.81
CA LEU B 13 -8.15 2.98 -12.04
C LEU B 13 -9.47 2.88 -12.80
N GLN B 14 -10.28 3.91 -12.70
CA GLN B 14 -11.58 3.92 -13.41
C GLN B 14 -11.38 4.32 -14.88
N ASN B 15 -10.20 4.68 -15.26
CA ASN B 15 -9.94 5.07 -16.67
C ASN B 15 -9.04 4.01 -17.32
N ALA B 16 -8.21 3.39 -16.54
CA ALA B 16 -7.32 2.34 -17.10
C ALA B 16 -8.10 1.06 -17.32
N ASP B 17 -9.06 0.83 -16.49
CA ASP B 17 -9.87 -0.40 -16.65
C ASP B 17 -11.35 -0.11 -16.41
N PRO B 18 -12.16 -0.41 -17.40
CA PRO B 18 -13.62 -0.16 -17.28
C PRO B 18 -14.26 -1.20 -16.34
N LEU B 19 -13.51 -2.17 -15.89
CA LEU B 19 -14.10 -3.20 -14.99
C LEU B 19 -13.66 -2.96 -13.53
N LYS B 20 -13.05 -1.84 -13.25
CA LYS B 20 -12.62 -1.56 -11.86
C LYS B 20 -13.78 -0.98 -11.05
N VAL B 21 -14.03 -1.54 -9.90
CA VAL B 21 -15.15 -1.04 -9.06
C VAL B 21 -14.72 -0.93 -7.61
N TYR B 22 -15.22 0.05 -6.95
CA TYR B 22 -14.93 0.19 -5.52
C TYR B 22 -16.26 0.37 -4.80
N PRO B 23 -16.89 -0.74 -4.55
CA PRO B 23 -18.20 -0.71 -3.87
C PRO B 23 -18.09 0.02 -2.54
N PRO B 24 -19.16 0.68 -2.17
CA PRO B 24 -19.17 1.45 -0.91
C PRO B 24 -19.04 0.53 0.30
N LEU B 25 -17.90 0.53 0.91
CA LEU B 25 -17.70 -0.33 2.10
C LEU B 25 -17.91 0.55 3.33
N LYS B 26 -19.13 0.85 3.65
CA LYS B 26 -19.42 1.73 4.81
C LYS B 26 -19.65 0.89 6.09
N GLY B 27 -19.79 -0.41 5.94
CA GLY B 27 -19.99 -1.28 7.13
C GLY B 27 -18.90 -1.00 8.16
N SER B 28 -17.73 -1.53 7.92
CA SER B 28 -16.56 -1.34 8.82
C SER B 28 -15.35 -1.88 8.08
N PHE B 29 -14.16 -1.44 8.40
CA PHE B 29 -12.98 -1.96 7.66
C PHE B 29 -12.96 -3.50 7.61
N PRO B 30 -13.31 -4.16 8.69
CA PRO B 30 -13.32 -5.64 8.67
C PRO B 30 -14.57 -6.16 7.92
N GLU B 31 -15.57 -5.32 7.80
CA GLU B 31 -16.81 -5.71 7.06
C GLU B 31 -16.57 -5.33 5.61
N ASN B 32 -15.98 -4.19 5.47
CA ASN B 32 -15.63 -3.64 4.14
C ASN B 32 -14.62 -4.57 3.48
N LEU B 33 -13.77 -5.17 4.26
CA LEU B 33 -12.77 -6.11 3.68
C LEU B 33 -13.47 -7.40 3.30
N ARG B 34 -14.24 -7.91 4.19
CA ARG B 34 -15.03 -9.15 3.89
C ARG B 34 -16.08 -8.82 2.83
N HIS B 35 -16.47 -7.58 2.75
CA HIS B 35 -17.45 -7.19 1.71
C HIS B 35 -16.70 -7.19 0.38
N LEU B 36 -15.61 -6.49 0.31
CA LEU B 36 -14.81 -6.50 -0.95
C LEU B 36 -14.50 -7.94 -1.31
N LYS B 37 -14.27 -8.73 -0.31
CA LYS B 37 -13.95 -10.15 -0.52
C LYS B 37 -15.20 -10.89 -0.95
N ASN B 38 -16.22 -10.77 -0.17
CA ASN B 38 -17.51 -11.44 -0.50
C ASN B 38 -18.19 -10.76 -1.68
N THR B 39 -17.67 -9.63 -2.10
CA THR B 39 -18.29 -8.90 -3.24
C THR B 39 -17.35 -8.84 -4.44
N MET B 40 -16.23 -8.22 -4.28
CA MET B 40 -15.27 -8.11 -5.42
C MET B 40 -14.89 -9.51 -5.91
N GLU B 41 -14.11 -9.59 -6.94
CA GLU B 41 -13.68 -10.91 -7.46
C GLU B 41 -12.83 -11.60 -6.44
N THR B 42 -13.18 -12.80 -6.14
CA THR B 42 -12.41 -13.61 -5.16
C THR B 42 -10.94 -13.52 -5.50
N ILE B 43 -10.69 -13.39 -6.77
CA ILE B 43 -9.29 -13.31 -7.23
C ILE B 43 -8.77 -11.90 -7.07
N ASP B 44 -9.63 -10.96 -7.12
CA ASP B 44 -9.18 -9.57 -6.87
C ASP B 44 -9.03 -9.49 -5.37
N TRP B 45 -9.82 -10.27 -4.67
CA TRP B 45 -9.70 -10.34 -3.21
C TRP B 45 -8.45 -11.13 -2.90
N LYS B 46 -8.15 -12.13 -3.70
CA LYS B 46 -6.93 -12.91 -3.44
C LYS B 46 -5.77 -11.96 -3.49
N VAL B 47 -5.80 -11.16 -4.51
CA VAL B 47 -4.75 -10.17 -4.73
C VAL B 47 -4.87 -9.06 -3.71
N PHE B 48 -6.08 -8.69 -3.35
CA PHE B 48 -6.24 -7.62 -2.34
C PHE B 48 -5.75 -8.13 -0.99
N GLU B 49 -6.06 -9.34 -0.68
CA GLU B 49 -5.58 -9.91 0.61
C GLU B 49 -4.06 -9.93 0.56
N SER B 50 -3.52 -10.41 -0.52
CA SER B 50 -2.04 -10.42 -0.66
C SER B 50 -1.55 -8.97 -0.58
N TRP B 51 -2.36 -8.06 -1.05
CA TRP B 51 -1.99 -6.62 -1.00
C TRP B 51 -2.07 -6.16 0.45
N MET B 52 -3.04 -6.66 1.15
CA MET B 52 -3.18 -6.30 2.59
C MET B 52 -2.05 -6.98 3.35
N HIS B 53 -1.72 -8.17 2.93
CA HIS B 53 -0.60 -8.92 3.57
C HIS B 53 0.70 -8.18 3.29
N HIS B 54 0.93 -7.83 2.06
CA HIS B 54 2.17 -7.07 1.73
C HIS B 54 2.10 -5.75 2.45
N TRP B 55 0.96 -5.12 2.39
CA TRP B 55 0.76 -3.86 3.12
C TRP B 55 1.14 -4.10 4.59
N LEU B 56 0.72 -5.23 5.09
CA LEU B 56 1.01 -5.58 6.50
C LEU B 56 2.51 -5.76 6.73
N LEU B 57 3.15 -6.66 6.00
CA LEU B 57 4.61 -6.85 6.18
C LEU B 57 5.30 -5.52 6.11
N PHE B 58 5.19 -4.88 4.98
CA PHE B 58 5.80 -3.54 4.76
C PHE B 58 5.80 -2.70 6.05
N GLU B 59 4.64 -2.40 6.55
CA GLU B 59 4.55 -1.58 7.81
C GLU B 59 5.12 -2.35 9.00
N MET B 60 4.96 -3.64 9.03
CA MET B 60 5.52 -4.44 10.15
C MET B 60 7.05 -4.36 10.07
N SER B 61 7.62 -4.83 8.98
CA SER B 61 9.09 -4.71 8.80
C SER B 61 9.50 -3.26 9.06
N ARG B 62 8.65 -2.37 8.64
CA ARG B 62 8.87 -0.91 8.82
C ARG B 62 8.80 -0.52 10.30
N HIS B 63 8.30 -1.38 11.14
CA HIS B 63 8.21 -1.03 12.59
C HIS B 63 9.52 -1.34 13.31
N SER B 64 10.62 -0.89 12.78
CA SER B 64 11.93 -1.16 13.45
C SER B 64 12.24 -0.08 14.48
N LEU B 65 13.24 -0.31 15.31
CA LEU B 65 13.60 0.69 16.36
C LEU B 65 12.42 0.96 17.29
N GLU B 66 11.43 0.13 17.26
CA GLU B 66 10.26 0.36 18.13
C GLU B 66 10.09 -0.83 19.09
N GLN B 67 10.40 -2.00 18.63
CA GLN B 67 10.26 -3.21 19.50
C GLN B 67 11.49 -3.36 20.40
N LYS B 68 11.62 -2.50 21.37
CA LYS B 68 12.81 -2.60 22.28
C LYS B 68 12.35 -3.07 23.68
N PRO B 69 13.07 -4.03 24.22
CA PRO B 69 12.71 -4.56 25.56
C PRO B 69 13.08 -3.55 26.65
N THR B 70 12.18 -3.29 27.55
CA THR B 70 12.48 -2.32 28.65
C THR B 70 13.32 -2.99 29.73
N ASP B 71 14.55 -3.33 29.41
CA ASP B 71 15.42 -3.98 30.42
C ASP B 71 16.86 -3.43 30.32
N ALA B 72 17.42 -3.02 31.42
CA ALA B 72 18.81 -2.49 31.39
C ALA B 72 19.66 -3.14 32.48
N PRO B 73 20.96 -3.12 32.28
CA PRO B 73 21.88 -3.72 33.28
C PRO B 73 21.99 -2.83 34.52
N PRO B 74 22.43 -3.42 35.60
CA PRO B 74 22.56 -2.66 36.88
C PRO B 74 23.74 -1.69 36.80
N LYS B 75 23.92 -0.89 37.81
CA LYS B 75 25.05 0.09 37.80
C LYS B 75 26.34 -0.58 38.29
N TYR C 1 3.35 5.26 9.24
CA TYR C 1 3.40 3.84 8.82
C TYR C 1 3.43 2.92 10.05
N GLY C 2 2.29 2.55 10.55
CA GLY C 2 2.25 1.66 11.74
C GLY C 2 1.00 1.93 12.55
N ASN C 3 0.09 1.00 12.60
CA ASN C 3 -1.15 1.21 13.40
C ASN C 3 -1.81 -0.12 13.72
N MET C 4 -2.83 -0.10 14.53
CA MET C 4 -3.53 -1.37 14.89
C MET C 4 -4.14 -2.03 13.65
N THR C 5 -4.26 -1.28 12.58
CA THR C 5 -4.86 -1.86 11.33
C THR C 5 -4.11 -3.12 10.90
N GLU C 6 -2.87 -3.26 11.28
CA GLU C 6 -2.11 -4.46 10.87
C GLU C 6 -2.68 -5.70 11.54
N ASP C 7 -3.08 -5.60 12.78
CA ASP C 7 -3.70 -6.78 13.44
C ASP C 7 -5.11 -6.97 12.89
N HIS C 8 -5.68 -5.91 12.39
CA HIS C 8 -7.05 -6.01 11.84
C HIS C 8 -6.97 -6.45 10.38
N VAL C 9 -5.88 -6.14 9.74
CA VAL C 9 -5.66 -6.56 8.34
C VAL C 9 -5.02 -7.94 8.37
N MET C 10 -4.19 -8.14 9.36
CA MET C 10 -3.53 -9.47 9.50
C MET C 10 -4.62 -10.48 9.78
N HIS C 11 -5.52 -10.13 10.64
CA HIS C 11 -6.64 -11.04 10.97
C HIS C 11 -7.51 -11.23 9.71
N LEU C 12 -7.70 -10.17 8.96
CA LEU C 12 -8.50 -10.30 7.71
C LEU C 12 -7.77 -11.22 6.74
N LEU C 13 -6.49 -11.39 6.93
CA LEU C 13 -5.69 -12.30 6.06
C LEU C 13 -5.50 -13.64 6.75
N GLN C 14 -5.59 -13.63 8.05
CA GLN C 14 -5.42 -14.90 8.83
C GLN C 14 -6.72 -15.70 8.83
N ASN C 15 -7.77 -15.15 8.28
CA ASN C 15 -9.07 -15.88 8.24
C ASN C 15 -9.39 -16.24 6.79
N ALA C 16 -8.94 -15.44 5.87
CA ALA C 16 -9.20 -15.71 4.43
C ALA C 16 -8.27 -16.81 3.95
N ASP C 17 -7.10 -16.85 4.49
CA ASP C 17 -6.15 -17.90 4.07
C ASP C 17 -5.40 -18.47 5.27
N PRO C 18 -5.51 -19.76 5.47
CA PRO C 18 -4.83 -20.43 6.60
C PRO C 18 -3.32 -20.51 6.35
N LEU C 19 -2.87 -20.11 5.19
CA LEU C 19 -1.40 -20.19 4.89
C LEU C 19 -0.77 -18.79 4.98
N LYS C 20 -1.48 -17.81 5.46
CA LYS C 20 -0.89 -16.45 5.56
C LYS C 20 -0.08 -16.31 6.84
N VAL C 21 1.12 -15.85 6.71
CA VAL C 21 1.98 -15.68 7.91
C VAL C 21 2.70 -14.35 7.90
N TYR C 22 2.87 -13.79 9.05
CA TYR C 22 3.62 -12.53 9.13
C TYR C 22 4.67 -12.70 10.21
N PRO C 23 5.76 -13.30 9.81
CA PRO C 23 6.86 -13.55 10.76
C PRO C 23 7.32 -12.24 11.40
N PRO C 24 7.76 -12.35 12.63
CA PRO C 24 8.20 -11.15 13.37
C PRO C 24 9.45 -10.56 12.74
N LEU C 25 9.29 -9.45 12.07
CA LEU C 25 10.46 -8.79 11.44
C LEU C 25 10.93 -7.69 12.39
N LYS C 26 11.59 -8.06 13.45
CA LYS C 26 12.07 -7.05 14.42
C LYS C 26 13.49 -6.58 14.09
N GLY C 27 14.15 -7.25 13.19
CA GLY C 27 15.54 -6.84 12.81
C GLY C 27 15.53 -5.35 12.44
N SER C 28 15.07 -5.06 11.26
CA SER C 28 15.00 -3.66 10.74
C SER C 28 14.17 -3.70 9.47
N PHE C 29 13.57 -2.62 9.08
CA PHE C 29 12.74 -2.67 7.82
C PHE C 29 13.52 -3.28 6.65
N PRO C 30 14.80 -2.94 6.51
CA PRO C 30 15.58 -3.53 5.40
C PRO C 30 15.97 -4.99 5.73
N GLU C 31 15.94 -5.34 6.98
CA GLU C 31 16.27 -6.74 7.40
C GLU C 31 14.96 -7.50 7.37
N ASN C 32 13.96 -6.83 7.82
CA ASN C 32 12.58 -7.39 7.85
C ASN C 32 12.13 -7.64 6.42
N LEU C 33 12.56 -6.80 5.51
CA LEU C 33 12.16 -6.99 4.09
C LEU C 33 12.95 -8.17 3.52
N ARG C 34 14.21 -8.16 3.75
CA ARG C 34 15.07 -9.30 3.28
C ARG C 34 14.71 -10.55 4.08
N HIS C 35 14.19 -10.37 5.26
CA HIS C 35 13.75 -11.54 6.06
C HIS C 35 12.48 -12.06 5.42
N LEU C 36 11.51 -11.22 5.23
CA LEU C 36 10.26 -11.68 4.55
C LEU C 36 10.63 -12.31 3.23
N LYS C 37 11.62 -11.75 2.61
CA LYS C 37 12.08 -12.25 1.30
C LYS C 37 12.81 -13.58 1.50
N ASN C 38 13.78 -13.55 2.34
CA ASN C 38 14.57 -14.78 2.63
C ASN C 38 13.73 -15.77 3.44
N THR C 39 12.59 -15.35 3.90
CA THR C 39 11.73 -16.25 4.72
C THR C 39 10.42 -16.57 4.01
N MET C 40 9.62 -15.56 3.78
CA MET C 40 8.32 -15.80 3.10
C MET C 40 8.55 -16.46 1.74
N GLU C 41 7.50 -16.78 1.05
CA GLU C 41 7.63 -17.41 -0.28
C GLU C 41 8.28 -16.44 -1.23
N THR C 42 9.30 -16.89 -1.87
CA THR C 42 10.02 -16.04 -2.87
C THR C 42 8.99 -15.41 -3.78
N ILE C 43 7.94 -16.12 -4.01
CA ILE C 43 6.88 -15.62 -4.90
C ILE C 43 5.97 -14.67 -4.16
N ASP C 44 5.87 -14.85 -2.90
CA ASP C 44 5.07 -13.88 -2.10
C ASP C 44 5.97 -12.68 -1.96
N TRP C 45 7.27 -12.93 -1.95
CA TRP C 45 8.23 -11.83 -1.91
C TRP C 45 8.23 -11.18 -3.28
N LYS C 46 8.08 -11.97 -4.31
CA LYS C 46 8.06 -11.37 -5.67
C LYS C 46 6.94 -10.37 -5.70
N VAL C 47 5.84 -10.84 -5.21
CA VAL C 47 4.63 -10.02 -5.16
C VAL C 47 4.79 -8.92 -4.12
N PHE C 48 5.44 -9.21 -3.02
CA PHE C 48 5.63 -8.17 -1.99
C PHE C 48 6.56 -7.10 -2.53
N GLU C 49 7.59 -7.51 -3.20
CA GLU C 49 8.53 -6.51 -3.78
C GLU C 49 7.74 -5.69 -4.80
N SER C 50 7.00 -6.34 -5.63
CA SER C 50 6.17 -5.58 -6.61
C SER C 50 5.20 -4.71 -5.82
N TRP C 51 4.79 -5.17 -4.67
CA TRP C 51 3.88 -4.37 -3.82
C TRP C 51 4.65 -3.20 -3.25
N MET C 52 5.88 -3.43 -2.91
CA MET C 52 6.73 -2.34 -2.38
C MET C 52 7.04 -1.40 -3.53
N HIS C 53 7.23 -1.95 -4.69
CA HIS C 53 7.53 -1.13 -5.90
C HIS C 53 6.28 -0.30 -6.22
N HIS C 54 5.13 -0.93 -6.26
CA HIS C 54 3.89 -0.17 -6.53
C HIS C 54 3.70 0.81 -5.39
N TRP C 55 3.89 0.35 -4.19
CA TRP C 55 3.81 1.25 -3.02
C TRP C 55 4.75 2.43 -3.28
N LEU C 56 5.90 2.13 -3.79
CA LEU C 56 6.90 3.18 -4.07
C LEU C 56 6.40 4.14 -5.15
N LEU C 57 6.08 3.64 -6.33
CA LEU C 57 5.56 4.55 -7.40
C LEU C 57 4.46 5.40 -6.84
N PHE C 58 3.42 4.75 -6.42
CA PHE C 58 2.23 5.46 -5.85
C PHE C 58 2.65 6.71 -5.06
N GLU C 59 3.41 6.51 -4.01
CA GLU C 59 3.87 7.68 -3.18
C GLU C 59 4.80 8.58 -3.99
N MET C 60 5.60 8.01 -4.85
CA MET C 60 6.51 8.86 -5.67
C MET C 60 5.64 9.70 -6.62
N SER C 61 4.88 9.07 -7.47
CA SER C 61 3.96 9.83 -8.36
C SER C 61 3.14 10.80 -7.50
N ARG C 62 2.80 10.34 -6.33
CA ARG C 62 2.02 11.16 -5.36
C ARG C 62 2.86 12.35 -4.84
N HIS C 63 4.14 12.33 -5.06
CA HIS C 63 4.99 13.46 -4.57
C HIS C 63 4.99 14.62 -5.57
N SER C 64 3.84 15.05 -5.99
CA SER C 64 3.77 16.18 -6.96
C SER C 64 3.74 17.52 -6.22
N LEU C 65 3.93 18.60 -6.94
CA LEU C 65 3.92 19.95 -6.29
C LEU C 65 4.99 20.05 -5.21
N GLU C 66 5.91 19.14 -5.20
CA GLU C 66 6.97 19.19 -4.18
C GLU C 66 8.34 19.33 -4.84
N GLN C 67 8.51 18.73 -5.99
CA GLN C 67 9.81 18.83 -6.70
C GLN C 67 9.89 20.12 -7.50
N LYS C 68 10.02 21.24 -6.83
CA LYS C 68 10.10 22.54 -7.55
C LYS C 68 11.52 23.11 -7.44
N PRO C 69 12.05 23.56 -8.56
CA PRO C 69 13.42 24.12 -8.57
C PRO C 69 13.44 25.51 -7.92
N THR C 70 14.36 25.74 -7.03
CA THR C 70 14.43 27.07 -6.36
C THR C 70 15.10 28.09 -7.28
N ASP C 71 14.46 28.43 -8.36
CA ASP C 71 15.06 29.43 -9.31
C ASP C 71 13.99 30.38 -9.82
N ALA C 72 14.23 31.66 -9.75
CA ALA C 72 13.21 32.64 -10.24
C ALA C 72 13.88 33.69 -11.16
N PRO C 73 13.08 34.29 -12.00
CA PRO C 73 13.62 35.32 -12.94
C PRO C 73 13.94 36.61 -12.19
N PRO C 74 14.78 37.43 -12.78
CA PRO C 74 15.16 38.71 -12.15
C PRO C 74 13.99 39.70 -12.18
N LYS C 75 14.15 40.85 -11.58
CA LYS C 75 13.06 41.86 -11.56
C LYS C 75 13.10 42.70 -12.84
N TYR A 1 6.38 7.07 1.94
CA TYR A 1 5.31 8.08 2.17
C TYR A 1 5.92 9.36 2.75
N GLY A 2 6.36 10.26 1.92
CA GLY A 2 6.96 11.52 2.43
C GLY A 2 8.11 11.18 3.37
N ASN A 3 8.84 10.14 3.07
CA ASN A 3 9.95 9.77 3.97
C ASN A 3 11.08 9.08 3.18
N MET A 4 12.08 8.63 3.86
CA MET A 4 13.20 7.93 3.16
C MET A 4 12.80 6.46 2.91
N THR A 5 11.73 6.00 3.51
CA THR A 5 11.30 4.60 3.29
C THR A 5 11.25 4.27 1.81
N GLU A 6 10.88 5.22 1.00
CA GLU A 6 10.81 4.94 -0.46
C GLU A 6 12.22 4.66 -0.98
N ASP A 7 13.20 5.35 -0.48
CA ASP A 7 14.60 5.06 -0.93
C ASP A 7 15.06 3.76 -0.30
N HIS A 8 14.52 3.43 0.83
CA HIS A 8 14.92 2.19 1.51
C HIS A 8 14.07 1.03 0.99
N VAL A 9 12.93 1.34 0.46
CA VAL A 9 12.03 0.32 -0.13
C VAL A 9 12.43 0.19 -1.59
N MET A 10 12.81 1.31 -2.17
CA MET A 10 13.24 1.30 -3.58
C MET A 10 14.50 0.45 -3.67
N HIS A 11 15.39 0.67 -2.75
CA HIS A 11 16.65 -0.12 -2.74
C HIS A 11 16.31 -1.59 -2.48
N LEU A 12 15.38 -1.84 -1.60
CA LEU A 12 14.98 -3.25 -1.34
C LEU A 12 14.42 -3.85 -2.62
N LEU A 13 14.03 -3.01 -3.55
CA LEU A 13 13.49 -3.50 -4.84
C LEU A 13 14.56 -3.43 -5.92
N GLN A 14 15.53 -2.59 -5.71
CA GLN A 14 16.64 -2.44 -6.69
C GLN A 14 17.70 -3.53 -6.50
N ASN A 15 17.56 -4.34 -5.48
CA ASN A 15 18.55 -5.42 -5.24
C ASN A 15 17.86 -6.78 -5.38
N ALA A 16 16.59 -6.84 -5.08
CA ALA A 16 15.86 -8.12 -5.20
C ALA A 16 15.64 -8.45 -6.66
N ASP A 17 15.48 -7.45 -7.45
CA ASP A 17 15.27 -7.70 -8.89
C ASP A 17 16.00 -6.66 -9.74
N PRO A 18 16.79 -7.12 -10.68
CA PRO A 18 17.54 -6.20 -11.56
C PRO A 18 16.62 -5.54 -12.59
N LEU A 19 15.35 -5.89 -12.59
CA LEU A 19 14.42 -5.27 -13.59
C LEU A 19 13.46 -4.29 -12.90
N LYS A 20 13.78 -3.87 -11.70
CA LYS A 20 12.89 -2.92 -10.99
C LYS A 20 13.31 -1.48 -11.28
N VAL A 21 12.36 -0.65 -11.62
CA VAL A 21 12.70 0.77 -11.91
C VAL A 21 11.64 1.70 -11.37
N TYR A 22 12.02 2.90 -11.10
CA TYR A 22 11.06 3.90 -10.63
C TYR A 22 11.37 5.19 -11.35
N PRO A 23 10.85 5.29 -12.55
CA PRO A 23 11.09 6.48 -13.37
C PRO A 23 10.65 7.74 -12.63
N PRO A 24 11.36 8.80 -12.87
CA PRO A 24 11.05 10.08 -12.19
C PRO A 24 9.68 10.58 -12.62
N LEU A 25 8.71 10.41 -11.77
CA LEU A 25 7.35 10.88 -12.11
C LEU A 25 7.23 12.33 -11.65
N LYS A 26 8.06 13.17 -12.18
CA LYS A 26 8.04 14.59 -11.79
C LYS A 26 6.72 15.24 -12.22
N GLY A 27 6.01 14.62 -13.12
CA GLY A 27 4.70 15.18 -13.56
C GLY A 27 3.77 15.21 -12.34
N SER A 28 2.49 15.24 -12.57
CA SER A 28 1.54 15.23 -11.43
C SER A 28 1.20 13.79 -11.10
N PHE A 29 0.61 13.54 -9.98
CA PHE A 29 0.28 12.15 -9.61
C PHE A 29 -0.52 11.43 -10.71
N PRO A 30 -1.44 12.12 -11.35
CA PRO A 30 -2.22 11.47 -12.43
C PRO A 30 -1.34 11.35 -13.68
N GLU A 31 -0.28 12.12 -13.74
CA GLU A 31 0.66 12.02 -14.90
C GLU A 31 1.68 10.96 -14.51
N ASN A 32 2.10 11.07 -13.31
CA ASN A 32 3.07 10.11 -12.73
C ASN A 32 2.49 8.71 -12.79
N LEU A 33 1.18 8.62 -12.65
CA LEU A 33 0.53 7.28 -12.70
C LEU A 33 0.40 6.83 -14.15
N ARG A 34 -0.09 7.70 -14.96
CA ARG A 34 -0.22 7.37 -16.41
C ARG A 34 1.16 7.25 -17.02
N HIS A 35 2.14 7.86 -16.41
CA HIS A 35 3.53 7.73 -16.92
C HIS A 35 4.01 6.34 -16.56
N LEU A 36 3.91 5.99 -15.31
CA LEU A 36 4.31 4.61 -14.90
C LEU A 36 3.54 3.62 -15.76
N LYS A 37 2.34 3.95 -16.05
CA LYS A 37 1.47 3.08 -16.86
C LYS A 37 1.95 3.11 -18.30
N ASN A 38 2.03 4.28 -18.83
CA ASN A 38 2.49 4.44 -20.24
C ASN A 38 3.99 4.16 -20.35
N THR A 39 4.65 4.00 -19.24
CA THR A 39 6.12 3.74 -19.28
C THR A 39 6.45 2.36 -18.73
N MET A 40 6.14 2.14 -17.48
CA MET A 40 6.45 0.80 -16.87
C MET A 40 5.74 -0.30 -17.66
N GLU A 41 5.96 -1.54 -17.28
CA GLU A 41 5.29 -2.66 -17.98
C GLU A 41 3.81 -2.57 -17.78
N THR A 42 3.09 -2.63 -18.84
CA THR A 42 1.60 -2.58 -18.76
C THR A 42 1.14 -3.57 -17.73
N ILE A 43 1.88 -4.61 -17.60
CA ILE A 43 1.52 -5.65 -16.61
C ILE A 43 1.99 -5.26 -15.24
N ASP A 44 3.01 -4.50 -15.17
CA ASP A 44 3.46 -4.00 -13.86
C ASP A 44 2.47 -2.89 -13.52
N TRP A 45 1.98 -2.25 -14.56
CA TRP A 45 0.96 -1.22 -14.36
C TRP A 45 -0.34 -1.94 -14.01
N LYS A 46 -0.57 -3.07 -14.61
CA LYS A 46 -1.82 -3.82 -14.28
C LYS A 46 -1.81 -4.07 -12.80
N VAL A 47 -0.68 -4.54 -12.38
CA VAL A 47 -0.49 -4.86 -10.96
C VAL A 47 -0.44 -3.58 -10.14
N PHE A 48 0.17 -2.54 -10.69
CA PHE A 48 0.22 -1.26 -9.94
C PHE A 48 -1.19 -0.70 -9.81
N GLU A 49 -1.95 -0.78 -10.86
CA GLU A 49 -3.34 -0.29 -10.80
C GLU A 49 -4.08 -1.13 -9.76
N SER A 50 -3.95 -2.42 -9.88
CA SER A 50 -4.59 -3.30 -8.87
C SER A 50 -4.04 -2.94 -7.50
N TRP A 51 -2.80 -2.53 -7.47
CA TRP A 51 -2.17 -2.12 -6.17
C TRP A 51 -2.82 -0.83 -5.71
N MET A 52 -3.07 0.06 -6.62
CA MET A 52 -3.72 1.34 -6.25
C MET A 52 -5.17 1.04 -5.89
N HIS A 53 -5.75 0.11 -6.60
CA HIS A 53 -7.15 -0.29 -6.33
C HIS A 53 -7.21 -0.94 -4.95
N HIS A 54 -6.31 -1.85 -4.66
CA HIS A 54 -6.29 -2.47 -3.31
C HIS A 54 -5.97 -1.38 -2.31
N TRP A 55 -4.98 -0.60 -2.62
CA TRP A 55 -4.64 0.55 -1.76
C TRP A 55 -5.91 1.37 -1.53
N LEU A 56 -6.68 1.52 -2.57
CA LEU A 56 -7.93 2.31 -2.46
C LEU A 56 -8.95 1.59 -1.58
N LEU A 57 -9.32 0.37 -1.91
CA LEU A 57 -10.30 -0.37 -1.07
C LEU A 57 -9.88 -0.27 0.38
N PHE A 58 -8.74 -0.82 0.67
CA PHE A 58 -8.21 -0.79 2.07
C PHE A 58 -8.53 0.54 2.76
N GLU A 59 -8.04 1.61 2.22
CA GLU A 59 -8.32 2.94 2.81
C GLU A 59 -9.82 3.17 2.92
N MET A 60 -10.53 2.89 1.89
CA MET A 60 -12.01 3.09 1.92
C MET A 60 -12.61 2.15 2.99
N SER A 61 -12.35 0.87 2.90
CA SER A 61 -12.86 -0.07 3.93
C SER A 61 -12.36 0.34 5.31
N ARG A 62 -11.11 0.70 5.43
CA ARG A 62 -10.58 1.10 6.75
C ARG A 62 -10.89 2.57 7.07
N HIS A 63 -11.76 3.19 6.31
CA HIS A 63 -12.13 4.61 6.60
C HIS A 63 -13.31 4.67 7.58
N SER A 64 -13.29 3.84 8.59
CA SER A 64 -14.42 3.85 9.57
C SER A 64 -14.48 5.16 10.33
N LEU A 65 -13.43 5.93 10.30
CA LEU A 65 -13.44 7.23 11.04
C LEU A 65 -13.85 8.36 10.11
N GLU A 66 -13.04 8.63 9.12
CA GLU A 66 -13.38 9.73 8.17
C GLU A 66 -14.55 9.32 7.28
N GLN A 67 -15.69 9.94 7.46
CA GLN A 67 -16.87 9.59 6.62
C GLN A 67 -17.94 10.68 6.72
N LYS A 68 -17.74 11.78 6.06
CA LYS A 68 -18.74 12.88 6.12
C LYS A 68 -19.05 13.24 7.58
N PRO A 69 -18.40 14.26 8.07
CA PRO A 69 -18.62 14.69 9.47
C PRO A 69 -19.96 15.41 9.61
N THR A 70 -20.39 15.66 10.81
CA THR A 70 -21.69 16.35 11.01
C THR A 70 -21.56 17.46 12.06
N ASP A 71 -22.65 17.90 12.60
CA ASP A 71 -22.58 18.97 13.63
C ASP A 71 -23.88 19.01 14.44
N ALA A 72 -23.78 19.14 15.74
CA ALA A 72 -25.01 19.19 16.58
C ALA A 72 -25.78 20.49 16.32
N PRO A 73 -25.11 21.60 16.49
CA PRO A 73 -25.76 22.91 16.27
C PRO A 73 -25.93 23.17 14.77
N PRO A 74 -27.03 23.78 14.41
CA PRO A 74 -27.30 24.08 12.98
C PRO A 74 -26.42 25.24 12.50
N LYS A 75 -26.13 26.19 13.36
CA LYS A 75 -25.27 27.33 12.95
C LYS A 75 -23.93 27.27 13.68
N TYR B 1 -5.67 7.76 1.41
CA TYR B 1 -5.53 7.69 2.90
C TYR B 1 -6.12 8.95 3.54
N GLY B 2 -7.40 8.94 3.82
CA GLY B 2 -8.03 10.14 4.44
C GLY B 2 -7.76 11.35 3.56
N ASN B 3 -7.78 11.16 2.27
CA ASN B 3 -7.52 12.30 1.37
C ASN B 3 -8.25 12.12 0.04
N MET B 4 -8.05 13.02 -0.88
CA MET B 4 -8.70 12.90 -2.21
C MET B 4 -7.89 11.94 -3.09
N THR B 5 -6.71 11.57 -2.67
CA THR B 5 -5.88 10.63 -3.47
C THR B 5 -6.69 9.40 -3.85
N GLU B 6 -7.57 8.97 -3.01
CA GLU B 6 -8.38 7.77 -3.34
C GLU B 6 -9.27 8.09 -4.53
N ASP B 7 -9.80 9.28 -4.59
CA ASP B 7 -10.65 9.64 -5.77
C ASP B 7 -9.76 9.87 -6.98
N HIS B 8 -8.54 10.26 -6.74
CA HIS B 8 -7.60 10.51 -7.84
C HIS B 8 -6.91 9.20 -8.24
N VAL B 9 -6.86 8.28 -7.32
CA VAL B 9 -6.27 6.95 -7.58
C VAL B 9 -7.39 6.08 -8.11
N MET B 10 -8.57 6.29 -7.58
CA MET B 10 -9.75 5.51 -8.05
C MET B 10 -9.98 5.85 -9.50
N HIS B 11 -9.91 7.11 -9.80
CA HIS B 11 -10.12 7.55 -11.22
C HIS B 11 -8.99 6.98 -12.07
N LEU B 12 -7.79 6.98 -11.55
CA LEU B 12 -6.65 6.41 -12.31
C LEU B 12 -6.91 4.93 -12.57
N LEU B 13 -7.80 4.35 -11.79
CA LEU B 13 -8.15 2.91 -11.96
C LEU B 13 -9.46 2.79 -12.73
N GLN B 14 -10.25 3.81 -12.71
CA GLN B 14 -11.55 3.79 -13.42
C GLN B 14 -11.35 4.13 -14.91
N ASN B 15 -10.16 4.48 -15.30
CA ASN B 15 -9.91 4.81 -16.73
C ASN B 15 -8.94 3.79 -17.33
N ALA B 16 -8.06 3.27 -16.51
CA ALA B 16 -7.09 2.26 -17.01
C ALA B 16 -7.80 0.96 -17.29
N ASP B 17 -8.80 0.67 -16.54
CA ASP B 17 -9.53 -0.59 -16.76
C ASP B 17 -11.04 -0.38 -16.55
N PRO B 18 -11.82 -0.79 -17.52
CA PRO B 18 -13.29 -0.64 -17.42
C PRO B 18 -13.88 -1.67 -16.45
N LEU B 19 -13.07 -2.53 -15.89
CA LEU B 19 -13.61 -3.55 -14.94
C LEU B 19 -13.19 -3.22 -13.50
N LYS B 20 -12.76 -2.02 -13.25
CA LYS B 20 -12.34 -1.65 -11.87
C LYS B 20 -13.53 -1.08 -11.09
N VAL B 21 -13.73 -1.56 -9.89
CA VAL B 21 -14.85 -1.04 -9.08
C VAL B 21 -14.45 -0.90 -7.63
N TYR B 22 -15.11 -0.02 -6.94
CA TYR B 22 -14.85 0.14 -5.51
C TYR B 22 -16.19 0.29 -4.82
N PRO B 23 -16.79 -0.83 -4.56
CA PRO B 23 -18.11 -0.83 -3.92
C PRO B 23 -18.06 -0.07 -2.60
N PRO B 24 -19.16 0.56 -2.28
CA PRO B 24 -19.23 1.36 -1.03
C PRO B 24 -19.11 0.45 0.17
N LEU B 25 -17.95 0.45 0.78
CA LEU B 25 -17.76 -0.41 1.98
C LEU B 25 -18.16 0.41 3.19
N LYS B 26 -19.39 0.82 3.23
CA LYS B 26 -19.88 1.64 4.37
C LYS B 26 -19.85 0.82 5.65
N GLY B 27 -19.78 -0.48 5.54
CA GLY B 27 -19.72 -1.33 6.76
C GLY B 27 -18.45 -0.98 7.53
N SER B 28 -17.98 -1.87 8.35
CA SER B 28 -16.74 -1.60 9.11
C SER B 28 -15.57 -2.10 8.27
N PHE B 29 -14.38 -1.73 8.60
CA PHE B 29 -13.20 -2.18 7.81
C PHE B 29 -13.17 -3.72 7.65
N PRO B 30 -13.51 -4.44 8.70
CA PRO B 30 -13.51 -5.92 8.58
C PRO B 30 -14.73 -6.36 7.77
N GLU B 31 -15.71 -5.51 7.65
CA GLU B 31 -16.91 -5.83 6.83
C GLU B 31 -16.61 -5.38 5.42
N ASN B 32 -16.04 -4.21 5.38
CA ASN B 32 -15.62 -3.61 4.09
C ASN B 32 -14.61 -4.51 3.41
N LEU B 33 -13.83 -5.20 4.20
CA LEU B 33 -12.81 -6.12 3.61
C LEU B 33 -13.49 -7.42 3.18
N ARG B 34 -14.27 -7.96 4.06
CA ARG B 34 -15.02 -9.21 3.73
C ARG B 34 -16.05 -8.90 2.66
N HIS B 35 -16.46 -7.66 2.56
CA HIS B 35 -17.43 -7.27 1.51
C HIS B 35 -16.67 -7.27 0.20
N LEU B 36 -15.58 -6.56 0.14
CA LEU B 36 -14.77 -6.57 -1.11
C LEU B 36 -14.43 -8.00 -1.46
N LYS B 37 -14.20 -8.78 -0.45
CA LYS B 37 -13.85 -10.19 -0.65
C LYS B 37 -15.08 -10.95 -1.12
N ASN B 38 -16.12 -10.84 -0.35
CA ASN B 38 -17.39 -11.54 -0.69
C ASN B 38 -18.07 -10.86 -1.89
N THR B 39 -17.55 -9.74 -2.30
CA THR B 39 -18.17 -9.01 -3.45
C THR B 39 -17.22 -8.95 -4.64
N MET B 40 -16.10 -8.32 -4.46
CA MET B 40 -15.13 -8.21 -5.59
C MET B 40 -14.72 -9.60 -6.06
N GLU B 41 -13.91 -9.67 -7.08
CA GLU B 41 -13.45 -10.98 -7.58
C GLU B 41 -12.61 -11.66 -6.52
N THR B 42 -12.94 -12.87 -6.23
CA THR B 42 -12.18 -13.65 -5.23
C THR B 42 -10.71 -13.54 -5.54
N ILE B 43 -10.44 -13.41 -6.80
CA ILE B 43 -9.02 -13.31 -7.24
C ILE B 43 -8.53 -11.90 -7.08
N ASP B 44 -9.41 -10.97 -7.16
CA ASP B 44 -9.01 -9.56 -6.92
C ASP B 44 -8.88 -9.47 -5.41
N TRP B 45 -9.68 -10.26 -4.73
CA TRP B 45 -9.59 -10.32 -3.26
C TRP B 45 -8.32 -11.08 -2.92
N LYS B 46 -8.00 -12.08 -3.70
CA LYS B 46 -6.76 -12.84 -3.40
C LYS B 46 -5.62 -11.86 -3.42
N VAL B 47 -5.63 -11.09 -4.46
CA VAL B 47 -4.60 -10.07 -4.67
C VAL B 47 -4.77 -8.96 -3.64
N PHE B 48 -5.99 -8.61 -3.30
CA PHE B 48 -6.19 -7.56 -2.29
C PHE B 48 -5.70 -8.06 -0.94
N GLU B 49 -6.00 -9.28 -0.64
CA GLU B 49 -5.53 -9.85 0.65
C GLU B 49 -4.00 -9.85 0.61
N SER B 50 -3.45 -10.35 -0.45
CA SER B 50 -1.97 -10.33 -0.57
C SER B 50 -1.51 -8.88 -0.51
N TRP B 51 -2.33 -7.98 -0.99
CA TRP B 51 -1.98 -6.53 -0.93
C TRP B 51 -2.03 -6.08 0.52
N MET B 52 -3.01 -6.55 1.23
CA MET B 52 -3.12 -6.17 2.66
C MET B 52 -1.99 -6.86 3.42
N HIS B 53 -1.68 -8.06 3.01
CA HIS B 53 -0.58 -8.83 3.65
C HIS B 53 0.75 -8.10 3.36
N HIS B 54 0.97 -7.73 2.12
CA HIS B 54 2.22 -6.96 1.80
C HIS B 54 2.15 -5.65 2.54
N TRP B 55 1.02 -5.00 2.45
CA TRP B 55 0.83 -3.75 3.20
C TRP B 55 1.17 -4.00 4.67
N LEU B 56 0.78 -5.14 5.15
CA LEU B 56 1.05 -5.49 6.56
C LEU B 56 2.54 -5.71 6.79
N LEU B 57 3.15 -6.63 6.07
CA LEU B 57 4.61 -6.85 6.25
C LEU B 57 5.34 -5.54 6.23
N PHE B 58 5.25 -4.87 5.11
CA PHE B 58 5.92 -3.54 4.95
C PHE B 58 5.84 -2.72 6.24
N GLU B 59 4.65 -2.43 6.67
CA GLU B 59 4.48 -1.65 7.93
C GLU B 59 5.18 -2.35 9.09
N MET B 60 4.98 -3.62 9.21
CA MET B 60 5.64 -4.37 10.32
C MET B 60 7.18 -4.29 10.12
N SER B 61 7.67 -4.69 8.98
CA SER B 61 9.13 -4.60 8.72
C SER B 61 9.61 -3.16 8.89
N ARG B 62 8.86 -2.22 8.37
CA ARG B 62 9.27 -0.79 8.49
C ARG B 62 8.85 -0.19 9.84
N HIS B 63 8.44 -1.01 10.77
CA HIS B 63 8.04 -0.47 12.11
C HIS B 63 9.27 -0.43 13.03
N SER B 64 10.40 0.02 12.53
CA SER B 64 11.63 0.08 13.37
C SER B 64 11.47 1.10 14.49
N LEU B 65 10.51 1.98 14.40
CA LEU B 65 10.32 2.99 15.47
C LEU B 65 9.27 2.51 16.47
N GLU B 66 8.06 2.36 16.03
CA GLU B 66 6.99 1.90 16.96
C GLU B 66 7.19 0.42 17.30
N GLN B 67 7.55 0.13 18.53
CA GLN B 67 7.76 -1.29 18.92
C GLN B 67 7.78 -1.42 20.45
N LYS B 68 6.63 -1.35 21.07
CA LYS B 68 6.58 -1.48 22.56
C LYS B 68 7.54 -0.47 23.21
N PRO B 69 7.00 0.65 23.61
CA PRO B 69 7.83 1.71 24.24
C PRO B 69 8.21 1.31 25.67
N THR B 70 9.10 2.03 26.28
CA THR B 70 9.52 1.67 27.67
C THR B 70 9.58 2.94 28.53
N ASP B 71 10.25 2.87 29.65
CA ASP B 71 10.34 4.07 30.53
C ASP B 71 11.52 3.91 31.50
N ALA B 72 12.29 4.95 31.68
CA ALA B 72 13.44 4.88 32.61
C ALA B 72 12.95 4.74 34.06
N PRO B 73 12.14 5.68 34.48
CA PRO B 73 11.60 5.64 35.86
C PRO B 73 10.52 4.56 35.99
N PRO B 74 10.50 3.90 37.12
CA PRO B 74 9.51 2.82 37.35
C PRO B 74 8.12 3.43 37.60
N LYS B 75 8.06 4.58 38.21
CA LYS B 75 6.74 5.21 38.47
C LYS B 75 6.59 6.49 37.65
N TYR C 1 -0.37 0.69 9.68
CA TYR C 1 0.60 1.82 9.71
C TYR C 1 0.66 2.41 11.13
N GLY C 2 1.49 1.89 11.97
CA GLY C 2 1.59 2.42 13.36
C GLY C 2 0.21 2.39 14.00
N ASN C 3 -0.55 1.38 13.72
CA ASN C 3 -1.91 1.30 14.31
C ASN C 3 -2.35 -0.15 14.48
N MET C 4 -3.56 -0.36 14.91
CA MET C 4 -4.06 -1.74 15.08
C MET C 4 -4.55 -2.28 13.73
N THR C 5 -4.66 -1.42 12.74
CA THR C 5 -5.12 -1.89 11.40
C THR C 5 -4.32 -3.10 10.95
N GLU C 6 -3.06 -3.15 11.28
CA GLU C 6 -2.25 -4.32 10.86
C GLU C 6 -2.78 -5.58 11.54
N ASP C 7 -3.19 -5.47 12.77
CA ASP C 7 -3.76 -6.67 13.45
C ASP C 7 -5.16 -6.95 12.90
N HIS C 8 -5.80 -5.93 12.43
CA HIS C 8 -7.16 -6.10 11.89
C HIS C 8 -7.07 -6.48 10.40
N VAL C 9 -5.97 -6.13 9.79
CA VAL C 9 -5.74 -6.48 8.37
C VAL C 9 -5.06 -7.84 8.38
N MET C 10 -4.23 -8.06 9.38
CA MET C 10 -3.54 -9.36 9.48
C MET C 10 -4.58 -10.43 9.71
N HIS C 11 -5.50 -10.13 10.59
CA HIS C 11 -6.59 -11.12 10.87
C HIS C 11 -7.44 -11.29 9.62
N LEU C 12 -7.68 -10.22 8.90
CA LEU C 12 -8.46 -10.33 7.65
C LEU C 12 -7.71 -11.23 6.67
N LEU C 13 -6.43 -11.39 6.90
CA LEU C 13 -5.61 -12.26 6.02
C LEU C 13 -5.40 -13.62 6.67
N GLN C 14 -5.54 -13.68 7.97
CA GLN C 14 -5.36 -14.95 8.70
C GLN C 14 -6.64 -15.79 8.66
N ASN C 15 -7.69 -15.25 8.10
CA ASN C 15 -8.97 -16.02 8.02
C ASN C 15 -9.32 -16.27 6.55
N ALA C 16 -8.92 -15.38 5.68
CA ALA C 16 -9.21 -15.56 4.24
C ALA C 16 -8.35 -16.67 3.68
N ASP C 17 -7.17 -16.79 4.19
CA ASP C 17 -6.28 -17.86 3.69
C ASP C 17 -5.49 -18.49 4.85
N PRO C 18 -5.54 -19.80 4.93
CA PRO C 18 -4.82 -20.52 6.01
C PRO C 18 -3.30 -20.54 5.74
N LEU C 19 -2.87 -20.00 4.63
CA LEU C 19 -1.41 -20.00 4.32
C LEU C 19 -0.82 -18.60 4.45
N LYS C 20 -1.50 -17.72 5.12
CA LYS C 20 -0.98 -16.33 5.29
C LYS C 20 -0.16 -16.23 6.58
N VAL C 21 1.01 -15.67 6.49
CA VAL C 21 1.85 -15.52 7.71
C VAL C 21 2.56 -14.19 7.73
N TYR C 22 2.88 -13.75 8.90
CA TYR C 22 3.62 -12.49 9.03
C TYR C 22 4.69 -12.71 10.08
N PRO C 23 5.76 -13.29 9.66
CA PRO C 23 6.87 -13.58 10.59
C PRO C 23 7.33 -12.32 11.29
N PRO C 24 7.75 -12.47 12.52
CA PRO C 24 8.20 -11.31 13.31
C PRO C 24 9.45 -10.70 12.69
N LEU C 25 9.29 -9.60 12.02
CA LEU C 25 10.46 -8.95 11.40
C LEU C 25 11.05 -7.98 12.41
N LYS C 26 11.46 -8.51 13.52
CA LYS C 26 12.04 -7.67 14.59
C LYS C 26 13.35 -7.03 14.10
N GLY C 27 13.93 -7.57 13.07
CA GLY C 27 15.18 -6.97 12.52
C GLY C 27 14.89 -5.55 12.06
N SER C 28 15.69 -5.01 11.19
CA SER C 28 15.43 -3.65 10.69
C SER C 28 14.54 -3.77 9.45
N PHE C 29 13.97 -2.70 9.01
CA PHE C 29 13.08 -2.77 7.81
C PHE C 29 13.78 -3.44 6.62
N PRO C 30 15.05 -3.16 6.41
CA PRO C 30 15.76 -3.81 5.29
C PRO C 30 16.07 -5.27 5.64
N GLU C 31 16.02 -5.59 6.91
CA GLU C 31 16.25 -7.00 7.33
C GLU C 31 14.89 -7.66 7.31
N ASN C 32 13.95 -6.94 7.82
CA ASN C 32 12.55 -7.40 7.85
C ASN C 32 12.06 -7.65 6.43
N LEU C 33 12.57 -6.89 5.50
CA LEU C 33 12.16 -7.08 4.08
C LEU C 33 12.90 -8.26 3.49
N ARG C 34 14.18 -8.28 3.69
CA ARG C 34 15.00 -9.42 3.19
C ARG C 34 14.63 -10.68 3.96
N HIS C 35 14.11 -10.52 5.14
CA HIS C 35 13.67 -11.70 5.94
C HIS C 35 12.39 -12.21 5.29
N LEU C 36 11.42 -11.36 5.13
CA LEU C 36 10.17 -11.78 4.45
C LEU C 36 10.54 -12.39 3.09
N LYS C 37 11.52 -11.83 2.49
CA LYS C 37 11.98 -12.30 1.17
C LYS C 37 12.69 -13.63 1.33
N ASN C 38 13.67 -13.64 2.18
CA ASN C 38 14.45 -14.87 2.43
C ASN C 38 13.61 -15.88 3.23
N THR C 39 12.46 -15.46 3.70
CA THR C 39 11.61 -16.38 4.51
C THR C 39 10.30 -16.66 3.80
N MET C 40 9.51 -15.64 3.58
CA MET C 40 8.19 -15.86 2.90
C MET C 40 8.42 -16.50 1.53
N GLU C 41 7.36 -16.79 0.83
CA GLU C 41 7.49 -17.40 -0.52
C GLU C 41 8.15 -16.40 -1.44
N THR C 42 9.17 -16.84 -2.10
CA THR C 42 9.89 -15.96 -3.07
C THR C 42 8.87 -15.30 -3.96
N ILE C 43 7.81 -16.00 -4.20
CA ILE C 43 6.77 -15.47 -5.08
C ILE C 43 5.85 -14.53 -4.31
N ASP C 44 5.74 -14.75 -3.06
CA ASP C 44 4.95 -13.81 -2.23
C ASP C 44 5.87 -12.62 -2.07
N TRP C 45 7.15 -12.87 -2.06
CA TRP C 45 8.13 -11.78 -1.98
C TRP C 45 8.13 -11.10 -3.34
N LYS C 46 7.99 -11.85 -4.40
CA LYS C 46 7.97 -11.22 -5.73
C LYS C 46 6.86 -10.21 -5.73
N VAL C 47 5.75 -10.67 -5.27
CA VAL C 47 4.54 -9.84 -5.18
C VAL C 47 4.73 -8.76 -4.12
N PHE C 48 5.38 -9.10 -3.03
CA PHE C 48 5.60 -8.08 -1.98
C PHE C 48 6.55 -7.01 -2.51
N GLU C 49 7.55 -7.42 -3.21
CA GLU C 49 8.49 -6.43 -3.79
C GLU C 49 7.71 -5.58 -4.77
N SER C 50 6.97 -6.22 -5.63
CA SER C 50 6.14 -5.45 -6.59
C SER C 50 5.18 -4.59 -5.78
N TRP C 51 4.78 -5.07 -4.64
CA TRP C 51 3.87 -4.29 -3.76
C TRP C 51 4.64 -3.09 -3.21
N MET C 52 5.85 -3.31 -2.84
CA MET C 52 6.67 -2.19 -2.32
C MET C 52 6.99 -1.26 -3.47
N HIS C 53 7.21 -1.83 -4.63
CA HIS C 53 7.51 -1.03 -5.84
C HIS C 53 6.25 -0.20 -6.17
N HIS C 54 5.10 -0.82 -6.19
CA HIS C 54 3.86 -0.04 -6.47
C HIS C 54 3.68 0.94 -5.33
N TRP C 55 3.85 0.48 -4.14
CA TRP C 55 3.77 1.38 -2.97
C TRP C 55 4.72 2.55 -3.21
N LEU C 56 5.87 2.24 -3.75
CA LEU C 56 6.87 3.29 -4.01
C LEU C 56 6.40 4.23 -5.12
N LEU C 57 6.10 3.72 -6.29
CA LEU C 57 5.61 4.60 -7.38
C LEU C 57 4.52 5.50 -6.86
N PHE C 58 3.45 4.89 -6.45
CA PHE C 58 2.29 5.67 -5.89
C PHE C 58 2.78 6.87 -5.08
N GLU C 59 3.49 6.61 -4.03
CA GLU C 59 4.02 7.71 -3.18
C GLU C 59 4.83 8.69 -4.01
N MET C 60 5.70 8.18 -4.84
CA MET C 60 6.52 9.08 -5.69
C MET C 60 5.59 9.86 -6.64
N SER C 61 4.78 9.16 -7.41
CA SER C 61 3.82 9.84 -8.31
C SER C 61 2.92 10.79 -7.51
N ARG C 62 2.43 10.34 -6.39
CA ARG C 62 1.53 11.19 -5.56
C ARG C 62 2.33 12.16 -4.67
N HIS C 63 3.61 12.30 -4.91
CA HIS C 63 4.43 13.24 -4.09
C HIS C 63 4.41 14.64 -4.73
N SER C 64 3.27 15.08 -5.19
CA SER C 64 3.20 16.42 -5.84
C SER C 64 3.49 17.53 -4.84
N LEU C 65 3.43 17.24 -3.57
CA LEU C 65 3.70 18.29 -2.55
C LEU C 65 5.17 18.23 -2.12
N GLU C 66 5.56 17.16 -1.50
CA GLU C 66 6.97 17.03 -1.04
C GLU C 66 7.90 16.84 -2.25
N GLN C 67 8.70 17.82 -2.55
CA GLN C 67 9.63 17.70 -3.71
C GLN C 67 10.72 18.77 -3.63
N LYS C 68 11.69 18.59 -2.78
CA LYS C 68 12.79 19.59 -2.65
C LYS C 68 12.20 21.00 -2.43
N PRO C 69 12.14 21.40 -1.19
CA PRO C 69 11.59 22.73 -0.85
C PRO C 69 12.58 23.83 -1.23
N THR C 70 12.17 25.06 -1.19
CA THR C 70 13.09 26.17 -1.55
C THR C 70 12.96 27.31 -0.54
N ASP C 71 13.41 28.48 -0.89
CA ASP C 71 13.33 29.62 0.06
C ASP C 71 13.48 30.96 -0.69
N ALA C 72 12.66 31.91 -0.39
CA ALA C 72 12.75 33.23 -1.08
C ALA C 72 14.05 33.94 -0.68
N PRO C 73 14.24 34.13 0.60
CA PRO C 73 15.46 34.82 1.08
C PRO C 73 16.67 33.88 0.98
N PRO C 74 17.80 34.44 0.63
CA PRO C 74 19.05 33.63 0.49
C PRO C 74 19.58 33.23 1.87
N LYS C 75 19.41 34.07 2.84
CA LYS C 75 19.91 33.74 4.21
C LYS C 75 18.74 33.53 5.17
N TYR A 1 1.42 10.70 3.46
CA TYR A 1 2.14 9.74 2.57
C TYR A 1 3.41 10.39 2.02
N GLY A 2 4.47 9.64 1.88
CA GLY A 2 5.73 10.20 1.34
C GLY A 2 6.79 10.28 2.43
N ASN A 3 7.90 9.62 2.23
CA ASN A 3 8.98 9.66 3.25
C ASN A 3 10.24 8.98 2.73
N MET A 4 11.24 8.82 3.56
CA MET A 4 12.50 8.16 3.12
C MET A 4 12.25 6.68 2.85
N THR A 5 11.25 6.12 3.46
CA THR A 5 10.93 4.67 3.26
C THR A 5 10.97 4.31 1.77
N GLU A 6 10.67 5.25 0.91
CA GLU A 6 10.69 4.94 -0.54
C GLU A 6 12.12 4.68 -1.00
N ASP A 7 13.06 5.41 -0.48
CA ASP A 7 14.48 5.15 -0.89
C ASP A 7 14.96 3.86 -0.23
N HIS A 8 14.39 3.55 0.89
CA HIS A 8 14.79 2.32 1.61
C HIS A 8 13.97 1.14 1.07
N VAL A 9 12.83 1.43 0.51
CA VAL A 9 11.98 0.38 -0.09
C VAL A 9 12.42 0.23 -1.54
N MET A 10 12.79 1.34 -2.13
CA MET A 10 13.26 1.30 -3.53
C MET A 10 14.54 0.50 -3.58
N HIS A 11 15.40 0.73 -2.62
CA HIS A 11 16.67 -0.03 -2.59
C HIS A 11 16.35 -1.50 -2.34
N LEU A 12 15.39 -1.76 -1.50
CA LEU A 12 15.00 -3.17 -1.23
C LEU A 12 14.46 -3.79 -2.52
N LEU A 13 14.04 -2.96 -3.44
CA LEU A 13 13.51 -3.47 -4.74
C LEU A 13 14.61 -3.36 -5.80
N GLN A 14 15.54 -2.49 -5.59
CA GLN A 14 16.65 -2.32 -6.58
C GLN A 14 17.71 -3.41 -6.39
N ASN A 15 17.56 -4.23 -5.37
CA ASN A 15 18.55 -5.31 -5.15
C ASN A 15 17.88 -6.67 -5.35
N ALA A 16 16.61 -6.76 -5.07
CA ALA A 16 15.90 -8.04 -5.27
C ALA A 16 15.72 -8.31 -6.74
N ASP A 17 15.64 -7.27 -7.51
CA ASP A 17 15.46 -7.47 -8.96
C ASP A 17 16.25 -6.42 -9.75
N PRO A 18 17.03 -6.87 -10.70
CA PRO A 18 17.83 -5.93 -11.52
C PRO A 18 16.94 -5.22 -12.54
N LEU A 19 15.67 -5.54 -12.59
CA LEU A 19 14.77 -4.87 -13.58
C LEU A 19 13.77 -3.95 -12.87
N LYS A 20 14.02 -3.63 -11.63
CA LYS A 20 13.08 -2.73 -10.90
C LYS A 20 13.43 -1.28 -11.17
N VAL A 21 12.47 -0.51 -11.58
CA VAL A 21 12.76 0.92 -11.87
C VAL A 21 11.65 1.82 -11.35
N TYR A 22 12.01 3.00 -11.02
CA TYR A 22 11.02 3.99 -10.58
C TYR A 22 11.36 5.29 -11.27
N PRO A 23 10.88 5.42 -12.48
CA PRO A 23 11.17 6.63 -13.28
C PRO A 23 10.72 7.88 -12.54
N PRO A 24 11.38 8.96 -12.85
CA PRO A 24 11.05 10.24 -12.18
C PRO A 24 9.67 10.72 -12.58
N LEU A 25 8.70 10.49 -11.74
CA LEU A 25 7.33 10.98 -12.05
C LEU A 25 7.24 12.38 -11.47
N LYS A 26 7.42 13.38 -12.28
CA LYS A 26 7.40 14.77 -11.76
C LYS A 26 6.20 15.56 -12.31
N GLY A 27 5.56 15.06 -13.33
CA GLY A 27 4.37 15.79 -13.90
C GLY A 27 3.39 16.09 -12.77
N SER A 28 2.66 15.09 -12.37
CA SER A 28 1.67 15.20 -11.27
C SER A 28 1.30 13.77 -10.88
N PHE A 29 0.60 13.57 -9.80
CA PHE A 29 0.26 12.17 -9.42
C PHE A 29 -0.59 11.45 -10.48
N PRO A 30 -1.48 12.17 -11.14
CA PRO A 30 -2.31 11.52 -12.19
C PRO A 30 -1.47 11.38 -13.47
N GLU A 31 -0.40 12.14 -13.56
CA GLU A 31 0.50 12.05 -14.75
C GLU A 31 1.57 11.03 -14.39
N ASN A 32 2.00 11.12 -13.19
CA ASN A 32 3.02 10.19 -12.65
C ASN A 32 2.45 8.77 -12.72
N LEU A 33 1.15 8.66 -12.57
CA LEU A 33 0.51 7.31 -12.63
C LEU A 33 0.38 6.88 -14.09
N ARG A 34 -0.15 7.74 -14.89
CA ARG A 34 -0.28 7.42 -16.35
C ARG A 34 1.12 7.34 -16.95
N HIS A 35 2.08 7.96 -16.33
CA HIS A 35 3.48 7.86 -16.84
C HIS A 35 3.96 6.46 -16.50
N LEU A 36 3.86 6.08 -15.27
CA LEU A 36 4.26 4.70 -14.87
C LEU A 36 3.52 3.72 -15.76
N LYS A 37 2.31 4.04 -16.05
CA LYS A 37 1.46 3.18 -16.88
C LYS A 37 1.95 3.23 -18.31
N ASN A 38 2.03 4.41 -18.83
CA ASN A 38 2.50 4.60 -20.23
C ASN A 38 4.00 4.33 -20.34
N THR A 39 4.67 4.18 -19.22
CA THR A 39 6.14 3.95 -19.25
C THR A 39 6.48 2.56 -18.72
N MET A 40 6.15 2.30 -17.49
CA MET A 40 6.47 0.97 -16.90
C MET A 40 5.78 -0.14 -17.70
N GLU A 41 5.99 -1.36 -17.32
CA GLU A 41 5.34 -2.49 -18.03
C GLU A 41 3.85 -2.41 -17.84
N THR A 42 3.16 -2.43 -18.93
CA THR A 42 1.67 -2.39 -18.88
C THR A 42 1.19 -3.41 -17.87
N ILE A 43 1.93 -4.46 -17.77
CA ILE A 43 1.56 -5.55 -16.85
C ILE A 43 2.00 -5.21 -15.45
N ASP A 44 3.03 -4.45 -15.34
CA ASP A 44 3.44 -3.99 -13.99
C ASP A 44 2.46 -2.90 -13.65
N TRP A 45 1.97 -2.23 -14.67
CA TRP A 45 0.95 -1.19 -14.45
C TRP A 45 -0.35 -1.90 -14.14
N LYS A 46 -0.57 -3.04 -14.78
CA LYS A 46 -1.82 -3.79 -14.49
C LYS A 46 -1.83 -4.07 -13.01
N VAL A 47 -0.72 -4.55 -12.59
CA VAL A 47 -0.53 -4.91 -11.18
C VAL A 47 -0.49 -3.65 -10.32
N PHE A 48 0.13 -2.61 -10.82
CA PHE A 48 0.18 -1.35 -10.04
C PHE A 48 -1.22 -0.77 -9.92
N GLU A 49 -1.98 -0.84 -10.98
CA GLU A 49 -3.37 -0.34 -10.91
C GLU A 49 -4.13 -1.20 -9.92
N SER A 50 -3.97 -2.49 -10.01
CA SER A 50 -4.63 -3.39 -9.04
C SER A 50 -4.07 -3.06 -7.66
N TRP A 51 -2.83 -2.65 -7.63
CA TRP A 51 -2.21 -2.28 -6.32
C TRP A 51 -2.84 -0.98 -5.84
N MET A 52 -3.08 -0.09 -6.76
CA MET A 52 -3.71 1.19 -6.39
C MET A 52 -5.17 0.91 -6.02
N HIS A 53 -5.76 0.00 -6.72
CA HIS A 53 -7.16 -0.39 -6.44
C HIS A 53 -7.21 -1.03 -5.05
N HIS A 54 -6.31 -1.97 -4.79
CA HIS A 54 -6.29 -2.59 -3.44
C HIS A 54 -5.96 -1.51 -2.44
N TRP A 55 -4.96 -0.73 -2.74
CA TRP A 55 -4.62 0.40 -1.86
C TRP A 55 -5.89 1.23 -1.63
N LEU A 56 -6.64 1.42 -2.67
CA LEU A 56 -7.88 2.22 -2.56
C LEU A 56 -8.89 1.50 -1.69
N LEU A 57 -9.26 0.28 -2.00
CA LEU A 57 -10.23 -0.44 -1.13
C LEU A 57 -9.80 -0.34 0.30
N PHE A 58 -8.67 -0.92 0.58
CA PHE A 58 -8.11 -0.90 1.98
C PHE A 58 -8.36 0.46 2.65
N GLU A 59 -7.82 1.50 2.10
CA GLU A 59 -8.01 2.84 2.69
C GLU A 59 -9.50 3.18 2.78
N MET A 60 -10.26 2.74 1.82
CA MET A 60 -11.72 3.02 1.86
C MET A 60 -12.35 2.12 2.94
N SER A 61 -12.22 0.83 2.81
CA SER A 61 -12.74 -0.09 3.85
C SER A 61 -12.26 0.37 5.22
N ARG A 62 -11.01 0.73 5.29
CA ARG A 62 -10.43 1.19 6.59
C ARG A 62 -10.75 2.68 6.84
N HIS A 63 -11.58 3.28 6.03
CA HIS A 63 -11.91 4.72 6.25
C HIS A 63 -13.09 4.84 7.24
N SER A 64 -13.01 4.17 8.35
CA SER A 64 -14.12 4.24 9.35
C SER A 64 -13.95 5.46 10.26
N LEU A 65 -12.79 6.06 10.27
CA LEU A 65 -12.58 7.26 11.14
C LEU A 65 -12.68 8.53 10.31
N GLU A 66 -12.01 8.56 9.20
CA GLU A 66 -12.04 9.78 8.34
C GLU A 66 -13.37 9.86 7.60
N GLN A 67 -14.40 10.35 8.24
CA GLN A 67 -15.73 10.46 7.57
C GLN A 67 -16.66 11.36 8.38
N LYS A 68 -17.30 12.30 7.74
CA LYS A 68 -18.21 13.22 8.48
C LYS A 68 -19.67 12.74 8.32
N PRO A 69 -20.46 13.00 9.32
CA PRO A 69 -21.89 12.59 9.28
C PRO A 69 -22.67 13.49 8.33
N THR A 70 -23.83 13.06 7.91
CA THR A 70 -24.63 13.91 6.98
C THR A 70 -26.11 13.50 7.03
N ASP A 71 -26.98 14.43 7.25
CA ASP A 71 -28.43 14.09 7.30
C ASP A 71 -29.28 15.35 7.17
N ALA A 72 -30.46 15.24 6.65
CA ALA A 72 -31.34 16.43 6.49
C ALA A 72 -32.80 15.99 6.28
N PRO A 73 -33.70 16.81 6.77
CA PRO A 73 -35.14 16.49 6.63
C PRO A 73 -35.61 16.66 5.17
N PRO A 74 -36.65 15.96 4.81
CA PRO A 74 -37.18 16.06 3.42
C PRO A 74 -37.93 17.38 3.23
N LYS A 75 -38.12 17.79 2.01
CA LYS A 75 -38.84 19.08 1.77
C LYS A 75 -40.35 18.89 1.96
N TYR B 1 -4.11 7.39 7.55
CA TYR B 1 -4.56 6.80 6.25
C TYR B 1 -5.92 7.38 5.86
N GLY B 2 -6.13 7.60 4.58
CA GLY B 2 -7.44 8.16 4.13
C GLY B 2 -7.27 9.58 3.63
N ASN B 3 -7.60 9.82 2.38
CA ASN B 3 -7.47 11.20 1.84
C ASN B 3 -8.09 11.29 0.44
N MET B 4 -7.94 12.40 -0.21
CA MET B 4 -8.52 12.57 -1.57
C MET B 4 -7.77 11.66 -2.56
N THR B 5 -6.55 11.31 -2.26
CA THR B 5 -5.76 10.43 -3.17
C THR B 5 -6.60 9.24 -3.64
N GLU B 6 -7.54 8.80 -2.85
CA GLU B 6 -8.37 7.65 -3.27
C GLU B 6 -9.24 8.03 -4.45
N ASP B 7 -9.76 9.23 -4.45
CA ASP B 7 -10.60 9.66 -5.60
C ASP B 7 -9.70 9.92 -6.80
N HIS B 8 -8.49 10.28 -6.53
CA HIS B 8 -7.54 10.57 -7.64
C HIS B 8 -6.87 9.26 -8.07
N VAL B 9 -6.83 8.31 -7.17
CA VAL B 9 -6.24 6.98 -7.48
C VAL B 9 -7.37 6.13 -8.05
N MET B 10 -8.55 6.34 -7.53
CA MET B 10 -9.73 5.57 -8.03
C MET B 10 -9.97 5.98 -9.47
N HIS B 11 -9.87 7.24 -9.73
CA HIS B 11 -10.07 7.72 -11.13
C HIS B 11 -8.95 7.16 -12.00
N LEU B 12 -7.76 7.10 -11.47
CA LEU B 12 -6.63 6.53 -12.24
C LEU B 12 -6.90 5.05 -12.51
N LEU B 13 -7.75 4.46 -11.73
CA LEU B 13 -8.11 3.03 -11.92
C LEU B 13 -9.42 2.93 -12.68
N GLN B 14 -10.22 3.95 -12.61
CA GLN B 14 -11.53 3.95 -13.32
C GLN B 14 -11.35 4.27 -14.80
N ASN B 15 -10.15 4.62 -15.21
CA ASN B 15 -9.91 4.94 -16.64
C ASN B 15 -8.98 3.89 -17.25
N ALA B 16 -8.11 3.32 -16.45
CA ALA B 16 -7.19 2.28 -16.98
C ALA B 16 -7.95 1.01 -17.24
N ASP B 17 -8.99 0.80 -16.51
CA ASP B 17 -9.79 -0.43 -16.71
C ASP B 17 -11.28 -0.15 -16.51
N PRO B 18 -12.07 -0.55 -17.48
CA PRO B 18 -13.54 -0.33 -17.39
C PRO B 18 -14.17 -1.32 -16.40
N LEU B 19 -13.40 -2.20 -15.82
CA LEU B 19 -13.99 -3.18 -14.86
C LEU B 19 -13.49 -2.89 -13.43
N LYS B 20 -12.94 -1.73 -13.20
CA LYS B 20 -12.46 -1.40 -11.84
C LYS B 20 -13.60 -0.83 -11.00
N VAL B 21 -13.83 -1.40 -9.86
CA VAL B 21 -14.92 -0.90 -8.99
C VAL B 21 -14.50 -0.82 -7.54
N TYR B 22 -15.11 0.08 -6.84
CA TYR B 22 -14.84 0.20 -5.40
C TYR B 22 -16.18 0.39 -4.72
N PRO B 23 -16.82 -0.72 -4.47
CA PRO B 23 -18.16 -0.67 -3.84
C PRO B 23 -18.11 0.09 -2.52
N PRO B 24 -19.22 0.65 -2.15
CA PRO B 24 -19.29 1.44 -0.91
C PRO B 24 -19.14 0.53 0.31
N LEU B 25 -17.96 0.49 0.85
CA LEU B 25 -17.75 -0.34 2.07
C LEU B 25 -18.06 0.56 3.26
N LYS B 26 -19.25 0.47 3.79
CA LYS B 26 -19.62 1.36 4.92
C LYS B 26 -19.84 0.57 6.22
N GLY B 27 -19.94 -0.73 6.14
CA GLY B 27 -20.11 -1.54 7.39
C GLY B 27 -19.01 -1.17 8.39
N SER B 28 -17.85 -1.69 8.15
CA SER B 28 -16.67 -1.43 9.00
C SER B 28 -15.44 -1.90 8.22
N PHE B 29 -14.26 -1.59 8.64
CA PHE B 29 -13.07 -2.05 7.86
C PHE B 29 -12.99 -3.58 7.74
N PRO B 30 -13.37 -4.30 8.78
CA PRO B 30 -13.33 -5.78 8.69
C PRO B 30 -14.54 -6.27 7.91
N GLU B 31 -15.55 -5.45 7.78
CA GLU B 31 -16.75 -5.81 6.98
C GLU B 31 -16.50 -5.33 5.57
N ASN B 32 -15.94 -4.17 5.50
CA ASN B 32 -15.59 -3.55 4.20
C ASN B 32 -14.59 -4.47 3.49
N LEU B 33 -13.78 -5.16 4.26
CA LEU B 33 -12.77 -6.07 3.66
C LEU B 33 -13.46 -7.36 3.25
N ARG B 34 -14.21 -7.92 4.13
CA ARG B 34 -14.97 -9.17 3.81
C ARG B 34 -16.02 -8.84 2.76
N HIS B 35 -16.42 -7.60 2.69
CA HIS B 35 -17.40 -7.21 1.65
C HIS B 35 -16.67 -7.21 0.32
N LEU B 36 -15.57 -6.52 0.25
CA LEU B 36 -14.76 -6.53 -1.01
C LEU B 36 -14.47 -7.97 -1.36
N LYS B 37 -14.23 -8.76 -0.37
CA LYS B 37 -13.91 -10.18 -0.58
C LYS B 37 -15.16 -10.91 -1.03
N ASN B 38 -16.19 -10.79 -0.25
CA ASN B 38 -17.47 -11.46 -0.58
C ASN B 38 -18.15 -10.77 -1.77
N THR B 39 -17.64 -9.63 -2.18
CA THR B 39 -18.27 -8.90 -3.31
C THR B 39 -17.33 -8.84 -4.51
N MET B 40 -16.19 -8.24 -4.34
CA MET B 40 -15.24 -8.15 -5.49
C MET B 40 -14.84 -9.55 -5.97
N GLU B 41 -14.01 -9.61 -6.98
CA GLU B 41 -13.57 -10.93 -7.50
C GLU B 41 -12.75 -11.62 -6.45
N THR B 42 -13.12 -12.81 -6.14
CA THR B 42 -12.36 -13.61 -5.13
C THR B 42 -10.90 -13.55 -5.48
N ILE B 43 -10.64 -13.46 -6.74
CA ILE B 43 -9.24 -13.41 -7.21
C ILE B 43 -8.69 -12.01 -7.07
N ASP B 44 -9.54 -11.05 -7.14
CA ASP B 44 -9.08 -9.67 -6.91
C ASP B 44 -8.95 -9.56 -5.41
N TRP B 45 -9.75 -10.33 -4.70
CA TRP B 45 -9.65 -10.38 -3.24
C TRP B 45 -8.40 -11.17 -2.90
N LYS B 46 -8.12 -12.19 -3.68
CA LYS B 46 -6.89 -12.98 -3.41
C LYS B 46 -5.73 -12.03 -3.44
N VAL B 47 -5.74 -11.25 -4.47
CA VAL B 47 -4.68 -10.26 -4.70
C VAL B 47 -4.81 -9.15 -3.66
N PHE B 48 -6.02 -8.76 -3.35
CA PHE B 48 -6.19 -7.68 -2.34
C PHE B 48 -5.71 -8.19 -0.98
N GLU B 49 -6.02 -9.41 -0.68
CA GLU B 49 -5.55 -9.97 0.62
C GLU B 49 -4.03 -10.01 0.57
N SER B 50 -3.48 -10.48 -0.51
CA SER B 50 -2.01 -10.50 -0.64
C SER B 50 -1.52 -9.05 -0.59
N TRP B 51 -2.34 -8.15 -1.08
CA TRP B 51 -1.97 -6.71 -1.04
C TRP B 51 -2.03 -6.24 0.40
N MET B 52 -3.01 -6.69 1.11
CA MET B 52 -3.13 -6.30 2.53
C MET B 52 -2.00 -6.99 3.30
N HIS B 53 -1.68 -8.18 2.91
CA HIS B 53 -0.59 -8.94 3.56
C HIS B 53 0.73 -8.20 3.27
N HIS B 54 0.95 -7.85 2.03
CA HIS B 54 2.20 -7.10 1.69
C HIS B 54 2.13 -5.77 2.42
N TRP B 55 1.01 -5.12 2.33
CA TRP B 55 0.83 -3.85 3.07
C TRP B 55 1.17 -4.10 4.53
N LEU B 56 0.74 -5.22 5.04
CA LEU B 56 1.00 -5.55 6.44
C LEU B 56 2.49 -5.77 6.69
N LEU B 57 3.13 -6.67 5.97
CA LEU B 57 4.58 -6.88 6.16
C LEU B 57 5.29 -5.55 6.12
N PHE B 58 5.22 -4.92 5.00
CA PHE B 58 5.88 -3.58 4.82
C PHE B 58 5.74 -2.73 6.08
N GLU B 59 4.52 -2.41 6.44
CA GLU B 59 4.30 -1.57 7.65
C GLU B 59 4.91 -2.25 8.88
N MET B 60 4.90 -3.54 8.91
CA MET B 60 5.51 -4.26 10.07
C MET B 60 7.04 -4.18 9.95
N SER B 61 7.59 -4.70 8.89
CA SER B 61 9.08 -4.60 8.68
C SER B 61 9.50 -3.14 8.86
N ARG B 62 8.71 -2.24 8.33
CA ARG B 62 9.04 -0.79 8.44
C ARG B 62 8.57 -0.22 9.80
N HIS B 63 8.12 -1.04 10.69
CA HIS B 63 7.66 -0.54 12.02
C HIS B 63 8.84 -0.45 12.99
N SER B 64 9.93 0.14 12.56
CA SER B 64 11.12 0.25 13.46
C SER B 64 11.00 1.47 14.37
N LEU B 65 10.10 2.37 14.07
CA LEU B 65 9.95 3.58 14.94
C LEU B 65 8.74 3.41 15.86
N GLU B 66 7.63 3.01 15.31
CA GLU B 66 6.42 2.83 16.15
C GLU B 66 6.54 1.55 16.99
N GLN B 67 7.22 1.62 18.10
CA GLN B 67 7.36 0.41 18.96
C GLN B 67 7.89 0.80 20.34
N LYS B 68 7.27 0.32 21.38
CA LYS B 68 7.74 0.66 22.76
C LYS B 68 8.62 -0.46 23.32
N PRO B 69 9.57 -0.09 24.14
CA PRO B 69 10.47 -1.10 24.75
C PRO B 69 9.73 -1.90 25.82
N THR B 70 10.25 -3.02 26.21
CA THR B 70 9.56 -3.84 27.25
C THR B 70 10.55 -4.82 27.89
N ASP B 71 10.65 -4.80 29.19
CA ASP B 71 11.58 -5.73 29.88
C ASP B 71 11.23 -5.83 31.37
N ALA B 72 11.53 -6.94 31.98
CA ALA B 72 11.22 -7.10 33.43
C ALA B 72 12.04 -8.26 34.02
N PRO B 73 12.40 -8.12 35.28
CA PRO B 73 13.19 -9.18 35.95
C PRO B 73 12.34 -10.42 36.20
N PRO B 74 12.99 -11.55 36.32
CA PRO B 74 12.26 -12.82 36.57
C PRO B 74 11.79 -12.89 38.02
N LYS B 75 10.83 -13.72 38.31
CA LYS B 75 10.33 -13.83 39.71
C LYS B 75 11.32 -14.63 40.56
N TYR C 1 3.19 5.89 9.15
CA TYR C 1 2.87 4.47 8.82
C TYR C 1 2.96 3.61 10.09
N GLY C 2 2.09 2.65 10.24
CA GLY C 2 2.15 1.78 11.45
C GLY C 2 0.94 2.05 12.35
N ASN C 3 0.14 1.05 12.60
CA ASN C 3 -1.04 1.26 13.49
C ASN C 3 -1.72 -0.08 13.79
N MET C 4 -2.85 -0.05 14.45
CA MET C 4 -3.57 -1.30 14.77
C MET C 4 -4.13 -1.94 13.50
N THR C 5 -4.34 -1.15 12.48
CA THR C 5 -4.89 -1.68 11.19
C THR C 5 -4.15 -2.96 10.78
N GLU C 6 -2.91 -3.09 11.16
CA GLU C 6 -2.16 -4.31 10.76
C GLU C 6 -2.72 -5.52 11.49
N ASP C 7 -3.10 -5.37 12.73
CA ASP C 7 -3.70 -6.53 13.45
C ASP C 7 -5.09 -6.78 12.92
N HIS C 8 -5.72 -5.75 12.44
CA HIS C 8 -7.09 -5.90 11.90
C HIS C 8 -7.02 -6.31 10.43
N VAL C 9 -5.92 -5.99 9.80
CA VAL C 9 -5.71 -6.39 8.38
C VAL C 9 -5.08 -7.77 8.41
N MET C 10 -4.24 -8.00 9.39
CA MET C 10 -3.59 -9.32 9.51
C MET C 10 -4.66 -10.35 9.79
N HIS C 11 -5.57 -10.00 10.65
CA HIS C 11 -6.66 -10.95 10.98
C HIS C 11 -7.52 -11.15 9.72
N LEU C 12 -7.73 -10.10 8.98
CA LEU C 12 -8.52 -10.22 7.72
C LEU C 12 -7.77 -11.13 6.74
N LEU C 13 -6.48 -11.29 6.95
CA LEU C 13 -5.68 -12.17 6.08
C LEU C 13 -5.47 -13.52 6.76
N GLN C 14 -5.57 -13.54 8.05
CA GLN C 14 -5.39 -14.81 8.81
C GLN C 14 -6.67 -15.66 8.76
N ASN C 15 -7.73 -15.13 8.19
CA ASN C 15 -9.00 -15.91 8.11
C ASN C 15 -9.31 -16.21 6.65
N ALA C 16 -8.90 -15.34 5.76
CA ALA C 16 -9.15 -15.59 4.31
C ALA C 16 -8.26 -16.70 3.82
N ASP C 17 -7.13 -16.84 4.42
CA ASP C 17 -6.21 -17.91 3.98
C ASP C 17 -5.48 -18.53 5.18
N PRO C 18 -5.53 -19.83 5.27
CA PRO C 18 -4.86 -20.54 6.39
C PRO C 18 -3.34 -20.55 6.18
N LEU C 19 -2.85 -20.02 5.09
CA LEU C 19 -1.38 -20.03 4.85
C LEU C 19 -0.81 -18.60 4.92
N LYS C 20 -1.56 -17.68 5.47
CA LYS C 20 -1.05 -16.29 5.57
C LYS C 20 -0.21 -16.13 6.83
N VAL C 21 0.97 -15.64 6.69
CA VAL C 21 1.85 -15.46 7.89
C VAL C 21 2.58 -14.14 7.84
N TYR C 22 2.86 -13.63 8.99
CA TYR C 22 3.64 -12.39 9.09
C TYR C 22 4.67 -12.60 10.18
N PRO C 23 5.75 -13.20 9.80
CA PRO C 23 6.82 -13.51 10.77
C PRO C 23 7.29 -12.24 11.47
N PRO C 24 7.79 -12.40 12.66
CA PRO C 24 8.25 -11.25 13.45
C PRO C 24 9.47 -10.61 12.82
N LEU C 25 9.27 -9.55 12.09
CA LEU C 25 10.42 -8.86 11.48
C LEU C 25 10.90 -7.83 12.49
N LYS C 26 11.91 -8.16 13.26
CA LYS C 26 12.40 -7.22 14.31
C LYS C 26 13.81 -6.72 13.99
N GLY C 27 14.49 -7.34 13.06
CA GLY C 27 15.87 -6.87 12.70
C GLY C 27 15.83 -5.37 12.38
N SER C 28 15.33 -5.06 11.22
CA SER C 28 15.22 -3.65 10.75
C SER C 28 14.36 -3.68 9.50
N PHE C 29 13.84 -2.58 9.05
CA PHE C 29 12.97 -2.63 7.84
C PHE C 29 13.67 -3.24 6.62
N PRO C 30 14.96 -2.97 6.45
CA PRO C 30 15.68 -3.56 5.30
C PRO C 30 16.02 -5.02 5.61
N GLU C 31 16.00 -5.38 6.87
CA GLU C 31 16.27 -6.79 7.27
C GLU C 31 14.95 -7.52 7.28
N ASN C 32 13.97 -6.82 7.76
CA ASN C 32 12.59 -7.35 7.82
C ASN C 32 12.06 -7.55 6.42
N LEU C 33 12.58 -6.81 5.48
CA LEU C 33 12.14 -7.00 4.08
C LEU C 33 12.90 -8.17 3.49
N ARG C 34 14.18 -8.19 3.69
CA ARG C 34 15.01 -9.33 3.20
C ARG C 34 14.64 -10.57 4.02
N HIS C 35 14.12 -10.39 5.19
CA HIS C 35 13.70 -11.56 6.00
C HIS C 35 12.43 -12.09 5.37
N LEU C 36 11.46 -11.26 5.18
CA LEU C 36 10.21 -11.71 4.50
C LEU C 36 10.59 -12.34 3.18
N LYS C 37 11.57 -11.78 2.55
CA LYS C 37 12.04 -12.29 1.25
C LYS C 37 12.76 -13.60 1.45
N ASN C 38 13.72 -13.58 2.30
CA ASN C 38 14.51 -14.82 2.58
C ASN C 38 13.67 -15.81 3.40
N THR C 39 12.53 -15.39 3.87
CA THR C 39 11.68 -16.29 4.70
C THR C 39 10.37 -16.60 3.99
N MET C 40 9.59 -15.60 3.72
CA MET C 40 8.28 -15.83 3.04
C MET C 40 8.50 -16.49 1.68
N GLU C 41 7.44 -16.77 0.98
CA GLU C 41 7.57 -17.38 -0.37
C GLU C 41 8.24 -16.42 -1.30
N THR C 42 9.29 -16.86 -1.91
CA THR C 42 10.02 -16.00 -2.88
C THR C 42 9.02 -15.37 -3.83
N ILE C 43 7.98 -16.10 -4.08
CA ILE C 43 6.95 -15.61 -5.00
C ILE C 43 6.00 -14.68 -4.28
N ASP C 44 5.87 -14.85 -3.02
CA ASP C 44 5.05 -13.90 -2.25
C ASP C 44 5.95 -12.69 -2.08
N TRP C 45 7.24 -12.93 -2.04
CA TRP C 45 8.21 -11.83 -1.97
C TRP C 45 8.24 -11.17 -3.33
N LYS C 46 8.12 -11.95 -4.38
CA LYS C 46 8.12 -11.34 -5.73
C LYS C 46 6.99 -10.34 -5.77
N VAL C 47 5.88 -10.81 -5.32
CA VAL C 47 4.67 -9.98 -5.27
C VAL C 47 4.83 -8.88 -4.23
N PHE C 48 5.44 -9.20 -3.11
CA PHE C 48 5.64 -8.16 -2.07
C PHE C 48 6.59 -7.09 -2.60
N GLU C 49 7.60 -7.51 -3.28
CA GLU C 49 8.55 -6.52 -3.84
C GLU C 49 7.79 -5.69 -4.86
N SER C 50 7.04 -6.34 -5.70
CA SER C 50 6.21 -5.59 -6.68
C SER C 50 5.23 -4.73 -5.90
N TRP C 51 4.81 -5.21 -4.76
CA TRP C 51 3.88 -4.43 -3.91
C TRP C 51 4.63 -3.24 -3.34
N MET C 52 5.86 -3.46 -2.96
CA MET C 52 6.67 -2.36 -2.42
C MET C 52 7.00 -1.40 -3.57
N HIS C 53 7.22 -1.96 -4.73
CA HIS C 53 7.51 -1.13 -5.92
C HIS C 53 6.26 -0.32 -6.25
N HIS C 54 5.12 -0.94 -6.28
CA HIS C 54 3.87 -0.19 -6.55
C HIS C 54 3.67 0.80 -5.42
N TRP C 55 3.82 0.34 -4.22
CA TRP C 55 3.73 1.24 -3.07
C TRP C 55 4.69 2.41 -3.29
N LEU C 56 5.85 2.10 -3.80
CA LEU C 56 6.85 3.15 -4.04
C LEU C 56 6.39 4.10 -5.13
N LEU C 57 6.07 3.60 -6.32
CA LEU C 57 5.58 4.49 -7.39
C LEU C 57 4.49 5.38 -6.84
N PHE C 58 3.41 4.76 -6.48
CA PHE C 58 2.25 5.51 -5.90
C PHE C 58 2.72 6.68 -5.02
N GLU C 59 3.40 6.35 -3.95
CA GLU C 59 3.88 7.42 -3.03
C GLU C 59 4.77 8.41 -3.79
N MET C 60 5.52 7.94 -4.75
CA MET C 60 6.37 8.86 -5.53
C MET C 60 5.48 9.66 -6.48
N SER C 61 4.75 9.01 -7.35
CA SER C 61 3.81 9.73 -8.24
C SER C 61 2.94 10.67 -7.42
N ARG C 62 2.49 10.19 -6.30
CA ARG C 62 1.62 11.03 -5.41
C ARG C 62 2.46 11.96 -4.51
N HIS C 63 3.75 12.03 -4.74
CA HIS C 63 4.61 12.92 -3.90
C HIS C 63 4.62 14.33 -4.48
N SER C 64 3.47 14.87 -4.78
CA SER C 64 3.42 16.25 -5.36
C SER C 64 3.45 17.31 -4.26
N LEU C 65 3.20 16.92 -3.03
CA LEU C 65 3.22 17.90 -1.91
C LEU C 65 4.54 17.82 -1.15
N GLU C 66 4.95 16.63 -0.81
CA GLU C 66 6.22 16.47 -0.06
C GLU C 66 7.41 16.66 -1.00
N GLN C 67 7.79 17.88 -1.25
CA GLN C 67 8.94 18.14 -2.16
C GLN C 67 9.40 19.59 -2.03
N LYS C 68 10.68 19.81 -1.86
CA LYS C 68 11.19 21.20 -1.75
C LYS C 68 11.75 21.68 -3.08
N PRO C 69 11.63 22.97 -3.33
CA PRO C 69 12.14 23.55 -4.59
C PRO C 69 13.66 23.60 -4.58
N THR C 70 14.27 23.76 -5.73
CA THR C 70 15.76 23.81 -5.77
C THR C 70 16.22 24.48 -7.07
N ASP C 71 17.06 25.47 -6.96
CA ASP C 71 17.55 26.16 -8.18
C ASP C 71 18.79 27.00 -7.84
N ALA C 72 19.65 27.20 -8.81
CA ALA C 72 20.88 28.01 -8.55
C ALA C 72 21.49 28.47 -9.88
N PRO C 73 22.09 29.64 -9.84
CA PRO C 73 22.72 30.20 -11.07
C PRO C 73 23.99 29.42 -11.43
N PRO C 74 24.35 29.44 -12.69
CA PRO C 74 25.55 28.73 -13.16
C PRO C 74 26.82 29.48 -12.72
N LYS C 75 27.94 28.82 -12.70
CA LYS C 75 29.19 29.51 -12.29
C LYS C 75 29.72 30.39 -13.43
N TYR A 1 16.20 8.25 4.43
CA TYR A 1 16.22 7.67 3.05
C TYR A 1 15.31 8.51 2.13
N GLY A 2 15.76 9.66 1.69
CA GLY A 2 14.90 10.52 0.79
C GLY A 2 13.50 10.64 1.38
N ASN A 3 12.60 9.77 1.00
CA ASN A 3 11.24 9.81 1.59
C ASN A 3 11.23 9.04 2.92
N MET A 4 12.39 8.78 3.47
CA MET A 4 12.53 8.04 4.75
C MET A 4 12.08 6.58 4.57
N THR A 5 11.82 6.16 3.37
CA THR A 5 11.42 4.74 3.15
C THR A 5 11.46 4.41 1.67
N GLU A 6 10.80 5.18 0.84
CA GLU A 6 10.80 4.88 -0.62
C GLU A 6 12.24 4.74 -1.10
N ASP A 7 13.15 5.37 -0.44
CA ASP A 7 14.57 5.24 -0.86
C ASP A 7 15.13 3.95 -0.32
N HIS A 8 14.63 3.52 0.79
CA HIS A 8 15.11 2.28 1.41
C HIS A 8 14.28 1.10 0.89
N VAL A 9 13.12 1.40 0.37
CA VAL A 9 12.23 0.36 -0.20
C VAL A 9 12.61 0.25 -1.67
N MET A 10 12.98 1.37 -2.27
CA MET A 10 13.38 1.34 -3.70
C MET A 10 14.66 0.50 -3.78
N HIS A 11 15.50 0.63 -2.80
CA HIS A 11 16.76 -0.16 -2.81
C HIS A 11 16.41 -1.63 -2.54
N LEU A 12 15.47 -1.87 -1.66
CA LEU A 12 15.06 -3.27 -1.37
C LEU A 12 14.47 -3.88 -2.64
N LEU A 13 14.02 -3.06 -3.54
CA LEU A 13 13.45 -3.57 -4.82
C LEU A 13 14.53 -3.54 -5.90
N GLN A 14 15.50 -2.70 -5.72
CA GLN A 14 16.60 -2.60 -6.72
C GLN A 14 17.60 -3.75 -6.53
N ASN A 15 17.42 -4.54 -5.49
CA ASN A 15 18.35 -5.68 -5.25
C ASN A 15 17.61 -6.98 -5.55
N ALA A 16 16.33 -7.00 -5.30
CA ALA A 16 15.53 -8.24 -5.58
C ALA A 16 15.34 -8.38 -7.07
N ASP A 17 15.26 -7.29 -7.74
CA ASP A 17 15.07 -7.36 -9.21
C ASP A 17 16.06 -6.41 -9.91
N PRO A 18 16.88 -6.96 -10.78
CA PRO A 18 17.86 -6.14 -11.52
C PRO A 18 17.18 -5.34 -12.64
N LEU A 19 15.89 -5.44 -12.78
CA LEU A 19 15.20 -4.68 -13.86
C LEU A 19 14.07 -3.81 -13.28
N LYS A 20 14.21 -3.37 -12.05
CA LYS A 20 13.14 -2.53 -11.45
C LYS A 20 13.50 -1.05 -11.60
N VAL A 21 12.61 -0.29 -12.17
CA VAL A 21 12.90 1.17 -12.35
C VAL A 21 11.78 2.02 -11.81
N TYR A 22 12.14 3.10 -11.21
CA TYR A 22 11.11 4.04 -10.74
C TYR A 22 11.43 5.39 -11.33
N PRO A 23 10.95 5.60 -12.52
CA PRO A 23 11.22 6.87 -13.22
C PRO A 23 10.80 8.06 -12.38
N PRO A 24 11.47 9.15 -12.58
CA PRO A 24 11.17 10.36 -11.80
C PRO A 24 9.79 10.88 -12.19
N LEU A 25 8.80 10.44 -11.49
CA LEU A 25 7.44 10.95 -11.79
C LEU A 25 7.38 12.38 -11.25
N LYS A 26 7.62 13.34 -12.09
CA LYS A 26 7.62 14.76 -11.63
C LYS A 26 6.34 15.47 -12.08
N GLY A 27 5.63 14.91 -13.03
CA GLY A 27 4.37 15.55 -13.49
C GLY A 27 3.38 15.58 -12.33
N SER A 28 2.11 15.54 -12.61
CA SER A 28 1.11 15.51 -11.52
C SER A 28 0.83 14.06 -11.19
N PHE A 29 0.35 13.79 -10.01
CA PHE A 29 0.10 12.36 -9.63
C PHE A 29 -0.65 11.59 -10.74
N PRO A 30 -1.60 12.20 -11.41
CA PRO A 30 -2.30 11.48 -12.50
C PRO A 30 -1.35 11.35 -13.69
N GLU A 31 -0.34 12.17 -13.74
CA GLU A 31 0.68 12.09 -14.83
C GLU A 31 1.71 11.11 -14.36
N ASN A 32 2.07 11.25 -13.12
CA ASN A 32 3.05 10.33 -12.49
C ASN A 32 2.50 8.91 -12.62
N LEU A 33 1.20 8.78 -12.55
CA LEU A 33 0.57 7.42 -12.67
C LEU A 33 0.46 7.01 -14.13
N ARG A 34 -0.09 7.86 -14.93
CA ARG A 34 -0.19 7.56 -16.38
C ARG A 34 1.21 7.44 -16.97
N HIS A 35 2.17 8.05 -16.33
CA HIS A 35 3.57 7.92 -16.81
C HIS A 35 4.04 6.54 -16.45
N LEU A 36 3.91 6.16 -15.22
CA LEU A 36 4.30 4.78 -14.82
C LEU A 36 3.56 3.79 -15.70
N LYS A 37 2.35 4.11 -16.01
CA LYS A 37 1.51 3.25 -16.85
C LYS A 37 2.01 3.31 -18.29
N ASN A 38 2.10 4.49 -18.79
CA ASN A 38 2.58 4.68 -20.19
C ASN A 38 4.09 4.42 -20.28
N THR A 39 4.75 4.25 -19.16
CA THR A 39 6.22 4.01 -19.17
C THR A 39 6.55 2.63 -18.64
N MET A 40 6.22 2.38 -17.41
CA MET A 40 6.53 1.04 -16.82
C MET A 40 5.86 -0.06 -17.65
N GLU A 41 6.07 -1.29 -17.28
CA GLU A 41 5.43 -2.40 -18.03
C GLU A 41 3.93 -2.34 -17.84
N THR A 42 3.24 -2.35 -18.93
CA THR A 42 1.76 -2.32 -18.88
C THR A 42 1.28 -3.34 -17.87
N ILE A 43 2.03 -4.39 -17.77
CA ILE A 43 1.66 -5.47 -16.84
C ILE A 43 2.10 -5.12 -15.43
N ASP A 44 3.12 -4.35 -15.33
CA ASP A 44 3.53 -3.89 -13.99
C ASP A 44 2.52 -2.81 -13.64
N TRP A 45 2.03 -2.14 -14.65
CA TRP A 45 0.98 -1.13 -14.44
C TRP A 45 -0.31 -1.87 -14.14
N LYS A 46 -0.52 -3.00 -14.78
CA LYS A 46 -1.75 -3.78 -14.50
C LYS A 46 -1.76 -4.08 -13.02
N VAL A 47 -0.63 -4.53 -12.60
CA VAL A 47 -0.44 -4.89 -11.19
C VAL A 47 -0.41 -3.63 -10.33
N PHE A 48 0.16 -2.57 -10.84
CA PHE A 48 0.20 -1.32 -10.04
C PHE A 48 -1.21 -0.77 -9.90
N GLU A 49 -1.96 -0.81 -10.96
CA GLU A 49 -3.36 -0.32 -10.90
C GLU A 49 -4.09 -1.17 -9.88
N SER A 50 -3.92 -2.46 -9.97
CA SER A 50 -4.57 -3.35 -8.98
C SER A 50 -4.00 -3.00 -7.60
N TRP A 51 -2.77 -2.57 -7.56
CA TRP A 51 -2.16 -2.18 -6.26
C TRP A 51 -2.80 -0.88 -5.80
N MET A 52 -3.06 0.00 -6.72
CA MET A 52 -3.71 1.28 -6.36
C MET A 52 -5.16 0.97 -6.00
N HIS A 53 -5.73 0.04 -6.70
CA HIS A 53 -7.14 -0.36 -6.44
C HIS A 53 -7.18 -1.01 -5.04
N HIS A 54 -6.30 -1.93 -4.78
CA HIS A 54 -6.28 -2.56 -3.42
C HIS A 54 -5.96 -1.46 -2.43
N TRP A 55 -4.97 -0.67 -2.74
CA TRP A 55 -4.62 0.48 -1.89
C TRP A 55 -5.88 1.30 -1.66
N LEU A 56 -6.65 1.46 -2.69
CA LEU A 56 -7.89 2.25 -2.59
C LEU A 56 -8.91 1.54 -1.69
N LEU A 57 -9.27 0.31 -2.02
CA LEU A 57 -10.23 -0.43 -1.17
C LEU A 57 -9.80 -0.34 0.27
N PHE A 58 -8.69 -0.93 0.58
CA PHE A 58 -8.16 -0.91 1.98
C PHE A 58 -8.42 0.43 2.67
N GLU A 59 -7.80 1.47 2.18
CA GLU A 59 -8.00 2.81 2.79
C GLU A 59 -9.48 3.12 2.90
N MET A 60 -10.24 2.78 1.90
CA MET A 60 -11.70 3.04 1.96
C MET A 60 -12.34 2.13 3.02
N SER A 61 -12.12 0.85 2.94
CA SER A 61 -12.68 -0.09 3.97
C SER A 61 -12.16 0.29 5.37
N ARG A 62 -10.91 0.66 5.47
CA ARG A 62 -10.36 1.01 6.81
C ARG A 62 -10.61 2.49 7.15
N HIS A 63 -11.56 3.12 6.51
CA HIS A 63 -11.83 4.56 6.81
C HIS A 63 -12.92 4.67 7.90
N SER A 64 -12.89 3.80 8.87
CA SER A 64 -13.91 3.85 9.95
C SER A 64 -13.66 5.04 10.87
N LEU A 65 -12.49 5.60 10.84
CA LEU A 65 -12.19 6.76 11.72
C LEU A 65 -12.17 8.06 10.91
N GLU A 66 -11.59 8.02 9.74
CA GLU A 66 -11.53 9.25 8.90
C GLU A 66 -12.87 9.47 8.18
N GLN A 67 -13.94 9.58 8.91
CA GLN A 67 -15.26 9.81 8.25
C GLN A 67 -16.22 10.51 9.21
N LYS A 68 -17.03 11.41 8.72
CA LYS A 68 -17.97 12.13 9.61
C LYS A 68 -19.42 11.71 9.30
N PRO A 69 -20.28 11.85 10.29
CA PRO A 69 -21.71 11.48 10.11
C PRO A 69 -22.40 12.48 9.19
N THR A 70 -23.61 12.18 8.79
CA THR A 70 -24.34 13.12 7.88
C THR A 70 -25.81 13.22 8.31
N ASP A 71 -26.53 14.13 7.71
CA ASP A 71 -27.97 14.28 8.07
C ASP A 71 -28.69 15.11 7.00
N ALA A 72 -29.01 14.51 5.89
CA ALA A 72 -29.71 15.27 4.82
C ALA A 72 -30.57 14.32 3.97
N PRO A 73 -31.71 13.94 4.51
CA PRO A 73 -32.62 13.02 3.78
C PRO A 73 -33.29 13.76 2.62
N PRO A 74 -33.61 13.03 1.58
CA PRO A 74 -34.26 13.63 0.39
C PRO A 74 -35.72 13.98 0.70
N LYS A 75 -35.96 15.12 1.29
CA LYS A 75 -37.36 15.51 1.61
C LYS A 75 -38.14 15.77 0.33
N TYR B 1 -9.51 15.67 -3.75
CA TYR B 1 -10.15 14.46 -4.36
C TYR B 1 -10.77 13.59 -3.27
N GLY B 2 -11.92 13.95 -2.73
CA GLY B 2 -12.57 13.13 -1.65
C GLY B 2 -11.52 12.81 -0.57
N ASN B 3 -10.86 11.69 -0.69
CA ASN B 3 -9.81 11.35 0.29
C ASN B 3 -8.48 12.01 -0.12
N MET B 4 -8.56 12.98 -1.00
CA MET B 4 -7.36 13.70 -1.50
C MET B 4 -6.46 12.77 -2.32
N THR B 5 -6.93 11.58 -2.62
CA THR B 5 -6.11 10.66 -3.44
C THR B 5 -6.96 9.47 -3.90
N GLU B 6 -7.60 8.80 -2.99
CA GLU B 6 -8.43 7.63 -3.39
C GLU B 6 -9.40 8.03 -4.49
N ASP B 7 -9.76 9.28 -4.53
CA ASP B 7 -10.69 9.75 -5.59
C ASP B 7 -9.89 9.97 -6.88
N HIS B 8 -8.67 10.33 -6.73
CA HIS B 8 -7.80 10.57 -7.91
C HIS B 8 -7.11 9.27 -8.31
N VAL B 9 -7.04 8.36 -7.39
CA VAL B 9 -6.43 7.04 -7.67
C VAL B 9 -7.55 6.15 -8.17
N MET B 10 -8.74 6.35 -7.64
CA MET B 10 -9.90 5.54 -8.11
C MET B 10 -10.15 5.89 -9.56
N HIS B 11 -9.98 7.13 -9.90
CA HIS B 11 -10.18 7.55 -11.31
C HIS B 11 -9.04 6.99 -12.15
N LEU B 12 -7.84 6.99 -11.62
CA LEU B 12 -6.69 6.44 -12.37
C LEU B 12 -6.92 4.96 -12.61
N LEU B 13 -7.75 4.35 -11.80
CA LEU B 13 -8.06 2.91 -11.98
C LEU B 13 -9.35 2.75 -12.78
N GLN B 14 -10.17 3.76 -12.77
CA GLN B 14 -11.45 3.71 -13.53
C GLN B 14 -11.19 3.99 -15.01
N ASN B 15 -9.98 4.34 -15.36
CA ASN B 15 -9.66 4.61 -16.79
C ASN B 15 -8.79 3.47 -17.33
N ALA B 16 -7.97 2.91 -16.49
CA ALA B 16 -7.10 1.78 -16.93
C ALA B 16 -7.93 0.53 -17.10
N ASP B 17 -8.94 0.41 -16.30
CA ASP B 17 -9.80 -0.78 -16.41
C ASP B 17 -11.29 -0.37 -16.42
N PRO B 18 -11.98 -0.73 -17.47
CA PRO B 18 -13.41 -0.39 -17.58
C PRO B 18 -14.27 -1.28 -16.67
N LEU B 19 -13.67 -2.18 -15.92
CA LEU B 19 -14.47 -3.06 -15.03
C LEU B 19 -13.98 -2.96 -13.59
N LYS B 20 -13.44 -1.83 -13.20
CA LYS B 20 -12.96 -1.69 -11.80
C LYS B 20 -14.04 -1.04 -10.94
N VAL B 21 -14.39 -1.66 -9.85
CA VAL B 21 -15.44 -1.08 -8.97
C VAL B 21 -14.97 -1.01 -7.54
N TYR B 22 -15.33 0.04 -6.88
CA TYR B 22 -15.00 0.15 -5.45
C TYR B 22 -16.30 0.43 -4.72
N PRO B 23 -16.98 -0.64 -4.40
CA PRO B 23 -18.27 -0.51 -3.70
C PRO B 23 -18.13 0.30 -2.43
N PRO B 24 -19.19 0.96 -2.07
CA PRO B 24 -19.17 1.80 -0.87
C PRO B 24 -19.03 0.95 0.37
N LEU B 25 -17.82 0.70 0.77
CA LEU B 25 -17.61 -0.11 1.99
C LEU B 25 -18.00 0.79 3.17
N LYS B 26 -19.19 0.66 3.66
CA LYS B 26 -19.64 1.54 4.77
C LYS B 26 -19.71 0.76 6.08
N GLY B 27 -19.69 -0.56 6.01
CA GLY B 27 -19.73 -1.36 7.27
C GLY B 27 -18.46 -1.07 8.07
N SER B 28 -17.96 -2.03 8.78
CA SER B 28 -16.71 -1.84 9.55
C SER B 28 -15.57 -2.32 8.69
N PHE B 29 -14.39 -1.81 8.89
CA PHE B 29 -13.23 -2.24 8.06
C PHE B 29 -13.18 -3.77 7.82
N PRO B 30 -13.51 -4.56 8.83
CA PRO B 30 -13.50 -6.03 8.61
C PRO B 30 -14.71 -6.41 7.75
N GLU B 31 -15.71 -5.57 7.73
CA GLU B 31 -16.91 -5.81 6.87
C GLU B 31 -16.58 -5.25 5.51
N ASN B 32 -16.01 -4.10 5.52
CA ASN B 32 -15.57 -3.44 4.26
C ASN B 32 -14.57 -4.35 3.56
N LEU B 33 -13.84 -5.12 4.31
CA LEU B 33 -12.85 -6.05 3.69
C LEU B 33 -13.55 -7.32 3.26
N ARG B 34 -14.31 -7.88 4.15
CA ARG B 34 -15.08 -9.12 3.81
C ARG B 34 -16.10 -8.78 2.75
N HIS B 35 -16.48 -7.54 2.67
CA HIS B 35 -17.45 -7.13 1.62
C HIS B 35 -16.69 -7.12 0.30
N LEU B 36 -15.58 -6.45 0.26
CA LEU B 36 -14.77 -6.45 -0.99
C LEU B 36 -14.48 -7.90 -1.36
N LYS B 37 -14.24 -8.68 -0.37
CA LYS B 37 -13.93 -10.10 -0.57
C LYS B 37 -15.18 -10.84 -1.03
N ASN B 38 -16.22 -10.70 -0.27
CA ASN B 38 -17.50 -11.36 -0.60
C ASN B 38 -18.18 -10.66 -1.79
N THR B 39 -17.66 -9.54 -2.20
CA THR B 39 -18.27 -8.79 -3.33
C THR B 39 -17.33 -8.74 -4.53
N MET B 40 -16.19 -8.13 -4.35
CA MET B 40 -15.23 -8.03 -5.48
C MET B 40 -14.86 -9.44 -5.97
N GLU B 41 -14.05 -9.52 -6.99
CA GLU B 41 -13.64 -10.85 -7.51
C GLU B 41 -12.80 -11.55 -6.47
N THR B 42 -13.18 -12.74 -6.16
CA THR B 42 -12.42 -13.55 -5.16
C THR B 42 -10.96 -13.48 -5.51
N ILE B 43 -10.70 -13.37 -6.76
CA ILE B 43 -9.29 -13.32 -7.23
C ILE B 43 -8.75 -11.92 -7.09
N ASP B 44 -9.60 -10.95 -7.15
CA ASP B 44 -9.15 -9.57 -6.90
C ASP B 44 -8.98 -9.49 -5.40
N TRP B 45 -9.78 -10.26 -4.70
CA TRP B 45 -9.66 -10.33 -3.24
C TRP B 45 -8.42 -11.13 -2.92
N LYS B 46 -8.15 -12.14 -3.71
CA LYS B 46 -6.93 -12.95 -3.46
C LYS B 46 -5.76 -12.00 -3.51
N VAL B 47 -5.78 -11.21 -4.52
CA VAL B 47 -4.73 -10.21 -4.75
C VAL B 47 -4.84 -9.10 -3.71
N PHE B 48 -6.04 -8.73 -3.35
CA PHE B 48 -6.20 -7.66 -2.34
C PHE B 48 -5.69 -8.17 -0.99
N GLU B 49 -6.03 -9.37 -0.66
CA GLU B 49 -5.55 -9.95 0.62
C GLU B 49 -4.03 -9.96 0.57
N SER B 50 -3.48 -10.41 -0.52
CA SER B 50 -2.00 -10.40 -0.65
C SER B 50 -1.53 -8.94 -0.58
N TRP B 51 -2.35 -8.05 -1.05
CA TRP B 51 -1.99 -6.61 -1.00
C TRP B 51 -2.06 -6.15 0.44
N MET B 52 -3.02 -6.63 1.16
CA MET B 52 -3.15 -6.26 2.59
C MET B 52 -2.01 -6.94 3.35
N HIS B 53 -1.70 -8.14 2.94
CA HIS B 53 -0.60 -8.91 3.57
C HIS B 53 0.72 -8.17 3.28
N HIS B 54 0.95 -7.81 2.05
CA HIS B 54 2.19 -7.06 1.73
C HIS B 54 2.11 -5.73 2.47
N TRP B 55 0.99 -5.10 2.38
CA TRP B 55 0.78 -3.85 3.13
C TRP B 55 1.12 -4.09 4.59
N LEU B 56 0.71 -5.23 5.08
CA LEU B 56 0.97 -5.57 6.49
C LEU B 56 2.47 -5.78 6.71
N LEU B 57 3.09 -6.67 6.00
CA LEU B 57 4.54 -6.89 6.16
C LEU B 57 5.28 -5.57 6.13
N PHE B 58 5.23 -4.93 4.99
CA PHE B 58 5.91 -3.60 4.83
C PHE B 58 5.78 -2.75 6.09
N GLU B 59 4.59 -2.35 6.41
CA GLU B 59 4.37 -1.52 7.63
C GLU B 59 5.03 -2.17 8.84
N MET B 60 4.91 -3.46 8.94
CA MET B 60 5.54 -4.16 10.10
C MET B 60 7.07 -4.10 9.96
N SER B 61 7.60 -4.52 8.84
CA SER B 61 9.07 -4.45 8.62
C SER B 61 9.56 -3.00 8.74
N ARG B 62 8.82 -2.08 8.23
CA ARG B 62 9.26 -0.65 8.29
C ARG B 62 8.82 0.01 9.61
N HIS B 63 8.51 -0.75 10.62
CA HIS B 63 8.08 -0.15 11.91
C HIS B 63 9.30 0.05 12.82
N SER B 64 10.41 0.44 12.27
CA SER B 64 11.63 0.65 13.09
C SER B 64 11.49 1.92 13.95
N LEU B 65 10.59 2.79 13.60
CA LEU B 65 10.40 4.04 14.40
C LEU B 65 9.14 3.94 15.26
N GLU B 66 8.08 3.43 14.72
CA GLU B 66 6.82 3.32 15.50
C GLU B 66 6.87 2.12 16.44
N GLN B 67 7.84 2.06 17.31
CA GLN B 67 7.93 0.91 18.26
C GLN B 67 8.69 1.33 19.52
N LYS B 68 8.28 0.84 20.66
CA LYS B 68 8.97 1.21 21.93
C LYS B 68 9.70 0.00 22.51
N PRO B 69 10.73 0.27 23.29
CA PRO B 69 11.51 -0.81 23.91
C PRO B 69 10.70 -1.50 25.01
N THR B 70 11.18 -2.61 25.51
CA THR B 70 10.44 -3.33 26.58
C THR B 70 11.39 -3.83 27.66
N ASP B 71 10.87 -4.33 28.74
CA ASP B 71 11.75 -4.84 29.83
C ASP B 71 10.94 -5.71 30.79
N ALA B 72 10.66 -6.94 30.41
CA ALA B 72 9.88 -7.83 31.31
C ALA B 72 10.24 -9.29 31.05
N PRO B 73 11.38 -9.70 31.57
CA PRO B 73 11.83 -11.10 31.37
C PRO B 73 10.99 -12.05 32.23
N PRO B 74 10.83 -13.27 31.75
CA PRO B 74 10.02 -14.27 32.49
C PRO B 74 10.77 -14.76 33.73
N LYS B 75 10.68 -14.03 34.81
CA LYS B 75 11.39 -14.46 36.05
C LYS B 75 10.77 -15.74 36.61
N TYR C 1 -6.23 -2.25 17.50
CA TYR C 1 -5.68 -3.53 16.92
C TYR C 1 -4.16 -3.42 16.80
N GLY C 2 -3.42 -3.56 17.89
CA GLY C 2 -1.92 -3.45 17.81
C GLY C 2 -1.53 -2.20 17.03
N ASN C 3 -1.34 -2.33 15.75
CA ASN C 3 -1.02 -1.13 14.93
C ASN C 3 -2.31 -0.43 14.51
N MET C 4 -3.40 -0.73 15.18
CA MET C 4 -4.72 -0.13 14.89
C MET C 4 -5.22 -0.57 13.51
N THR C 5 -4.56 -1.49 12.88
CA THR C 5 -5.02 -1.98 11.55
C THR C 5 -4.28 -3.25 11.17
N GLU C 6 -2.98 -3.22 11.18
CA GLU C 6 -2.20 -4.43 10.80
C GLU C 6 -2.69 -5.63 11.60
N ASP C 7 -3.20 -5.38 12.76
CA ASP C 7 -3.72 -6.51 13.58
C ASP C 7 -5.10 -6.89 13.08
N HIS C 8 -5.80 -5.94 12.57
CA HIS C 8 -7.16 -6.21 12.05
C HIS C 8 -7.09 -6.60 10.58
N VAL C 9 -6.01 -6.24 9.94
CA VAL C 9 -5.78 -6.59 8.53
C VAL C 9 -5.08 -7.95 8.52
N MET C 10 -4.25 -8.16 9.51
CA MET C 10 -3.54 -9.47 9.60
C MET C 10 -4.60 -10.54 9.85
N HIS C 11 -5.59 -10.21 10.64
CA HIS C 11 -6.68 -11.19 10.91
C HIS C 11 -7.51 -11.36 9.64
N LEU C 12 -7.75 -10.28 8.93
CA LEU C 12 -8.53 -10.37 7.67
C LEU C 12 -7.78 -11.25 6.68
N LEU C 13 -6.49 -11.37 6.86
CA LEU C 13 -5.68 -12.22 5.95
C LEU C 13 -5.49 -13.60 6.58
N GLN C 14 -5.62 -13.68 7.86
CA GLN C 14 -5.47 -14.98 8.56
C GLN C 14 -6.76 -15.81 8.42
N ASN C 15 -7.79 -15.23 7.86
CA ASN C 15 -9.07 -15.98 7.69
C ASN C 15 -9.24 -16.30 6.21
N ALA C 16 -8.79 -15.43 5.35
CA ALA C 16 -8.91 -15.68 3.89
C ALA C 16 -7.94 -16.75 3.47
N ASP C 17 -6.83 -16.80 4.13
CA ASP C 17 -5.83 -17.83 3.77
C ASP C 17 -5.32 -18.53 5.04
N PRO C 18 -5.49 -19.83 5.09
CA PRO C 18 -5.04 -20.61 6.28
C PRO C 18 -3.51 -20.78 6.26
N LEU C 19 -2.83 -20.23 5.29
CA LEU C 19 -1.34 -20.38 5.25
C LEU C 19 -0.66 -19.02 5.18
N LYS C 20 -1.27 -18.01 5.73
CA LYS C 20 -0.64 -16.65 5.69
C LYS C 20 0.14 -16.41 6.99
N VAL C 21 1.39 -16.07 6.87
CA VAL C 21 2.20 -15.80 8.10
C VAL C 21 2.89 -14.47 8.02
N TYR C 22 2.96 -13.80 9.13
CA TYR C 22 3.70 -12.54 9.17
C TYR C 22 4.70 -12.65 10.30
N PRO C 23 5.82 -13.21 9.98
CA PRO C 23 6.88 -13.41 10.99
C PRO C 23 7.23 -12.10 11.67
N PRO C 24 7.64 -12.20 12.90
CA PRO C 24 8.00 -10.99 13.67
C PRO C 24 9.24 -10.34 13.07
N LEU C 25 9.04 -9.45 12.16
CA LEU C 25 10.20 -8.75 11.57
C LEU C 25 10.70 -7.78 12.63
N LYS C 26 11.71 -8.16 13.36
CA LYS C 26 12.21 -7.28 14.45
C LYS C 26 13.55 -6.66 14.07
N GLY C 27 14.20 -7.20 13.06
CA GLY C 27 15.51 -6.63 12.62
C GLY C 27 15.27 -5.20 12.12
N SER C 28 16.02 -4.77 11.16
CA SER C 28 15.82 -3.42 10.60
C SER C 28 14.91 -3.56 9.38
N PHE C 29 14.20 -2.54 9.02
CA PHE C 29 13.28 -2.65 7.85
C PHE C 29 13.92 -3.36 6.65
N PRO C 30 15.19 -3.12 6.38
CA PRO C 30 15.83 -3.84 5.25
C PRO C 30 16.06 -5.30 5.64
N GLU C 31 16.08 -5.57 6.92
CA GLU C 31 16.23 -6.97 7.41
C GLU C 31 14.83 -7.56 7.44
N ASN C 32 13.95 -6.78 7.94
CA ASN C 32 12.52 -7.19 8.01
C ASN C 32 12.03 -7.48 6.60
N LEU C 33 12.59 -6.79 5.63
CA LEU C 33 12.17 -7.02 4.22
C LEU C 33 12.93 -8.23 3.66
N ARG C 34 14.21 -8.23 3.83
CA ARG C 34 15.02 -9.39 3.36
C ARG C 34 14.63 -10.63 4.16
N HIS C 35 14.10 -10.43 5.33
CA HIS C 35 13.64 -11.60 6.13
C HIS C 35 12.37 -12.10 5.49
N LEU C 36 11.42 -11.24 5.27
CA LEU C 36 10.17 -11.68 4.58
C LEU C 36 10.55 -12.33 3.27
N LYS C 37 11.54 -11.77 2.65
CA LYS C 37 12.00 -12.29 1.35
C LYS C 37 12.71 -13.61 1.55
N ASN C 38 13.67 -13.60 2.42
CA ASN C 38 14.44 -14.84 2.71
C ASN C 38 13.60 -15.81 3.53
N THR C 39 12.45 -15.39 3.99
CA THR C 39 11.59 -16.28 4.81
C THR C 39 10.28 -16.58 4.09
N MET C 40 9.50 -15.56 3.84
CA MET C 40 8.20 -15.79 3.15
C MET C 40 8.44 -16.47 1.80
N GLU C 41 7.39 -16.77 1.09
CA GLU C 41 7.55 -17.42 -0.24
C GLU C 41 8.21 -16.44 -1.18
N THR C 42 9.25 -16.89 -1.79
CA THR C 42 9.99 -16.04 -2.77
C THR C 42 8.99 -15.42 -3.71
N ILE C 43 7.94 -16.14 -3.95
CA ILE C 43 6.91 -15.65 -4.88
C ILE C 43 5.97 -14.69 -4.16
N ASP C 44 5.84 -14.86 -2.89
CA ASP C 44 5.03 -13.91 -2.12
C ASP C 44 5.93 -12.69 -1.98
N TRP C 45 7.22 -12.94 -1.95
CA TRP C 45 8.19 -11.84 -1.90
C TRP C 45 8.21 -11.20 -3.28
N LYS C 46 8.08 -11.99 -4.31
CA LYS C 46 8.07 -11.41 -5.68
C LYS C 46 6.95 -10.41 -5.73
N VAL C 47 5.85 -10.87 -5.23
CA VAL C 47 4.64 -10.04 -5.20
C VAL C 47 4.80 -8.94 -4.17
N PHE C 48 5.43 -9.23 -3.07
CA PHE C 48 5.63 -8.17 -2.04
C PHE C 48 6.56 -7.10 -2.58
N GLU C 49 7.60 -7.51 -3.23
CA GLU C 49 8.54 -6.53 -3.81
C GLU C 49 7.77 -5.69 -4.82
N SER C 50 7.00 -6.33 -5.64
CA SER C 50 6.16 -5.57 -6.61
C SER C 50 5.19 -4.71 -5.82
N TRP C 51 4.80 -5.18 -4.66
CA TRP C 51 3.88 -4.37 -3.80
C TRP C 51 4.64 -3.19 -3.25
N MET C 52 5.87 -3.42 -2.89
CA MET C 52 6.70 -2.31 -2.37
C MET C 52 7.02 -1.38 -3.52
N HIS C 53 7.24 -1.95 -4.67
CA HIS C 53 7.52 -1.14 -5.88
C HIS C 53 6.28 -0.32 -6.21
N HIS C 54 5.13 -0.94 -6.25
CA HIS C 54 3.88 -0.16 -6.53
C HIS C 54 3.71 0.83 -5.39
N TRP C 55 3.88 0.35 -4.19
CA TRP C 55 3.81 1.25 -3.03
C TRP C 55 4.76 2.41 -3.26
N LEU C 56 5.91 2.10 -3.79
CA LEU C 56 6.92 3.14 -4.05
C LEU C 56 6.43 4.09 -5.14
N LEU C 57 6.12 3.58 -6.30
CA LEU C 57 5.63 4.45 -7.39
C LEU C 57 4.53 5.36 -6.86
N PHE C 58 3.43 4.75 -6.49
CA PHE C 58 2.28 5.53 -5.96
C PHE C 58 2.74 6.70 -5.09
N GLU C 59 3.34 6.39 -3.97
CA GLU C 59 3.82 7.47 -3.06
C GLU C 59 4.67 8.47 -3.82
N MET C 60 5.50 7.99 -4.70
CA MET C 60 6.35 8.92 -5.50
C MET C 60 5.45 9.72 -6.45
N SER C 61 4.64 9.05 -7.24
CA SER C 61 3.72 9.76 -8.16
C SER C 61 2.78 10.68 -7.39
N ARG C 62 2.30 10.24 -6.27
CA ARG C 62 1.36 11.09 -5.48
C ARG C 62 2.12 12.03 -4.53
N HIS C 63 3.37 12.30 -4.79
CA HIS C 63 4.14 13.22 -3.91
C HIS C 63 4.05 14.66 -4.44
N SER C 64 2.90 15.04 -4.93
CA SER C 64 2.74 16.43 -5.45
C SER C 64 2.72 17.44 -4.31
N LEU C 65 2.47 17.00 -3.11
CA LEU C 65 2.42 17.94 -1.97
C LEU C 65 3.68 17.81 -1.12
N GLU C 66 4.12 16.60 -0.88
CA GLU C 66 5.34 16.40 -0.05
C GLU C 66 6.61 16.66 -0.88
N GLN C 67 6.74 17.82 -1.44
CA GLN C 67 7.96 18.13 -2.25
C GLN C 67 8.22 19.63 -2.27
N LYS C 68 9.46 20.04 -2.24
CA LYS C 68 9.77 21.49 -2.25
C LYS C 68 10.45 21.88 -3.57
N PRO C 69 10.33 23.14 -3.93
CA PRO C 69 10.94 23.63 -5.18
C PRO C 69 12.46 23.69 -5.05
N THR C 70 13.16 23.92 -6.12
CA THR C 70 14.65 23.99 -6.05
C THR C 70 15.17 25.13 -6.92
N ASP C 71 16.43 25.42 -6.83
CA ASP C 71 17.02 26.53 -7.65
C ASP C 71 18.54 26.41 -7.67
N ALA C 72 19.08 25.52 -8.45
CA ALA C 72 20.56 25.38 -8.51
C ALA C 72 20.99 24.84 -9.88
N PRO C 73 20.99 25.71 -10.86
CA PRO C 73 21.39 25.31 -12.23
C PRO C 73 22.91 25.08 -12.29
N PRO C 74 23.31 24.18 -13.16
CA PRO C 74 24.76 23.86 -13.30
C PRO C 74 25.49 25.01 -14.01
N LYS C 75 25.87 26.02 -13.28
CA LYS C 75 26.59 27.17 -13.90
C LYS C 75 27.97 26.71 -14.40
N TYR A 1 10.50 11.13 -0.85
CA TYR A 1 9.45 10.61 0.08
C TYR A 1 9.55 11.31 1.44
N GLY A 2 10.66 11.96 1.71
CA GLY A 2 10.81 12.66 3.02
C GLY A 2 10.65 11.66 4.15
N ASN A 3 10.83 10.39 3.88
CA ASN A 3 10.68 9.39 4.96
C ASN A 3 11.83 8.37 4.92
N MET A 4 12.77 8.54 4.04
CA MET A 4 13.91 7.57 3.97
C MET A 4 13.39 6.16 3.72
N THR A 5 12.17 6.01 3.28
CA THR A 5 11.63 4.64 3.02
C THR A 5 11.64 4.32 1.53
N GLU A 6 11.03 5.14 0.73
CA GLU A 6 10.99 4.86 -0.73
C GLU A 6 12.40 4.61 -1.26
N ASP A 7 13.37 5.30 -0.75
CA ASP A 7 14.77 5.04 -1.21
C ASP A 7 15.26 3.74 -0.60
N HIS A 8 14.69 3.39 0.51
CA HIS A 8 15.09 2.15 1.21
C HIS A 8 14.23 0.98 0.70
N VAL A 9 13.10 1.31 0.13
CA VAL A 9 12.19 0.30 -0.43
C VAL A 9 12.58 0.15 -1.89
N MET A 10 12.97 1.24 -2.49
CA MET A 10 13.41 1.20 -3.91
C MET A 10 14.66 0.33 -3.97
N HIS A 11 15.52 0.48 -3.01
CA HIS A 11 16.75 -0.33 -2.99
C HIS A 11 16.38 -1.78 -2.67
N LEU A 12 15.44 -1.99 -1.79
CA LEU A 12 15.01 -3.37 -1.46
C LEU A 12 14.43 -4.02 -2.71
N LEU A 13 14.08 -3.23 -3.68
CA LEU A 13 13.51 -3.77 -4.96
C LEU A 13 14.58 -3.71 -6.06
N GLN A 14 15.53 -2.85 -5.90
CA GLN A 14 16.61 -2.73 -6.92
C GLN A 14 17.63 -3.85 -6.76
N ASN A 15 17.51 -4.63 -5.72
CA ASN A 15 18.47 -5.76 -5.51
C ASN A 15 17.75 -7.07 -5.82
N ALA A 16 16.47 -7.11 -5.60
CA ALA A 16 15.69 -8.34 -5.89
C ALA A 16 15.45 -8.46 -7.38
N ASP A 17 15.40 -7.36 -8.04
CA ASP A 17 15.16 -7.41 -9.50
C ASP A 17 16.15 -6.49 -10.23
N PRO A 18 16.81 -7.04 -11.22
CA PRO A 18 17.79 -6.25 -12.01
C PRO A 18 17.09 -5.32 -13.01
N LEU A 19 15.78 -5.31 -13.03
CA LEU A 19 15.07 -4.42 -13.99
C LEU A 19 13.96 -3.63 -13.30
N LYS A 20 14.16 -3.24 -12.07
CA LYS A 20 13.11 -2.47 -11.36
C LYS A 20 13.48 -0.99 -11.32
N VAL A 21 12.64 -0.15 -11.84
CA VAL A 21 12.94 1.31 -11.84
C VAL A 21 11.80 2.10 -11.26
N TYR A 22 12.11 3.26 -10.78
CA TYR A 22 11.07 4.15 -10.25
C TYR A 22 11.38 5.55 -10.75
N PRO A 23 10.94 5.81 -11.95
CA PRO A 23 11.19 7.12 -12.56
C PRO A 23 10.69 8.25 -11.68
N PRO A 24 11.37 9.37 -11.76
CA PRO A 24 10.98 10.54 -10.95
C PRO A 24 9.63 11.05 -11.40
N LEU A 25 8.60 10.65 -10.70
CA LEU A 25 7.24 11.11 -11.08
C LEU A 25 7.08 12.54 -10.56
N LYS A 26 7.85 13.45 -11.11
CA LYS A 26 7.80 14.87 -10.66
C LYS A 26 6.53 15.55 -11.17
N GLY A 27 5.91 15.00 -12.18
CA GLY A 27 4.65 15.61 -12.69
C GLY A 27 3.61 15.59 -11.57
N SER A 28 2.36 15.55 -11.92
CA SER A 28 1.31 15.49 -10.88
C SER A 28 1.03 14.03 -10.57
N PHE A 29 0.37 13.76 -9.48
CA PHE A 29 0.10 12.34 -9.14
C PHE A 29 -0.56 11.58 -10.32
N PRO A 30 -1.48 12.22 -11.02
CA PRO A 30 -2.12 11.52 -12.18
C PRO A 30 -1.12 11.44 -13.34
N GLU A 31 -0.16 12.32 -13.35
CA GLU A 31 0.89 12.27 -14.41
C GLU A 31 1.87 11.22 -13.95
N ASN A 32 2.16 11.30 -12.70
CA ASN A 32 3.07 10.32 -12.06
C ASN A 32 2.50 8.92 -12.26
N LEU A 33 1.20 8.82 -12.31
CA LEU A 33 0.57 7.48 -12.50
C LEU A 33 0.51 7.14 -13.98
N ARG A 34 0.00 8.04 -14.75
CA ARG A 34 -0.08 7.81 -16.23
C ARG A 34 1.33 7.71 -16.79
N HIS A 35 2.28 8.30 -16.12
CA HIS A 35 3.68 8.19 -16.59
C HIS A 35 4.14 6.78 -16.29
N LEU A 36 4.01 6.35 -15.08
CA LEU A 36 4.40 4.95 -14.74
C LEU A 36 3.67 4.01 -15.67
N LYS A 37 2.45 4.34 -15.95
CA LYS A 37 1.63 3.49 -16.83
C LYS A 37 2.12 3.62 -18.26
N ASN A 38 2.23 4.83 -18.72
CA ASN A 38 2.70 5.06 -20.11
C ASN A 38 4.21 4.79 -20.20
N THR A 39 4.86 4.58 -19.09
CA THR A 39 6.33 4.33 -19.12
C THR A 39 6.67 2.93 -18.62
N MET A 40 6.33 2.63 -17.41
CA MET A 40 6.65 1.30 -16.86
C MET A 40 6.00 0.19 -17.71
N GLU A 41 6.20 -1.04 -17.34
CA GLU A 41 5.59 -2.16 -18.09
C GLU A 41 4.10 -2.11 -17.94
N THR A 42 3.41 -2.12 -19.02
CA THR A 42 1.93 -2.10 -19.00
C THR A 42 1.46 -3.16 -18.02
N ILE A 43 2.22 -4.20 -17.94
CA ILE A 43 1.85 -5.31 -17.03
C ILE A 43 2.27 -4.99 -15.61
N ASP A 44 3.27 -4.20 -15.48
CA ASP A 44 3.67 -3.77 -14.12
C ASP A 44 2.65 -2.71 -13.76
N TRP A 45 2.16 -2.03 -14.77
CA TRP A 45 1.11 -1.03 -14.55
C TRP A 45 -0.17 -1.78 -14.27
N LYS A 46 -0.36 -2.90 -14.92
CA LYS A 46 -1.60 -3.68 -14.66
C LYS A 46 -1.61 -4.03 -13.20
N VAL A 47 -0.49 -4.54 -12.80
CA VAL A 47 -0.30 -4.95 -11.40
C VAL A 47 -0.29 -3.71 -10.51
N PHE A 48 0.29 -2.65 -10.98
CA PHE A 48 0.34 -1.42 -10.16
C PHE A 48 -1.06 -0.84 -10.02
N GLU A 49 -1.81 -0.86 -11.07
CA GLU A 49 -3.20 -0.35 -10.99
C GLU A 49 -3.96 -1.18 -9.97
N SER A 50 -3.83 -2.47 -10.06
CA SER A 50 -4.51 -3.35 -9.06
C SER A 50 -3.96 -3.01 -7.68
N TRP A 51 -2.72 -2.61 -7.61
CA TRP A 51 -2.11 -2.23 -6.32
C TRP A 51 -2.74 -0.94 -5.86
N MET A 52 -3.00 -0.07 -6.80
CA MET A 52 -3.64 1.22 -6.48
C MET A 52 -5.10 0.96 -6.12
N HIS A 53 -5.69 0.03 -6.83
CA HIS A 53 -7.10 -0.35 -6.55
C HIS A 53 -7.16 -1.00 -5.17
N HIS A 54 -6.26 -1.90 -4.91
CA HIS A 54 -6.24 -2.54 -3.56
C HIS A 54 -5.91 -1.48 -2.55
N TRP A 55 -4.95 -0.66 -2.86
CA TRP A 55 -4.61 0.47 -1.97
C TRP A 55 -5.90 1.25 -1.71
N LEU A 56 -6.61 1.52 -2.77
CA LEU A 56 -7.87 2.29 -2.65
C LEU A 56 -8.85 1.55 -1.74
N LEU A 57 -9.22 0.34 -2.08
CA LEU A 57 -10.16 -0.41 -1.21
C LEU A 57 -9.67 -0.38 0.23
N PHE A 58 -8.55 -0.99 0.44
CA PHE A 58 -7.96 -1.06 1.82
C PHE A 58 -8.07 0.29 2.54
N GLU A 59 -7.31 1.26 2.12
CA GLU A 59 -7.35 2.58 2.79
C GLU A 59 -8.77 3.11 2.90
N MET A 60 -9.64 2.66 2.05
CA MET A 60 -11.05 3.13 2.15
C MET A 60 -11.71 2.29 3.26
N SER A 61 -11.52 1.00 3.19
CA SER A 61 -12.05 0.10 4.25
C SER A 61 -11.48 0.50 5.60
N ARG A 62 -10.19 0.70 5.67
CA ARG A 62 -9.57 1.06 6.97
C ARG A 62 -9.46 2.59 7.16
N HIS A 63 -9.03 3.31 6.15
CA HIS A 63 -8.88 4.80 6.26
C HIS A 63 -8.24 5.18 7.60
N SER A 64 -6.94 5.12 7.67
CA SER A 64 -6.24 5.48 8.95
C SER A 64 -4.75 5.68 8.69
N LEU A 65 -3.94 5.65 9.72
CA LEU A 65 -2.47 5.85 9.54
C LEU A 65 -1.70 4.69 10.19
N GLU A 66 -0.49 4.94 10.62
CA GLU A 66 0.30 3.86 11.27
C GLU A 66 0.65 4.28 12.70
N GLN A 67 1.32 5.39 12.86
CA GLN A 67 1.69 5.85 14.22
C GLN A 67 0.48 6.50 14.91
N LYS A 68 0.32 6.28 16.19
CA LYS A 68 -0.83 6.88 16.90
C LYS A 68 -0.58 8.38 17.15
N PRO A 69 -1.38 9.22 16.54
CA PRO A 69 -1.22 10.69 16.72
C PRO A 69 -1.68 11.10 18.11
N THR A 70 -0.89 10.83 19.12
CA THR A 70 -1.28 11.22 20.50
C THR A 70 -1.38 12.74 20.61
N ASP A 71 -1.76 13.23 21.76
CA ASP A 71 -1.88 14.71 21.93
C ASP A 71 -0.90 15.19 23.01
N ALA A 72 -0.79 16.48 23.18
CA ALA A 72 0.14 17.02 24.21
C ALA A 72 -0.26 18.44 24.62
N PRO A 73 -1.36 18.55 25.32
CA PRO A 73 -1.84 19.87 25.77
C PRO A 73 -0.97 20.38 26.92
N PRO A 74 -1.14 21.64 27.24
CA PRO A 74 -0.34 22.25 28.34
C PRO A 74 -0.80 21.73 29.70
N LYS A 75 -2.05 21.33 29.81
CA LYS A 75 -2.55 20.81 31.11
C LYS A 75 -2.29 19.31 31.21
N TYR B 1 -11.81 9.65 1.49
CA TYR B 1 -10.38 9.53 1.87
C TYR B 1 -9.89 10.84 2.50
N GLY B 2 -10.61 11.91 2.31
CA GLY B 2 -10.17 13.21 2.90
C GLY B 2 -8.79 13.56 2.39
N ASN B 3 -8.38 12.98 1.29
CA ASN B 3 -7.03 13.30 0.77
C ASN B 3 -7.08 13.55 -0.75
N MET B 4 -8.24 13.52 -1.34
CA MET B 4 -8.34 13.75 -2.82
C MET B 4 -7.48 12.74 -3.59
N THR B 5 -7.10 11.65 -2.95
CA THR B 5 -6.27 10.65 -3.68
C THR B 5 -7.11 9.45 -4.09
N GLU B 6 -7.79 8.83 -3.17
CA GLU B 6 -8.61 7.65 -3.54
C GLU B 6 -9.53 7.98 -4.71
N ASP B 7 -10.05 9.17 -4.75
CA ASP B 7 -10.91 9.54 -5.90
C ASP B 7 -10.04 9.77 -7.13
N HIS B 8 -8.82 10.12 -6.90
CA HIS B 8 -7.88 10.38 -8.00
C HIS B 8 -7.17 9.07 -8.39
N VAL B 9 -7.16 8.14 -7.47
CA VAL B 9 -6.54 6.82 -7.72
C VAL B 9 -7.65 5.93 -8.26
N MET B 10 -8.84 6.14 -7.76
CA MET B 10 -10.00 5.35 -8.24
C MET B 10 -10.19 5.68 -9.71
N HIS B 11 -10.06 6.94 -10.03
CA HIS B 11 -10.22 7.35 -11.45
C HIS B 11 -9.04 6.83 -12.27
N LEU B 12 -7.86 6.85 -11.70
CA LEU B 12 -6.68 6.32 -12.42
C LEU B 12 -6.89 4.83 -12.70
N LEU B 13 -7.80 4.22 -11.97
CA LEU B 13 -8.09 2.77 -12.19
C LEU B 13 -9.40 2.61 -12.95
N GLN B 14 -10.24 3.60 -12.91
CA GLN B 14 -11.54 3.53 -13.64
C GLN B 14 -11.33 3.80 -15.13
N ASN B 15 -10.15 4.19 -15.51
CA ASN B 15 -9.88 4.46 -16.95
C ASN B 15 -9.02 3.33 -17.52
N ALA B 16 -8.20 2.74 -16.68
CA ALA B 16 -7.35 1.61 -17.14
C ALA B 16 -8.17 0.35 -17.25
N ASP B 17 -9.19 0.26 -16.47
CA ASP B 17 -10.03 -0.95 -16.53
C ASP B 17 -11.52 -0.57 -16.58
N PRO B 18 -12.22 -1.12 -17.53
CA PRO B 18 -13.67 -0.81 -17.67
C PRO B 18 -14.51 -1.59 -16.64
N LEU B 19 -13.87 -2.35 -15.78
CA LEU B 19 -14.66 -3.13 -14.77
C LEU B 19 -14.05 -2.96 -13.38
N LYS B 20 -13.52 -1.81 -13.06
CA LYS B 20 -12.93 -1.61 -11.71
C LYS B 20 -13.89 -0.81 -10.84
N VAL B 21 -14.28 -1.35 -9.72
CA VAL B 21 -15.21 -0.62 -8.82
C VAL B 21 -14.67 -0.56 -7.41
N TYR B 22 -15.13 0.40 -6.68
CA TYR B 22 -14.73 0.52 -5.27
C TYR B 22 -15.97 0.86 -4.48
N PRO B 23 -16.70 -0.16 -4.13
CA PRO B 23 -17.95 0.03 -3.39
C PRO B 23 -17.72 0.82 -2.11
N PRO B 24 -18.71 1.56 -1.72
CA PRO B 24 -18.60 2.38 -0.49
C PRO B 24 -18.50 1.46 0.71
N LEU B 25 -17.29 1.23 1.16
CA LEU B 25 -17.13 0.35 2.35
C LEU B 25 -17.46 1.18 3.59
N LYS B 26 -18.70 1.55 3.71
CA LYS B 26 -19.14 2.39 4.86
C LYS B 26 -19.21 1.55 6.15
N GLY B 27 -19.29 0.25 6.01
CA GLY B 27 -19.34 -0.62 7.21
C GLY B 27 -18.04 -0.41 8.01
N SER B 28 -17.63 -1.39 8.75
CA SER B 28 -16.37 -1.27 9.51
C SER B 28 -15.24 -1.75 8.62
N PHE B 29 -14.03 -1.45 8.97
CA PHE B 29 -12.88 -1.90 8.12
C PHE B 29 -12.95 -3.41 7.83
N PRO B 30 -13.32 -4.22 8.82
CA PRO B 30 -13.40 -5.68 8.57
C PRO B 30 -14.65 -5.98 7.73
N GLU B 31 -15.61 -5.11 7.77
CA GLU B 31 -16.82 -5.28 6.92
C GLU B 31 -16.44 -4.78 5.55
N ASN B 32 -15.77 -3.67 5.57
CA ASN B 32 -15.26 -3.05 4.33
C ASN B 32 -14.37 -4.06 3.62
N LEU B 33 -13.71 -4.89 4.38
CA LEU B 33 -12.80 -5.90 3.75
C LEU B 33 -13.59 -7.14 3.35
N ARG B 34 -14.34 -7.65 4.27
CA ARG B 34 -15.18 -8.85 3.97
C ARG B 34 -16.20 -8.48 2.91
N HIS B 35 -16.55 -7.23 2.83
CA HIS B 35 -17.51 -6.81 1.78
C HIS B 35 -16.78 -6.85 0.45
N LEU B 36 -15.65 -6.21 0.36
CA LEU B 36 -14.86 -6.27 -0.90
C LEU B 36 -14.62 -7.73 -1.25
N LYS B 37 -14.38 -8.50 -0.25
CA LYS B 37 -14.11 -9.94 -0.46
C LYS B 37 -15.39 -10.64 -0.86
N ASN B 38 -16.41 -10.47 -0.07
CA ASN B 38 -17.72 -11.10 -0.37
C ASN B 38 -18.39 -10.41 -1.56
N THR B 39 -17.84 -9.31 -2.01
CA THR B 39 -18.47 -8.57 -3.14
C THR B 39 -17.54 -8.55 -4.36
N MET B 40 -16.40 -7.97 -4.21
CA MET B 40 -15.46 -7.89 -5.36
C MET B 40 -15.12 -9.31 -5.88
N GLU B 41 -14.31 -9.38 -6.89
CA GLU B 41 -13.91 -10.71 -7.43
C GLU B 41 -13.08 -11.43 -6.41
N THR B 42 -13.47 -12.62 -6.11
CA THR B 42 -12.71 -13.45 -5.13
C THR B 42 -11.26 -13.41 -5.49
N ILE B 43 -11.02 -13.31 -6.76
CA ILE B 43 -9.62 -13.28 -7.25
C ILE B 43 -9.05 -11.89 -7.11
N ASP B 44 -9.88 -10.92 -7.15
CA ASP B 44 -9.38 -9.55 -6.91
C ASP B 44 -9.21 -9.46 -5.42
N TRP B 45 -10.01 -10.22 -4.70
CA TRP B 45 -9.88 -10.29 -3.25
C TRP B 45 -8.63 -11.12 -2.95
N LYS B 46 -8.38 -12.12 -3.75
CA LYS B 46 -7.17 -12.94 -3.52
C LYS B 46 -5.99 -12.02 -3.60
N VAL B 47 -5.99 -11.27 -4.65
CA VAL B 47 -4.91 -10.31 -4.91
C VAL B 47 -4.98 -9.19 -3.88
N PHE B 48 -6.16 -8.79 -3.51
CA PHE B 48 -6.29 -7.70 -2.51
C PHE B 48 -5.80 -8.18 -1.16
N GLU B 49 -6.13 -9.39 -0.82
CA GLU B 49 -5.66 -9.94 0.48
C GLU B 49 -4.14 -9.94 0.46
N SER B 50 -3.57 -10.42 -0.60
CA SER B 50 -2.08 -10.42 -0.70
C SER B 50 -1.61 -8.97 -0.64
N TRP B 51 -2.41 -8.07 -1.13
CA TRP B 51 -2.03 -6.63 -1.08
C TRP B 51 -2.10 -6.17 0.37
N MET B 52 -3.08 -6.68 1.06
CA MET B 52 -3.23 -6.33 2.50
C MET B 52 -2.12 -7.01 3.27
N HIS B 53 -1.80 -8.20 2.88
CA HIS B 53 -0.70 -8.97 3.54
C HIS B 53 0.62 -8.26 3.25
N HIS B 54 0.83 -7.88 2.02
CA HIS B 54 2.07 -7.15 1.69
C HIS B 54 2.02 -5.81 2.41
N TRP B 55 0.89 -5.17 2.36
CA TRP B 55 0.72 -3.91 3.10
C TRP B 55 1.11 -4.16 4.55
N LEU B 56 0.61 -5.23 5.08
CA LEU B 56 0.91 -5.59 6.48
C LEU B 56 2.41 -5.77 6.68
N LEU B 57 3.01 -6.68 5.96
CA LEU B 57 4.48 -6.88 6.11
C LEU B 57 5.19 -5.54 6.00
N PHE B 58 5.11 -4.98 4.83
CA PHE B 58 5.78 -3.67 4.57
C PHE B 58 5.60 -2.70 5.74
N GLU B 59 4.42 -2.21 5.93
CA GLU B 59 4.18 -1.23 7.03
C GLU B 59 4.68 -1.77 8.36
N MET B 60 4.77 -3.05 8.49
CA MET B 60 5.31 -3.62 9.76
C MET B 60 6.83 -3.51 9.68
N SER B 61 7.40 -3.94 8.59
CA SER B 61 8.87 -3.82 8.39
C SER B 61 9.28 -2.36 8.47
N ARG B 62 8.56 -1.50 7.80
CA ARG B 62 8.93 -0.05 7.83
C ARG B 62 8.19 0.73 8.94
N HIS B 63 6.91 0.51 9.08
CA HIS B 63 6.10 1.24 10.11
C HIS B 63 6.49 2.72 10.15
N SER B 64 5.92 3.50 9.28
CA SER B 64 6.24 4.96 9.25
C SER B 64 5.21 5.72 8.39
N LEU B 65 5.52 6.91 7.97
CA LEU B 65 4.56 7.70 7.14
C LEU B 65 5.23 8.18 5.86
N GLU B 66 4.79 9.29 5.32
CA GLU B 66 5.43 9.80 4.08
C GLU B 66 5.99 11.20 4.33
N GLN B 67 5.16 12.12 4.75
CA GLN B 67 5.65 13.50 5.02
C GLN B 67 6.37 13.54 6.37
N LYS B 68 7.43 14.30 6.47
CA LYS B 68 8.17 14.38 7.76
C LYS B 68 7.42 15.27 8.75
N PRO B 69 6.94 14.68 9.83
CA PRO B 69 6.20 15.46 10.85
C PRO B 69 7.14 16.37 11.63
N THR B 70 7.58 17.45 11.04
CA THR B 70 8.51 18.36 11.75
C THR B 70 7.82 18.96 12.97
N ASP B 71 8.52 19.77 13.73
CA ASP B 71 7.90 20.38 14.94
C ASP B 71 7.87 21.90 14.80
N ALA B 72 7.24 22.59 15.73
CA ALA B 72 7.18 24.07 15.64
C ALA B 72 6.90 24.67 17.03
N PRO B 73 7.87 24.58 17.90
CA PRO B 73 7.70 25.13 19.27
C PRO B 73 7.77 26.66 19.23
N PRO B 74 7.40 27.28 20.32
CA PRO B 74 7.42 28.77 20.41
C PRO B 74 8.86 29.28 20.47
N LYS B 75 9.76 28.50 20.99
CA LYS B 75 11.17 28.96 21.08
C LYS B 75 11.93 28.61 19.79
N TYR C 1 1.72 -2.08 15.08
CA TYR C 1 1.34 -1.02 14.12
C TYR C 1 0.81 0.22 14.86
N GLY C 2 0.46 0.08 16.11
CA GLY C 2 -0.05 1.24 16.87
C GLY C 2 -1.29 1.80 16.18
N ASN C 3 -1.92 1.02 15.35
CA ASN C 3 -3.13 1.53 14.65
C ASN C 3 -4.26 0.50 14.69
N MET C 4 -4.07 -0.61 15.35
CA MET C 4 -5.14 -1.64 15.42
C MET C 4 -5.54 -2.08 14.00
N THR C 5 -4.73 -1.81 13.01
CA THR C 5 -5.09 -2.24 11.63
C THR C 5 -4.31 -3.49 11.22
N GLU C 6 -3.02 -3.45 11.31
CA GLU C 6 -2.22 -4.63 10.90
C GLU C 6 -2.73 -5.88 11.61
N ASP C 7 -3.14 -5.76 12.82
CA ASP C 7 -3.68 -6.96 13.53
C ASP C 7 -5.08 -7.25 13.00
N HIS C 8 -5.72 -6.24 12.49
CA HIS C 8 -7.08 -6.41 11.95
C HIS C 8 -7.00 -6.77 10.46
N VAL C 9 -5.87 -6.46 9.86
CA VAL C 9 -5.63 -6.78 8.43
C VAL C 9 -4.98 -8.14 8.41
N MET C 10 -4.15 -8.39 9.41
CA MET C 10 -3.48 -9.70 9.50
C MET C 10 -4.56 -10.75 9.71
N HIS C 11 -5.52 -10.44 10.52
CA HIS C 11 -6.63 -11.41 10.77
C HIS C 11 -7.48 -11.52 9.50
N LEU C 12 -7.70 -10.42 8.83
CA LEU C 12 -8.49 -10.46 7.57
C LEU C 12 -7.77 -11.34 6.56
N LEU C 13 -6.51 -11.58 6.77
CA LEU C 13 -5.71 -12.44 5.85
C LEU C 13 -5.50 -13.83 6.48
N GLN C 14 -5.58 -13.89 7.77
CA GLN C 14 -5.39 -15.19 8.47
C GLN C 14 -6.66 -16.05 8.36
N ASN C 15 -7.72 -15.50 7.84
CA ASN C 15 -8.97 -16.29 7.69
C ASN C 15 -9.17 -16.63 6.22
N ALA C 16 -8.69 -15.79 5.35
CA ALA C 16 -8.83 -16.05 3.90
C ALA C 16 -7.81 -17.08 3.47
N ASP C 17 -6.72 -17.13 4.15
CA ASP C 17 -5.69 -18.12 3.78
C ASP C 17 -5.18 -18.86 5.02
N PRO C 18 -5.18 -20.17 4.95
CA PRO C 18 -4.72 -20.99 6.09
C PRO C 18 -3.18 -21.01 6.17
N LEU C 19 -2.50 -20.31 5.30
CA LEU C 19 -1.02 -20.32 5.34
C LEU C 19 -0.45 -18.90 5.24
N LYS C 20 -1.13 -17.94 5.80
CA LYS C 20 -0.62 -16.55 5.74
C LYS C 20 0.03 -16.16 7.07
N VAL C 21 1.27 -15.77 7.04
CA VAL C 21 1.96 -15.39 8.30
C VAL C 21 2.61 -14.03 8.18
N TYR C 22 2.82 -13.41 9.28
CA TYR C 22 3.51 -12.11 9.28
C TYR C 22 4.48 -12.13 10.44
N PRO C 23 5.63 -12.67 10.18
CA PRO C 23 6.66 -12.79 11.23
C PRO C 23 6.99 -11.43 11.82
N PRO C 24 7.35 -11.44 13.07
CA PRO C 24 7.68 -10.17 13.75
C PRO C 24 8.94 -9.58 13.15
N LEU C 25 8.78 -8.66 12.26
CA LEU C 25 9.97 -8.03 11.62
C LEU C 25 10.53 -7.01 12.60
N LYS C 26 11.03 -7.50 13.71
CA LYS C 26 11.58 -6.60 14.76
C LYS C 26 12.94 -6.04 14.34
N GLY C 27 13.58 -6.67 13.39
CA GLY C 27 14.89 -6.16 12.91
C GLY C 27 14.68 -4.75 12.33
N SER C 28 15.50 -4.34 11.41
CA SER C 28 15.32 -3.02 10.78
C SER C 28 14.40 -3.20 9.58
N PHE C 29 13.88 -2.13 9.06
CA PHE C 29 12.98 -2.26 7.90
C PHE C 29 13.63 -3.07 6.75
N PRO C 30 14.92 -2.88 6.50
CA PRO C 30 15.58 -3.66 5.43
C PRO C 30 15.79 -5.11 5.90
N GLU C 31 15.82 -5.30 7.19
CA GLU C 31 15.95 -6.68 7.74
C GLU C 31 14.57 -7.27 7.70
N ASN C 32 13.65 -6.44 8.11
CA ASN C 32 12.21 -6.82 8.09
C ASN C 32 11.82 -7.20 6.67
N LEU C 33 12.45 -6.58 5.70
CA LEU C 33 12.11 -6.89 4.28
C LEU C 33 12.91 -8.11 3.81
N ARG C 34 14.17 -8.07 4.03
CA ARG C 34 15.04 -9.22 3.63
C ARG C 34 14.64 -10.43 4.45
N HIS C 35 14.08 -10.22 5.60
CA HIS C 35 13.62 -11.38 6.41
C HIS C 35 12.37 -11.93 5.75
N LEU C 36 11.41 -11.09 5.49
CA LEU C 36 10.19 -11.59 4.79
C LEU C 36 10.61 -12.25 3.49
N LYS C 37 11.59 -11.69 2.87
CA LYS C 37 12.09 -12.22 1.59
C LYS C 37 12.83 -13.51 1.84
N ASN C 38 13.78 -13.46 2.73
CA ASN C 38 14.58 -14.67 3.06
C ASN C 38 13.73 -15.66 3.88
N THR C 39 12.57 -15.26 4.28
CA THR C 39 11.71 -16.15 5.11
C THR C 39 10.41 -16.50 4.39
N MET C 40 9.62 -15.52 4.10
CA MET C 40 8.33 -15.78 3.41
C MET C 40 8.57 -16.49 2.06
N GLU C 41 7.52 -16.79 1.35
CA GLU C 41 7.67 -17.45 0.04
C GLU C 41 8.34 -16.51 -0.93
N THR C 42 9.39 -16.97 -1.52
CA THR C 42 10.11 -16.13 -2.52
C THR C 42 9.11 -15.55 -3.48
N ILE C 43 8.08 -16.28 -3.71
CA ILE C 43 7.04 -15.83 -4.65
C ILE C 43 6.10 -14.87 -3.96
N ASP C 44 5.96 -15.01 -2.69
CA ASP C 44 5.14 -14.04 -1.95
C ASP C 44 6.02 -12.81 -1.83
N TRP C 45 7.31 -13.05 -1.79
CA TRP C 45 8.27 -11.94 -1.75
C TRP C 45 8.29 -11.32 -3.14
N LYS C 46 8.16 -12.13 -4.16
CA LYS C 46 8.16 -11.59 -5.53
C LYS C 46 7.02 -10.61 -5.61
N VAL C 47 5.90 -11.09 -5.17
CA VAL C 47 4.67 -10.30 -5.17
C VAL C 47 4.80 -9.16 -4.16
N PHE C 48 5.42 -9.42 -3.05
CA PHE C 48 5.58 -8.36 -2.03
C PHE C 48 6.52 -7.29 -2.55
N GLU C 49 7.57 -7.68 -3.20
CA GLU C 49 8.50 -6.68 -3.76
C GLU C 49 7.74 -5.82 -4.75
N SER C 50 6.99 -6.45 -5.61
CA SER C 50 6.18 -5.66 -6.58
C SER C 50 5.21 -4.79 -5.80
N TRP C 51 4.78 -5.27 -4.66
CA TRP C 51 3.85 -4.46 -3.82
C TRP C 51 4.62 -3.29 -3.25
N MET C 52 5.84 -3.54 -2.92
CA MET C 52 6.71 -2.46 -2.37
C MET C 52 7.05 -1.50 -3.51
N HIS C 53 7.27 -2.06 -4.67
CA HIS C 53 7.58 -1.24 -5.87
C HIS C 53 6.34 -0.42 -6.22
N HIS C 54 5.19 -1.04 -6.22
CA HIS C 54 3.95 -0.28 -6.51
C HIS C 54 3.75 0.71 -5.39
N TRP C 55 3.93 0.27 -4.18
CA TRP C 55 3.84 1.18 -3.03
C TRP C 55 4.77 2.36 -3.30
N LEU C 56 5.97 2.05 -3.72
CA LEU C 56 6.96 3.11 -4.01
C LEU C 56 6.44 4.04 -5.09
N LEU C 57 6.13 3.53 -6.27
CA LEU C 57 5.60 4.41 -7.34
C LEU C 57 4.46 5.23 -6.81
N PHE C 58 3.40 4.56 -6.47
CA PHE C 58 2.19 5.26 -5.95
C PHE C 58 2.54 6.36 -4.96
N GLU C 59 3.00 6.00 -3.80
CA GLU C 59 3.35 7.03 -2.78
C GLU C 59 4.29 8.08 -3.35
N MET C 60 5.02 7.74 -4.36
CA MET C 60 5.92 8.75 -4.98
C MET C 60 5.05 9.62 -5.89
N SER C 61 4.25 8.99 -6.71
CA SER C 61 3.32 9.73 -7.60
C SER C 61 2.39 10.59 -6.75
N ARG C 62 1.82 10.02 -5.72
CA ARG C 62 0.87 10.80 -4.87
C ARG C 62 1.58 11.46 -3.67
N HIS C 63 2.43 10.74 -2.98
CA HIS C 63 3.15 11.31 -1.79
C HIS C 63 2.19 12.12 -0.91
N SER C 64 1.45 11.46 -0.07
CA SER C 64 0.48 12.17 0.82
C SER C 64 0.02 11.25 1.95
N LEU C 65 -1.07 11.58 2.60
CA LEU C 65 -1.57 10.72 3.72
C LEU C 65 -3.04 10.36 3.48
N GLU C 66 -3.78 10.13 4.54
CA GLU C 66 -5.23 9.79 4.36
C GLU C 66 -6.09 10.82 5.09
N GLN C 67 -5.87 11.00 6.37
CA GLN C 67 -6.68 12.00 7.11
C GLN C 67 -6.15 13.42 6.85
N LYS C 68 -7.02 14.37 6.74
CA LYS C 68 -6.56 15.77 6.48
C LYS C 68 -5.98 16.39 7.77
N PRO C 69 -4.71 16.68 7.75
CA PRO C 69 -4.05 17.28 8.94
C PRO C 69 -4.49 18.74 9.10
N THR C 70 -5.69 18.96 9.57
CA THR C 70 -6.16 20.36 9.75
C THR C 70 -5.30 21.09 10.79
N ASP C 71 -5.58 22.34 11.03
CA ASP C 71 -4.78 23.09 12.04
C ASP C 71 -5.68 23.56 13.19
N ALA C 72 -5.11 24.11 14.22
CA ALA C 72 -5.93 24.58 15.37
C ALA C 72 -5.18 25.65 16.17
N PRO C 73 -5.02 26.80 15.59
CA PRO C 73 -4.31 27.90 16.27
C PRO C 73 -5.19 28.50 17.38
N PRO C 74 -4.59 29.31 18.22
CA PRO C 74 -5.34 29.95 19.33
C PRO C 74 -6.29 31.01 18.80
N LYS C 75 -5.98 31.61 17.68
CA LYS C 75 -6.87 32.67 17.12
C LYS C 75 -7.93 32.03 16.22
N TYR A 1 2.10 12.45 0.96
CA TYR A 1 2.45 10.99 1.00
C TYR A 1 3.83 10.77 0.38
N GLY A 2 4.86 10.80 1.19
CA GLY A 2 6.22 10.59 0.66
C GLY A 2 7.24 10.66 1.79
N ASN A 3 8.09 9.68 1.90
CA ASN A 3 9.11 9.70 2.98
C ASN A 3 10.39 9.00 2.51
N MET A 4 11.36 8.87 3.38
CA MET A 4 12.63 8.21 2.98
C MET A 4 12.42 6.71 2.75
N THR A 5 11.38 6.16 3.30
CA THR A 5 11.11 4.71 3.11
C THR A 5 11.13 4.35 1.63
N GLU A 6 10.77 5.26 0.77
CA GLU A 6 10.76 4.94 -0.69
C GLU A 6 12.19 4.66 -1.15
N ASP A 7 13.15 5.40 -0.68
CA ASP A 7 14.56 5.10 -1.09
C ASP A 7 15.02 3.83 -0.42
N HIS A 8 14.42 3.51 0.69
CA HIS A 8 14.81 2.29 1.43
C HIS A 8 14.02 1.10 0.88
N VAL A 9 12.87 1.39 0.35
CA VAL A 9 12.01 0.33 -0.26
C VAL A 9 12.45 0.19 -1.71
N MET A 10 12.83 1.31 -2.30
CA MET A 10 13.29 1.28 -3.72
C MET A 10 14.59 0.48 -3.76
N HIS A 11 15.39 0.64 -2.75
CA HIS A 11 16.67 -0.13 -2.71
C HIS A 11 16.34 -1.58 -2.43
N LEU A 12 15.35 -1.84 -1.63
CA LEU A 12 14.95 -3.24 -1.33
C LEU A 12 14.43 -3.88 -2.61
N LEU A 13 14.00 -3.08 -3.55
CA LEU A 13 13.50 -3.62 -4.84
C LEU A 13 14.60 -3.55 -5.89
N GLN A 14 15.51 -2.64 -5.72
CA GLN A 14 16.64 -2.48 -6.67
C GLN A 14 17.69 -3.58 -6.45
N ASN A 15 17.54 -4.34 -5.40
CA ASN A 15 18.52 -5.43 -5.13
C ASN A 15 17.86 -6.77 -5.45
N ALA A 16 16.56 -6.84 -5.32
CA ALA A 16 15.83 -8.09 -5.63
C ALA A 16 15.65 -8.23 -7.12
N ASP A 17 15.58 -7.14 -7.79
CA ASP A 17 15.40 -7.20 -9.25
C ASP A 17 16.35 -6.23 -9.96
N PRO A 18 17.18 -6.77 -10.83
CA PRO A 18 18.14 -5.92 -11.56
C PRO A 18 17.44 -5.13 -12.68
N LEU A 19 16.16 -5.32 -12.86
CA LEU A 19 15.45 -4.58 -13.93
C LEU A 19 14.29 -3.76 -13.35
N LYS A 20 14.38 -3.37 -12.10
CA LYS A 20 13.29 -2.56 -11.50
C LYS A 20 13.60 -1.06 -11.67
N VAL A 21 12.72 -0.34 -12.28
CA VAL A 21 12.97 1.11 -12.48
C VAL A 21 11.86 1.95 -11.90
N TYR A 22 12.20 3.07 -11.37
CA TYR A 22 11.18 4.00 -10.88
C TYR A 22 11.46 5.35 -11.49
N PRO A 23 10.96 5.53 -12.68
CA PRO A 23 11.20 6.79 -13.41
C PRO A 23 10.71 7.97 -12.59
N PRO A 24 11.38 9.09 -12.76
CA PRO A 24 11.02 10.30 -12.01
C PRO A 24 9.64 10.79 -12.44
N LEU A 25 8.66 10.54 -11.62
CA LEU A 25 7.29 11.00 -11.97
C LEU A 25 7.10 12.39 -11.36
N LYS A 26 7.73 13.38 -11.95
CA LYS A 26 7.61 14.77 -11.41
C LYS A 26 6.40 15.49 -12.01
N GLY A 27 5.83 14.95 -13.06
CA GLY A 27 4.63 15.60 -13.68
C GLY A 27 3.60 15.91 -12.59
N SER A 28 2.84 14.91 -12.24
CA SER A 28 1.80 15.05 -11.18
C SER A 28 1.35 13.65 -10.81
N PHE A 29 0.81 13.44 -9.66
CA PHE A 29 0.38 12.06 -9.28
C PHE A 29 -0.47 11.40 -10.38
N PRO A 30 -1.37 12.14 -11.00
CA PRO A 30 -2.20 11.54 -12.07
C PRO A 30 -1.39 11.43 -13.37
N GLU A 31 -0.35 12.20 -13.49
CA GLU A 31 0.53 12.13 -14.70
C GLU A 31 1.58 11.07 -14.40
N ASN A 32 2.02 11.11 -13.19
CA ASN A 32 3.02 10.14 -12.69
C ASN A 32 2.42 8.74 -12.75
N LEU A 33 1.13 8.65 -12.55
CA LEU A 33 0.48 7.31 -12.61
C LEU A 33 0.33 6.90 -14.06
N ARG A 34 -0.17 7.78 -14.86
CA ARG A 34 -0.30 7.49 -16.32
C ARG A 34 1.09 7.40 -16.93
N HIS A 35 2.06 8.01 -16.31
CA HIS A 35 3.45 7.92 -16.81
C HIS A 35 3.94 6.53 -16.47
N LEU A 36 3.85 6.15 -15.24
CA LEU A 36 4.26 4.77 -14.85
C LEU A 36 3.52 3.78 -15.73
N LYS A 37 2.30 4.11 -16.02
CA LYS A 37 1.46 3.24 -16.85
C LYS A 37 1.95 3.31 -18.29
N ASN A 38 2.02 4.49 -18.80
CA ASN A 38 2.48 4.68 -20.20
C ASN A 38 3.99 4.41 -20.31
N THR A 39 4.65 4.25 -19.19
CA THR A 39 6.11 4.02 -19.22
C THR A 39 6.46 2.62 -18.69
N MET A 40 6.15 2.37 -17.45
CA MET A 40 6.46 1.04 -16.87
C MET A 40 5.78 -0.08 -17.67
N GLU A 41 6.00 -1.30 -17.30
CA GLU A 41 5.36 -2.43 -18.01
C GLU A 41 3.87 -2.36 -17.83
N THR A 42 3.17 -2.39 -18.91
CA THR A 42 1.68 -2.35 -18.85
C THR A 42 1.21 -3.36 -17.84
N ILE A 43 1.95 -4.41 -17.74
CA ILE A 43 1.60 -5.49 -16.80
C ILE A 43 2.03 -5.13 -15.40
N ASP A 44 3.06 -4.36 -15.30
CA ASP A 44 3.49 -3.89 -13.97
C ASP A 44 2.48 -2.81 -13.62
N TRP A 45 1.98 -2.15 -14.64
CA TRP A 45 0.95 -1.13 -14.43
C TRP A 45 -0.34 -1.86 -14.12
N LYS A 46 -0.55 -3.00 -14.75
CA LYS A 46 -1.79 -3.76 -14.47
C LYS A 46 -1.80 -4.06 -12.99
N VAL A 47 -0.67 -4.52 -12.56
CA VAL A 47 -0.48 -4.88 -11.16
C VAL A 47 -0.43 -3.61 -10.30
N PHE A 48 0.16 -2.56 -10.82
CA PHE A 48 0.21 -1.31 -10.04
C PHE A 48 -1.19 -0.74 -9.90
N GLU A 49 -1.96 -0.81 -10.95
CA GLU A 49 -3.35 -0.32 -10.88
C GLU A 49 -4.09 -1.18 -9.87
N SER A 50 -3.96 -2.47 -9.99
CA SER A 50 -4.62 -3.36 -9.01
C SER A 50 -4.05 -3.04 -7.63
N TRP A 51 -2.81 -2.61 -7.60
CA TRP A 51 -2.18 -2.23 -6.30
C TRP A 51 -2.82 -0.94 -5.82
N MET A 52 -3.05 -0.05 -6.73
CA MET A 52 -3.69 1.24 -6.37
C MET A 52 -5.15 0.95 -6.00
N HIS A 53 -5.73 0.03 -6.72
CA HIS A 53 -7.13 -0.38 -6.44
C HIS A 53 -7.18 -1.04 -5.06
N HIS A 54 -6.29 -1.96 -4.80
CA HIS A 54 -6.27 -2.60 -3.47
C HIS A 54 -5.95 -1.52 -2.46
N TRP A 55 -4.97 -0.72 -2.75
CA TRP A 55 -4.63 0.41 -1.88
C TRP A 55 -5.90 1.23 -1.65
N LEU A 56 -6.65 1.42 -2.69
CA LEU A 56 -7.89 2.20 -2.59
C LEU A 56 -8.92 1.50 -1.71
N LEU A 57 -9.29 0.28 -2.04
CA LEU A 57 -10.26 -0.46 -1.18
C LEU A 57 -9.82 -0.35 0.26
N PHE A 58 -8.68 -0.91 0.52
CA PHE A 58 -8.10 -0.91 1.91
C PHE A 58 -8.42 0.40 2.64
N GLU A 59 -7.93 1.49 2.14
CA GLU A 59 -8.19 2.80 2.81
C GLU A 59 -9.68 3.12 2.81
N MET A 60 -10.38 2.72 1.80
CA MET A 60 -11.85 2.98 1.77
C MET A 60 -12.51 2.12 2.83
N SER A 61 -12.31 0.83 2.81
CA SER A 61 -12.88 -0.05 3.87
C SER A 61 -12.51 0.55 5.24
N ARG A 62 -11.34 1.13 5.35
CA ARG A 62 -10.97 1.77 6.63
C ARG A 62 -11.95 2.93 6.88
N HIS A 63 -11.80 4.00 6.13
CA HIS A 63 -12.70 5.19 6.26
C HIS A 63 -13.17 5.42 7.71
N SER A 64 -12.23 5.46 8.63
CA SER A 64 -12.62 5.67 10.06
C SER A 64 -12.94 7.14 10.33
N LEU A 65 -12.57 8.02 9.44
CA LEU A 65 -12.85 9.46 9.66
C LEU A 65 -13.74 10.00 8.56
N GLU A 66 -13.52 9.58 7.35
CA GLU A 66 -14.35 10.07 6.22
C GLU A 66 -15.78 9.52 6.33
N GLN A 67 -15.92 8.39 6.97
CA GLN A 67 -17.29 7.79 7.12
C GLN A 67 -18.23 8.80 7.78
N LYS A 68 -19.44 8.90 7.30
CA LYS A 68 -20.41 9.87 7.90
C LYS A 68 -21.66 9.13 8.41
N PRO A 69 -22.19 9.61 9.51
CA PRO A 69 -23.40 8.98 10.09
C PRO A 69 -24.64 9.38 9.29
N THR A 70 -25.65 8.56 9.30
CA THR A 70 -26.89 8.89 8.54
C THR A 70 -27.76 9.88 9.32
N ASP A 71 -28.02 11.02 8.75
CA ASP A 71 -28.86 12.03 9.46
C ASP A 71 -30.26 12.10 8.83
N ALA A 72 -30.83 10.96 8.53
CA ALA A 72 -32.18 10.95 7.92
C ALA A 72 -33.04 9.82 8.52
N PRO A 73 -34.33 10.05 8.58
CA PRO A 73 -35.26 9.04 9.13
C PRO A 73 -35.39 7.85 8.16
N PRO A 74 -35.97 6.78 8.66
CA PRO A 74 -36.15 5.58 7.80
C PRO A 74 -37.20 5.84 6.74
N LYS A 75 -36.91 6.71 5.81
CA LYS A 75 -37.90 7.01 4.73
C LYS A 75 -37.68 6.08 3.53
N TYR B 1 -7.09 6.62 8.13
CA TYR B 1 -6.46 6.29 6.82
C TYR B 1 -7.44 6.57 5.68
N GLY B 2 -7.42 7.76 5.13
CA GLY B 2 -8.35 8.08 4.02
C GLY B 2 -8.13 9.51 3.55
N ASN B 3 -7.95 9.71 2.28
CA ASN B 3 -7.73 11.08 1.77
C ASN B 3 -8.32 11.23 0.36
N MET B 4 -8.14 12.36 -0.25
CA MET B 4 -8.69 12.56 -1.62
C MET B 4 -7.94 11.69 -2.64
N THR B 5 -6.74 11.29 -2.32
CA THR B 5 -5.95 10.43 -3.26
C THR B 5 -6.79 9.24 -3.72
N GLU B 6 -7.68 8.77 -2.91
CA GLU B 6 -8.49 7.59 -3.33
C GLU B 6 -9.37 7.96 -4.51
N ASP B 7 -9.93 9.14 -4.53
CA ASP B 7 -10.75 9.54 -5.71
C ASP B 7 -9.83 9.81 -6.89
N HIS B 8 -8.62 10.15 -6.60
CA HIS B 8 -7.65 10.44 -7.67
C HIS B 8 -6.98 9.14 -8.13
N VAL B 9 -6.93 8.18 -7.23
CA VAL B 9 -6.35 6.86 -7.55
C VAL B 9 -7.48 6.00 -8.11
N MET B 10 -8.67 6.22 -7.59
CA MET B 10 -9.83 5.45 -8.08
C MET B 10 -10.08 5.86 -9.52
N HIS B 11 -9.89 7.12 -9.81
CA HIS B 11 -10.09 7.60 -11.20
C HIS B 11 -8.95 7.06 -12.07
N LEU B 12 -7.77 6.97 -11.50
CA LEU B 12 -6.62 6.42 -12.27
C LEU B 12 -6.88 4.95 -12.58
N LEU B 13 -7.74 4.33 -11.81
CA LEU B 13 -8.07 2.90 -12.04
C LEU B 13 -9.37 2.80 -12.82
N GLN B 14 -10.19 3.80 -12.71
CA GLN B 14 -11.49 3.81 -13.43
C GLN B 14 -11.26 4.16 -14.91
N ASN B 15 -10.07 4.55 -15.27
CA ASN B 15 -9.79 4.89 -16.69
C ASN B 15 -8.95 3.78 -17.31
N ALA B 16 -8.18 3.09 -16.50
CA ALA B 16 -7.35 1.97 -17.02
C ALA B 16 -8.21 0.74 -17.19
N ASP B 17 -9.22 0.63 -16.38
CA ASP B 17 -10.08 -0.56 -16.49
C ASP B 17 -11.55 -0.15 -16.47
N PRO B 18 -12.27 -0.51 -17.52
CA PRO B 18 -13.71 -0.17 -17.60
C PRO B 18 -14.54 -1.08 -16.69
N LEU B 19 -13.92 -2.02 -16.02
CA LEU B 19 -14.69 -2.92 -15.13
C LEU B 19 -14.16 -2.86 -13.69
N LYS B 20 -13.58 -1.75 -13.30
CA LYS B 20 -13.05 -1.64 -11.91
C LYS B 20 -14.12 -1.01 -11.02
N VAL B 21 -14.50 -1.69 -9.97
CA VAL B 21 -15.54 -1.13 -9.07
C VAL B 21 -15.04 -1.04 -7.64
N TYR B 22 -15.46 -0.04 -6.96
CA TYR B 22 -15.11 0.09 -5.53
C TYR B 22 -16.41 0.32 -4.77
N PRO B 23 -17.05 -0.76 -4.47
CA PRO B 23 -18.34 -0.68 -3.75
C PRO B 23 -18.18 0.08 -2.44
N PRO B 24 -19.23 0.76 -2.06
CA PRO B 24 -19.19 1.56 -0.83
C PRO B 24 -19.05 0.65 0.38
N LEU B 25 -17.89 0.58 0.93
CA LEU B 25 -17.69 -0.29 2.12
C LEU B 25 -17.93 0.56 3.36
N LYS B 26 -19.17 0.87 3.64
CA LYS B 26 -19.49 1.72 4.81
C LYS B 26 -19.68 0.87 6.06
N GLY B 27 -19.82 -0.43 5.90
CA GLY B 27 -19.99 -1.33 7.09
C GLY B 27 -18.91 -1.01 8.12
N SER B 28 -17.74 -1.56 7.91
CA SER B 28 -16.59 -1.35 8.81
C SER B 28 -15.35 -1.88 8.09
N PHE B 29 -14.19 -1.43 8.43
CA PHE B 29 -12.98 -1.93 7.71
C PHE B 29 -12.95 -3.46 7.63
N PRO B 30 -13.31 -4.14 8.70
CA PRO B 30 -13.31 -5.64 8.65
C PRO B 30 -14.53 -6.15 7.88
N GLU B 31 -15.56 -5.34 7.78
CA GLU B 31 -16.77 -5.73 7.00
C GLU B 31 -16.53 -5.32 5.57
N ASN B 32 -15.94 -4.18 5.46
CA ASN B 32 -15.59 -3.61 4.14
C ASN B 32 -14.57 -4.52 3.47
N LEU B 33 -13.74 -5.15 4.26
CA LEU B 33 -12.73 -6.08 3.67
C LEU B 33 -13.43 -7.38 3.28
N ARG B 34 -14.19 -7.91 4.17
CA ARG B 34 -14.96 -9.15 3.87
C ARG B 34 -16.02 -8.82 2.81
N HIS B 35 -16.42 -7.58 2.73
CA HIS B 35 -17.40 -7.18 1.69
C HIS B 35 -16.66 -7.17 0.38
N LEU B 36 -15.57 -6.48 0.30
CA LEU B 36 -14.77 -6.48 -0.95
C LEU B 36 -14.47 -7.93 -1.32
N LYS B 37 -14.23 -8.71 -0.33
CA LYS B 37 -13.92 -10.13 -0.54
C LYS B 37 -15.17 -10.87 -0.98
N ASN B 38 -16.18 -10.76 -0.20
CA ASN B 38 -17.47 -11.42 -0.51
C ASN B 38 -18.15 -10.74 -1.71
N THR B 39 -17.64 -9.61 -2.13
CA THR B 39 -18.26 -8.86 -3.26
C THR B 39 -17.32 -8.82 -4.46
N MET B 40 -16.20 -8.20 -4.30
CA MET B 40 -15.23 -8.10 -5.44
C MET B 40 -14.84 -9.50 -5.93
N GLU B 41 -14.04 -9.56 -6.94
CA GLU B 41 -13.59 -10.88 -7.46
C GLU B 41 -12.76 -11.58 -6.43
N THR B 42 -13.13 -12.77 -6.13
CA THR B 42 -12.36 -13.57 -5.13
C THR B 42 -10.90 -13.49 -5.47
N ILE B 43 -10.64 -13.39 -6.73
CA ILE B 43 -9.23 -13.32 -7.18
C ILE B 43 -8.71 -11.92 -7.04
N ASP B 44 -9.56 -10.97 -7.11
CA ASP B 44 -9.11 -9.58 -6.86
C ASP B 44 -8.97 -9.49 -5.36
N TRP B 45 -9.77 -10.27 -4.67
CA TRP B 45 -9.66 -10.33 -3.20
C TRP B 45 -8.40 -11.13 -2.88
N LYS B 46 -8.12 -12.14 -3.67
CA LYS B 46 -6.90 -12.93 -3.40
C LYS B 46 -5.73 -11.98 -3.45
N VAL B 47 -5.75 -11.20 -4.48
CA VAL B 47 -4.70 -10.20 -4.70
C VAL B 47 -4.84 -9.09 -3.68
N PHE B 48 -6.04 -8.72 -3.33
CA PHE B 48 -6.21 -7.64 -2.33
C PHE B 48 -5.72 -8.14 -0.98
N GLU B 49 -6.01 -9.36 -0.67
CA GLU B 49 -5.54 -9.94 0.62
C GLU B 49 -4.02 -9.96 0.57
N SER B 50 -3.48 -10.45 -0.50
CA SER B 50 -2.00 -10.45 -0.63
C SER B 50 -1.53 -9.01 -0.59
N TRP B 51 -2.35 -8.11 -1.06
CA TRP B 51 -1.98 -6.67 -1.02
C TRP B 51 -2.03 -6.20 0.43
N MET B 52 -3.02 -6.65 1.14
CA MET B 52 -3.14 -6.26 2.56
C MET B 52 -2.02 -6.95 3.32
N HIS B 53 -1.71 -8.15 2.92
CA HIS B 53 -0.61 -8.92 3.56
C HIS B 53 0.71 -8.20 3.27
N HIS B 54 0.94 -7.84 2.03
CA HIS B 54 2.18 -7.10 1.70
C HIS B 54 2.13 -5.78 2.43
N TRP B 55 1.01 -5.12 2.35
CA TRP B 55 0.82 -3.87 3.09
C TRP B 55 1.17 -4.12 4.55
N LEU B 56 0.74 -5.24 5.05
CA LEU B 56 1.00 -5.60 6.46
C LEU B 56 2.49 -5.80 6.70
N LEU B 57 3.11 -6.72 5.98
CA LEU B 57 4.57 -6.94 6.17
C LEU B 57 5.28 -5.61 6.12
N PHE B 58 5.19 -4.97 5.00
CA PHE B 58 5.83 -3.63 4.80
C PHE B 58 5.78 -2.79 6.08
N GLU B 59 4.61 -2.46 6.52
CA GLU B 59 4.49 -1.62 7.75
C GLU B 59 5.06 -2.37 8.96
N MET B 60 4.94 -3.66 8.99
CA MET B 60 5.51 -4.42 10.13
C MET B 60 7.03 -4.35 10.05
N SER B 61 7.60 -4.74 8.93
CA SER B 61 9.09 -4.64 8.77
C SER B 61 9.51 -3.22 9.15
N ARG B 62 8.69 -2.24 8.84
CA ARG B 62 9.04 -0.85 9.25
C ARG B 62 9.07 -0.79 10.78
N HIS B 63 7.91 -0.85 11.40
CA HIS B 63 7.80 -0.83 12.90
C HIS B 63 8.89 0.05 13.53
N SER B 64 9.03 1.26 13.08
CA SER B 64 10.08 2.16 13.66
C SER B 64 9.63 2.72 15.01
N LEU B 65 8.37 2.63 15.32
CA LEU B 65 7.89 3.18 16.62
C LEU B 65 7.29 2.06 17.46
N GLU B 66 6.59 1.15 16.85
CA GLU B 66 5.96 0.04 17.63
C GLU B 66 7.05 -0.91 18.14
N GLN B 67 8.17 -0.96 17.48
CA GLN B 67 9.27 -1.87 17.92
C GLN B 67 9.65 -1.55 19.37
N LYS B 68 9.87 -2.55 20.18
CA LYS B 68 10.23 -2.31 21.59
C LYS B 68 11.60 -2.94 21.91
N PRO B 69 12.36 -2.27 22.76
CA PRO B 69 13.69 -2.78 23.14
C PRO B 69 13.55 -3.93 24.14
N THR B 70 14.51 -4.81 24.18
CA THR B 70 14.43 -5.95 25.13
C THR B 70 14.85 -5.51 26.53
N ASP B 71 13.99 -5.65 27.50
CA ASP B 71 14.34 -5.22 28.89
C ASP B 71 14.58 -6.47 29.76
N ALA B 72 15.28 -7.44 29.24
CA ALA B 72 15.53 -8.67 30.04
C ALA B 72 16.98 -9.15 29.82
N PRO B 73 17.54 -9.76 30.84
CA PRO B 73 18.92 -10.28 30.74
C PRO B 73 18.97 -11.50 29.81
N PRO B 74 20.17 -11.90 29.44
CA PRO B 74 20.33 -13.07 28.54
C PRO B 74 19.99 -14.36 29.29
N LYS B 75 18.75 -14.54 29.65
CA LYS B 75 18.35 -15.77 30.38
C LYS B 75 17.92 -16.86 29.39
N TYR C 1 5.48 4.31 10.54
CA TYR C 1 4.45 3.59 9.74
C TYR C 1 4.02 2.31 10.45
N GLY C 2 3.00 2.38 11.25
CA GLY C 2 2.54 1.16 11.97
C GLY C 2 1.33 1.48 12.84
N ASN C 3 0.28 0.74 12.72
CA ASN C 3 -0.92 1.01 13.55
C ASN C 3 -1.66 -0.29 13.87
N MET C 4 -2.78 -0.20 14.53
CA MET C 4 -3.54 -1.44 14.87
C MET C 4 -4.13 -2.08 13.61
N THR C 5 -4.30 -1.30 12.57
CA THR C 5 -4.86 -1.86 11.31
C THR C 5 -4.12 -3.12 10.89
N GLU C 6 -2.86 -3.23 11.22
CA GLU C 6 -2.10 -4.44 10.81
C GLU C 6 -2.68 -5.67 11.51
N ASP C 7 -3.04 -5.56 12.75
CA ASP C 7 -3.65 -6.73 13.44
C ASP C 7 -5.05 -6.95 12.90
N HIS C 8 -5.65 -5.92 12.40
CA HIS C 8 -7.02 -6.03 11.87
C HIS C 8 -6.96 -6.47 10.40
N VAL C 9 -5.86 -6.15 9.75
CA VAL C 9 -5.65 -6.55 8.34
C VAL C 9 -5.01 -7.93 8.37
N MET C 10 -4.18 -8.15 9.36
CA MET C 10 -3.51 -9.47 9.49
C MET C 10 -4.59 -10.51 9.77
N HIS C 11 -5.55 -10.13 10.57
CA HIS C 11 -6.65 -11.07 10.88
C HIS C 11 -7.52 -11.24 9.64
N LEU C 12 -7.68 -10.19 8.87
CA LEU C 12 -8.49 -10.28 7.63
C LEU C 12 -7.77 -11.22 6.65
N LEU C 13 -6.49 -11.39 6.83
CA LEU C 13 -5.70 -12.28 5.94
C LEU C 13 -5.53 -13.64 6.61
N GLN C 14 -5.58 -13.66 7.91
CA GLN C 14 -5.43 -14.93 8.66
C GLN C 14 -6.74 -15.74 8.61
N ASN C 15 -7.79 -15.15 8.08
CA ASN C 15 -9.07 -15.89 7.98
C ASN C 15 -9.31 -16.28 6.53
N ALA C 16 -8.77 -15.52 5.62
CA ALA C 16 -8.94 -15.83 4.18
C ALA C 16 -7.96 -16.91 3.79
N ASP C 17 -6.86 -16.96 4.45
CA ASP C 17 -5.85 -17.98 4.10
C ASP C 17 -5.33 -18.67 5.36
N PRO C 18 -5.48 -19.97 5.42
CA PRO C 18 -5.00 -20.73 6.61
C PRO C 18 -3.48 -20.89 6.57
N LEU C 19 -2.83 -20.40 5.54
CA LEU C 19 -1.35 -20.54 5.47
C LEU C 19 -0.68 -19.17 5.35
N LYS C 20 -1.30 -18.14 5.85
CA LYS C 20 -0.67 -16.79 5.76
C LYS C 20 0.13 -16.51 7.04
N VAL C 21 1.39 -16.23 6.90
CA VAL C 21 2.22 -15.95 8.10
C VAL C 21 2.89 -14.60 8.01
N TYR C 22 3.03 -13.98 9.13
CA TYR C 22 3.75 -12.69 9.16
C TYR C 22 4.78 -12.79 10.26
N PRO C 23 5.90 -13.36 9.91
CA PRO C 23 6.98 -13.55 10.90
C PRO C 23 7.38 -12.23 11.52
N PRO C 24 7.80 -12.29 12.76
CA PRO C 24 8.18 -11.07 13.49
C PRO C 24 9.42 -10.46 12.86
N LEU C 25 9.25 -9.42 12.11
CA LEU C 25 10.42 -8.77 11.48
C LEU C 25 10.93 -7.69 12.43
N LYS C 26 11.56 -8.09 13.49
CA LYS C 26 12.07 -7.10 14.49
C LYS C 26 13.48 -6.62 14.11
N GLY C 27 14.13 -7.31 13.22
CA GLY C 27 15.50 -6.88 12.80
C GLY C 27 15.49 -5.39 12.46
N SER C 28 15.07 -5.09 11.26
CA SER C 28 14.99 -3.68 10.78
C SER C 28 14.17 -3.70 9.51
N PHE C 29 13.57 -2.61 9.13
CA PHE C 29 12.75 -2.62 7.89
C PHE C 29 13.50 -3.24 6.69
N PRO C 30 14.78 -2.94 6.54
CA PRO C 30 15.55 -3.53 5.42
C PRO C 30 15.92 -4.99 5.73
N GLU C 31 15.92 -5.35 6.98
CA GLU C 31 16.22 -6.75 7.38
C GLU C 31 14.90 -7.49 7.36
N ASN C 32 13.92 -6.81 7.83
CA ASN C 32 12.53 -7.35 7.86
C ASN C 32 12.07 -7.60 6.44
N LEU C 33 12.53 -6.78 5.53
CA LEU C 33 12.12 -6.98 4.10
C LEU C 33 12.90 -8.16 3.53
N ARG C 34 14.17 -8.15 3.74
CA ARG C 34 15.02 -9.28 3.25
C ARG C 34 14.67 -10.53 4.06
N HIS C 35 14.13 -10.35 5.24
CA HIS C 35 13.71 -11.52 6.05
C HIS C 35 12.44 -12.04 5.42
N LEU C 36 11.47 -11.21 5.23
CA LEU C 36 10.22 -11.65 4.55
C LEU C 36 10.60 -12.30 3.23
N LYS C 37 11.58 -11.73 2.60
CA LYS C 37 12.04 -12.24 1.31
C LYS C 37 12.76 -13.56 1.51
N ASN C 38 13.74 -13.54 2.36
CA ASN C 38 14.53 -14.77 2.64
C ASN C 38 13.69 -15.76 3.45
N THR C 39 12.54 -15.34 3.92
CA THR C 39 11.68 -16.24 4.74
C THR C 39 10.37 -16.55 4.02
N MET C 40 9.58 -15.55 3.78
CA MET C 40 8.28 -15.79 3.10
C MET C 40 8.50 -16.45 1.73
N GLU C 41 7.45 -16.74 1.04
CA GLU C 41 7.58 -17.37 -0.30
C GLU C 41 8.25 -16.39 -1.24
N THR C 42 9.28 -16.84 -1.86
CA THR C 42 10.01 -15.99 -2.83
C THR C 42 9.01 -15.35 -3.77
N ILE C 43 7.96 -16.08 -4.01
CA ILE C 43 6.92 -15.57 -4.93
C ILE C 43 6.00 -14.63 -4.20
N ASP C 44 5.86 -14.82 -2.93
CA ASP C 44 5.06 -13.86 -2.16
C ASP C 44 5.95 -12.66 -1.99
N TRP C 45 7.25 -12.91 -1.98
CA TRP C 45 8.21 -11.80 -1.92
C TRP C 45 8.23 -11.16 -3.29
N LYS C 46 8.10 -11.94 -4.33
CA LYS C 46 8.10 -11.35 -5.69
C LYS C 46 6.97 -10.35 -5.73
N VAL C 47 5.87 -10.80 -5.26
CA VAL C 47 4.65 -9.99 -5.21
C VAL C 47 4.81 -8.89 -4.16
N PHE C 48 5.45 -9.20 -3.07
CA PHE C 48 5.64 -8.16 -2.02
C PHE C 48 6.58 -7.09 -2.55
N GLU C 49 7.60 -7.50 -3.24
CA GLU C 49 8.54 -6.51 -3.82
C GLU C 49 7.76 -5.68 -4.83
N SER C 50 7.03 -6.33 -5.68
CA SER C 50 6.20 -5.58 -6.65
C SER C 50 5.21 -4.72 -5.86
N TRP C 51 4.82 -5.20 -4.72
CA TRP C 51 3.88 -4.41 -3.87
C TRP C 51 4.63 -3.23 -3.30
N MET C 52 5.85 -3.44 -2.92
CA MET C 52 6.67 -2.33 -2.38
C MET C 52 6.99 -1.39 -3.53
N HIS C 53 7.22 -1.96 -4.68
CA HIS C 53 7.51 -1.15 -5.90
C HIS C 53 6.27 -0.34 -6.24
N HIS C 54 5.13 -0.97 -6.28
CA HIS C 54 3.88 -0.22 -6.56
C HIS C 54 3.69 0.79 -5.44
N TRP C 55 3.85 0.33 -4.23
CA TRP C 55 3.76 1.23 -3.08
C TRP C 55 4.72 2.40 -3.32
N LEU C 56 5.88 2.09 -3.81
CA LEU C 56 6.90 3.13 -4.08
C LEU C 56 6.43 4.08 -5.18
N LEU C 57 6.12 3.57 -6.36
CA LEU C 57 5.63 4.46 -7.44
C LEU C 57 4.53 5.35 -6.91
N PHE C 58 3.46 4.72 -6.50
CA PHE C 58 2.29 5.45 -5.93
C PHE C 58 2.72 6.67 -5.11
N GLU C 59 3.43 6.44 -4.05
CA GLU C 59 3.88 7.58 -3.19
C GLU C 59 4.81 8.51 -3.97
N MET C 60 5.59 7.97 -4.86
CA MET C 60 6.50 8.84 -5.67
C MET C 60 5.63 9.67 -6.61
N SER C 61 4.80 9.05 -7.42
CA SER C 61 3.90 9.83 -8.31
C SER C 61 3.18 10.88 -7.47
N ARG C 62 2.85 10.56 -6.25
CA ARG C 62 2.20 11.58 -5.38
C ARG C 62 3.20 12.73 -5.16
N HIS C 63 4.22 12.49 -4.38
CA HIS C 63 5.28 13.52 -4.11
C HIS C 63 4.70 14.94 -4.08
N SER C 64 3.68 15.15 -3.31
CA SER C 64 3.06 16.51 -3.25
C SER C 64 3.89 17.45 -2.37
N LEU C 65 4.79 16.91 -1.58
CA LEU C 65 5.60 17.78 -0.70
C LEU C 65 7.09 17.63 -1.04
N GLU C 66 7.51 16.43 -1.35
CA GLU C 66 8.94 16.23 -1.69
C GLU C 66 9.26 16.86 -3.04
N GLN C 67 8.28 17.00 -3.89
CA GLN C 67 8.51 17.62 -5.23
C GLN C 67 9.14 19.01 -5.06
N LYS C 68 10.11 19.34 -5.87
CA LYS C 68 10.76 20.67 -5.74
C LYS C 68 10.62 21.45 -7.07
N PRO C 69 10.46 22.75 -6.95
CA PRO C 69 10.32 23.60 -8.15
C PRO C 69 11.70 23.82 -8.80
N THR C 70 11.72 24.06 -10.09
CA THR C 70 13.03 24.27 -10.78
C THR C 70 13.52 25.70 -10.55
N ASP C 71 14.69 25.85 -9.97
CA ASP C 71 15.22 27.22 -9.72
C ASP C 71 16.36 27.52 -10.70
N ALA C 72 16.19 27.18 -11.95
CA ALA C 72 17.26 27.44 -12.95
C ALA C 72 16.66 27.93 -14.27
N PRO C 73 17.39 28.76 -14.97
CA PRO C 73 16.91 29.29 -16.27
C PRO C 73 16.92 28.17 -17.33
N PRO C 74 16.28 28.45 -18.44
CA PRO C 74 16.23 27.46 -19.54
C PRO C 74 17.60 27.31 -20.21
N LYS C 75 18.56 26.79 -19.49
CA LYS C 75 19.93 26.63 -20.07
C LYS C 75 20.05 25.25 -20.72
N TYR A 1 6.75 10.75 -0.61
CA TYR A 1 6.45 9.99 0.64
C TYR A 1 7.01 10.72 1.88
N GLY A 2 8.22 11.21 1.81
CA GLY A 2 8.79 11.92 2.99
C GLY A 2 8.79 10.98 4.18
N ASN A 3 9.52 9.92 4.09
CA ASN A 3 9.55 8.95 5.21
C ASN A 3 10.86 8.16 5.22
N MET A 4 11.83 8.56 4.46
CA MET A 4 13.12 7.78 4.43
C MET A 4 12.82 6.31 4.14
N THR A 5 11.68 6.02 3.55
CA THR A 5 11.32 4.61 3.26
C THR A 5 11.38 4.33 1.76
N GLU A 6 10.81 5.18 0.94
CA GLU A 6 10.83 4.92 -0.52
C GLU A 6 12.24 4.69 -1.01
N ASP A 7 13.19 5.38 -0.47
CA ASP A 7 14.60 5.14 -0.91
C ASP A 7 15.08 3.84 -0.30
N HIS A 8 14.47 3.46 0.77
CA HIS A 8 14.87 2.21 1.46
C HIS A 8 14.04 1.05 0.90
N VAL A 9 12.92 1.35 0.32
CA VAL A 9 12.04 0.33 -0.28
C VAL A 9 12.47 0.21 -1.74
N MET A 10 12.87 1.31 -2.32
CA MET A 10 13.33 1.27 -3.73
C MET A 10 14.61 0.47 -3.77
N HIS A 11 15.41 0.59 -2.75
CA HIS A 11 16.68 -0.20 -2.71
C HIS A 11 16.32 -1.67 -2.44
N LEU A 12 15.30 -1.89 -1.65
CA LEU A 12 14.87 -3.30 -1.37
C LEU A 12 14.33 -3.91 -2.67
N LEU A 13 14.02 -3.10 -3.63
CA LEU A 13 13.51 -3.61 -4.93
C LEU A 13 14.60 -3.51 -5.98
N GLN A 14 15.51 -2.62 -5.78
CA GLN A 14 16.64 -2.44 -6.75
C GLN A 14 17.70 -3.53 -6.56
N ASN A 15 17.59 -4.30 -5.51
CA ASN A 15 18.59 -5.38 -5.27
C ASN A 15 17.94 -6.73 -5.58
N ALA A 16 16.65 -6.82 -5.38
CA ALA A 16 15.94 -8.09 -5.66
C ALA A 16 15.73 -8.24 -7.14
N ASP A 17 15.66 -7.15 -7.84
CA ASP A 17 15.44 -7.24 -9.29
C ASP A 17 16.38 -6.31 -10.05
N PRO A 18 17.14 -6.87 -10.97
CA PRO A 18 18.08 -6.05 -11.78
C PRO A 18 17.34 -5.24 -12.84
N LEU A 19 16.04 -5.35 -12.91
CA LEU A 19 15.28 -4.59 -13.95
C LEU A 19 14.15 -3.77 -13.30
N LYS A 20 14.35 -3.33 -12.09
CA LYS A 20 13.28 -2.51 -11.43
C LYS A 20 13.63 -1.03 -11.52
N VAL A 21 12.72 -0.24 -11.99
CA VAL A 21 13.00 1.23 -12.09
C VAL A 21 11.86 2.05 -11.53
N TYR A 22 12.19 3.21 -11.10
CA TYR A 22 11.16 4.14 -10.60
C TYR A 22 11.49 5.51 -11.15
N PRO A 23 11.05 5.73 -12.36
CA PRO A 23 11.31 7.01 -13.04
C PRO A 23 10.78 8.17 -12.21
N PRO A 24 11.43 9.30 -12.33
CA PRO A 24 11.01 10.48 -11.57
C PRO A 24 9.65 10.95 -12.06
N LEU A 25 8.61 10.59 -11.37
CA LEU A 25 7.26 11.04 -11.80
C LEU A 25 7.03 12.43 -11.22
N LYS A 26 7.56 13.44 -11.88
CA LYS A 26 7.41 14.82 -11.37
C LYS A 26 6.23 15.53 -12.04
N GLY A 27 5.69 14.96 -13.08
CA GLY A 27 4.52 15.59 -13.77
C GLY A 27 3.44 15.92 -12.74
N SER A 28 2.72 14.93 -12.33
CA SER A 28 1.63 15.08 -11.33
C SER A 28 1.24 13.68 -10.88
N PHE A 29 0.66 13.51 -9.74
CA PHE A 29 0.28 12.13 -9.32
C PHE A 29 -0.54 11.41 -10.40
N PRO A 30 -1.45 12.10 -11.07
CA PRO A 30 -2.25 11.44 -12.14
C PRO A 30 -1.40 11.28 -13.40
N GLU A 31 -0.39 12.11 -13.54
CA GLU A 31 0.53 12.00 -14.71
C GLU A 31 1.57 10.97 -14.36
N ASN A 32 2.00 11.04 -13.15
CA ASN A 32 2.99 10.10 -12.60
C ASN A 32 2.41 8.70 -12.64
N LEU A 33 1.11 8.60 -12.53
CA LEU A 33 0.48 7.25 -12.56
C LEU A 33 0.32 6.83 -14.01
N ARG A 34 -0.20 7.70 -14.81
CA ARG A 34 -0.36 7.38 -16.27
C ARG A 34 1.02 7.32 -16.91
N HIS A 35 1.99 7.91 -16.30
CA HIS A 35 3.37 7.84 -16.85
C HIS A 35 3.89 6.45 -16.54
N LEU A 36 3.84 6.04 -15.31
CA LEU A 36 4.28 4.66 -14.96
C LEU A 36 3.50 3.69 -15.83
N LYS A 37 2.30 4.03 -16.11
CA LYS A 37 1.43 3.17 -16.92
C LYS A 37 1.88 3.26 -18.38
N ASN A 38 1.94 4.46 -18.87
CA ASN A 38 2.38 4.68 -20.27
C ASN A 38 3.89 4.48 -20.41
N THR A 39 4.57 4.25 -19.32
CA THR A 39 6.06 4.09 -19.37
C THR A 39 6.47 2.75 -18.80
N MET A 40 6.16 2.51 -17.55
CA MET A 40 6.56 1.23 -16.93
C MET A 40 5.91 0.05 -17.67
N GLU A 41 6.10 -1.14 -17.19
CA GLU A 41 5.52 -2.33 -17.85
C GLU A 41 4.02 -2.31 -17.72
N THR A 42 3.36 -2.42 -18.82
CA THR A 42 1.88 -2.44 -18.83
C THR A 42 1.41 -3.46 -17.81
N ILE A 43 2.18 -4.49 -17.69
CA ILE A 43 1.81 -5.56 -16.74
C ILE A 43 2.23 -5.18 -15.33
N ASP A 44 3.23 -4.40 -15.23
CA ASP A 44 3.63 -3.91 -13.89
C ASP A 44 2.64 -2.79 -13.57
N TRP A 45 2.08 -2.22 -14.62
CA TRP A 45 1.05 -1.20 -14.43
C TRP A 45 -0.24 -1.95 -14.14
N LYS A 46 -0.44 -3.07 -14.77
CA LYS A 46 -1.67 -3.85 -14.50
C LYS A 46 -1.70 -4.13 -13.02
N VAL A 47 -0.57 -4.57 -12.57
CA VAL A 47 -0.40 -4.91 -11.15
C VAL A 47 -0.39 -3.63 -10.32
N PHE A 48 0.20 -2.58 -10.83
CA PHE A 48 0.22 -1.31 -10.06
C PHE A 48 -1.19 -0.77 -9.95
N GLU A 49 -1.95 -0.88 -11.00
CA GLU A 49 -3.34 -0.39 -10.95
C GLU A 49 -4.09 -1.23 -9.93
N SER A 50 -3.93 -2.52 -9.99
CA SER A 50 -4.59 -3.38 -8.98
C SER A 50 -4.03 -3.01 -7.61
N TRP A 51 -2.78 -2.61 -7.57
CA TRP A 51 -2.19 -2.19 -6.27
C TRP A 51 -2.86 -0.92 -5.81
N MET A 52 -3.06 -0.02 -6.72
CA MET A 52 -3.73 1.26 -6.36
C MET A 52 -5.18 0.94 -6.00
N HIS A 53 -5.77 0.03 -6.74
CA HIS A 53 -7.17 -0.38 -6.47
C HIS A 53 -7.21 -1.03 -5.07
N HIS A 54 -6.30 -1.93 -4.80
CA HIS A 54 -6.29 -2.56 -3.45
C HIS A 54 -5.98 -1.46 -2.45
N TRP A 55 -4.99 -0.66 -2.74
CA TRP A 55 -4.66 0.47 -1.87
C TRP A 55 -5.95 1.29 -1.65
N LEU A 56 -6.71 1.42 -2.69
CA LEU A 56 -7.97 2.19 -2.61
C LEU A 56 -8.97 1.47 -1.70
N LEU A 57 -9.35 0.26 -2.03
CA LEU A 57 -10.29 -0.48 -1.15
C LEU A 57 -9.80 -0.40 0.27
N PHE A 58 -8.63 -0.95 0.47
CA PHE A 58 -7.99 -0.96 1.81
C PHE A 58 -8.26 0.33 2.58
N GLU A 59 -7.78 1.43 2.09
CA GLU A 59 -8.01 2.72 2.80
C GLU A 59 -9.49 3.07 2.87
N MET A 60 -10.24 2.74 1.86
CA MET A 60 -11.69 3.03 1.88
C MET A 60 -12.37 2.16 2.95
N SER A 61 -12.19 0.87 2.91
CA SER A 61 -12.78 -0.01 3.96
C SER A 61 -12.47 0.57 5.35
N ARG A 62 -11.33 1.18 5.50
CA ARG A 62 -11.00 1.81 6.82
C ARG A 62 -11.91 3.03 6.99
N HIS A 63 -11.71 4.03 6.16
CA HIS A 63 -12.53 5.29 6.20
C HIS A 63 -12.90 5.65 7.65
N SER A 64 -11.93 5.75 8.52
CA SER A 64 -12.22 6.11 9.94
C SER A 64 -12.90 7.47 10.01
N LEU A 65 -12.60 8.34 9.10
CA LEU A 65 -13.23 9.69 9.12
C LEU A 65 -14.36 9.76 8.09
N GLU A 66 -14.05 9.59 6.84
CA GLU A 66 -15.09 9.65 5.79
C GLU A 66 -16.07 8.48 5.97
N GLN A 67 -17.02 8.61 6.85
CA GLN A 67 -17.98 7.50 7.07
C GLN A 67 -19.29 8.02 7.69
N LYS A 68 -20.39 7.82 7.03
CA LYS A 68 -21.69 8.30 7.59
C LYS A 68 -22.85 7.53 6.94
N PRO A 69 -23.91 7.36 7.68
CA PRO A 69 -25.10 6.63 7.16
C PRO A 69 -25.82 7.48 6.12
N THR A 70 -26.71 6.89 5.38
CA THR A 70 -27.45 7.68 4.34
C THR A 70 -28.93 7.30 4.33
N ASP A 71 -29.78 8.27 4.11
CA ASP A 71 -31.24 7.99 4.07
C ASP A 71 -32.01 9.24 3.65
N ALA A 72 -32.89 9.13 2.69
CA ALA A 72 -33.66 10.32 2.23
C ALA A 72 -35.12 10.20 2.66
N PRO A 73 -35.80 11.32 2.70
CA PRO A 73 -37.23 11.33 3.10
C PRO A 73 -38.11 10.80 1.96
N PRO A 74 -39.24 10.24 2.33
CA PRO A 74 -40.18 9.68 1.32
C PRO A 74 -40.92 10.81 0.60
N LYS A 75 -41.21 11.88 1.30
CA LYS A 75 -41.94 13.02 0.65
C LYS A 75 -41.29 14.34 1.04
N TYR B 1 -9.56 7.52 3.66
CA TYR B 1 -8.15 7.97 3.43
C TYR B 1 -7.99 9.46 3.76
N GLY B 2 -8.91 10.29 3.35
CA GLY B 2 -8.77 11.75 3.65
C GLY B 2 -7.45 12.26 3.09
N ASN B 3 -7.31 12.21 1.81
CA ASN B 3 -6.04 12.67 1.19
C ASN B 3 -6.26 13.13 -0.26
N MET B 4 -7.48 13.29 -0.68
CA MET B 4 -7.72 13.71 -2.09
C MET B 4 -6.98 12.78 -3.05
N THR B 5 -6.66 11.59 -2.60
CA THR B 5 -5.91 10.63 -3.46
C THR B 5 -6.82 9.47 -3.89
N GLU B 6 -7.54 8.88 -2.98
CA GLU B 6 -8.40 7.72 -3.36
C GLU B 6 -9.33 8.10 -4.51
N ASP B 7 -9.81 9.30 -4.53
CA ASP B 7 -10.67 9.70 -5.67
C ASP B 7 -9.80 9.93 -6.91
N HIS B 8 -8.56 10.21 -6.67
CA HIS B 8 -7.62 10.46 -7.78
C HIS B 8 -6.95 9.14 -8.19
N VAL B 9 -6.96 8.20 -7.29
CA VAL B 9 -6.39 6.85 -7.57
C VAL B 9 -7.52 6.00 -8.13
N MET B 10 -8.70 6.23 -7.62
CA MET B 10 -9.88 5.47 -8.12
C MET B 10 -10.11 5.87 -9.57
N HIS B 11 -9.88 7.12 -9.86
CA HIS B 11 -10.06 7.58 -11.27
C HIS B 11 -8.91 7.01 -12.11
N LEU B 12 -7.74 6.90 -11.53
CA LEU B 12 -6.59 6.33 -12.26
C LEU B 12 -6.85 4.84 -12.55
N LEU B 13 -7.80 4.28 -11.84
CA LEU B 13 -8.14 2.84 -12.05
C LEU B 13 -9.47 2.75 -12.82
N GLN B 14 -10.27 3.77 -12.71
CA GLN B 14 -11.58 3.78 -13.41
C GLN B 14 -11.40 4.12 -14.90
N ASN B 15 -10.21 4.53 -15.29
CA ASN B 15 -9.97 4.86 -16.71
C ASN B 15 -9.13 3.76 -17.35
N ALA B 16 -8.31 3.13 -16.56
CA ALA B 16 -7.45 2.03 -17.09
C ALA B 16 -8.27 0.77 -17.24
N ASP B 17 -9.29 0.64 -16.46
CA ASP B 17 -10.12 -0.57 -16.57
C ASP B 17 -11.61 -0.23 -16.57
N PRO B 18 -12.32 -0.67 -17.58
CA PRO B 18 -13.77 -0.39 -17.67
C PRO B 18 -14.56 -1.29 -16.71
N LEU B 19 -13.90 -2.13 -15.97
CA LEU B 19 -14.63 -3.03 -15.03
C LEU B 19 -14.08 -2.90 -13.61
N LYS B 20 -13.58 -1.75 -13.25
CA LYS B 20 -13.04 -1.57 -11.88
C LYS B 20 -14.07 -0.87 -10.98
N VAL B 21 -14.36 -1.44 -9.85
CA VAL B 21 -15.35 -0.79 -8.94
C VAL B 21 -14.86 -0.73 -7.53
N TYR B 22 -15.35 0.21 -6.81
CA TYR B 22 -15.00 0.33 -5.38
C TYR B 22 -16.28 0.63 -4.63
N PRO B 23 -16.99 -0.41 -4.33
CA PRO B 23 -18.27 -0.26 -3.62
C PRO B 23 -18.07 0.47 -2.30
N PRO B 24 -19.08 1.18 -1.88
CA PRO B 24 -18.98 1.94 -0.63
C PRO B 24 -18.90 0.98 0.54
N LEU B 25 -17.72 0.75 1.03
CA LEU B 25 -17.57 -0.17 2.19
C LEU B 25 -17.82 0.64 3.45
N LYS B 26 -19.06 0.85 3.78
CA LYS B 26 -19.39 1.66 5.00
C LYS B 26 -19.63 0.76 6.21
N GLY B 27 -19.77 -0.52 6.01
CA GLY B 27 -20.00 -1.45 7.15
C GLY B 27 -18.93 -1.21 8.23
N SER B 28 -17.77 -1.70 7.98
CA SER B 28 -16.62 -1.54 8.93
C SER B 28 -15.37 -1.98 8.18
N PHE B 29 -14.21 -1.55 8.57
CA PHE B 29 -13.00 -1.98 7.82
C PHE B 29 -12.94 -3.52 7.68
N PRO B 30 -13.30 -4.25 8.71
CA PRO B 30 -13.27 -5.74 8.60
C PRO B 30 -14.48 -6.22 7.78
N GLU B 31 -15.51 -5.43 7.73
CA GLU B 31 -16.71 -5.80 6.92
C GLU B 31 -16.44 -5.34 5.51
N ASN B 32 -15.88 -4.19 5.44
CA ASN B 32 -15.49 -3.58 4.15
C ASN B 32 -14.47 -4.47 3.47
N LEU B 33 -13.68 -5.17 4.24
CA LEU B 33 -12.67 -6.07 3.64
C LEU B 33 -13.36 -7.37 3.24
N ARG B 34 -14.10 -7.92 4.14
CA ARG B 34 -14.85 -9.19 3.84
C ARG B 34 -15.94 -8.88 2.81
N HIS B 35 -16.33 -7.64 2.71
CA HIS B 35 -17.34 -7.28 1.69
C HIS B 35 -16.65 -7.30 0.34
N LEU B 36 -15.57 -6.58 0.22
CA LEU B 36 -14.81 -6.60 -1.06
C LEU B 36 -14.48 -8.04 -1.40
N LYS B 37 -14.25 -8.81 -0.40
CA LYS B 37 -13.92 -10.23 -0.59
C LYS B 37 -15.17 -10.99 -0.98
N ASN B 38 -16.18 -10.85 -0.18
CA ASN B 38 -17.47 -11.54 -0.46
C ASN B 38 -18.22 -10.83 -1.60
N THR B 39 -17.69 -9.74 -2.08
CA THR B 39 -18.38 -8.98 -3.18
C THR B 39 -17.47 -8.84 -4.39
N MET B 40 -16.36 -8.21 -4.21
CA MET B 40 -15.43 -8.01 -5.36
C MET B 40 -14.98 -9.37 -5.93
N GLU B 41 -14.11 -9.36 -6.88
CA GLU B 41 -13.62 -10.62 -7.48
C GLU B 41 -12.80 -11.39 -6.48
N THR B 42 -13.17 -12.61 -6.27
CA THR B 42 -12.41 -13.47 -5.33
C THR B 42 -10.94 -13.40 -5.67
N ILE B 43 -10.68 -13.24 -6.92
CA ILE B 43 -9.28 -13.17 -7.39
C ILE B 43 -8.74 -11.78 -7.20
N ASP B 44 -9.59 -10.82 -7.25
CA ASP B 44 -9.14 -9.44 -6.97
C ASP B 44 -9.03 -9.37 -5.45
N TRP B 45 -9.77 -10.22 -4.78
CA TRP B 45 -9.67 -10.29 -3.33
C TRP B 45 -8.44 -11.11 -3.01
N LYS B 46 -8.16 -12.11 -3.82
CA LYS B 46 -6.93 -12.91 -3.56
C LYS B 46 -5.77 -11.96 -3.58
N VAL B 47 -5.78 -11.16 -4.58
CA VAL B 47 -4.73 -10.16 -4.78
C VAL B 47 -4.86 -9.07 -3.73
N PHE B 48 -6.07 -8.70 -3.38
CA PHE B 48 -6.25 -7.65 -2.34
C PHE B 48 -5.75 -8.18 -1.01
N GLU B 49 -6.02 -9.41 -0.73
CA GLU B 49 -5.56 -10.01 0.55
C GLU B 49 -4.03 -10.00 0.53
N SER B 50 -3.47 -10.45 -0.55
CA SER B 50 -1.99 -10.43 -0.66
C SER B 50 -1.54 -8.97 -0.58
N TRP B 51 -2.35 -8.08 -1.07
CA TRP B 51 -1.99 -6.63 -1.00
C TRP B 51 -2.03 -6.20 0.46
N MET B 52 -3.02 -6.64 1.15
CA MET B 52 -3.12 -6.29 2.59
C MET B 52 -1.99 -6.98 3.34
N HIS B 53 -1.71 -8.19 2.94
CA HIS B 53 -0.60 -8.95 3.56
C HIS B 53 0.72 -8.23 3.27
N HIS B 54 0.92 -7.83 2.05
CA HIS B 54 2.17 -7.09 1.72
C HIS B 54 2.11 -5.77 2.47
N TRP B 55 0.99 -5.11 2.40
CA TRP B 55 0.81 -3.86 3.15
C TRP B 55 1.16 -4.14 4.61
N LEU B 56 0.77 -5.28 5.09
CA LEU B 56 1.04 -5.65 6.50
C LEU B 56 2.54 -5.84 6.71
N LEU B 57 3.16 -6.76 6.00
CA LEU B 57 4.63 -6.95 6.16
C LEU B 57 5.30 -5.60 6.07
N PHE B 58 5.14 -4.99 4.93
CA PHE B 58 5.74 -3.65 4.66
C PHE B 58 5.71 -2.76 5.90
N GLU B 59 4.53 -2.43 6.36
CA GLU B 59 4.44 -1.55 7.57
C GLU B 59 5.04 -2.22 8.80
N MET B 60 4.90 -3.51 8.90
CA MET B 60 5.49 -4.22 10.07
C MET B 60 7.02 -4.17 10.00
N SER B 61 7.60 -4.58 8.89
CA SER B 61 9.08 -4.49 8.73
C SER B 61 9.55 -3.09 9.14
N ARG B 62 8.76 -2.09 8.88
CA ARG B 62 9.17 -0.72 9.30
C ARG B 62 9.07 -0.65 10.83
N HIS B 63 7.86 -0.75 11.35
CA HIS B 63 7.64 -0.72 12.83
C HIS B 63 8.60 0.26 13.53
N SER B 64 8.65 1.47 13.07
CA SER B 64 9.57 2.47 13.70
C SER B 64 9.23 2.65 15.18
N LEU B 65 7.98 2.49 15.54
CA LEU B 65 7.59 2.66 16.96
C LEU B 65 7.42 1.28 17.62
N GLU B 66 6.50 0.50 17.13
CA GLU B 66 6.28 -0.84 17.73
C GLU B 66 7.52 -1.72 17.50
N GLN B 67 8.53 -1.57 18.31
CA GLN B 67 9.76 -2.40 18.13
C GLN B 67 10.54 -2.50 19.45
N LYS B 68 10.76 -3.70 19.92
CA LYS B 68 11.52 -3.86 21.19
C LYS B 68 12.07 -5.29 21.29
N PRO B 69 13.21 -5.42 21.93
CA PRO B 69 13.83 -6.76 22.08
C PRO B 69 13.03 -7.61 23.07
N THR B 70 13.29 -8.89 23.12
CA THR B 70 12.53 -9.76 24.05
C THR B 70 13.46 -10.76 24.74
N ASP B 71 13.21 -11.06 25.98
CA ASP B 71 14.08 -12.03 26.71
C ASP B 71 13.50 -12.30 28.11
N ALA B 72 13.35 -13.55 28.46
CA ALA B 72 12.78 -13.87 29.81
C ALA B 72 13.87 -14.46 30.72
N PRO B 73 13.63 -14.38 32.01
CA PRO B 73 14.61 -14.92 32.98
C PRO B 73 14.56 -16.45 33.02
N PRO B 74 15.68 -17.05 33.38
CA PRO B 74 15.76 -18.53 33.44
C PRO B 74 15.04 -19.04 34.69
N LYS B 75 15.08 -18.31 35.76
CA LYS B 75 14.39 -18.76 37.00
C LYS B 75 13.62 -17.60 37.64
N TYR C 1 3.22 -0.02 12.30
CA TYR C 1 2.12 0.79 11.70
C TYR C 1 1.45 1.69 12.75
N GLY C 2 1.18 1.18 13.93
CA GLY C 2 0.54 2.03 14.97
C GLY C 2 -0.78 2.57 14.43
N ASN C 3 -1.69 1.70 14.15
CA ASN C 3 -2.99 2.16 13.60
C ASN C 3 -4.11 1.17 13.90
N MET C 4 -3.88 0.21 14.77
CA MET C 4 -4.95 -0.78 15.07
C MET C 4 -5.46 -1.41 13.77
N THR C 5 -4.67 -1.35 12.72
CA THR C 5 -5.10 -1.90 11.42
C THR C 5 -4.32 -3.17 11.08
N GLU C 6 -3.03 -3.16 11.21
CA GLU C 6 -2.23 -4.36 10.84
C GLU C 6 -2.75 -5.58 11.59
N ASP C 7 -3.18 -5.43 12.80
CA ASP C 7 -3.74 -6.59 13.53
C ASP C 7 -5.13 -6.90 12.98
N HIS C 8 -5.75 -5.90 12.43
CA HIS C 8 -7.10 -6.07 11.87
C HIS C 8 -7.00 -6.48 10.40
N VAL C 9 -5.88 -6.20 9.79
CA VAL C 9 -5.63 -6.58 8.38
C VAL C 9 -4.99 -7.95 8.40
N MET C 10 -4.17 -8.18 9.40
CA MET C 10 -3.51 -9.50 9.52
C MET C 10 -4.59 -10.54 9.81
N HIS C 11 -5.59 -10.16 10.55
CA HIS C 11 -6.69 -11.10 10.84
C HIS C 11 -7.52 -11.26 9.57
N LEU C 12 -7.66 -10.21 8.81
CA LEU C 12 -8.43 -10.29 7.54
C LEU C 12 -7.69 -11.21 6.57
N LEU C 13 -6.44 -11.46 6.83
CA LEU C 13 -5.63 -12.35 5.95
C LEU C 13 -5.45 -13.71 6.64
N GLN C 14 -5.51 -13.71 7.94
CA GLN C 14 -5.34 -14.97 8.71
C GLN C 14 -6.63 -15.81 8.66
N ASN C 15 -7.70 -15.26 8.16
CA ASN C 15 -8.97 -16.02 8.07
C ASN C 15 -9.22 -16.41 6.63
N ALA C 16 -8.76 -15.59 5.71
CA ALA C 16 -8.96 -15.91 4.27
C ALA C 16 -7.98 -16.97 3.84
N ASP C 17 -6.87 -17.04 4.49
CA ASP C 17 -5.87 -18.05 4.10
C ASP C 17 -5.31 -18.78 5.34
N PRO C 18 -5.42 -20.09 5.32
CA PRO C 18 -4.90 -20.90 6.46
C PRO C 18 -3.37 -21.00 6.42
N LEU C 19 -2.74 -20.38 5.44
CA LEU C 19 -1.25 -20.47 5.36
C LEU C 19 -0.63 -19.06 5.27
N LYS C 20 -1.26 -18.09 5.85
CA LYS C 20 -0.68 -16.71 5.81
C LYS C 20 0.05 -16.40 7.11
N VAL C 21 1.28 -15.96 7.01
CA VAL C 21 2.04 -15.63 8.25
C VAL C 21 2.71 -14.29 8.15
N TYR C 22 2.94 -13.69 9.26
CA TYR C 22 3.67 -12.42 9.29
C TYR C 22 4.65 -12.50 10.44
N PRO C 23 5.78 -13.09 10.16
CA PRO C 23 6.82 -13.25 11.18
C PRO C 23 7.22 -11.90 11.76
N PRO C 24 7.62 -11.92 13.00
CA PRO C 24 8.01 -10.67 13.67
C PRO C 24 9.29 -10.12 13.03
N LEU C 25 9.15 -9.18 12.15
CA LEU C 25 10.36 -8.61 11.50
C LEU C 25 10.91 -7.52 12.42
N LYS C 26 11.64 -7.92 13.43
CA LYS C 26 12.19 -6.92 14.39
C LYS C 26 13.62 -6.54 14.02
N GLY C 27 14.24 -7.25 13.12
CA GLY C 27 15.63 -6.90 12.71
C GLY C 27 15.70 -5.41 12.34
N SER C 28 15.21 -5.10 11.18
CA SER C 28 15.19 -3.69 10.68
C SER C 28 14.30 -3.69 9.45
N PHE C 29 13.75 -2.57 9.07
CA PHE C 29 12.87 -2.56 7.87
C PHE C 29 13.58 -3.21 6.65
N PRO C 30 14.85 -2.96 6.46
CA PRO C 30 15.56 -3.59 5.31
C PRO C 30 15.87 -5.05 5.62
N GLU C 31 15.93 -5.39 6.88
CA GLU C 31 16.16 -6.81 7.29
C GLU C 31 14.83 -7.51 7.28
N ASN C 32 13.88 -6.79 7.78
CA ASN C 32 12.49 -7.27 7.84
C ASN C 32 11.99 -7.52 6.41
N LEU C 33 12.51 -6.77 5.48
CA LEU C 33 12.07 -6.96 4.07
C LEU C 33 12.85 -8.14 3.48
N ARG C 34 14.13 -8.12 3.65
CA ARG C 34 14.97 -9.25 3.15
C ARG C 34 14.65 -10.50 3.95
N HIS C 35 14.12 -10.34 5.12
CA HIS C 35 13.74 -11.53 5.93
C HIS C 35 12.48 -12.10 5.31
N LEU C 36 11.47 -11.30 5.14
CA LEU C 36 10.24 -11.80 4.48
C LEU C 36 10.61 -12.40 3.14
N LYS C 37 11.60 -11.83 2.54
CA LYS C 37 12.07 -12.31 1.23
C LYS C 37 12.83 -13.60 1.42
N ASN C 38 13.81 -13.56 2.27
CA ASN C 38 14.63 -14.76 2.56
C ASN C 38 13.85 -15.76 3.43
N THR C 39 12.67 -15.38 3.85
CA THR C 39 11.87 -16.29 4.73
C THR C 39 10.52 -16.59 4.10
N MET C 40 9.73 -15.58 3.88
CA MET C 40 8.39 -15.81 3.30
C MET C 40 8.52 -16.47 1.92
N GLU C 41 7.42 -16.65 1.23
CA GLU C 41 7.46 -17.28 -0.10
C GLU C 41 8.14 -16.37 -1.09
N THR C 42 9.11 -16.89 -1.74
CA THR C 42 9.85 -16.09 -2.77
C THR C 42 8.84 -15.47 -3.70
N ILE C 43 7.78 -16.18 -3.91
CA ILE C 43 6.72 -15.68 -4.81
C ILE C 43 5.83 -14.70 -4.09
N ASP C 44 5.70 -14.86 -2.83
CA ASP C 44 4.93 -13.88 -2.04
C ASP C 44 5.85 -12.70 -1.87
N TRP C 45 7.14 -12.95 -1.95
CA TRP C 45 8.12 -11.88 -1.90
C TRP C 45 8.15 -11.24 -3.28
N LYS C 46 8.00 -12.03 -4.31
CA LYS C 46 8.01 -11.45 -5.67
C LYS C 46 6.90 -10.43 -5.71
N VAL C 47 5.79 -10.87 -5.22
CA VAL C 47 4.59 -10.03 -5.18
C VAL C 47 4.79 -8.92 -4.14
N PHE C 48 5.42 -9.24 -3.04
CA PHE C 48 5.65 -8.19 -2.00
C PHE C 48 6.59 -7.14 -2.56
N GLU C 49 7.59 -7.56 -3.28
CA GLU C 49 8.53 -6.58 -3.87
C GLU C 49 7.76 -5.72 -4.85
N SER C 50 6.98 -6.35 -5.69
CA SER C 50 6.16 -5.57 -6.64
C SER C 50 5.20 -4.70 -5.83
N TRP C 51 4.80 -5.17 -4.69
CA TRP C 51 3.89 -4.37 -3.82
C TRP C 51 4.66 -3.18 -3.29
N MET C 52 5.87 -3.41 -2.90
CA MET C 52 6.71 -2.30 -2.38
C MET C 52 7.02 -1.37 -3.55
N HIS C 53 7.26 -1.95 -4.69
CA HIS C 53 7.54 -1.15 -5.92
C HIS C 53 6.29 -0.32 -6.26
N HIS C 54 5.14 -0.94 -6.25
CA HIS C 54 3.90 -0.17 -6.52
C HIS C 54 3.73 0.83 -5.40
N TRP C 55 3.88 0.38 -4.19
CA TRP C 55 3.81 1.29 -3.04
C TRP C 55 4.77 2.46 -3.29
N LEU C 56 5.91 2.13 -3.84
CA LEU C 56 6.93 3.17 -4.13
C LEU C 56 6.43 4.12 -5.22
N LEU C 57 6.13 3.61 -6.39
CA LEU C 57 5.62 4.51 -7.46
C LEU C 57 4.48 5.34 -6.90
N PHE C 58 3.47 4.65 -6.48
CA PHE C 58 2.26 5.31 -5.89
C PHE C 58 2.64 6.53 -5.04
N GLU C 59 3.37 6.32 -3.98
CA GLU C 59 3.75 7.46 -3.11
C GLU C 59 4.66 8.45 -3.86
N MET C 60 5.48 7.96 -4.72
CA MET C 60 6.37 8.87 -5.50
C MET C 60 5.52 9.71 -6.46
N SER C 61 4.71 9.09 -7.27
CA SER C 61 3.81 9.86 -8.19
C SER C 61 3.10 10.95 -7.39
N ARG C 62 2.78 10.69 -6.16
CA ARG C 62 2.12 11.75 -5.33
C ARG C 62 3.17 12.83 -5.03
N HIS C 63 4.17 12.47 -4.26
CA HIS C 63 5.28 13.43 -3.91
C HIS C 63 4.75 14.85 -3.70
N SER C 64 3.75 15.01 -2.88
CA SER C 64 3.18 16.38 -2.65
C SER C 64 4.27 17.32 -2.11
N LEU C 65 5.21 16.79 -1.38
CA LEU C 65 6.29 17.66 -0.84
C LEU C 65 7.56 17.53 -1.67
N GLU C 66 8.11 16.35 -1.72
CA GLU C 66 9.34 16.15 -2.53
C GLU C 66 9.04 16.36 -4.02
N GLN C 67 9.02 17.59 -4.46
CA GLN C 67 8.72 17.85 -5.90
C GLN C 67 9.28 19.21 -6.32
N LYS C 68 10.13 19.24 -7.30
CA LYS C 68 10.70 20.53 -7.77
C LYS C 68 11.26 20.38 -9.19
N PRO C 69 11.21 21.45 -9.94
CA PRO C 69 11.71 21.42 -11.33
C PRO C 69 13.24 21.35 -11.33
N THR C 70 13.84 21.06 -12.46
CA THR C 70 15.32 20.96 -12.51
C THR C 70 15.86 21.62 -13.78
N ASP C 71 16.98 22.27 -13.68
CA ASP C 71 17.57 22.93 -14.89
C ASP C 71 18.95 23.50 -14.55
N ALA C 72 19.94 23.20 -15.35
CA ALA C 72 21.31 23.72 -15.07
C ALA C 72 21.69 24.80 -16.09
N PRO C 73 22.65 25.62 -15.73
CA PRO C 73 23.11 26.69 -16.64
C PRO C 73 23.98 26.11 -17.76
N PRO C 74 23.99 26.79 -18.89
CA PRO C 74 24.79 26.32 -20.05
C PRO C 74 26.28 26.61 -19.81
N LYS C 75 26.59 27.69 -19.17
CA LYS C 75 28.02 28.02 -18.91
C LYS C 75 28.20 28.47 -17.46
N TYR A 1 5.80 10.80 0.46
CA TYR A 1 5.74 9.93 1.67
C TYR A 1 6.49 10.57 2.85
N GLY A 2 7.65 11.13 2.62
CA GLY A 2 8.40 11.75 3.75
C GLY A 2 8.62 10.70 4.83
N ASN A 3 9.37 9.69 4.53
CA ASN A 3 9.59 8.62 5.53
C ASN A 3 10.97 7.98 5.38
N MET A 4 11.81 8.49 4.50
CA MET A 4 13.14 7.84 4.31
C MET A 4 12.94 6.34 4.03
N THR A 5 11.78 5.98 3.56
CA THR A 5 11.45 4.57 3.28
C THR A 5 11.51 4.29 1.79
N GLU A 6 10.88 5.11 1.00
CA GLU A 6 10.87 4.86 -0.47
C GLU A 6 12.28 4.66 -1.00
N ASP A 7 13.24 5.31 -0.41
CA ASP A 7 14.64 5.09 -0.87
C ASP A 7 15.15 3.78 -0.30
N HIS A 8 14.61 3.40 0.81
CA HIS A 8 15.02 2.14 1.45
C HIS A 8 14.17 0.98 0.92
N VAL A 9 13.04 1.31 0.34
CA VAL A 9 12.15 0.30 -0.26
C VAL A 9 12.55 0.21 -1.73
N MET A 10 12.93 1.33 -2.28
CA MET A 10 13.37 1.35 -3.71
C MET A 10 14.64 0.52 -3.80
N HIS A 11 15.48 0.65 -2.82
CA HIS A 11 16.76 -0.13 -2.81
C HIS A 11 16.43 -1.59 -2.54
N LEU A 12 15.47 -1.85 -1.69
CA LEU A 12 15.09 -3.26 -1.41
C LEU A 12 14.55 -3.89 -2.68
N LEU A 13 14.09 -3.07 -3.59
CA LEU A 13 13.56 -3.60 -4.88
C LEU A 13 14.66 -3.55 -5.94
N GLN A 14 15.64 -2.71 -5.74
CA GLN A 14 16.75 -2.60 -6.72
C GLN A 14 17.77 -3.72 -6.50
N ASN A 15 17.63 -4.48 -5.44
CA ASN A 15 18.58 -5.59 -5.19
C ASN A 15 17.85 -6.93 -5.36
N ALA A 16 16.61 -6.99 -4.95
CA ALA A 16 15.83 -8.24 -5.11
C ALA A 16 15.58 -8.50 -6.57
N ASP A 17 15.45 -7.47 -7.33
CA ASP A 17 15.20 -7.66 -8.77
C ASP A 17 16.06 -6.68 -9.59
N PRO A 18 16.81 -7.22 -10.52
CA PRO A 18 17.69 -6.37 -11.36
C PRO A 18 16.90 -5.61 -12.43
N LEU A 19 15.59 -5.74 -12.43
CA LEU A 19 14.78 -5.02 -13.46
C LEU A 19 13.80 -4.05 -12.80
N LYS A 20 14.11 -3.57 -11.63
CA LYS A 20 13.19 -2.61 -10.95
C LYS A 20 13.54 -1.18 -11.33
N VAL A 21 12.54 -0.39 -11.58
CA VAL A 21 12.79 1.03 -11.93
C VAL A 21 11.68 1.92 -11.41
N TYR A 22 12.03 3.08 -10.98
CA TYR A 22 11.02 4.04 -10.54
C TYR A 22 11.33 5.36 -11.21
N PRO A 23 10.86 5.47 -12.43
CA PRO A 23 11.12 6.67 -13.22
C PRO A 23 10.66 7.93 -12.49
N PRO A 24 11.31 9.02 -12.81
CA PRO A 24 10.98 10.30 -12.15
C PRO A 24 9.60 10.76 -12.58
N LEU A 25 8.64 10.54 -11.74
CA LEU A 25 7.26 10.98 -12.07
C LEU A 25 7.15 12.44 -11.66
N LYS A 26 7.90 13.27 -12.34
CA LYS A 26 7.93 14.74 -12.02
C LYS A 26 6.60 15.40 -12.37
N GLY A 27 5.84 14.84 -13.27
CA GLY A 27 4.53 15.44 -13.61
C GLY A 27 3.64 15.44 -12.37
N SER A 28 2.35 15.39 -12.52
CA SER A 28 1.47 15.35 -11.33
C SER A 28 1.13 13.89 -11.04
N PHE A 29 0.54 13.63 -9.92
CA PHE A 29 0.20 12.23 -9.57
C PHE A 29 -0.60 11.52 -10.69
N PRO A 30 -1.51 12.22 -11.33
CA PRO A 30 -2.26 11.57 -12.43
C PRO A 30 -1.36 11.44 -13.66
N GLU A 31 -0.30 12.19 -13.71
CA GLU A 31 0.67 12.07 -14.84
C GLU A 31 1.67 11.03 -14.43
N ASN A 32 2.06 11.13 -13.21
CA ASN A 32 3.02 10.15 -12.62
C ASN A 32 2.42 8.76 -12.72
N LEU A 33 1.12 8.67 -12.63
CA LEU A 33 0.46 7.33 -12.72
C LEU A 33 0.34 6.92 -14.18
N ARG A 34 -0.13 7.81 -14.99
CA ARG A 34 -0.26 7.50 -16.45
C ARG A 34 1.15 7.39 -17.05
N HIS A 35 2.12 7.99 -16.42
CA HIS A 35 3.51 7.88 -16.92
C HIS A 35 3.99 6.48 -16.55
N LEU A 36 3.88 6.11 -15.32
CA LEU A 36 4.28 4.74 -14.91
C LEU A 36 3.53 3.75 -15.79
N LYS A 37 2.31 4.08 -16.08
CA LYS A 37 1.47 3.21 -16.91
C LYS A 37 1.95 3.26 -18.35
N ASN A 38 2.04 4.45 -18.86
CA ASN A 38 2.50 4.63 -20.26
C ASN A 38 4.01 4.36 -20.37
N THR A 39 4.67 4.16 -19.26
CA THR A 39 6.13 3.92 -19.29
C THR A 39 6.48 2.54 -18.75
N MET A 40 6.15 2.30 -17.51
CA MET A 40 6.46 0.97 -16.91
C MET A 40 5.78 -0.16 -17.70
N GLU A 41 6.01 -1.38 -17.30
CA GLU A 41 5.37 -2.53 -17.99
C GLU A 41 3.88 -2.45 -17.82
N THR A 42 3.19 -2.52 -18.91
CA THR A 42 1.70 -2.49 -18.86
C THR A 42 1.23 -3.47 -17.83
N ILE A 43 1.97 -4.52 -17.68
CA ILE A 43 1.60 -5.56 -16.71
C ILE A 43 2.04 -5.16 -15.32
N ASP A 44 3.06 -4.38 -15.24
CA ASP A 44 3.48 -3.89 -13.92
C ASP A 44 2.48 -2.80 -13.59
N TRP A 45 1.99 -2.16 -14.64
CA TRP A 45 0.95 -1.14 -14.44
C TRP A 45 -0.34 -1.86 -14.12
N LYS A 46 -0.55 -3.01 -14.73
CA LYS A 46 -1.79 -3.76 -14.43
C LYS A 46 -1.80 -4.03 -12.95
N VAL A 47 -0.69 -4.54 -12.53
CA VAL A 47 -0.50 -4.88 -11.12
C VAL A 47 -0.47 -3.61 -10.28
N PHE A 48 0.14 -2.57 -10.79
CA PHE A 48 0.18 -1.30 -10.02
C PHE A 48 -1.22 -0.75 -9.89
N GLU A 49 -1.96 -0.76 -10.95
CA GLU A 49 -3.37 -0.27 -10.87
C GLU A 49 -4.11 -1.15 -9.89
N SER A 50 -3.90 -2.43 -9.96
CA SER A 50 -4.55 -3.34 -8.99
C SER A 50 -4.00 -3.00 -7.61
N TRP A 51 -2.77 -2.58 -7.55
CA TRP A 51 -2.17 -2.18 -6.24
C TRP A 51 -2.81 -0.89 -5.78
N MET A 52 -3.08 -0.01 -6.70
CA MET A 52 -3.72 1.27 -6.34
C MET A 52 -5.18 0.96 -5.99
N HIS A 53 -5.75 0.03 -6.69
CA HIS A 53 -7.15 -0.38 -6.42
C HIS A 53 -7.20 -1.01 -5.03
N HIS A 54 -6.31 -1.92 -4.74
CA HIS A 54 -6.29 -2.54 -3.39
C HIS A 54 -5.97 -1.43 -2.40
N TRP A 55 -4.99 -0.64 -2.71
CA TRP A 55 -4.65 0.51 -1.86
C TRP A 55 -5.92 1.33 -1.63
N LEU A 56 -6.69 1.47 -2.68
CA LEU A 56 -7.95 2.24 -2.58
C LEU A 56 -8.94 1.54 -1.66
N LEU A 57 -9.31 0.31 -1.97
CA LEU A 57 -10.27 -0.41 -1.09
C LEU A 57 -9.82 -0.31 0.35
N PHE A 58 -8.68 -0.88 0.62
CA PHE A 58 -8.12 -0.84 2.00
C PHE A 58 -8.38 0.50 2.68
N GLU A 59 -7.77 1.53 2.18
CA GLU A 59 -7.97 2.88 2.79
C GLU A 59 -9.46 3.22 2.87
N MET A 60 -10.23 2.74 1.95
CA MET A 60 -11.69 3.02 1.98
C MET A 60 -12.34 2.12 3.05
N SER A 61 -12.17 0.82 2.94
CA SER A 61 -12.73 -0.10 3.96
C SER A 61 -12.28 0.34 5.36
N ARG A 62 -11.05 0.75 5.48
CA ARG A 62 -10.53 1.20 6.81
C ARG A 62 -10.84 2.68 7.09
N HIS A 63 -11.92 3.19 6.56
CA HIS A 63 -12.25 4.63 6.81
C HIS A 63 -13.19 4.75 8.02
N SER A 64 -13.18 3.78 8.90
CA SER A 64 -14.07 3.84 10.09
C SER A 64 -13.49 4.81 11.13
N LEU A 65 -12.23 5.07 11.06
CA LEU A 65 -11.60 6.01 12.05
C LEU A 65 -11.42 7.39 11.43
N GLU A 66 -11.23 7.43 10.15
CA GLU A 66 -11.02 8.74 9.47
C GLU A 66 -12.37 9.37 9.11
N GLN A 67 -13.26 9.46 10.06
CA GLN A 67 -14.59 10.08 9.75
C GLN A 67 -14.87 11.23 10.74
N LYS A 68 -15.89 12.00 10.48
CA LYS A 68 -16.21 13.14 11.38
C LYS A 68 -17.48 12.84 12.20
N PRO A 69 -17.57 13.45 13.36
CA PRO A 69 -18.75 13.25 14.23
C PRO A 69 -19.98 13.94 13.63
N THR A 70 -20.94 13.20 13.15
CA THR A 70 -22.15 13.82 12.56
C THR A 70 -23.22 12.76 12.32
N ASP A 71 -24.33 13.13 11.74
CA ASP A 71 -25.41 12.15 11.47
C ASP A 71 -26.49 12.77 10.59
N ALA A 72 -26.48 12.46 9.32
CA ALA A 72 -27.51 13.04 8.41
C ALA A 72 -28.05 11.95 7.46
N PRO A 73 -29.19 11.41 7.80
CA PRO A 73 -29.80 10.35 6.96
C PRO A 73 -30.46 10.97 5.72
N PRO A 74 -30.49 10.22 4.64
CA PRO A 74 -31.10 10.73 3.39
C PRO A 74 -32.62 10.69 3.48
N LYS A 75 -33.27 11.82 3.39
CA LYS A 75 -34.75 11.84 3.47
C LYS A 75 -35.37 11.48 2.11
N TYR B 1 -8.39 7.77 4.44
CA TYR B 1 -7.08 8.28 3.96
C TYR B 1 -7.00 9.81 4.10
N GLY B 2 -8.03 10.53 3.74
CA GLY B 2 -7.98 12.01 3.86
C GLY B 2 -6.79 12.53 3.06
N ASN B 3 -6.83 12.35 1.77
CA ASN B 3 -5.68 12.81 0.96
C ASN B 3 -6.14 13.25 -0.44
N MET B 4 -7.41 13.29 -0.71
CA MET B 4 -7.86 13.68 -2.08
C MET B 4 -7.13 12.79 -3.11
N THR B 5 -6.68 11.64 -2.68
CA THR B 5 -5.95 10.71 -3.57
C THR B 5 -6.84 9.56 -4.00
N GLU B 6 -7.50 8.93 -3.07
CA GLU B 6 -8.36 7.77 -3.43
C GLU B 6 -9.31 8.12 -4.56
N ASP B 7 -9.74 9.35 -4.63
CA ASP B 7 -10.64 9.74 -5.75
C ASP B 7 -9.80 9.95 -7.00
N HIS B 8 -8.57 10.29 -6.80
CA HIS B 8 -7.65 10.53 -7.94
C HIS B 8 -6.99 9.20 -8.32
N VAL B 9 -6.98 8.28 -7.42
CA VAL B 9 -6.40 6.92 -7.67
C VAL B 9 -7.55 6.07 -8.17
N MET B 10 -8.73 6.30 -7.64
CA MET B 10 -9.91 5.53 -8.09
C MET B 10 -10.17 5.90 -9.54
N HIS B 11 -9.99 7.14 -9.88
CA HIS B 11 -10.21 7.57 -11.28
C HIS B 11 -9.07 7.03 -12.14
N LEU B 12 -7.88 7.00 -11.61
CA LEU B 12 -6.74 6.45 -12.39
C LEU B 12 -6.99 4.98 -12.67
N LEU B 13 -7.81 4.36 -11.87
CA LEU B 13 -8.15 2.92 -12.08
C LEU B 13 -9.43 2.80 -12.89
N GLN B 14 -10.24 3.83 -12.86
CA GLN B 14 -11.53 3.81 -13.62
C GLN B 14 -11.28 4.13 -15.10
N ASN B 15 -10.08 4.53 -15.44
CA ASN B 15 -9.78 4.83 -16.87
C ASN B 15 -8.82 3.78 -17.42
N ALA B 16 -7.89 3.34 -16.61
CA ALA B 16 -6.93 2.31 -17.07
C ALA B 16 -7.65 1.00 -17.28
N ASP B 17 -8.66 0.77 -16.50
CA ASP B 17 -9.41 -0.49 -16.66
C ASP B 17 -10.92 -0.21 -16.58
N PRO B 18 -11.64 -0.66 -17.59
CA PRO B 18 -13.11 -0.45 -17.62
C PRO B 18 -13.84 -1.39 -16.66
N LEU B 19 -13.13 -2.19 -15.91
CA LEU B 19 -13.81 -3.14 -14.98
C LEU B 19 -13.40 -2.85 -13.53
N LYS B 20 -13.02 -1.64 -13.23
CA LYS B 20 -12.61 -1.32 -11.83
C LYS B 20 -13.80 -0.85 -11.01
N VAL B 21 -13.91 -1.31 -9.81
CA VAL B 21 -15.04 -0.88 -8.94
C VAL B 21 -14.61 -0.81 -7.49
N TYR B 22 -15.13 0.15 -6.80
CA TYR B 22 -14.83 0.25 -5.37
C TYR B 22 -16.16 0.44 -4.66
N PRO B 23 -16.80 -0.67 -4.42
CA PRO B 23 -18.13 -0.64 -3.78
C PRO B 23 -18.08 0.10 -2.44
N PRO B 24 -19.20 0.66 -2.08
CA PRO B 24 -19.28 1.43 -0.84
C PRO B 24 -19.13 0.50 0.36
N LEU B 25 -17.96 0.47 0.91
CA LEU B 25 -17.73 -0.40 2.10
C LEU B 25 -18.20 0.39 3.32
N LYS B 26 -19.48 0.65 3.38
CA LYS B 26 -20.05 1.45 4.50
C LYS B 26 -19.98 0.69 5.83
N GLY B 27 -19.92 -0.62 5.78
CA GLY B 27 -19.82 -1.41 7.05
C GLY B 27 -18.53 -1.00 7.77
N SER B 28 -17.96 -1.87 8.54
CA SER B 28 -16.70 -1.54 9.23
C SER B 28 -15.54 -2.07 8.39
N PHE B 29 -14.35 -1.71 8.71
CA PHE B 29 -13.18 -2.18 7.91
C PHE B 29 -13.17 -3.72 7.76
N PRO B 30 -13.52 -4.45 8.79
CA PRO B 30 -13.55 -5.92 8.67
C PRO B 30 -14.76 -6.34 7.84
N GLU B 31 -15.73 -5.47 7.70
CA GLU B 31 -16.91 -5.78 6.86
C GLU B 31 -16.57 -5.31 5.47
N ASN B 32 -15.99 -4.16 5.44
CA ASN B 32 -15.54 -3.56 4.16
C ASN B 32 -14.55 -4.51 3.48
N LEU B 33 -13.80 -5.22 4.27
CA LEU B 33 -12.81 -6.17 3.68
C LEU B 33 -13.52 -7.45 3.28
N ARG B 34 -14.31 -7.98 4.14
CA ARG B 34 -15.08 -9.22 3.82
C ARG B 34 -16.13 -8.89 2.76
N HIS B 35 -16.51 -7.65 2.65
CA HIS B 35 -17.47 -7.25 1.60
C HIS B 35 -16.72 -7.24 0.29
N LEU B 36 -15.62 -6.53 0.24
CA LEU B 36 -14.81 -6.54 -1.02
C LEU B 36 -14.49 -7.98 -1.37
N LYS B 37 -14.27 -8.75 -0.37
CA LYS B 37 -13.94 -10.18 -0.57
C LYS B 37 -15.18 -10.92 -1.03
N ASN B 38 -16.21 -10.80 -0.25
CA ASN B 38 -17.50 -11.48 -0.59
C ASN B 38 -18.17 -10.80 -1.78
N THR B 39 -17.65 -9.68 -2.21
CA THR B 39 -18.27 -8.95 -3.36
C THR B 39 -17.32 -8.89 -4.55
N MET B 40 -16.19 -8.27 -4.37
CA MET B 40 -15.22 -8.16 -5.50
C MET B 40 -14.81 -9.55 -6.01
N GLU B 41 -14.00 -9.59 -7.02
CA GLU B 41 -13.52 -10.89 -7.55
C GLU B 41 -12.71 -11.60 -6.51
N THR B 42 -13.06 -12.82 -6.25
CA THR B 42 -12.31 -13.63 -5.25
C THR B 42 -10.84 -13.52 -5.56
N ILE B 43 -10.56 -13.38 -6.81
CA ILE B 43 -9.14 -13.28 -7.24
C ILE B 43 -8.64 -11.88 -7.06
N ASP B 44 -9.51 -10.93 -7.13
CA ASP B 44 -9.08 -9.54 -6.86
C ASP B 44 -8.96 -9.47 -5.36
N TRP B 45 -9.76 -10.27 -4.68
CA TRP B 45 -9.67 -10.34 -3.21
C TRP B 45 -8.42 -11.13 -2.88
N LYS B 46 -8.10 -12.12 -3.68
CA LYS B 46 -6.87 -12.90 -3.41
C LYS B 46 -5.72 -11.94 -3.43
N VAL B 47 -5.70 -11.18 -4.48
CA VAL B 47 -4.67 -10.18 -4.69
C VAL B 47 -4.80 -9.07 -3.65
N PHE B 48 -6.01 -8.70 -3.33
CA PHE B 48 -6.19 -7.64 -2.31
C PHE B 48 -5.70 -8.14 -0.96
N GLU B 49 -6.04 -9.35 -0.63
CA GLU B 49 -5.55 -9.91 0.66
C GLU B 49 -4.03 -9.96 0.60
N SER B 50 -3.51 -10.37 -0.50
CA SER B 50 -2.03 -10.38 -0.65
C SER B 50 -1.55 -8.94 -0.58
N TRP B 51 -2.35 -8.03 -1.06
CA TRP B 51 -1.99 -6.59 -0.99
C TRP B 51 -2.04 -6.13 0.46
N MET B 52 -3.01 -6.61 1.17
CA MET B 52 -3.12 -6.26 2.60
C MET B 52 -2.00 -6.94 3.36
N HIS B 53 -1.69 -8.14 2.94
CA HIS B 53 -0.58 -8.91 3.57
C HIS B 53 0.73 -8.17 3.30
N HIS B 54 0.96 -7.79 2.07
CA HIS B 54 2.21 -7.02 1.76
C HIS B 54 2.12 -5.71 2.51
N TRP B 55 0.99 -5.07 2.43
CA TRP B 55 0.78 -3.82 3.19
C TRP B 55 1.13 -4.09 4.65
N LEU B 56 0.74 -5.23 5.13
CA LEU B 56 1.01 -5.60 6.53
C LEU B 56 2.52 -5.77 6.75
N LEU B 57 3.15 -6.67 6.03
CA LEU B 57 4.61 -6.86 6.21
C LEU B 57 5.31 -5.52 6.17
N PHE B 58 5.23 -4.88 5.04
CA PHE B 58 5.87 -3.54 4.86
C PHE B 58 5.73 -2.69 6.12
N GLU B 59 4.53 -2.31 6.46
CA GLU B 59 4.32 -1.47 7.68
C GLU B 59 4.94 -2.14 8.90
N MET B 60 4.95 -3.44 8.93
CA MET B 60 5.56 -4.15 10.08
C MET B 60 7.10 -4.09 9.95
N SER B 61 7.63 -4.57 8.86
CA SER B 61 9.10 -4.49 8.64
C SER B 61 9.59 -3.06 8.85
N ARG B 62 8.83 -2.10 8.40
CA ARG B 62 9.24 -0.67 8.55
C ARG B 62 8.78 -0.09 9.90
N HIS B 63 8.69 -0.90 10.93
CA HIS B 63 8.25 -0.37 12.25
C HIS B 63 9.47 0.02 13.09
N SER B 64 10.58 0.30 12.46
CA SER B 64 11.80 0.67 13.22
C SER B 64 11.70 2.12 13.71
N LEU B 65 10.88 2.91 13.08
CA LEU B 65 10.73 4.33 13.50
C LEU B 65 9.47 4.51 14.34
N GLU B 66 8.48 3.70 14.09
CA GLU B 66 7.22 3.83 14.87
C GLU B 66 7.30 3.04 16.17
N GLN B 67 8.34 3.24 16.93
CA GLN B 67 8.48 2.49 18.22
C GLN B 67 8.65 3.48 19.38
N LYS B 68 8.57 2.99 20.59
CA LYS B 68 8.73 3.90 21.77
C LYS B 68 10.07 3.65 22.47
N PRO B 69 10.58 4.66 23.12
CA PRO B 69 11.87 4.53 23.84
C PRO B 69 11.70 3.66 25.09
N THR B 70 12.25 2.48 25.08
CA THR B 70 12.12 1.59 26.27
C THR B 70 13.06 0.39 26.13
N ASP B 71 13.02 -0.52 27.06
CA ASP B 71 13.92 -1.72 26.99
C ASP B 71 13.52 -2.74 28.05
N ALA B 72 12.83 -3.78 27.66
CA ALA B 72 12.41 -4.81 28.65
C ALA B 72 12.61 -6.22 28.07
N PRO B 73 13.70 -6.83 28.43
CA PRO B 73 14.01 -8.20 27.93
C PRO B 73 13.16 -9.23 28.68
N PRO B 74 12.85 -10.31 28.01
CA PRO B 74 12.03 -11.38 28.62
C PRO B 74 12.88 -12.22 29.59
N LYS B 75 12.53 -12.22 30.85
CA LYS B 75 13.32 -13.01 31.84
C LYS B 75 12.89 -14.48 31.79
N TYR C 1 3.05 1.30 11.82
CA TYR C 1 1.78 1.91 11.30
C TYR C 1 1.01 2.65 12.41
N GLY C 2 0.90 2.06 13.58
CA GLY C 2 0.16 2.74 14.68
C GLY C 2 -1.26 3.03 14.20
N ASN C 3 -2.02 2.02 13.94
CA ASN C 3 -3.39 2.26 13.44
C ASN C 3 -4.35 1.15 13.90
N MET C 4 -3.92 0.23 14.72
CA MET C 4 -4.83 -0.88 15.14
C MET C 4 -5.42 -1.53 13.88
N THR C 5 -4.73 -1.40 12.78
CA THR C 5 -5.21 -1.97 11.50
C THR C 5 -4.43 -3.23 11.15
N GLU C 6 -3.13 -3.18 11.22
CA GLU C 6 -2.32 -4.36 10.85
C GLU C 6 -2.80 -5.60 11.60
N ASP C 7 -3.28 -5.43 12.79
CA ASP C 7 -3.81 -6.61 13.54
C ASP C 7 -5.19 -6.96 12.99
N HIS C 8 -5.86 -5.97 12.48
CA HIS C 8 -7.22 -6.19 11.93
C HIS C 8 -7.10 -6.58 10.46
N VAL C 9 -5.98 -6.28 9.86
CA VAL C 9 -5.73 -6.63 8.45
C VAL C 9 -5.03 -7.98 8.47
N MET C 10 -4.21 -8.18 9.47
CA MET C 10 -3.51 -9.48 9.61
C MET C 10 -4.55 -10.55 9.87
N HIS C 11 -5.54 -10.22 10.66
CA HIS C 11 -6.62 -11.20 10.96
C HIS C 11 -7.48 -11.38 9.70
N LEU C 12 -7.69 -10.31 8.97
CA LEU C 12 -8.50 -10.42 7.73
C LEU C 12 -7.77 -11.33 6.75
N LEU C 13 -6.48 -11.46 6.91
CA LEU C 13 -5.69 -12.34 6.02
C LEU C 13 -5.52 -13.71 6.67
N GLN C 14 -5.65 -13.78 7.96
CA GLN C 14 -5.51 -15.06 8.68
C GLN C 14 -6.81 -15.88 8.59
N ASN C 15 -7.86 -15.29 8.07
CA ASN C 15 -9.14 -16.04 7.94
C ASN C 15 -9.43 -16.28 6.46
N ALA C 16 -9.11 -15.32 5.63
CA ALA C 16 -9.35 -15.49 4.17
C ALA C 16 -8.42 -16.56 3.63
N ASP C 17 -7.27 -16.67 4.20
CA ASP C 17 -6.33 -17.69 3.72
C ASP C 17 -5.66 -18.39 4.91
N PRO C 18 -5.75 -19.71 4.92
CA PRO C 18 -5.15 -20.50 6.02
C PRO C 18 -3.62 -20.58 5.89
N LEU C 19 -3.04 -19.93 4.92
CA LEU C 19 -1.56 -19.99 4.77
C LEU C 19 -0.94 -18.59 4.88
N LYS C 20 -1.57 -17.71 5.60
CA LYS C 20 -1.00 -16.34 5.73
C LYS C 20 -0.10 -16.26 6.96
N VAL C 21 1.01 -15.62 6.83
CA VAL C 21 1.94 -15.47 7.98
C VAL C 21 2.66 -14.16 7.94
N TYR C 22 2.88 -13.58 9.07
CA TYR C 22 3.65 -12.34 9.13
C TYR C 22 4.70 -12.52 10.21
N PRO C 23 5.78 -13.13 9.82
CA PRO C 23 6.86 -13.42 10.77
C PRO C 23 7.35 -12.15 11.46
N PRO C 24 7.84 -12.32 12.65
CA PRO C 24 8.32 -11.17 13.43
C PRO C 24 9.56 -10.57 12.78
N LEU C 25 9.37 -9.50 12.07
CA LEU C 25 10.52 -8.85 11.41
C LEU C 25 11.16 -7.93 12.45
N LYS C 26 11.70 -8.52 13.48
CA LYS C 26 12.32 -7.74 14.59
C LYS C 26 13.60 -7.03 14.13
N GLY C 27 14.23 -7.52 13.09
CA GLY C 27 15.45 -6.84 12.60
C GLY C 27 15.09 -5.42 12.15
N SER C 28 15.80 -4.86 11.22
CA SER C 28 15.45 -3.51 10.74
C SER C 28 14.59 -3.66 9.48
N PHE C 29 14.00 -2.60 9.03
CA PHE C 29 13.14 -2.69 7.82
C PHE C 29 13.86 -3.37 6.64
N PRO C 30 15.13 -3.10 6.45
CA PRO C 30 15.84 -3.75 5.33
C PRO C 30 16.11 -5.22 5.69
N GLU C 31 16.04 -5.55 6.97
CA GLU C 31 16.23 -6.96 7.40
C GLU C 31 14.86 -7.59 7.37
N ASN C 32 13.93 -6.84 7.86
CA ASN C 32 12.52 -7.28 7.86
C ASN C 32 12.07 -7.56 6.43
N LEU C 33 12.62 -6.83 5.50
CA LEU C 33 12.23 -7.05 4.07
C LEU C 33 13.00 -8.23 3.52
N ARG C 34 14.27 -8.26 3.74
CA ARG C 34 15.10 -9.41 3.26
C ARG C 34 14.72 -10.65 4.05
N HIS C 35 14.17 -10.47 5.23
CA HIS C 35 13.74 -11.65 6.03
C HIS C 35 12.46 -12.15 5.39
N LEU C 36 11.50 -11.30 5.21
CA LEU C 36 10.24 -11.74 4.53
C LEU C 36 10.61 -12.36 3.19
N LYS C 37 11.60 -11.80 2.57
CA LYS C 37 12.06 -12.30 1.27
C LYS C 37 12.78 -13.62 1.46
N ASN C 38 13.75 -13.62 2.31
CA ASN C 38 14.53 -14.85 2.58
C ASN C 38 13.70 -15.84 3.39
N THR C 39 12.53 -15.43 3.84
CA THR C 39 11.68 -16.34 4.67
C THR C 39 10.37 -16.64 3.96
N MET C 40 9.59 -15.62 3.71
CA MET C 40 8.28 -15.85 3.03
C MET C 40 8.48 -16.50 1.66
N GLU C 41 7.41 -16.79 0.98
CA GLU C 41 7.50 -17.40 -0.37
C GLU C 41 8.18 -16.43 -1.30
N THR C 42 9.19 -16.90 -1.96
CA THR C 42 9.92 -16.06 -2.94
C THR C 42 8.91 -15.39 -3.84
N ILE C 43 7.86 -16.08 -4.07
CA ILE C 43 6.81 -15.54 -4.97
C ILE C 43 5.91 -14.58 -4.21
N ASP C 44 5.80 -14.78 -2.94
CA ASP C 44 5.02 -13.82 -2.15
C ASP C 44 5.95 -12.62 -1.98
N TRP C 45 7.23 -12.90 -1.99
CA TRP C 45 8.22 -11.82 -1.93
C TRP C 45 8.23 -11.15 -3.29
N LYS C 46 8.07 -11.92 -4.34
CA LYS C 46 8.06 -11.31 -5.68
C LYS C 46 6.95 -10.31 -5.71
N VAL C 47 5.83 -10.77 -5.27
CA VAL C 47 4.63 -9.94 -5.22
C VAL C 47 4.80 -8.85 -4.17
N PHE C 48 5.43 -9.17 -3.07
CA PHE C 48 5.63 -8.13 -2.02
C PHE C 48 6.56 -7.06 -2.57
N GLU C 49 7.62 -7.47 -3.21
CA GLU C 49 8.55 -6.48 -3.79
C GLU C 49 7.78 -5.66 -4.82
N SER C 50 6.98 -6.32 -5.61
CA SER C 50 6.15 -5.58 -6.59
C SER C 50 5.18 -4.70 -5.80
N TRP C 51 4.78 -5.16 -4.65
CA TRP C 51 3.86 -4.36 -3.80
C TRP C 51 4.62 -3.17 -3.24
N MET C 52 5.86 -3.39 -2.90
CA MET C 52 6.69 -2.29 -2.38
C MET C 52 7.01 -1.35 -3.53
N HIS C 53 7.21 -1.93 -4.69
CA HIS C 53 7.51 -1.12 -5.90
C HIS C 53 6.26 -0.29 -6.22
N HIS C 54 5.10 -0.90 -6.24
CA HIS C 54 3.87 -0.11 -6.50
C HIS C 54 3.70 0.87 -5.37
N TRP C 55 3.88 0.41 -4.16
CA TRP C 55 3.82 1.30 -3.00
C TRP C 55 4.78 2.47 -3.26
N LEU C 56 5.92 2.15 -3.80
CA LEU C 56 6.93 3.19 -4.08
C LEU C 56 6.43 4.16 -5.15
N LEU C 57 6.09 3.66 -6.33
CA LEU C 57 5.58 4.56 -7.40
C LEU C 57 4.49 5.43 -6.83
N PHE C 58 3.42 4.81 -6.44
CA PHE C 58 2.26 5.56 -5.87
C PHE C 58 2.73 6.73 -4.99
N GLU C 59 3.35 6.41 -3.89
CA GLU C 59 3.83 7.49 -2.97
C GLU C 59 4.71 8.49 -3.73
N MET C 60 5.42 8.02 -4.71
CA MET C 60 6.29 8.94 -5.50
C MET C 60 5.40 9.75 -6.47
N SER C 61 4.64 9.08 -7.30
CA SER C 61 3.72 9.81 -8.22
C SER C 61 2.85 10.77 -7.43
N ARG C 62 2.40 10.37 -6.27
CA ARG C 62 1.53 11.26 -5.45
C ARG C 62 2.37 12.19 -4.55
N HIS C 63 3.53 12.58 -4.97
CA HIS C 63 4.37 13.48 -4.13
C HIS C 63 4.12 14.94 -4.52
N SER C 64 2.99 15.22 -5.11
CA SER C 64 2.69 16.63 -5.52
C SER C 64 2.29 17.47 -4.31
N LEU C 65 1.86 16.84 -3.25
CA LEU C 65 1.45 17.59 -2.04
C LEU C 65 2.55 17.54 -0.99
N GLU C 66 3.32 16.49 -0.98
CA GLU C 66 4.40 16.37 0.02
C GLU C 66 5.67 17.07 -0.48
N GLN C 67 5.57 18.30 -0.91
CA GLN C 67 6.77 19.03 -1.40
C GLN C 67 6.95 20.34 -0.63
N LYS C 68 8.06 20.99 -0.80
CA LYS C 68 8.29 22.28 -0.08
C LYS C 68 8.23 23.45 -1.07
N PRO C 69 7.88 24.61 -0.54
CA PRO C 69 7.79 25.82 -1.39
C PRO C 69 9.18 26.31 -1.79
N THR C 70 9.54 26.17 -3.03
CA THR C 70 10.88 26.62 -3.48
C THR C 70 10.97 26.61 -5.01
N ASP C 71 12.11 26.92 -5.56
CA ASP C 71 12.25 26.93 -7.04
C ASP C 71 13.72 27.08 -7.44
N ALA C 72 14.36 26.01 -7.82
CA ALA C 72 15.80 26.09 -8.20
C ALA C 72 16.05 25.26 -9.46
N PRO C 73 16.08 25.92 -10.59
CA PRO C 73 16.32 25.21 -11.87
C PRO C 73 17.82 24.88 -12.02
N PRO C 74 18.09 23.80 -12.71
CA PRO C 74 19.50 23.38 -12.92
C PRO C 74 20.18 24.25 -13.98
N LYS C 75 21.21 24.96 -13.61
CA LYS C 75 21.91 25.83 -14.59
C LYS C 75 22.90 24.99 -15.43
N TYR A 1 2.82 8.58 2.28
CA TYR A 1 3.85 8.80 3.33
C TYR A 1 4.88 9.84 2.85
N GLY A 2 5.50 9.58 1.73
CA GLY A 2 6.51 10.54 1.20
C GLY A 2 7.65 10.67 2.20
N ASN A 3 8.61 9.80 2.13
CA ASN A 3 9.75 9.89 3.08
C ASN A 3 10.96 9.10 2.55
N MET A 4 11.89 8.79 3.40
CA MET A 4 13.09 8.03 2.96
C MET A 4 12.73 6.55 2.73
N THR A 5 11.64 6.10 3.30
CA THR A 5 11.24 4.67 3.11
C THR A 5 11.21 4.33 1.63
N GLU A 6 10.87 5.26 0.79
CA GLU A 6 10.82 4.95 -0.66
C GLU A 6 12.23 4.66 -1.16
N ASP A 7 13.20 5.38 -0.69
CA ASP A 7 14.59 5.09 -1.12
C ASP A 7 15.07 3.81 -0.45
N HIS A 8 14.49 3.50 0.68
CA HIS A 8 14.88 2.28 1.41
C HIS A 8 14.08 1.09 0.88
N VAL A 9 12.92 1.38 0.35
CA VAL A 9 12.06 0.32 -0.24
C VAL A 9 12.48 0.19 -1.70
N MET A 10 12.86 1.30 -2.29
CA MET A 10 13.31 1.28 -3.70
C MET A 10 14.59 0.47 -3.75
N HIS A 11 15.45 0.67 -2.80
CA HIS A 11 16.71 -0.09 -2.76
C HIS A 11 16.39 -1.56 -2.47
N LEU A 12 15.40 -1.81 -1.66
CA LEU A 12 15.03 -3.22 -1.36
C LEU A 12 14.50 -3.87 -2.63
N LEU A 13 14.08 -3.07 -3.57
CA LEU A 13 13.57 -3.63 -4.86
C LEU A 13 14.67 -3.54 -5.91
N GLN A 14 15.54 -2.60 -5.77
CA GLN A 14 16.66 -2.43 -6.73
C GLN A 14 17.72 -3.52 -6.50
N ASN A 15 17.57 -4.28 -5.45
CA ASN A 15 18.56 -5.37 -5.17
C ASN A 15 17.89 -6.73 -5.36
N ALA A 16 16.61 -6.80 -5.12
CA ALA A 16 15.87 -8.09 -5.28
C ALA A 16 15.45 -8.28 -6.71
N ASP A 17 15.23 -7.20 -7.40
CA ASP A 17 14.80 -7.32 -8.80
C ASP A 17 15.64 -6.42 -9.72
N PRO A 18 16.29 -7.02 -10.68
CA PRO A 18 17.13 -6.24 -11.63
C PRO A 18 16.26 -5.46 -12.62
N LEU A 19 14.97 -5.68 -12.61
CA LEU A 19 14.09 -4.95 -13.57
C LEU A 19 13.17 -3.97 -12.83
N LYS A 20 13.47 -3.67 -11.59
CA LYS A 20 12.61 -2.73 -10.83
C LYS A 20 13.01 -1.30 -11.15
N VAL A 21 12.12 -0.53 -11.70
CA VAL A 21 12.45 0.88 -12.04
C VAL A 21 11.42 1.82 -11.48
N TYR A 22 11.86 2.97 -11.09
CA TYR A 22 10.93 3.99 -10.60
C TYR A 22 11.26 5.28 -11.33
N PRO A 23 10.75 5.38 -12.53
CA PRO A 23 11.01 6.56 -13.36
C PRO A 23 10.60 7.84 -12.64
N PRO A 24 11.26 8.91 -12.98
CA PRO A 24 10.97 10.20 -12.34
C PRO A 24 9.57 10.68 -12.71
N LEU A 25 8.64 10.50 -11.82
CA LEU A 25 7.26 10.95 -12.10
C LEU A 25 7.16 12.40 -11.65
N LYS A 26 7.92 13.25 -12.28
CA LYS A 26 7.93 14.70 -11.91
C LYS A 26 6.58 15.34 -12.24
N GLY A 27 5.82 14.73 -13.13
CA GLY A 27 4.49 15.30 -13.47
C GLY A 27 3.63 15.30 -12.22
N SER A 28 2.34 15.31 -12.37
CA SER A 28 1.46 15.26 -11.19
C SER A 28 1.16 13.81 -10.86
N PHE A 29 0.52 13.55 -9.77
CA PHE A 29 0.22 12.14 -9.39
C PHE A 29 -0.59 11.42 -10.49
N PRO A 30 -1.52 12.11 -11.14
CA PRO A 30 -2.29 11.45 -12.21
C PRO A 30 -1.42 11.34 -13.47
N GLU A 31 -0.39 12.15 -13.55
CA GLU A 31 0.54 12.08 -14.71
C GLU A 31 1.58 11.05 -14.35
N ASN A 32 2.01 11.14 -13.14
CA ASN A 32 3.00 10.18 -12.61
C ASN A 32 2.44 8.77 -12.68
N LEU A 33 1.14 8.67 -12.54
CA LEU A 33 0.50 7.31 -12.62
C LEU A 33 0.38 6.91 -14.07
N ARG A 34 -0.15 7.78 -14.87
CA ARG A 34 -0.28 7.49 -16.33
C ARG A 34 1.11 7.41 -16.95
N HIS A 35 2.08 8.01 -16.32
CA HIS A 35 3.47 7.92 -16.84
C HIS A 35 3.96 6.53 -16.50
N LEU A 36 3.86 6.14 -15.27
CA LEU A 36 4.28 4.75 -14.89
C LEU A 36 3.53 3.78 -15.79
N LYS A 37 2.31 4.10 -16.06
CA LYS A 37 1.47 3.24 -16.90
C LYS A 37 1.95 3.33 -18.35
N ASN A 38 2.02 4.52 -18.85
CA ASN A 38 2.48 4.73 -20.23
C ASN A 38 3.98 4.46 -20.36
N THR A 39 4.65 4.26 -19.25
CA THR A 39 6.12 4.03 -19.29
C THR A 39 6.47 2.63 -18.77
N MET A 40 6.15 2.37 -17.54
CA MET A 40 6.48 1.04 -16.95
C MET A 40 5.81 -0.09 -17.76
N GLU A 41 6.01 -1.30 -17.35
CA GLU A 41 5.38 -2.45 -18.06
C GLU A 41 3.88 -2.39 -17.88
N THR A 42 3.19 -2.43 -18.96
CA THR A 42 1.71 -2.42 -18.91
C THR A 42 1.24 -3.44 -17.89
N ILE A 43 2.01 -4.48 -17.78
CA ILE A 43 1.64 -5.55 -16.84
C ILE A 43 2.08 -5.19 -15.44
N ASP A 44 3.08 -4.41 -15.33
CA ASP A 44 3.49 -3.94 -13.99
C ASP A 44 2.50 -2.84 -13.65
N TRP A 45 2.00 -2.18 -14.69
CA TRP A 45 0.97 -1.17 -14.48
C TRP A 45 -0.32 -1.89 -14.17
N LYS A 46 -0.54 -3.03 -14.79
CA LYS A 46 -1.78 -3.78 -14.49
C LYS A 46 -1.79 -4.07 -13.01
N VAL A 47 -0.67 -4.55 -12.58
CA VAL A 47 -0.47 -4.89 -11.16
C VAL A 47 -0.44 -3.62 -10.33
N PHE A 48 0.22 -2.61 -10.80
CA PHE A 48 0.28 -1.34 -10.03
C PHE A 48 -1.11 -0.75 -9.91
N GLU A 49 -1.87 -0.82 -10.96
CA GLU A 49 -3.26 -0.30 -10.89
C GLU A 49 -4.01 -1.14 -9.87
N SER A 50 -3.91 -2.44 -10.01
CA SER A 50 -4.58 -3.33 -9.02
C SER A 50 -4.02 -3.00 -7.64
N TRP A 51 -2.78 -2.60 -7.59
CA TRP A 51 -2.17 -2.23 -6.29
C TRP A 51 -2.79 -0.92 -5.84
N MET A 52 -3.07 -0.07 -6.78
CA MET A 52 -3.70 1.22 -6.46
C MET A 52 -5.16 0.95 -6.08
N HIS A 53 -5.76 0.02 -6.76
CA HIS A 53 -7.17 -0.37 -6.47
C HIS A 53 -7.21 -1.01 -5.08
N HIS A 54 -6.29 -1.90 -4.81
CA HIS A 54 -6.25 -2.53 -3.47
C HIS A 54 -5.92 -1.45 -2.46
N TRP A 55 -4.94 -0.65 -2.77
CA TRP A 55 -4.60 0.48 -1.90
C TRP A 55 -5.87 1.29 -1.66
N LEU A 56 -6.63 1.46 -2.71
CA LEU A 56 -7.89 2.24 -2.59
C LEU A 56 -8.89 1.52 -1.68
N LEU A 57 -9.26 0.31 -1.98
CA LEU A 57 -10.22 -0.42 -1.10
C LEU A 57 -9.77 -0.30 0.33
N PHE A 58 -8.61 -0.86 0.60
CA PHE A 58 -8.05 -0.81 1.98
C PHE A 58 -8.36 0.52 2.67
N GLU A 59 -7.81 1.59 2.16
CA GLU A 59 -8.07 2.92 2.77
C GLU A 59 -9.57 3.21 2.84
N MET A 60 -10.30 2.80 1.85
CA MET A 60 -11.77 3.04 1.88
C MET A 60 -12.39 2.16 2.97
N SER A 61 -12.21 0.87 2.90
CA SER A 61 -12.75 -0.03 3.95
C SER A 61 -12.30 0.45 5.33
N ARG A 62 -11.07 0.87 5.43
CA ARG A 62 -10.56 1.36 6.76
C ARG A 62 -10.79 2.86 6.91
N HIS A 63 -11.77 3.41 6.25
CA HIS A 63 -12.03 4.87 6.38
C HIS A 63 -13.07 5.13 7.48
N SER A 64 -13.46 4.12 8.21
CA SER A 64 -14.46 4.33 9.30
C SER A 64 -13.90 5.27 10.36
N LEU A 65 -12.60 5.45 10.40
CA LEU A 65 -12.00 6.36 11.41
C LEU A 65 -11.70 7.71 10.78
N GLU A 66 -11.26 7.73 9.56
CA GLU A 66 -10.95 9.01 8.89
C GLU A 66 -12.24 9.80 8.62
N GLN A 67 -13.35 9.12 8.57
CA GLN A 67 -14.64 9.84 8.31
C GLN A 67 -15.11 10.55 9.58
N LYS A 68 -15.88 11.59 9.44
CA LYS A 68 -16.36 12.33 10.64
C LYS A 68 -17.88 12.55 10.56
N PRO A 69 -18.61 11.75 11.30
CA PRO A 69 -20.09 11.88 11.30
C PRO A 69 -20.52 13.12 12.08
N THR A 70 -21.78 13.46 12.03
CA THR A 70 -22.25 14.66 12.77
C THR A 70 -23.58 14.36 13.47
N ASP A 71 -24.03 15.26 14.31
CA ASP A 71 -25.32 15.02 15.02
C ASP A 71 -25.93 16.35 15.47
N ALA A 72 -27.20 16.36 15.72
CA ALA A 72 -27.87 17.63 16.17
C ALA A 72 -27.55 18.76 15.19
N PRO A 73 -27.95 18.59 13.95
CA PRO A 73 -27.69 19.62 12.92
C PRO A 73 -28.59 20.85 13.17
N PRO A 74 -28.28 21.92 12.48
CA PRO A 74 -29.07 23.17 12.64
C PRO A 74 -30.45 23.00 12.01
N LYS A 75 -31.39 23.82 12.38
CA LYS A 75 -32.76 23.70 11.80
C LYS A 75 -33.62 24.89 12.21
N TYR B 1 -4.47 6.53 4.90
CA TYR B 1 -4.39 7.97 4.52
C TYR B 1 -5.78 8.61 4.58
N GLY B 2 -6.72 8.06 3.86
CA GLY B 2 -8.10 8.63 3.86
C GLY B 2 -8.05 10.06 3.33
N ASN B 3 -8.11 10.23 2.04
CA ASN B 3 -8.08 11.60 1.48
C ASN B 3 -8.63 11.61 0.06
N MET B 4 -8.34 12.65 -0.68
CA MET B 4 -8.84 12.73 -2.09
C MET B 4 -8.02 11.79 -2.99
N THR B 5 -6.84 11.41 -2.55
CA THR B 5 -6.01 10.50 -3.40
C THR B 5 -6.81 9.27 -3.81
N GLU B 6 -7.72 8.82 -2.99
CA GLU B 6 -8.50 7.62 -3.37
C GLU B 6 -9.40 7.97 -4.56
N ASP B 7 -9.94 9.14 -4.59
CA ASP B 7 -10.78 9.52 -5.76
C ASP B 7 -9.87 9.79 -6.95
N HIS B 8 -8.65 10.15 -6.68
CA HIS B 8 -7.69 10.45 -7.76
C HIS B 8 -7.02 9.15 -8.19
N VAL B 9 -6.95 8.20 -7.29
CA VAL B 9 -6.36 6.89 -7.60
C VAL B 9 -7.48 6.02 -8.15
N MET B 10 -8.67 6.23 -7.62
CA MET B 10 -9.85 5.47 -8.10
C MET B 10 -10.07 5.85 -9.55
N HIS B 11 -9.97 7.12 -9.83
CA HIS B 11 -10.16 7.58 -11.23
C HIS B 11 -9.02 7.06 -12.10
N LEU B 12 -7.84 6.98 -11.54
CA LEU B 12 -6.69 6.44 -12.32
C LEU B 12 -6.94 4.96 -12.62
N LEU B 13 -7.80 4.34 -11.85
CA LEU B 13 -8.13 2.91 -12.10
C LEU B 13 -9.43 2.81 -12.88
N GLN B 14 -10.27 3.78 -12.71
CA GLN B 14 -11.57 3.79 -13.43
C GLN B 14 -11.36 4.15 -14.90
N ASN B 15 -10.16 4.54 -15.27
CA ASN B 15 -9.89 4.89 -16.69
C ASN B 15 -8.94 3.86 -17.29
N ALA B 16 -8.11 3.27 -16.48
CA ALA B 16 -7.15 2.24 -17.00
C ALA B 16 -7.82 0.89 -17.04
N ASP B 17 -8.76 0.67 -16.17
CA ASP B 17 -9.43 -0.64 -16.16
C ASP B 17 -10.95 -0.47 -16.13
N PRO B 18 -11.62 -1.03 -17.12
CA PRO B 18 -13.10 -0.93 -17.19
C PRO B 18 -13.76 -1.85 -16.15
N LEU B 19 -12.99 -2.67 -15.48
CA LEU B 19 -13.59 -3.60 -14.48
C LEU B 19 -13.15 -3.21 -13.06
N LYS B 20 -12.61 -2.04 -12.89
CA LYS B 20 -12.18 -1.62 -11.52
C LYS B 20 -13.37 -1.07 -10.75
N VAL B 21 -13.71 -1.70 -9.66
CA VAL B 21 -14.86 -1.21 -8.86
C VAL B 21 -14.48 -1.04 -7.40
N TYR B 22 -15.05 -0.07 -6.79
CA TYR B 22 -14.81 0.13 -5.35
C TYR B 22 -16.16 0.28 -4.69
N PRO B 23 -16.76 -0.84 -4.43
CA PRO B 23 -18.10 -0.84 -3.81
C PRO B 23 -18.09 -0.07 -2.49
N PRO B 24 -19.23 0.48 -2.15
CA PRO B 24 -19.34 1.27 -0.91
C PRO B 24 -19.15 0.38 0.31
N LEU B 25 -17.99 0.41 0.87
CA LEU B 25 -17.74 -0.42 2.08
C LEU B 25 -18.16 0.40 3.29
N LYS B 26 -19.43 0.71 3.37
CA LYS B 26 -19.94 1.53 4.49
C LYS B 26 -19.84 0.76 5.80
N GLY B 27 -19.74 -0.54 5.73
CA GLY B 27 -19.62 -1.34 6.98
C GLY B 27 -18.33 -0.94 7.69
N SER B 28 -17.80 -1.79 8.51
CA SER B 28 -16.53 -1.46 9.20
C SER B 28 -15.39 -1.95 8.33
N PHE B 29 -14.18 -1.62 8.68
CA PHE B 29 -13.02 -2.06 7.87
C PHE B 29 -12.97 -3.60 7.72
N PRO B 30 -13.32 -4.34 8.76
CA PRO B 30 -13.32 -5.81 8.63
C PRO B 30 -14.55 -6.26 7.84
N GLU B 31 -15.55 -5.41 7.77
CA GLU B 31 -16.77 -5.75 6.97
C GLU B 31 -16.49 -5.28 5.57
N ASN B 32 -15.92 -4.13 5.50
CA ASN B 32 -15.54 -3.53 4.20
C ASN B 32 -14.55 -4.44 3.50
N LEU B 33 -13.75 -5.13 4.28
CA LEU B 33 -12.76 -6.07 3.67
C LEU B 33 -13.47 -7.35 3.26
N ARG B 34 -14.22 -7.89 4.17
CA ARG B 34 -14.99 -9.14 3.86
C ARG B 34 -16.06 -8.81 2.82
N HIS B 35 -16.44 -7.56 2.72
CA HIS B 35 -17.43 -7.18 1.69
C HIS B 35 -16.70 -7.18 0.36
N LEU B 36 -15.60 -6.49 0.28
CA LEU B 36 -14.81 -6.52 -0.98
C LEU B 36 -14.52 -7.96 -1.34
N LYS B 37 -14.28 -8.73 -0.34
CA LYS B 37 -13.97 -10.16 -0.54
C LYS B 37 -15.23 -10.90 -0.96
N ASN B 38 -16.24 -10.76 -0.17
CA ASN B 38 -17.54 -11.42 -0.47
C ASN B 38 -18.22 -10.74 -1.66
N THR B 39 -17.69 -9.64 -2.12
CA THR B 39 -18.32 -8.91 -3.25
C THR B 39 -17.40 -8.86 -4.46
N MET B 40 -16.26 -8.25 -4.31
CA MET B 40 -15.31 -8.15 -5.45
C MET B 40 -14.93 -9.54 -5.96
N GLU B 41 -14.08 -9.59 -6.96
CA GLU B 41 -13.64 -10.90 -7.49
C GLU B 41 -12.80 -11.61 -6.47
N THR B 42 -13.17 -12.81 -6.17
CA THR B 42 -12.39 -13.63 -5.20
C THR B 42 -10.94 -13.55 -5.54
N ILE B 43 -10.68 -13.42 -6.80
CA ILE B 43 -9.28 -13.35 -7.27
C ILE B 43 -8.73 -11.95 -7.11
N ASP B 44 -9.59 -11.00 -7.16
CA ASP B 44 -9.14 -9.62 -6.91
C ASP B 44 -9.00 -9.53 -5.40
N TRP B 45 -9.80 -10.32 -4.71
CA TRP B 45 -9.70 -10.37 -3.25
C TRP B 45 -8.45 -11.17 -2.91
N LYS B 46 -8.15 -12.17 -3.72
CA LYS B 46 -6.92 -12.95 -3.44
C LYS B 46 -5.76 -11.99 -3.47
N VAL B 47 -5.77 -11.22 -4.50
CA VAL B 47 -4.72 -10.22 -4.71
C VAL B 47 -4.85 -9.11 -3.69
N PHE B 48 -6.05 -8.68 -3.41
CA PHE B 48 -6.23 -7.61 -2.40
C PHE B 48 -5.77 -8.10 -1.04
N GLU B 49 -6.07 -9.33 -0.73
CA GLU B 49 -5.61 -9.88 0.58
C GLU B 49 -4.09 -9.90 0.54
N SER B 50 -3.53 -10.44 -0.50
CA SER B 50 -2.05 -10.44 -0.62
C SER B 50 -1.57 -8.99 -0.58
N TRP B 51 -2.37 -8.09 -1.07
CA TRP B 51 -2.00 -6.66 -1.03
C TRP B 51 -2.07 -6.19 0.41
N MET B 52 -3.03 -6.70 1.11
CA MET B 52 -3.19 -6.35 2.54
C MET B 52 -2.06 -7.02 3.32
N HIS B 53 -1.73 -8.21 2.93
CA HIS B 53 -0.62 -8.95 3.58
C HIS B 53 0.70 -8.22 3.29
N HIS B 54 0.90 -7.84 2.06
CA HIS B 54 2.13 -7.08 1.71
C HIS B 54 2.06 -5.76 2.44
N TRP B 55 0.94 -5.11 2.37
CA TRP B 55 0.76 -3.85 3.10
C TRP B 55 1.11 -4.11 4.56
N LEU B 56 0.69 -5.23 5.06
CA LEU B 56 0.97 -5.57 6.47
C LEU B 56 2.48 -5.76 6.70
N LEU B 57 3.11 -6.66 5.98
CA LEU B 57 4.58 -6.85 6.17
C LEU B 57 5.27 -5.52 6.13
N PHE B 58 5.17 -4.87 5.00
CA PHE B 58 5.80 -3.52 4.83
C PHE B 58 5.71 -2.70 6.12
N GLU B 59 4.51 -2.34 6.51
CA GLU B 59 4.34 -1.55 7.76
C GLU B 59 4.98 -2.24 8.95
N MET B 60 4.90 -3.54 8.99
CA MET B 60 5.52 -4.28 10.12
C MET B 60 7.05 -4.17 9.99
N SER B 61 7.60 -4.62 8.89
CA SER B 61 9.07 -4.50 8.70
C SER B 61 9.51 -3.06 8.93
N ARG B 62 8.75 -2.12 8.46
CA ARG B 62 9.13 -0.68 8.66
C ARG B 62 8.55 -0.13 9.97
N HIS B 63 8.29 -0.98 10.93
CA HIS B 63 7.72 -0.48 12.22
C HIS B 63 8.85 -0.17 13.22
N SER B 64 10.09 -0.25 12.80
CA SER B 64 11.22 0.04 13.73
C SER B 64 11.14 1.49 14.20
N LEU B 65 10.43 2.32 13.51
CA LEU B 65 10.33 3.76 13.91
C LEU B 65 9.02 3.98 14.67
N GLU B 66 7.97 3.36 14.25
CA GLU B 66 6.67 3.55 14.94
C GLU B 66 6.70 2.90 16.33
N GLN B 67 7.58 1.97 16.54
CA GLN B 67 7.67 1.32 17.87
C GLN B 67 8.38 2.24 18.86
N LYS B 68 8.12 2.09 20.14
CA LYS B 68 8.78 2.96 21.14
C LYS B 68 9.36 2.11 22.29
N PRO B 69 10.66 1.91 22.25
CA PRO B 69 11.33 1.11 23.30
C PRO B 69 11.40 1.91 24.61
N THR B 70 11.82 1.27 25.67
CA THR B 70 11.91 1.98 26.97
C THR B 70 13.21 1.63 27.68
N ASP B 71 13.51 2.30 28.76
CA ASP B 71 14.77 1.98 29.49
C ASP B 71 14.67 2.46 30.94
N ALA B 72 15.48 1.92 31.81
CA ALA B 72 15.43 2.34 33.24
C ALA B 72 14.00 2.25 33.77
N PRO B 73 13.44 1.06 33.75
CA PRO B 73 12.06 0.85 34.24
C PRO B 73 12.01 0.98 35.76
N PRO B 74 10.82 1.08 36.29
CA PRO B 74 10.65 1.20 37.77
C PRO B 74 11.00 -0.11 38.46
N LYS B 75 11.28 -0.07 39.73
CA LYS B 75 11.63 -1.33 40.45
C LYS B 75 11.71 -1.06 41.96
N TYR C 1 2.04 3.44 8.40
CA TYR C 1 0.98 3.76 9.39
C TYR C 1 1.36 3.23 10.78
N GLY C 2 1.63 1.96 10.88
CA GLY C 2 2.02 1.38 12.21
C GLY C 2 0.87 1.57 13.19
N ASN C 3 -0.06 0.66 13.20
CA ASN C 3 -1.20 0.80 14.14
C ASN C 3 -1.91 -0.55 14.33
N MET C 4 -3.11 -0.53 14.84
CA MET C 4 -3.85 -1.80 15.04
C MET C 4 -4.37 -2.34 13.69
N THR C 5 -4.45 -1.49 12.70
CA THR C 5 -4.95 -1.95 11.38
C THR C 5 -4.17 -3.18 10.92
N GLU C 6 -2.93 -3.28 11.27
CA GLU C 6 -2.14 -4.46 10.83
C GLU C 6 -2.68 -5.71 11.51
N ASP C 7 -3.06 -5.61 12.75
CA ASP C 7 -3.65 -6.79 13.44
C ASP C 7 -5.06 -7.03 12.90
N HIS C 8 -5.68 -5.99 12.43
CA HIS C 8 -7.05 -6.11 11.89
C HIS C 8 -6.98 -6.53 10.42
N VAL C 9 -5.90 -6.19 9.79
CA VAL C 9 -5.68 -6.57 8.36
C VAL C 9 -5.03 -7.95 8.38
N MET C 10 -4.19 -8.17 9.36
CA MET C 10 -3.53 -9.48 9.49
C MET C 10 -4.60 -10.52 9.76
N HIS C 11 -5.52 -10.19 10.61
CA HIS C 11 -6.63 -11.13 10.91
C HIS C 11 -7.49 -11.30 9.66
N LEU C 12 -7.67 -10.25 8.92
CA LEU C 12 -8.48 -10.35 7.68
C LEU C 12 -7.78 -11.27 6.69
N LEU C 13 -6.49 -11.44 6.87
CA LEU C 13 -5.72 -12.35 5.97
C LEU C 13 -5.55 -13.71 6.65
N GLN C 14 -5.53 -13.71 7.94
CA GLN C 14 -5.37 -14.97 8.70
C GLN C 14 -6.68 -15.78 8.66
N ASN C 15 -7.73 -15.21 8.13
CA ASN C 15 -9.02 -15.94 8.04
C ASN C 15 -9.35 -16.23 6.57
N ALA C 16 -8.90 -15.38 5.69
CA ALA C 16 -9.17 -15.59 4.24
C ALA C 16 -8.13 -16.52 3.65
N ASP C 17 -6.97 -16.51 4.19
CA ASP C 17 -5.91 -17.38 3.64
C ASP C 17 -5.22 -18.17 4.76
N PRO C 18 -5.25 -19.49 4.65
CA PRO C 18 -4.63 -20.35 5.68
C PRO C 18 -3.10 -20.33 5.53
N LEU C 19 -2.58 -19.72 4.50
CA LEU C 19 -1.10 -19.69 4.31
C LEU C 19 -0.56 -18.26 4.50
N LYS C 20 -1.35 -17.38 5.05
CA LYS C 20 -0.86 -15.99 5.25
C LYS C 20 -0.04 -15.90 6.53
N VAL C 21 1.21 -15.55 6.41
CA VAL C 21 2.07 -15.45 7.62
C VAL C 21 2.77 -14.11 7.68
N TYR C 22 2.95 -13.63 8.86
CA TYR C 22 3.70 -12.37 9.02
C TYR C 22 4.74 -12.61 10.09
N PRO C 23 5.83 -13.20 9.67
CA PRO C 23 6.91 -13.52 10.61
C PRO C 23 7.38 -12.27 11.33
N PRO C 24 7.88 -12.47 12.52
CA PRO C 24 8.36 -11.34 13.34
C PRO C 24 9.57 -10.68 12.70
N LEU C 25 9.35 -9.58 12.04
CA LEU C 25 10.49 -8.88 11.41
C LEU C 25 11.09 -7.94 12.45
N LYS C 26 11.60 -8.50 13.50
CA LYS C 26 12.18 -7.68 14.59
C LYS C 26 13.45 -6.96 14.10
N GLY C 27 14.05 -7.44 13.05
CA GLY C 27 15.27 -6.76 12.52
C GLY C 27 14.88 -5.36 12.09
N SER C 28 15.63 -4.78 11.19
CA SER C 28 15.28 -3.42 10.72
C SER C 28 14.39 -3.57 9.49
N PHE C 29 13.85 -2.50 9.01
CA PHE C 29 12.96 -2.59 7.82
C PHE C 29 13.65 -3.25 6.62
N PRO C 30 14.93 -2.98 6.41
CA PRO C 30 15.63 -3.62 5.28
C PRO C 30 15.96 -5.07 5.65
N GLU C 31 15.95 -5.38 6.92
CA GLU C 31 16.20 -6.79 7.35
C GLU C 31 14.86 -7.47 7.35
N ASN C 32 13.91 -6.76 7.86
CA ASN C 32 12.52 -7.26 7.90
C ASN C 32 12.04 -7.54 6.49
N LEU C 33 12.53 -6.78 5.54
CA LEU C 33 12.13 -7.00 4.13
C LEU C 33 12.90 -8.18 3.56
N ARG C 34 14.18 -8.16 3.75
CA ARG C 34 15.02 -9.30 3.28
C ARG C 34 14.68 -10.55 4.09
N HIS C 35 14.13 -10.37 5.25
CA HIS C 35 13.71 -11.55 6.07
C HIS C 35 12.45 -12.09 5.44
N LEU C 36 11.48 -11.25 5.23
CA LEU C 36 10.24 -11.71 4.55
C LEU C 36 10.63 -12.35 3.23
N LYS C 37 11.60 -11.79 2.60
CA LYS C 37 12.08 -12.28 1.31
C LYS C 37 12.81 -13.60 1.53
N ASN C 38 13.78 -13.56 2.38
CA ASN C 38 14.59 -14.77 2.68
C ASN C 38 13.76 -15.78 3.48
N THR C 39 12.59 -15.38 3.91
CA THR C 39 11.74 -16.29 4.74
C THR C 39 10.44 -16.62 4.02
N MET C 40 9.64 -15.61 3.77
CA MET C 40 8.33 -15.86 3.10
C MET C 40 8.54 -16.53 1.73
N GLU C 41 7.48 -16.79 1.02
CA GLU C 41 7.61 -17.42 -0.31
C GLU C 41 8.26 -16.45 -1.26
N THR C 42 9.29 -16.91 -1.89
CA THR C 42 10.01 -16.07 -2.89
C THR C 42 8.99 -15.44 -3.81
N ILE C 43 7.94 -16.16 -4.03
CA ILE C 43 6.90 -15.66 -4.95
C ILE C 43 5.97 -14.70 -4.22
N ASP C 44 5.86 -14.87 -2.96
CA ASP C 44 5.05 -13.91 -2.18
C ASP C 44 5.97 -12.70 -2.02
N TRP C 45 7.26 -12.96 -2.01
CA TRP C 45 8.23 -11.87 -1.94
C TRP C 45 8.25 -11.20 -3.31
N LYS C 46 8.10 -11.98 -4.35
CA LYS C 46 8.10 -11.37 -5.71
C LYS C 46 6.98 -10.37 -5.73
N VAL C 47 5.87 -10.83 -5.28
CA VAL C 47 4.66 -9.99 -5.22
C VAL C 47 4.83 -8.90 -4.18
N PHE C 48 5.39 -9.24 -3.05
CA PHE C 48 5.58 -8.22 -1.99
C PHE C 48 6.54 -7.15 -2.50
N GLU C 49 7.56 -7.55 -3.18
CA GLU C 49 8.51 -6.56 -3.73
C GLU C 49 7.75 -5.70 -4.74
N SER C 50 7.04 -6.34 -5.63
CA SER C 50 6.22 -5.58 -6.61
C SER C 50 5.24 -4.72 -5.82
N TRP C 51 4.81 -5.20 -4.69
CA TRP C 51 3.88 -4.41 -3.85
C TRP C 51 4.65 -3.25 -3.27
N MET C 52 5.88 -3.48 -2.96
CA MET C 52 6.74 -2.40 -2.40
C MET C 52 7.07 -1.43 -3.54
N HIS C 53 7.28 -1.97 -4.71
CA HIS C 53 7.57 -1.14 -5.91
C HIS C 53 6.32 -0.32 -6.24
N HIS C 54 5.17 -0.96 -6.23
CA HIS C 54 3.91 -0.21 -6.49
C HIS C 54 3.73 0.78 -5.36
N TRP C 55 3.89 0.32 -4.17
CA TRP C 55 3.81 1.22 -3.02
C TRP C 55 4.75 2.39 -3.26
N LEU C 56 5.91 2.09 -3.77
CA LEU C 56 6.91 3.14 -4.04
C LEU C 56 6.41 4.10 -5.12
N LEU C 57 6.10 3.61 -6.30
CA LEU C 57 5.59 4.52 -7.36
C LEU C 57 4.50 5.39 -6.81
N PHE C 58 3.44 4.75 -6.40
CA PHE C 58 2.27 5.51 -5.81
C PHE C 58 2.76 6.70 -4.97
N GLU C 59 3.43 6.43 -3.90
CA GLU C 59 3.93 7.53 -3.02
C GLU C 59 4.80 8.50 -3.82
N MET C 60 5.56 8.00 -4.74
CA MET C 60 6.42 8.90 -5.56
C MET C 60 5.51 9.73 -6.48
N SER C 61 4.73 9.08 -7.31
CA SER C 61 3.79 9.82 -8.19
C SER C 61 2.96 10.81 -7.38
N ARG C 62 2.52 10.38 -6.22
CA ARG C 62 1.69 11.28 -5.37
C ARG C 62 2.57 12.10 -4.41
N HIS C 63 3.81 12.32 -4.76
CA HIS C 63 4.69 13.12 -3.86
C HIS C 63 4.65 14.61 -4.24
N SER C 64 3.78 14.98 -5.15
CA SER C 64 3.70 16.42 -5.54
C SER C 64 3.27 17.28 -4.35
N LEU C 65 2.71 16.67 -3.35
CA LEU C 65 2.27 17.45 -2.15
C LEU C 65 3.30 17.34 -1.04
N GLU C 66 3.88 16.18 -0.88
CA GLU C 66 4.90 16.00 0.18
C GLU C 66 6.17 16.79 -0.15
N GLN C 67 6.37 17.09 -1.40
CA GLN C 67 7.60 17.86 -1.78
C GLN C 67 7.41 19.34 -1.43
N LYS C 68 8.49 20.05 -1.21
CA LYS C 68 8.38 21.49 -0.86
C LYS C 68 9.31 22.33 -1.74
N PRO C 69 8.74 22.99 -2.72
CA PRO C 69 9.56 23.82 -3.64
C PRO C 69 9.98 25.12 -2.93
N THR C 70 10.84 25.88 -3.55
CA THR C 70 11.29 27.15 -2.92
C THR C 70 11.32 28.28 -3.94
N ASP C 71 11.52 29.48 -3.50
CA ASP C 71 11.57 30.63 -4.45
C ASP C 71 12.35 31.80 -3.85
N ALA C 72 12.83 32.69 -4.67
CA ALA C 72 13.60 33.85 -4.16
C ALA C 72 14.72 33.38 -3.23
N PRO C 73 15.63 32.60 -3.77
CA PRO C 73 16.76 32.07 -2.98
C PRO C 73 17.75 33.20 -2.66
N PRO C 74 18.65 32.93 -1.75
CA PRO C 74 19.66 33.94 -1.37
C PRO C 74 20.67 34.15 -2.50
N LYS C 75 21.37 35.25 -2.50
CA LYS C 75 22.36 35.50 -3.58
C LYS C 75 23.21 36.74 -3.24
N TYR A 1 5.17 6.69 10.00
CA TYR A 1 6.65 6.55 9.83
C TYR A 1 7.18 7.63 8.88
N GLY A 2 6.44 8.69 8.70
CA GLY A 2 6.91 9.78 7.77
C GLY A 2 7.31 9.16 6.44
N ASN A 3 8.49 9.45 5.97
CA ASN A 3 8.92 8.85 4.68
C ASN A 3 10.31 8.23 4.83
N MET A 4 11.30 8.70 4.09
CA MET A 4 12.65 8.09 4.21
C MET A 4 12.51 6.57 4.05
N THR A 5 11.52 6.17 3.32
CA THR A 5 11.24 4.72 3.12
C THR A 5 11.25 4.35 1.64
N GLU A 6 10.86 5.26 0.79
CA GLU A 6 10.83 4.92 -0.66
C GLU A 6 12.24 4.64 -1.16
N ASP A 7 13.21 5.37 -0.69
CA ASP A 7 14.61 5.08 -1.13
C ASP A 7 15.08 3.80 -0.45
N HIS A 8 14.49 3.49 0.66
CA HIS A 8 14.90 2.27 1.39
C HIS A 8 14.09 1.08 0.88
N VAL A 9 12.93 1.36 0.34
CA VAL A 9 12.06 0.31 -0.24
C VAL A 9 12.48 0.16 -1.69
N MET A 10 12.84 1.28 -2.29
CA MET A 10 13.29 1.23 -3.71
C MET A 10 14.55 0.40 -3.76
N HIS A 11 15.41 0.61 -2.80
CA HIS A 11 16.67 -0.17 -2.76
C HIS A 11 16.34 -1.63 -2.46
N LEU A 12 15.35 -1.87 -1.62
CA LEU A 12 14.97 -3.27 -1.32
C LEU A 12 14.43 -3.92 -2.58
N LEU A 13 14.02 -3.12 -3.53
CA LEU A 13 13.50 -3.68 -4.82
C LEU A 13 14.58 -3.59 -5.89
N GLN A 14 15.51 -2.71 -5.70
CA GLN A 14 16.61 -2.56 -6.70
C GLN A 14 17.68 -3.65 -6.50
N ASN A 15 17.56 -4.42 -5.45
CA ASN A 15 18.57 -5.49 -5.21
C ASN A 15 17.88 -6.86 -5.31
N ALA A 16 16.62 -6.92 -4.99
CA ALA A 16 15.89 -8.22 -5.08
C ALA A 16 15.58 -8.53 -6.52
N ASP A 17 15.38 -7.52 -7.30
CA ASP A 17 15.08 -7.76 -8.72
C ASP A 17 15.83 -6.75 -9.60
N PRO A 18 16.62 -7.25 -10.51
CA PRO A 18 17.39 -6.36 -11.41
C PRO A 18 16.51 -5.75 -12.49
N LEU A 19 15.24 -6.05 -12.50
CA LEU A 19 14.34 -5.48 -13.55
C LEU A 19 13.37 -4.48 -12.93
N LYS A 20 13.69 -3.96 -11.78
CA LYS A 20 12.78 -2.98 -11.13
C LYS A 20 13.16 -1.55 -11.53
N VAL A 21 12.19 -0.78 -11.90
CA VAL A 21 12.48 0.63 -12.30
C VAL A 21 11.45 1.58 -11.72
N TYR A 22 11.91 2.70 -11.27
CA TYR A 22 10.97 3.71 -10.77
C TYR A 22 11.26 4.99 -11.52
N PRO A 23 10.65 5.09 -12.67
CA PRO A 23 10.87 6.27 -13.52
C PRO A 23 10.55 7.56 -12.76
N PRO A 24 11.24 8.61 -13.15
CA PRO A 24 11.05 9.91 -12.48
C PRO A 24 9.67 10.46 -12.74
N LEU A 25 8.79 10.28 -11.80
CA LEU A 25 7.43 10.83 -11.95
C LEU A 25 7.48 12.26 -11.44
N LYS A 26 7.69 13.20 -12.31
CA LYS A 26 7.80 14.61 -11.87
C LYS A 26 6.52 15.39 -12.21
N GLY A 27 5.68 14.84 -13.05
CA GLY A 27 4.41 15.54 -13.40
C GLY A 27 3.50 15.58 -12.17
N SER A 28 2.21 15.48 -12.38
CA SER A 28 1.27 15.46 -11.23
C SER A 28 0.94 14.01 -10.92
N PHE A 29 0.57 13.73 -9.70
CA PHE A 29 0.27 12.30 -9.32
C PHE A 29 -0.53 11.56 -10.41
N PRO A 30 -1.50 12.20 -11.05
CA PRO A 30 -2.25 11.50 -12.12
C PRO A 30 -1.36 11.36 -13.36
N GLU A 31 -0.36 12.20 -13.49
CA GLU A 31 0.59 12.11 -14.62
C GLU A 31 1.62 11.09 -14.23
N ASN A 32 2.07 11.23 -13.02
CA ASN A 32 3.06 10.29 -12.45
C ASN A 32 2.49 8.88 -12.51
N LEU A 33 1.20 8.76 -12.49
CA LEU A 33 0.58 7.41 -12.57
C LEU A 33 0.44 7.00 -14.02
N ARG A 34 -0.09 7.87 -14.82
CA ARG A 34 -0.24 7.58 -16.28
C ARG A 34 1.14 7.46 -16.89
N HIS A 35 2.12 8.07 -16.30
CA HIS A 35 3.50 7.95 -16.83
C HIS A 35 3.97 6.54 -16.51
N LEU A 36 3.87 6.14 -15.27
CA LEU A 36 4.26 4.76 -14.90
C LEU A 36 3.49 3.80 -15.79
N LYS A 37 2.28 4.13 -16.06
CA LYS A 37 1.42 3.29 -16.90
C LYS A 37 1.87 3.36 -18.34
N ASN A 38 1.96 4.55 -18.84
CA ASN A 38 2.42 4.75 -20.25
C ASN A 38 3.91 4.46 -20.38
N THR A 39 4.59 4.27 -19.28
CA THR A 39 6.06 4.02 -19.33
C THR A 39 6.39 2.62 -18.82
N MET A 40 6.08 2.36 -17.60
CA MET A 40 6.40 1.01 -17.01
C MET A 40 5.71 -0.10 -17.81
N GLU A 41 5.91 -1.32 -17.43
CA GLU A 41 5.26 -2.46 -18.12
C GLU A 41 3.77 -2.38 -17.93
N THR A 42 3.06 -2.41 -19.00
CA THR A 42 1.57 -2.37 -18.92
C THR A 42 1.11 -3.38 -17.91
N ILE A 43 1.85 -4.43 -17.81
CA ILE A 43 1.49 -5.50 -16.86
C ILE A 43 1.96 -5.16 -15.47
N ASP A 44 2.99 -4.38 -15.38
CA ASP A 44 3.43 -3.94 -14.05
C ASP A 44 2.46 -2.83 -13.68
N TRP A 45 1.95 -2.16 -14.70
CA TRP A 45 0.94 -1.12 -14.48
C TRP A 45 -0.36 -1.84 -14.13
N LYS A 46 -0.60 -2.97 -14.75
CA LYS A 46 -1.84 -3.71 -14.44
C LYS A 46 -1.82 -4.00 -12.97
N VAL A 47 -0.71 -4.53 -12.58
CA VAL A 47 -0.49 -4.89 -11.18
C VAL A 47 -0.44 -3.63 -10.33
N PHE A 48 0.16 -2.58 -10.84
CA PHE A 48 0.22 -1.33 -10.05
C PHE A 48 -1.19 -0.75 -9.92
N GLU A 49 -1.95 -0.82 -10.96
CA GLU A 49 -3.33 -0.31 -10.88
C GLU A 49 -4.08 -1.17 -9.87
N SER A 50 -3.94 -2.46 -9.99
CA SER A 50 -4.60 -3.35 -9.01
C SER A 50 -4.03 -3.01 -7.63
N TRP A 51 -2.80 -2.58 -7.58
CA TRP A 51 -2.19 -2.18 -6.29
C TRP A 51 -2.82 -0.89 -5.83
N MET A 52 -3.05 -0.01 -6.75
CA MET A 52 -3.70 1.28 -6.39
C MET A 52 -5.15 0.99 -6.04
N HIS A 53 -5.73 0.06 -6.74
CA HIS A 53 -7.13 -0.34 -6.47
C HIS A 53 -7.19 -0.99 -5.08
N HIS A 54 -6.30 -1.92 -4.82
CA HIS A 54 -6.28 -2.54 -3.47
C HIS A 54 -5.96 -1.46 -2.47
N TRP A 55 -4.97 -0.67 -2.77
CA TRP A 55 -4.63 0.47 -1.90
C TRP A 55 -5.90 1.29 -1.68
N LEU A 56 -6.67 1.44 -2.72
CA LEU A 56 -7.92 2.22 -2.62
C LEU A 56 -8.93 1.51 -1.74
N LEU A 57 -9.30 0.29 -2.05
CA LEU A 57 -10.27 -0.45 -1.20
C LEU A 57 -9.83 -0.34 0.23
N PHE A 58 -8.69 -0.89 0.51
CA PHE A 58 -8.13 -0.83 1.91
C PHE A 58 -8.40 0.54 2.53
N GLU A 59 -7.82 1.56 1.96
CA GLU A 59 -8.03 2.93 2.49
C GLU A 59 -9.52 3.24 2.63
N MET A 60 -10.30 2.84 1.68
CA MET A 60 -11.76 3.09 1.75
C MET A 60 -12.36 2.23 2.88
N SER A 61 -12.13 0.95 2.86
CA SER A 61 -12.63 0.06 3.94
C SER A 61 -12.11 0.52 5.29
N ARG A 62 -10.86 0.90 5.35
CA ARG A 62 -10.27 1.34 6.66
C ARG A 62 -10.56 2.83 6.91
N HIS A 63 -11.47 3.42 6.19
CA HIS A 63 -11.78 4.86 6.41
C HIS A 63 -12.86 5.02 7.49
N SER A 64 -13.08 4.01 8.28
CA SER A 64 -14.12 4.10 9.34
C SER A 64 -13.85 5.29 10.26
N LEU A 65 -12.61 5.70 10.36
CA LEU A 65 -12.28 6.85 11.25
C LEU A 65 -12.38 8.16 10.47
N GLU A 66 -11.65 8.26 9.38
CA GLU A 66 -11.70 9.51 8.58
C GLU A 66 -13.09 9.67 7.95
N GLN A 67 -13.99 10.32 8.63
CA GLN A 67 -15.36 10.50 8.08
C GLN A 67 -15.96 11.85 8.52
N LYS A 68 -16.39 12.65 7.60
CA LYS A 68 -16.99 13.97 7.97
C LYS A 68 -18.09 14.34 6.97
N PRO A 69 -19.31 14.05 7.34
CA PRO A 69 -20.46 14.35 6.44
C PRO A 69 -20.74 15.86 6.42
N THR A 70 -21.30 16.35 5.34
CA THR A 70 -21.60 17.80 5.27
C THR A 70 -22.69 18.06 4.23
N ASP A 71 -23.53 19.03 4.47
CA ASP A 71 -24.62 19.34 3.50
C ASP A 71 -25.08 20.78 3.65
N ALA A 72 -24.74 21.62 2.72
CA ALA A 72 -25.16 23.05 2.82
C ALA A 72 -26.07 23.43 1.64
N PRO A 73 -26.98 24.33 1.89
CA PRO A 73 -27.92 24.77 0.82
C PRO A 73 -27.19 25.64 -0.21
N PRO A 74 -27.75 25.73 -1.39
CA PRO A 74 -27.12 26.55 -2.46
C PRO A 74 -27.32 28.04 -2.18
N LYS A 75 -26.89 28.88 -3.08
CA LYS A 75 -27.05 30.35 -2.87
C LYS A 75 -26.76 31.10 -4.17
N TYR B 1 0.59 12.76 2.91
CA TYR B 1 -0.19 13.43 1.82
C TYR B 1 -1.68 13.45 2.18
N GLY B 2 -2.01 13.29 3.43
CA GLY B 2 -3.44 13.30 3.84
C GLY B 2 -4.22 12.33 2.95
N ASN B 3 -5.28 12.78 2.35
CA ASN B 3 -6.05 11.87 1.47
C ASN B 3 -6.32 12.55 0.11
N MET B 4 -7.57 12.75 -0.26
CA MET B 4 -7.84 13.40 -1.58
C MET B 4 -7.06 12.63 -2.65
N THR B 5 -6.83 11.37 -2.39
CA THR B 5 -6.05 10.53 -3.33
C THR B 5 -6.87 9.31 -3.79
N GLU B 6 -7.73 8.81 -2.96
CA GLU B 6 -8.52 7.63 -3.37
C GLU B 6 -9.40 7.97 -4.56
N ASP B 7 -9.97 9.14 -4.58
CA ASP B 7 -10.81 9.52 -5.75
C ASP B 7 -9.91 9.79 -6.94
N HIS B 8 -8.69 10.15 -6.67
CA HIS B 8 -7.74 10.45 -7.76
C HIS B 8 -7.04 9.15 -8.19
N VAL B 9 -6.97 8.22 -7.29
CA VAL B 9 -6.36 6.90 -7.59
C VAL B 9 -7.48 6.02 -8.15
N MET B 10 -8.67 6.21 -7.63
CA MET B 10 -9.83 5.43 -8.11
C MET B 10 -10.06 5.82 -9.56
N HIS B 11 -9.93 7.08 -9.84
CA HIS B 11 -10.12 7.54 -11.24
C HIS B 11 -8.96 7.01 -12.09
N LEU B 12 -7.78 6.97 -11.53
CA LEU B 12 -6.62 6.43 -12.30
C LEU B 12 -6.87 4.96 -12.60
N LEU B 13 -7.73 4.33 -11.85
CA LEU B 13 -8.05 2.90 -12.07
C LEU B 13 -9.36 2.77 -12.84
N GLN B 14 -10.18 3.78 -12.76
CA GLN B 14 -11.48 3.75 -13.48
C GLN B 14 -11.30 4.10 -14.96
N ASN B 15 -10.11 4.50 -15.34
CA ASN B 15 -9.87 4.84 -16.77
C ASN B 15 -8.86 3.87 -17.38
N ALA B 16 -7.98 3.34 -16.57
CA ALA B 16 -6.97 2.37 -17.08
C ALA B 16 -7.62 1.03 -17.29
N ASP B 17 -8.60 0.73 -16.50
CA ASP B 17 -9.28 -0.56 -16.65
C ASP B 17 -10.80 -0.39 -16.48
N PRO B 18 -11.55 -0.78 -17.49
CA PRO B 18 -13.02 -0.64 -17.42
C PRO B 18 -13.64 -1.72 -16.52
N LEU B 19 -12.84 -2.57 -15.93
CA LEU B 19 -13.42 -3.63 -15.05
C LEU B 19 -13.05 -3.36 -13.59
N LYS B 20 -12.71 -2.14 -13.26
CA LYS B 20 -12.35 -1.83 -11.84
C LYS B 20 -13.57 -1.37 -11.08
N VAL B 21 -13.76 -1.90 -9.90
CA VAL B 21 -14.92 -1.49 -9.07
C VAL B 21 -14.52 -1.29 -7.63
N TYR B 22 -15.06 -0.30 -7.02
CA TYR B 22 -14.79 -0.09 -5.59
C TYR B 22 -16.13 0.01 -4.89
N PRO B 23 -16.66 -1.13 -4.57
CA PRO B 23 -17.97 -1.18 -3.91
C PRO B 23 -18.00 -0.33 -2.65
N PRO B 24 -19.16 0.18 -2.34
CA PRO B 24 -19.31 1.05 -1.16
C PRO B 24 -19.09 0.27 0.12
N LEU B 25 -17.92 0.39 0.68
CA LEU B 25 -17.64 -0.32 1.95
C LEU B 25 -18.07 0.62 3.07
N LYS B 26 -19.30 0.52 3.47
CA LYS B 26 -19.82 1.43 4.53
C LYS B 26 -19.82 0.72 5.89
N GLY B 27 -19.68 -0.59 5.90
CA GLY B 27 -19.65 -1.33 7.18
C GLY B 27 -18.37 -0.95 7.94
N SER B 28 -17.84 -1.85 8.72
CA SER B 28 -16.59 -1.56 9.45
C SER B 28 -15.43 -2.03 8.58
N PHE B 29 -14.26 -1.54 8.81
CA PHE B 29 -13.09 -1.95 7.98
C PHE B 29 -13.03 -3.48 7.79
N PRO B 30 -13.32 -4.26 8.81
CA PRO B 30 -13.29 -5.73 8.64
C PRO B 30 -14.51 -6.16 7.82
N GLU B 31 -15.52 -5.33 7.78
CA GLU B 31 -16.73 -5.65 6.96
C GLU B 31 -16.43 -5.14 5.56
N ASN B 32 -15.90 -3.97 5.54
CA ASN B 32 -15.49 -3.33 4.26
C ASN B 32 -14.53 -4.27 3.54
N LEU B 33 -13.78 -5.03 4.29
CA LEU B 33 -12.81 -5.97 3.68
C LEU B 33 -13.51 -7.26 3.29
N ARG B 34 -14.24 -7.82 4.20
CA ARG B 34 -14.98 -9.08 3.89
C ARG B 34 -16.04 -8.77 2.84
N HIS B 35 -16.45 -7.55 2.73
CA HIS B 35 -17.43 -7.19 1.68
C HIS B 35 -16.69 -7.21 0.37
N LEU B 36 -15.59 -6.53 0.28
CA LEU B 36 -14.79 -6.56 -0.97
C LEU B 36 -14.49 -8.01 -1.31
N LYS B 37 -14.25 -8.78 -0.30
CA LYS B 37 -13.93 -10.20 -0.49
C LYS B 37 -15.18 -10.95 -0.90
N ASN B 38 -16.20 -10.82 -0.13
CA ASN B 38 -17.48 -11.51 -0.43
C ASN B 38 -18.16 -10.84 -1.63
N THR B 39 -17.66 -9.73 -2.08
CA THR B 39 -18.29 -9.02 -3.23
C THR B 39 -17.37 -8.98 -4.44
N MET B 40 -16.24 -8.37 -4.29
CA MET B 40 -15.29 -8.27 -5.44
C MET B 40 -14.87 -9.67 -5.92
N GLU B 41 -14.06 -9.73 -6.93
CA GLU B 41 -13.59 -11.03 -7.44
C GLU B 41 -12.76 -11.72 -6.40
N THR B 42 -13.11 -12.92 -6.10
CA THR B 42 -12.35 -13.71 -5.10
C THR B 42 -10.87 -13.62 -5.44
N ILE B 43 -10.61 -13.51 -6.69
CA ILE B 43 -9.21 -13.44 -7.16
C ILE B 43 -8.69 -12.03 -7.03
N ASP B 44 -9.55 -11.09 -7.10
CA ASP B 44 -9.12 -9.70 -6.88
C ASP B 44 -8.98 -9.58 -5.38
N TRP B 45 -9.79 -10.35 -4.67
CA TRP B 45 -9.67 -10.38 -3.21
C TRP B 45 -8.42 -11.15 -2.87
N LYS B 46 -8.11 -12.16 -3.65
CA LYS B 46 -6.87 -12.93 -3.36
C LYS B 46 -5.72 -11.96 -3.43
N VAL B 47 -5.72 -11.23 -4.49
CA VAL B 47 -4.69 -10.22 -4.73
C VAL B 47 -4.82 -9.11 -3.71
N PHE B 48 -6.03 -8.74 -3.37
CA PHE B 48 -6.20 -7.66 -2.37
C PHE B 48 -5.71 -8.15 -1.01
N GLU B 49 -6.01 -9.37 -0.69
CA GLU B 49 -5.53 -9.92 0.60
C GLU B 49 -4.01 -9.94 0.55
N SER B 50 -3.46 -10.43 -0.52
CA SER B 50 -1.98 -10.43 -0.66
C SER B 50 -1.52 -8.98 -0.60
N TRP B 51 -2.35 -8.08 -1.06
CA TRP B 51 -1.99 -6.64 -1.01
C TRP B 51 -2.05 -6.18 0.44
N MET B 52 -3.04 -6.65 1.15
CA MET B 52 -3.17 -6.27 2.57
C MET B 52 -2.04 -6.96 3.33
N HIS B 53 -1.73 -8.15 2.93
CA HIS B 53 -0.63 -8.92 3.56
C HIS B 53 0.69 -8.19 3.27
N HIS B 54 0.92 -7.85 2.04
CA HIS B 54 2.17 -7.09 1.72
C HIS B 54 2.10 -5.77 2.45
N TRP B 55 0.97 -5.13 2.37
CA TRP B 55 0.78 -3.87 3.11
C TRP B 55 1.13 -4.14 4.58
N LEU B 56 0.72 -5.27 5.06
CA LEU B 56 0.99 -5.62 6.47
C LEU B 56 2.49 -5.83 6.70
N LEU B 57 3.11 -6.74 5.97
CA LEU B 57 4.57 -6.96 6.15
C LEU B 57 5.26 -5.62 6.12
N PHE B 58 5.18 -4.96 5.00
CA PHE B 58 5.82 -3.62 4.85
C PHE B 58 5.64 -2.80 6.13
N GLU B 59 4.42 -2.49 6.46
CA GLU B 59 4.14 -1.70 7.69
C GLU B 59 4.81 -2.34 8.90
N MET B 60 4.77 -3.64 8.98
CA MET B 60 5.41 -4.33 10.13
C MET B 60 6.94 -4.19 10.01
N SER B 61 7.50 -4.55 8.88
CA SER B 61 8.97 -4.40 8.68
C SER B 61 9.37 -2.93 8.86
N ARG B 62 8.59 -2.03 8.33
CA ARG B 62 8.95 -0.58 8.45
C ARG B 62 8.46 0.00 9.79
N HIS B 63 8.11 -0.83 10.73
CA HIS B 63 7.63 -0.30 12.05
C HIS B 63 8.83 -0.07 12.99
N SER B 64 10.02 -0.01 12.47
CA SER B 64 11.22 0.20 13.33
C SER B 64 11.06 1.48 14.16
N LEU B 65 10.29 2.41 13.68
CA LEU B 65 10.10 3.68 14.44
C LEU B 65 8.91 3.55 15.39
N GLU B 66 7.76 3.21 14.88
CA GLU B 66 6.57 3.07 15.76
C GLU B 66 6.76 1.87 16.70
N GLN B 67 7.32 2.10 17.85
CA GLN B 67 7.53 0.97 18.81
C GLN B 67 7.42 1.47 20.25
N LYS B 68 6.57 0.85 21.03
CA LYS B 68 6.41 1.28 22.45
C LYS B 68 6.08 0.06 23.32
N PRO B 69 7.10 -0.49 23.94
CA PRO B 69 6.91 -1.69 24.81
C PRO B 69 6.23 -1.30 26.12
N THR B 70 5.52 -2.20 26.72
CA THR B 70 4.82 -1.89 28.01
C THR B 70 4.54 -3.18 28.78
N ASP B 71 4.60 -3.13 30.08
CA ASP B 71 4.32 -4.34 30.90
C ASP B 71 3.88 -3.95 32.30
N ALA B 72 2.62 -4.11 32.61
CA ALA B 72 2.13 -3.75 33.97
C ALA B 72 1.59 -5.00 34.69
N PRO B 73 1.73 -5.00 36.00
CA PRO B 73 1.24 -6.15 36.80
C PRO B 73 -0.29 -6.14 36.86
N PRO B 74 -0.86 -7.28 37.14
CA PRO B 74 -2.34 -7.39 37.23
C PRO B 74 -2.86 -6.74 38.52
N LYS B 75 -4.13 -6.82 38.76
CA LYS B 75 -4.70 -6.21 39.99
C LYS B 75 -6.13 -6.71 40.22
N TYR C 1 -5.19 7.27 9.59
CA TYR C 1 -5.89 6.29 10.47
C TYR C 1 -4.92 5.71 11.49
N GLY C 2 -3.82 6.36 11.74
CA GLY C 2 -2.83 5.82 12.72
C GLY C 2 -2.52 4.37 12.39
N ASN C 3 -2.65 3.50 13.34
CA ASN C 3 -2.37 2.07 13.05
C ASN C 3 -3.50 1.20 13.56
N MET C 4 -3.25 0.28 14.48
CA MET C 4 -4.37 -0.59 14.97
C MET C 4 -5.07 -1.20 13.76
N THR C 5 -4.32 -1.37 12.69
CA THR C 5 -4.91 -1.91 11.44
C THR C 5 -4.16 -3.17 11.00
N GLU C 6 -2.89 -3.26 11.29
CA GLU C 6 -2.13 -4.47 10.84
C GLU C 6 -2.68 -5.70 11.54
N ASP C 7 -3.04 -5.60 12.78
CA ASP C 7 -3.62 -6.78 13.47
C ASP C 7 -5.03 -7.02 12.94
N HIS C 8 -5.64 -5.99 12.46
CA HIS C 8 -7.02 -6.11 11.93
C HIS C 8 -6.96 -6.52 10.46
N VAL C 9 -5.88 -6.18 9.82
CA VAL C 9 -5.68 -6.55 8.39
C VAL C 9 -5.03 -7.93 8.39
N MET C 10 -4.19 -8.16 9.37
CA MET C 10 -3.51 -9.47 9.47
C MET C 10 -4.60 -10.51 9.73
N HIS C 11 -5.52 -10.17 10.57
CA HIS C 11 -6.63 -11.11 10.87
C HIS C 11 -7.49 -11.27 9.62
N LEU C 12 -7.69 -10.20 8.89
CA LEU C 12 -8.50 -10.28 7.65
C LEU C 12 -7.79 -11.19 6.66
N LEU C 13 -6.51 -11.39 6.84
CA LEU C 13 -5.73 -12.28 5.94
C LEU C 13 -5.53 -13.64 6.61
N GLN C 14 -5.61 -13.68 7.89
CA GLN C 14 -5.43 -14.95 8.63
C GLN C 14 -6.71 -15.79 8.59
N ASN C 15 -7.78 -15.24 8.09
CA ASN C 15 -9.06 -16.00 8.02
C ASN C 15 -9.45 -16.22 6.55
N ALA C 16 -9.06 -15.32 5.69
CA ALA C 16 -9.38 -15.49 4.24
C ALA C 16 -8.49 -16.53 3.63
N ASP C 17 -7.30 -16.62 4.13
CA ASP C 17 -6.36 -17.62 3.58
C ASP C 17 -5.58 -18.30 4.71
N PRO C 18 -5.68 -19.61 4.78
CA PRO C 18 -4.97 -20.37 5.85
C PRO C 18 -3.47 -20.47 5.55
N LEU C 19 -3.01 -19.91 4.46
CA LEU C 19 -1.56 -20.00 4.13
C LEU C 19 -0.90 -18.63 4.27
N LYS C 20 -1.49 -17.74 5.01
CA LYS C 20 -0.90 -16.39 5.18
C LYS C 20 0.00 -16.36 6.42
N VAL C 21 1.17 -15.81 6.28
CA VAL C 21 2.09 -15.73 7.44
C VAL C 21 2.77 -14.38 7.51
N TYR C 22 2.91 -13.87 8.68
CA TYR C 22 3.63 -12.61 8.83
C TYR C 22 4.72 -12.84 9.86
N PRO C 23 5.83 -13.33 9.38
CA PRO C 23 6.95 -13.64 10.28
C PRO C 23 7.37 -12.41 11.07
N PRO C 24 7.88 -12.67 12.26
CA PRO C 24 8.30 -11.57 13.15
C PRO C 24 9.47 -10.81 12.57
N LEU C 25 9.20 -9.68 11.98
CA LEU C 25 10.30 -8.86 11.42
C LEU C 25 10.77 -7.96 12.54
N LYS C 26 11.71 -8.41 13.32
CA LYS C 26 12.21 -7.61 14.46
C LYS C 26 13.52 -6.89 14.08
N GLY C 27 14.15 -7.30 13.02
CA GLY C 27 15.41 -6.62 12.60
C GLY C 27 15.07 -5.20 12.14
N SER C 28 15.82 -4.67 11.23
CA SER C 28 15.53 -3.31 10.72
C SER C 28 14.62 -3.45 9.51
N PHE C 29 13.93 -2.42 9.14
CA PHE C 29 13.00 -2.51 7.98
C PHE C 29 13.67 -3.19 6.76
N PRO C 30 14.92 -2.90 6.49
CA PRO C 30 15.59 -3.56 5.34
C PRO C 30 15.87 -5.03 5.71
N GLU C 31 15.91 -5.33 6.98
CA GLU C 31 16.12 -6.74 7.43
C GLU C 31 14.75 -7.39 7.45
N ASN C 32 13.84 -6.66 7.98
CA ASN C 32 12.43 -7.11 8.04
C ASN C 32 11.96 -7.44 6.63
N LEU C 33 12.51 -6.73 5.67
CA LEU C 33 12.11 -6.98 4.25
C LEU C 33 12.89 -8.15 3.68
N ARG C 34 14.17 -8.12 3.84
CA ARG C 34 15.01 -9.25 3.34
C ARG C 34 14.66 -10.51 4.13
N HIS C 35 14.14 -10.35 5.31
CA HIS C 35 13.72 -11.55 6.09
C HIS C 35 12.47 -12.08 5.42
N LEU C 36 11.49 -11.25 5.22
CA LEU C 36 10.26 -11.72 4.52
C LEU C 36 10.65 -12.33 3.19
N LYS C 37 11.64 -11.76 2.59
CA LYS C 37 12.12 -12.24 1.28
C LYS C 37 12.85 -13.55 1.47
N ASN C 38 13.83 -13.53 2.33
CA ASN C 38 14.63 -14.75 2.60
C ASN C 38 13.80 -15.76 3.40
N THR C 39 12.64 -15.37 3.86
CA THR C 39 11.80 -16.29 4.67
C THR C 39 10.50 -16.62 3.95
N MET C 40 9.70 -15.63 3.69
CA MET C 40 8.39 -15.88 3.02
C MET C 40 8.61 -16.52 1.65
N GLU C 41 7.55 -16.80 0.94
CA GLU C 41 7.67 -17.40 -0.40
C GLU C 41 8.33 -16.42 -1.33
N THR C 42 9.36 -16.86 -1.97
CA THR C 42 10.08 -16.00 -2.94
C THR C 42 9.07 -15.36 -3.86
N ILE C 43 8.03 -16.08 -4.11
CA ILE C 43 6.98 -15.58 -5.02
C ILE C 43 6.04 -14.66 -4.28
N ASP C 44 5.91 -14.84 -3.01
CA ASP C 44 5.10 -13.91 -2.23
C ASP C 44 5.99 -12.70 -2.04
N TRP C 45 7.28 -12.94 -2.02
CA TRP C 45 8.23 -11.82 -1.93
C TRP C 45 8.26 -11.15 -3.29
N LYS C 46 8.12 -11.91 -4.34
CA LYS C 46 8.10 -11.29 -5.69
C LYS C 46 6.97 -10.31 -5.71
N VAL C 47 5.86 -10.80 -5.29
CA VAL C 47 4.64 -10.00 -5.23
C VAL C 47 4.79 -8.91 -4.18
N PHE C 48 5.43 -9.22 -3.08
CA PHE C 48 5.62 -8.18 -2.03
C PHE C 48 6.56 -7.11 -2.56
N GLU C 49 7.58 -7.52 -3.24
CA GLU C 49 8.51 -6.51 -3.82
C GLU C 49 7.74 -5.69 -4.82
N SER C 50 7.00 -6.33 -5.67
CA SER C 50 6.17 -5.57 -6.64
C SER C 50 5.19 -4.71 -5.84
N TRP C 51 4.80 -5.18 -4.69
CA TRP C 51 3.88 -4.38 -3.82
C TRP C 51 4.65 -3.20 -3.27
N MET C 52 5.87 -3.43 -2.88
CA MET C 52 6.71 -2.33 -2.36
C MET C 52 7.03 -1.40 -3.51
N HIS C 53 7.25 -1.96 -4.66
CA HIS C 53 7.54 -1.16 -5.88
C HIS C 53 6.29 -0.33 -6.20
N HIS C 54 5.14 -0.96 -6.25
CA HIS C 54 3.90 -0.20 -6.52
C HIS C 54 3.72 0.80 -5.39
N TRP C 55 3.88 0.34 -4.19
CA TRP C 55 3.81 1.24 -3.04
C TRP C 55 4.77 2.40 -3.27
N LEU C 56 5.91 2.09 -3.80
CA LEU C 56 6.92 3.14 -4.08
C LEU C 56 6.44 4.08 -5.18
N LEU C 57 6.14 3.57 -6.35
CA LEU C 57 5.63 4.46 -7.43
C LEU C 57 4.55 5.35 -6.89
N PHE C 58 3.48 4.73 -6.48
CA PHE C 58 2.35 5.51 -5.90
C PHE C 58 2.85 6.64 -4.99
N GLU C 59 3.52 6.28 -3.94
CA GLU C 59 4.07 7.31 -3.01
C GLU C 59 4.90 8.34 -3.78
N MET C 60 5.67 7.88 -4.72
CA MET C 60 6.50 8.82 -5.53
C MET C 60 5.58 9.67 -6.42
N SER C 61 4.74 9.05 -7.21
CA SER C 61 3.79 9.82 -8.06
C SER C 61 2.91 10.72 -7.19
N ARG C 62 2.47 10.23 -6.07
CA ARG C 62 1.59 11.05 -5.19
C ARG C 62 2.42 11.97 -4.27
N HIS C 63 3.68 12.14 -4.55
CA HIS C 63 4.53 13.01 -3.69
C HIS C 63 4.45 14.47 -4.17
N SER C 64 3.46 14.80 -4.97
CA SER C 64 3.35 16.19 -5.47
C SER C 64 3.30 17.19 -4.31
N LEU C 65 2.85 16.75 -3.16
CA LEU C 65 2.78 17.67 -2.01
C LEU C 65 4.09 17.63 -1.22
N GLU C 66 4.49 16.47 -0.78
CA GLU C 66 5.75 16.36 -0.01
C GLU C 66 6.95 16.69 -0.92
N GLN C 67 7.34 17.94 -0.97
CA GLN C 67 8.49 18.32 -1.83
C GLN C 67 9.27 19.50 -1.22
N LYS C 68 10.54 19.33 -1.05
CA LYS C 68 11.36 20.43 -0.45
C LYS C 68 12.77 20.42 -1.05
N PRO C 69 12.98 21.24 -2.05
CA PRO C 69 14.31 21.31 -2.71
C PRO C 69 15.33 22.01 -1.82
N THR C 70 16.58 21.69 -1.98
CA THR C 70 17.62 22.35 -1.13
C THR C 70 18.99 22.25 -1.81
N ASP C 71 19.81 23.25 -1.66
CA ASP C 71 21.15 23.21 -2.31
C ASP C 71 22.12 24.13 -1.55
N ALA C 72 23.04 23.56 -0.82
CA ALA C 72 24.02 24.40 -0.06
C ALA C 72 25.45 24.14 -0.56
N PRO C 73 26.27 25.16 -0.50
CA PRO C 73 27.68 25.04 -0.95
C PRO C 73 28.48 24.20 0.06
N PRO C 74 29.58 23.65 -0.40
CA PRO C 74 30.43 22.82 0.48
C PRO C 74 31.21 23.70 1.46
N LYS C 75 32.05 23.10 2.26
CA LYS C 75 32.85 23.90 3.23
C LYS C 75 33.99 23.05 3.81
N TYR A 1 2.45 7.65 3.00
CA TYR A 1 3.65 7.73 3.88
C TYR A 1 4.88 8.14 3.06
N GLY A 2 4.82 9.25 2.39
CA GLY A 2 5.99 9.71 1.58
C GLY A 2 7.16 10.00 2.51
N ASN A 3 8.24 9.30 2.34
CA ASN A 3 9.42 9.57 3.22
C ASN A 3 10.65 8.84 2.70
N MET A 4 11.67 8.72 3.52
CA MET A 4 12.91 8.02 3.09
C MET A 4 12.60 6.55 2.83
N THR A 5 11.57 6.03 3.43
CA THR A 5 11.22 4.60 3.23
C THR A 5 11.19 4.25 1.74
N GLU A 6 10.88 5.20 0.90
CA GLU A 6 10.85 4.90 -0.55
C GLU A 6 12.27 4.62 -1.04
N ASP A 7 13.24 5.31 -0.53
CA ASP A 7 14.64 5.02 -0.95
C ASP A 7 15.10 3.73 -0.30
N HIS A 8 14.53 3.41 0.82
CA HIS A 8 14.90 2.18 1.54
C HIS A 8 14.09 1.01 0.99
N VAL A 9 12.93 1.32 0.45
CA VAL A 9 12.07 0.28 -0.16
C VAL A 9 12.51 0.16 -1.61
N MET A 10 12.88 1.26 -2.19
CA MET A 10 13.35 1.24 -3.59
C MET A 10 14.63 0.42 -3.64
N HIS A 11 15.47 0.64 -2.68
CA HIS A 11 16.75 -0.13 -2.64
C HIS A 11 16.41 -1.61 -2.40
N LEU A 12 15.40 -1.87 -1.62
CA LEU A 12 14.99 -3.28 -1.37
C LEU A 12 14.45 -3.88 -2.66
N LEU A 13 14.07 -3.04 -3.59
CA LEU A 13 13.57 -3.54 -4.90
C LEU A 13 14.65 -3.38 -5.96
N GLN A 14 15.61 -2.54 -5.71
CA GLN A 14 16.71 -2.32 -6.69
C GLN A 14 17.79 -3.38 -6.55
N ASN A 15 17.75 -4.17 -5.50
CA ASN A 15 18.77 -5.22 -5.30
C ASN A 15 18.11 -6.59 -5.40
N ALA A 16 16.89 -6.71 -4.95
CA ALA A 16 16.18 -8.01 -5.02
C ALA A 16 15.90 -8.35 -6.46
N ASP A 17 15.74 -7.36 -7.26
CA ASP A 17 15.46 -7.63 -8.69
C ASP A 17 16.26 -6.67 -9.59
N PRO A 18 16.96 -7.23 -10.55
CA PRO A 18 17.77 -6.39 -11.47
C PRO A 18 16.90 -5.75 -12.55
N LEU A 19 15.60 -5.88 -12.45
CA LEU A 19 14.72 -5.27 -13.50
C LEU A 19 13.70 -4.31 -12.87
N LYS A 20 14.03 -3.73 -11.75
CA LYS A 20 13.07 -2.78 -11.10
C LYS A 20 13.41 -1.35 -11.47
N VAL A 21 12.44 -0.57 -11.80
CA VAL A 21 12.70 0.85 -12.16
C VAL A 21 11.62 1.76 -11.61
N TYR A 22 12.02 2.90 -11.17
CA TYR A 22 11.04 3.88 -10.69
C TYR A 22 11.35 5.18 -11.39
N PRO A 23 10.84 5.30 -12.58
CA PRO A 23 11.10 6.51 -13.39
C PRO A 23 10.67 7.76 -12.62
N PRO A 24 11.38 8.83 -12.86
CA PRO A 24 11.08 10.10 -12.17
C PRO A 24 9.71 10.61 -12.59
N LEU A 25 8.73 10.39 -11.77
CA LEU A 25 7.37 10.89 -12.10
C LEU A 25 7.28 12.33 -11.64
N LYS A 26 8.10 13.16 -12.21
CA LYS A 26 8.10 14.60 -11.82
C LYS A 26 6.75 15.24 -12.18
N GLY A 27 6.02 14.64 -13.07
CA GLY A 27 4.68 15.20 -13.45
C GLY A 27 3.80 15.22 -12.19
N SER A 28 2.52 15.28 -12.36
CA SER A 28 1.62 15.26 -11.19
C SER A 28 1.27 13.82 -10.89
N PHE A 29 0.64 13.56 -9.79
CA PHE A 29 0.29 12.15 -9.45
C PHE A 29 -0.53 11.46 -10.56
N PRO A 30 -1.43 12.18 -11.20
CA PRO A 30 -2.22 11.56 -12.28
C PRO A 30 -1.36 11.44 -13.54
N GLU A 31 -0.30 12.21 -13.61
CA GLU A 31 0.63 12.12 -14.78
C GLU A 31 1.66 11.08 -14.42
N ASN A 32 2.09 11.17 -13.21
CA ASN A 32 3.07 10.20 -12.67
C ASN A 32 2.49 8.80 -12.74
N LEU A 33 1.19 8.70 -12.63
CA LEU A 33 0.54 7.36 -12.71
C LEU A 33 0.40 6.96 -14.18
N ARG A 34 -0.16 7.83 -14.95
CA ARG A 34 -0.29 7.54 -16.41
C ARG A 34 1.10 7.43 -17.02
N HIS A 35 2.08 8.02 -16.39
CA HIS A 35 3.46 7.91 -16.89
C HIS A 35 3.93 6.51 -16.53
N LEU A 36 3.83 6.14 -15.29
CA LEU A 36 4.21 4.76 -14.88
C LEU A 36 3.47 3.77 -15.76
N LYS A 37 2.26 4.12 -16.06
CA LYS A 37 1.40 3.25 -16.89
C LYS A 37 1.89 3.31 -18.33
N ASN A 38 2.02 4.50 -18.83
CA ASN A 38 2.48 4.69 -20.24
C ASN A 38 3.99 4.44 -20.33
N THR A 39 4.64 4.21 -19.22
CA THR A 39 6.11 3.99 -19.24
C THR A 39 6.46 2.60 -18.71
N MET A 40 6.12 2.34 -17.47
CA MET A 40 6.43 1.02 -16.88
C MET A 40 5.75 -0.09 -17.70
N GLU A 41 5.96 -1.31 -17.33
CA GLU A 41 5.32 -2.43 -18.06
C GLU A 41 3.83 -2.37 -17.88
N THR A 42 3.13 -2.39 -18.95
CA THR A 42 1.64 -2.36 -18.90
C THR A 42 1.18 -3.38 -17.89
N ILE A 43 1.92 -4.42 -17.78
CA ILE A 43 1.56 -5.49 -16.84
C ILE A 43 2.01 -5.15 -15.44
N ASP A 44 3.03 -4.38 -15.34
CA ASP A 44 3.46 -3.91 -14.01
C ASP A 44 2.46 -2.82 -13.66
N TRP A 45 1.97 -2.15 -14.68
CA TRP A 45 0.93 -1.14 -14.47
C TRP A 45 -0.36 -1.87 -14.16
N LYS A 46 -0.58 -2.99 -14.79
CA LYS A 46 -1.82 -3.75 -14.50
C LYS A 46 -1.83 -4.05 -13.02
N VAL A 47 -0.70 -4.53 -12.61
CA VAL A 47 -0.52 -4.89 -11.20
C VAL A 47 -0.49 -3.63 -10.34
N PHE A 48 0.12 -2.59 -10.83
CA PHE A 48 0.16 -1.33 -10.05
C PHE A 48 -1.24 -0.78 -9.92
N GLU A 49 -1.99 -0.82 -10.98
CA GLU A 49 -3.39 -0.33 -10.91
C GLU A 49 -4.14 -1.19 -9.91
N SER A 50 -3.94 -2.47 -9.98
CA SER A 50 -4.59 -3.37 -9.00
C SER A 50 -4.03 -3.02 -7.62
N TRP A 51 -2.79 -2.60 -7.58
CA TRP A 51 -2.18 -2.21 -6.28
C TRP A 51 -2.82 -0.91 -5.81
N MET A 52 -3.08 -0.04 -6.73
CA MET A 52 -3.73 1.24 -6.37
C MET A 52 -5.18 0.95 -6.01
N HIS A 53 -5.77 0.03 -6.73
CA HIS A 53 -7.17 -0.38 -6.44
C HIS A 53 -7.22 -1.01 -5.05
N HIS A 54 -6.33 -1.93 -4.78
CA HIS A 54 -6.30 -2.54 -3.42
C HIS A 54 -5.97 -1.44 -2.44
N TRP A 55 -4.98 -0.67 -2.75
CA TRP A 55 -4.64 0.47 -1.89
C TRP A 55 -5.91 1.30 -1.66
N LEU A 56 -6.69 1.44 -2.69
CA LEU A 56 -7.94 2.23 -2.58
C LEU A 56 -8.94 1.51 -1.68
N LEU A 57 -9.30 0.29 -2.01
CA LEU A 57 -10.27 -0.45 -1.14
C LEU A 57 -9.84 -0.34 0.30
N PHE A 58 -8.69 -0.89 0.58
CA PHE A 58 -8.15 -0.85 1.98
C PHE A 58 -8.41 0.51 2.63
N GLU A 59 -7.85 1.55 2.07
CA GLU A 59 -8.08 2.91 2.65
C GLU A 59 -9.56 3.22 2.75
N MET A 60 -10.33 2.77 1.80
CA MET A 60 -11.79 3.02 1.85
C MET A 60 -12.41 2.14 2.96
N SER A 61 -12.26 0.84 2.86
CA SER A 61 -12.79 -0.06 3.92
C SER A 61 -12.30 0.42 5.29
N ARG A 62 -11.06 0.84 5.36
CA ARG A 62 -10.51 1.31 6.66
C ARG A 62 -10.77 2.81 6.87
N HIS A 63 -11.69 3.38 6.15
CA HIS A 63 -11.98 4.83 6.31
C HIS A 63 -13.07 5.04 7.38
N SER A 64 -13.31 4.06 8.20
CA SER A 64 -14.35 4.20 9.25
C SER A 64 -13.97 5.30 10.25
N LEU A 65 -12.73 5.71 10.25
CA LEU A 65 -12.29 6.77 11.20
C LEU A 65 -12.27 8.13 10.51
N GLU A 66 -11.92 8.16 9.27
CA GLU A 66 -11.87 9.46 8.55
C GLU A 66 -13.20 9.76 7.87
N GLN A 67 -14.28 9.75 8.63
CA GLN A 67 -15.62 10.04 8.02
C GLN A 67 -16.38 11.06 8.88
N LYS A 68 -17.49 11.52 8.39
CA LYS A 68 -18.29 12.52 9.18
C LYS A 68 -17.42 13.73 9.55
N PRO A 69 -17.56 14.79 8.79
CA PRO A 69 -16.78 16.02 9.07
C PRO A 69 -17.37 16.76 10.28
N THR A 70 -16.74 17.83 10.68
CA THR A 70 -17.24 18.60 11.86
C THR A 70 -17.37 20.08 11.51
N ASP A 71 -18.57 20.58 11.44
CA ASP A 71 -18.76 22.02 11.12
C ASP A 71 -20.23 22.42 11.30
N ALA A 72 -20.60 22.84 12.47
CA ALA A 72 -22.02 23.24 12.70
C ALA A 72 -22.07 24.53 13.55
N PRO A 73 -23.07 25.34 13.28
CA PRO A 73 -23.22 26.61 14.04
C PRO A 73 -23.69 26.32 15.48
N PRO A 74 -23.44 27.27 16.35
CA PRO A 74 -23.85 27.11 17.77
C PRO A 74 -25.36 27.30 17.93
N LYS A 75 -25.98 26.53 18.78
CA LYS A 75 -27.45 26.69 18.98
C LYS A 75 -27.77 26.74 20.47
N TYR B 1 -3.31 6.49 4.53
CA TYR B 1 -3.35 7.84 3.91
C TYR B 1 -4.74 8.12 3.33
N GLY B 2 -5.77 8.01 4.12
CA GLY B 2 -7.15 8.27 3.61
C GLY B 2 -7.27 9.72 3.18
N ASN B 3 -7.54 9.97 1.94
CA ASN B 3 -7.67 11.37 1.48
C ASN B 3 -8.25 11.43 0.07
N MET B 4 -8.14 12.57 -0.57
CA MET B 4 -8.68 12.71 -1.95
C MET B 4 -7.91 11.78 -2.90
N THR B 5 -6.71 11.42 -2.54
CA THR B 5 -5.90 10.53 -3.42
C THR B 5 -6.70 9.31 -3.85
N GLU B 6 -7.63 8.88 -3.03
CA GLU B 6 -8.44 7.70 -3.41
C GLU B 6 -9.33 8.05 -4.60
N ASP B 7 -9.84 9.25 -4.65
CA ASP B 7 -10.68 9.63 -5.82
C ASP B 7 -9.77 9.88 -7.02
N HIS B 8 -8.55 10.25 -6.74
CA HIS B 8 -7.58 10.52 -7.83
C HIS B 8 -6.92 9.20 -8.25
N VAL B 9 -6.87 8.27 -7.34
CA VAL B 9 -6.29 6.94 -7.63
C VAL B 9 -7.43 6.09 -8.19
N MET B 10 -8.61 6.30 -7.66
CA MET B 10 -9.79 5.54 -8.15
C MET B 10 -10.01 5.94 -9.60
N HIS B 11 -9.90 7.21 -9.87
CA HIS B 11 -10.09 7.67 -11.27
C HIS B 11 -8.97 7.10 -12.13
N LEU B 12 -7.80 6.98 -11.58
CA LEU B 12 -6.66 6.40 -12.34
C LEU B 12 -6.95 4.92 -12.60
N LEU B 13 -7.84 4.34 -11.85
CA LEU B 13 -8.21 2.91 -12.05
C LEU B 13 -9.56 2.82 -12.76
N GLN B 14 -10.32 3.88 -12.70
CA GLN B 14 -11.66 3.89 -13.36
C GLN B 14 -11.53 4.21 -14.86
N ASN B 15 -10.37 4.65 -15.29
CA ASN B 15 -10.19 4.98 -16.73
C ASN B 15 -9.19 4.00 -17.34
N ALA B 16 -8.20 3.60 -16.59
CA ALA B 16 -7.20 2.64 -17.11
C ALA B 16 -7.85 1.31 -17.37
N ASP B 17 -8.85 1.00 -16.61
CA ASP B 17 -9.53 -0.30 -16.81
C ASP B 17 -11.05 -0.12 -16.71
N PRO B 18 -11.75 -0.62 -17.70
CA PRO B 18 -13.24 -0.51 -17.70
C PRO B 18 -13.88 -1.55 -16.77
N LEU B 19 -13.10 -2.28 -16.03
CA LEU B 19 -13.70 -3.31 -15.13
C LEU B 19 -13.27 -3.08 -13.67
N LYS B 20 -12.98 -1.86 -13.31
CA LYS B 20 -12.58 -1.58 -11.90
C LYS B 20 -13.78 -1.11 -11.09
N VAL B 21 -13.92 -1.61 -9.91
CA VAL B 21 -15.06 -1.18 -9.05
C VAL B 21 -14.64 -1.05 -7.60
N TYR B 22 -15.16 -0.07 -6.95
CA TYR B 22 -14.87 0.07 -5.52
C TYR B 22 -16.20 0.25 -4.82
N PRO B 23 -16.82 -0.87 -4.54
CA PRO B 23 -18.13 -0.85 -3.89
C PRO B 23 -18.08 -0.07 -2.58
N PRO B 24 -19.17 0.58 -2.27
CA PRO B 24 -19.23 1.39 -1.04
C PRO B 24 -19.12 0.49 0.18
N LEU B 25 -17.95 0.44 0.76
CA LEU B 25 -17.75 -0.40 1.96
C LEU B 25 -18.18 0.42 3.16
N LYS B 26 -19.42 0.80 3.20
CA LYS B 26 -19.93 1.62 4.33
C LYS B 26 -19.84 0.83 5.64
N GLY B 27 -19.76 -0.46 5.55
CA GLY B 27 -19.65 -1.29 6.78
C GLY B 27 -18.37 -0.88 7.52
N SER B 28 -17.88 -1.72 8.38
CA SER B 28 -16.62 -1.39 9.09
C SER B 28 -15.47 -1.93 8.27
N PHE B 29 -14.26 -1.59 8.61
CA PHE B 29 -13.10 -2.08 7.81
C PHE B 29 -13.07 -3.62 7.69
N PRO B 30 -13.44 -4.33 8.74
CA PRO B 30 -13.44 -5.81 8.66
C PRO B 30 -14.67 -6.27 7.85
N GLU B 31 -15.66 -5.42 7.74
CA GLU B 31 -16.86 -5.77 6.93
C GLU B 31 -16.58 -5.30 5.52
N ASN B 32 -16.01 -4.14 5.46
CA ASN B 32 -15.63 -3.54 4.16
C ASN B 32 -14.62 -4.47 3.48
N LEU B 33 -13.85 -5.18 4.25
CA LEU B 33 -12.85 -6.11 3.66
C LEU B 33 -13.56 -7.41 3.27
N ARG B 34 -14.29 -7.96 4.19
CA ARG B 34 -15.05 -9.21 3.88
C ARG B 34 -16.10 -8.88 2.81
N HIS B 35 -16.48 -7.64 2.72
CA HIS B 35 -17.45 -7.25 1.67
C HIS B 35 -16.69 -7.25 0.36
N LEU B 36 -15.59 -6.55 0.30
CA LEU B 36 -14.78 -6.55 -0.95
C LEU B 36 -14.47 -7.99 -1.31
N LYS B 37 -14.24 -8.78 -0.31
CA LYS B 37 -13.92 -10.20 -0.51
C LYS B 37 -15.17 -10.95 -0.95
N ASN B 38 -16.21 -10.78 -0.20
CA ASN B 38 -17.49 -11.46 -0.52
C ASN B 38 -18.19 -10.75 -1.69
N THR B 39 -17.62 -9.67 -2.16
CA THR B 39 -18.26 -8.92 -3.29
C THR B 39 -17.32 -8.85 -4.48
N MET B 40 -16.18 -8.25 -4.30
CA MET B 40 -15.23 -8.15 -5.44
C MET B 40 -14.85 -9.55 -5.93
N GLU B 41 -14.03 -9.63 -6.94
CA GLU B 41 -13.61 -10.95 -7.46
C GLU B 41 -12.78 -11.65 -6.42
N THR B 42 -13.14 -12.84 -6.11
CA THR B 42 -12.38 -13.64 -5.13
C THR B 42 -10.92 -13.57 -5.47
N ILE B 43 -10.65 -13.46 -6.73
CA ILE B 43 -9.25 -13.39 -7.19
C ILE B 43 -8.72 -11.98 -7.05
N ASP B 44 -9.58 -11.03 -7.11
CA ASP B 44 -9.14 -9.65 -6.88
C ASP B 44 -8.98 -9.55 -5.37
N TRP B 45 -9.79 -10.33 -4.67
CA TRP B 45 -9.67 -10.38 -3.21
C TRP B 45 -8.42 -11.17 -2.89
N LYS B 46 -8.14 -12.19 -3.68
CA LYS B 46 -6.92 -12.98 -3.41
C LYS B 46 -5.75 -12.03 -3.45
N VAL B 47 -5.77 -11.26 -4.49
CA VAL B 47 -4.72 -10.27 -4.71
C VAL B 47 -4.82 -9.16 -3.68
N PHE B 48 -6.02 -8.76 -3.34
CA PHE B 48 -6.18 -7.69 -2.33
C PHE B 48 -5.69 -8.20 -0.99
N GLU B 49 -6.02 -9.42 -0.66
CA GLU B 49 -5.54 -9.99 0.63
C GLU B 49 -4.02 -10.01 0.57
N SER B 50 -3.48 -10.45 -0.52
CA SER B 50 -2.00 -10.44 -0.66
C SER B 50 -1.53 -9.00 -0.60
N TRP B 51 -2.35 -8.09 -1.08
CA TRP B 51 -1.98 -6.65 -1.03
C TRP B 51 -2.04 -6.19 0.42
N MET B 52 -3.01 -6.68 1.14
CA MET B 52 -3.13 -6.29 2.57
C MET B 52 -2.00 -6.98 3.32
N HIS B 53 -1.70 -8.18 2.93
CA HIS B 53 -0.59 -8.94 3.57
C HIS B 53 0.72 -8.20 3.28
N HIS B 54 0.96 -7.84 2.05
CA HIS B 54 2.19 -7.08 1.74
C HIS B 54 2.11 -5.76 2.46
N TRP B 55 0.99 -5.12 2.38
CA TRP B 55 0.78 -3.87 3.11
C TRP B 55 1.12 -4.12 4.59
N LEU B 56 0.74 -5.26 5.07
CA LEU B 56 1.01 -5.60 6.48
C LEU B 56 2.51 -5.80 6.72
N LEU B 57 3.13 -6.70 5.99
CA LEU B 57 4.59 -6.91 6.15
C LEU B 57 5.30 -5.57 6.13
N PHE B 58 5.22 -4.93 5.01
CA PHE B 58 5.86 -3.58 4.85
C PHE B 58 5.71 -2.76 6.13
N GLU B 59 4.50 -2.44 6.48
CA GLU B 59 4.27 -1.62 7.71
C GLU B 59 4.91 -2.30 8.93
N MET B 60 4.90 -3.60 8.97
CA MET B 60 5.52 -4.31 10.11
C MET B 60 7.05 -4.19 9.98
N SER B 61 7.62 -4.67 8.90
CA SER B 61 9.09 -4.54 8.70
C SER B 61 9.51 -3.09 8.90
N ARG B 62 8.72 -2.17 8.42
CA ARG B 62 9.07 -0.73 8.57
C ARG B 62 8.54 -0.16 9.90
N HIS B 63 8.20 -1.00 10.83
CA HIS B 63 7.67 -0.50 12.13
C HIS B 63 8.82 -0.28 13.13
N SER B 64 10.03 -0.18 12.64
CA SER B 64 11.19 0.04 13.55
C SER B 64 11.08 1.39 14.24
N LEU B 65 10.24 2.26 13.75
CA LEU B 65 10.10 3.61 14.39
C LEU B 65 8.90 3.63 15.31
N GLU B 66 7.86 2.94 14.96
CA GLU B 66 6.64 2.95 15.82
C GLU B 66 6.69 1.80 16.83
N GLN B 67 7.74 1.72 17.60
CA GLN B 67 7.85 0.63 18.61
C GLN B 67 8.27 1.20 19.97
N LYS B 68 8.24 0.38 20.99
CA LYS B 68 8.64 0.85 22.35
C LYS B 68 7.82 2.10 22.74
N PRO B 69 6.80 1.87 23.54
CA PRO B 69 5.94 2.99 24.00
C PRO B 69 6.65 3.81 25.08
N THR B 70 6.03 4.86 25.53
CA THR B 70 6.67 5.71 26.57
C THR B 70 5.71 5.95 27.73
N ASP B 71 5.99 5.40 28.88
CA ASP B 71 5.08 5.61 30.04
C ASP B 71 5.73 5.03 31.31
N ALA B 72 6.48 5.82 32.02
CA ALA B 72 7.13 5.33 33.26
C ALA B 72 7.04 6.39 34.37
N PRO B 73 6.93 5.94 35.59
CA PRO B 73 6.84 6.87 36.74
C PRO B 73 8.19 7.54 37.00
N PRO B 74 8.15 8.67 37.65
CA PRO B 74 9.41 9.41 37.97
C PRO B 74 10.16 8.73 39.12
N LYS B 75 11.46 8.70 39.04
CA LYS B 75 12.26 8.05 40.13
C LYS B 75 13.40 8.97 40.56
N TYR C 1 1.25 3.82 7.57
CA TYR C 1 0.13 3.88 8.55
C TYR C 1 0.27 2.75 9.58
N GLY C 2 1.38 2.71 10.27
CA GLY C 2 1.58 1.63 11.29
C GLY C 2 0.57 1.81 12.41
N ASN C 3 -0.27 0.84 12.62
CA ASN C 3 -1.27 0.96 13.71
C ASN C 3 -1.97 -0.38 13.96
N MET C 4 -3.07 -0.34 14.67
CA MET C 4 -3.80 -1.61 14.95
C MET C 4 -4.34 -2.19 13.65
N THR C 5 -4.51 -1.37 12.64
CA THR C 5 -5.03 -1.87 11.33
C THR C 5 -4.26 -3.12 10.89
N GLU C 6 -3.01 -3.23 11.26
CA GLU C 6 -2.23 -4.42 10.85
C GLU C 6 -2.78 -5.65 11.54
N ASP C 7 -3.20 -5.53 12.76
CA ASP C 7 -3.79 -6.71 13.46
C ASP C 7 -5.18 -6.96 12.91
N HIS C 8 -5.80 -5.92 12.43
CA HIS C 8 -7.17 -6.05 11.88
C HIS C 8 -7.09 -6.47 10.41
N VAL C 9 -5.99 -6.13 9.78
CA VAL C 9 -5.76 -6.52 8.37
C VAL C 9 -5.12 -7.90 8.40
N MET C 10 -4.28 -8.11 9.39
CA MET C 10 -3.62 -9.43 9.52
C MET C 10 -4.70 -10.46 9.78
N HIS C 11 -5.62 -10.11 10.65
CA HIS C 11 -6.73 -11.07 10.95
C HIS C 11 -7.56 -11.26 9.68
N LEU C 12 -7.71 -10.23 8.90
CA LEU C 12 -8.49 -10.35 7.64
C LEU C 12 -7.72 -11.26 6.68
N LEU C 13 -6.45 -11.45 6.92
CA LEU C 13 -5.64 -12.34 6.05
C LEU C 13 -5.39 -13.68 6.77
N GLN C 14 -5.55 -13.68 8.06
CA GLN C 14 -5.34 -14.92 8.85
C GLN C 14 -6.59 -15.79 8.84
N ASN C 15 -7.69 -15.28 8.36
CA ASN C 15 -8.93 -16.09 8.32
C ASN C 15 -9.34 -16.33 6.86
N ALA C 16 -9.09 -15.37 6.01
CA ALA C 16 -9.44 -15.53 4.58
C ALA C 16 -8.57 -16.60 3.97
N ASP C 17 -7.39 -16.74 4.47
CA ASP C 17 -6.50 -17.77 3.91
C ASP C 17 -5.76 -18.51 5.05
N PRO C 18 -5.81 -19.82 5.00
CA PRO C 18 -5.13 -20.63 6.04
C PRO C 18 -3.62 -20.73 5.79
N LEU C 19 -3.11 -20.01 4.82
CA LEU C 19 -1.64 -20.09 4.53
C LEU C 19 -0.99 -18.71 4.62
N LYS C 20 -1.54 -17.82 5.40
CA LYS C 20 -0.95 -16.46 5.50
C LYS C 20 -0.05 -16.38 6.74
N VAL C 21 1.11 -15.80 6.59
CA VAL C 21 2.03 -15.67 7.76
C VAL C 21 2.72 -14.34 7.75
N TYR C 22 2.90 -13.79 8.91
CA TYR C 22 3.65 -12.53 9.01
C TYR C 22 4.70 -12.73 10.08
N PRO C 23 5.80 -13.30 9.67
CA PRO C 23 6.88 -13.59 10.62
C PRO C 23 7.32 -12.31 11.32
N PRO C 24 7.74 -12.47 12.55
CA PRO C 24 8.18 -11.31 13.35
C PRO C 24 9.42 -10.69 12.74
N LEU C 25 9.25 -9.63 12.02
CA LEU C 25 10.42 -8.96 11.41
C LEU C 25 11.01 -8.02 12.45
N LYS C 26 11.46 -8.57 13.54
CA LYS C 26 12.03 -7.73 14.63
C LYS C 26 13.31 -7.03 14.14
N GLY C 27 13.91 -7.55 13.09
CA GLY C 27 15.13 -6.89 12.55
C GLY C 27 14.77 -5.48 12.12
N SER C 28 15.55 -4.89 11.28
CA SER C 28 15.23 -3.52 10.79
C SER C 28 14.39 -3.66 9.54
N PHE C 29 13.83 -2.59 9.07
CA PHE C 29 12.98 -2.68 7.85
C PHE C 29 13.71 -3.32 6.66
N PRO C 30 14.98 -3.05 6.49
CA PRO C 30 15.72 -3.68 5.37
C PRO C 30 16.04 -5.14 5.72
N GLU C 31 16.00 -5.47 6.98
CA GLU C 31 16.24 -6.88 7.39
C GLU C 31 14.89 -7.56 7.39
N ASN C 32 13.94 -6.84 7.89
CA ASN C 32 12.54 -7.33 7.94
C ASN C 32 12.08 -7.61 6.51
N LEU C 33 12.60 -6.85 5.56
CA LEU C 33 12.20 -7.08 4.15
C LEU C 33 12.98 -8.25 3.58
N ARG C 34 14.26 -8.21 3.75
CA ARG C 34 15.11 -9.35 3.27
C ARG C 34 14.74 -10.60 4.05
N HIS C 35 14.20 -10.42 5.23
CA HIS C 35 13.76 -11.59 6.03
C HIS C 35 12.49 -12.10 5.38
N LEU C 36 11.52 -11.25 5.19
CA LEU C 36 10.27 -11.68 4.51
C LEU C 36 10.65 -12.31 3.18
N LYS C 37 11.63 -11.75 2.57
CA LYS C 37 12.10 -12.25 1.25
C LYS C 37 12.83 -13.58 1.45
N ASN C 38 13.77 -13.56 2.34
CA ASN C 38 14.56 -14.80 2.62
C ASN C 38 13.72 -15.78 3.45
N THR C 39 12.55 -15.38 3.86
CA THR C 39 11.70 -16.27 4.70
C THR C 39 10.38 -16.58 4.00
N MET C 40 9.61 -15.58 3.73
CA MET C 40 8.30 -15.80 3.06
C MET C 40 8.53 -16.46 1.69
N GLU C 41 7.48 -16.77 0.99
CA GLU C 41 7.63 -17.39 -0.35
C GLU C 41 8.29 -16.42 -1.28
N THR C 42 9.33 -16.87 -1.91
CA THR C 42 10.04 -16.02 -2.89
C THR C 42 9.04 -15.39 -3.81
N ILE C 43 7.99 -16.11 -4.06
CA ILE C 43 6.94 -15.60 -4.97
C ILE C 43 6.02 -14.66 -4.24
N ASP C 44 5.89 -14.85 -2.97
CA ASP C 44 5.09 -13.89 -2.18
C ASP C 44 5.98 -12.68 -2.04
N TRP C 45 7.28 -12.93 -2.02
CA TRP C 45 8.24 -11.83 -1.95
C TRP C 45 8.26 -11.18 -3.32
N LYS C 46 8.13 -11.97 -4.36
CA LYS C 46 8.13 -11.36 -5.72
C LYS C 46 7.00 -10.37 -5.76
N VAL C 47 5.89 -10.83 -5.30
CA VAL C 47 4.68 -10.02 -5.26
C VAL C 47 4.84 -8.91 -4.22
N PHE C 48 5.45 -9.21 -3.10
CA PHE C 48 5.65 -8.17 -2.08
C PHE C 48 6.59 -7.10 -2.62
N GLU C 49 7.62 -7.51 -3.29
CA GLU C 49 8.57 -6.52 -3.87
C GLU C 49 7.78 -5.69 -4.87
N SER C 50 7.01 -6.34 -5.68
CA SER C 50 6.17 -5.58 -6.65
C SER C 50 5.20 -4.72 -5.86
N TRP C 51 4.80 -5.19 -4.71
CA TRP C 51 3.89 -4.40 -3.85
C TRP C 51 4.65 -3.21 -3.28
N MET C 52 5.87 -3.44 -2.94
CA MET C 52 6.71 -2.33 -2.41
C MET C 52 7.02 -1.39 -3.57
N HIS C 53 7.25 -1.96 -4.71
CA HIS C 53 7.53 -1.14 -5.92
C HIS C 53 6.29 -0.31 -6.24
N HIS C 54 5.14 -0.93 -6.28
CA HIS C 54 3.89 -0.16 -6.54
C HIS C 54 3.72 0.82 -5.40
N TRP C 55 3.88 0.35 -4.20
CA TRP C 55 3.82 1.24 -3.04
C TRP C 55 4.77 2.41 -3.27
N LEU C 56 5.91 2.11 -3.82
CA LEU C 56 6.92 3.16 -4.09
C LEU C 56 6.43 4.11 -5.18
N LEU C 57 6.11 3.60 -6.34
CA LEU C 57 5.60 4.49 -7.42
C LEU C 57 4.53 5.39 -6.89
N PHE C 58 3.46 4.77 -6.48
CA PHE C 58 2.30 5.54 -5.90
C PHE C 58 2.79 6.70 -5.03
N GLU C 59 3.47 6.38 -3.96
CA GLU C 59 3.99 7.44 -3.05
C GLU C 59 4.85 8.42 -3.82
N MET C 60 5.58 7.96 -4.79
CA MET C 60 6.44 8.88 -5.59
C MET C 60 5.52 9.72 -6.51
N SER C 61 4.76 9.07 -7.36
CA SER C 61 3.82 9.81 -8.24
C SER C 61 2.96 10.76 -7.40
N ARG C 62 2.53 10.30 -6.25
CA ARG C 62 1.68 11.17 -5.38
C ARG C 62 2.55 12.03 -4.44
N HIS C 63 3.80 12.19 -4.75
CA HIS C 63 4.68 13.02 -3.87
C HIS C 63 4.66 14.49 -4.32
N SER C 64 3.68 14.87 -5.09
CA SER C 64 3.61 16.28 -5.57
C SER C 64 3.40 17.24 -4.39
N LEU C 65 3.01 16.72 -3.26
CA LEU C 65 2.78 17.61 -2.08
C LEU C 65 4.00 17.60 -1.16
N GLU C 66 4.66 16.48 -1.06
CA GLU C 66 5.85 16.40 -0.17
C GLU C 66 7.13 16.73 -0.94
N GLN C 67 7.17 17.87 -1.58
CA GLN C 67 8.38 18.24 -2.36
C GLN C 67 8.80 19.69 -2.04
N LYS C 68 9.94 20.10 -2.51
CA LYS C 68 10.42 21.50 -2.24
C LYS C 68 10.43 21.77 -0.73
N PRO C 69 11.59 21.68 -0.14
CA PRO C 69 11.73 21.93 1.31
C PRO C 69 11.66 23.43 1.60
N THR C 70 11.73 23.80 2.85
CA THR C 70 11.66 25.25 3.20
C THR C 70 12.80 25.63 4.15
N ASP C 71 13.74 26.40 3.68
CA ASP C 71 14.87 26.81 4.56
C ASP C 71 15.72 27.88 3.87
N ALA C 72 15.39 29.12 4.07
CA ALA C 72 16.18 30.21 3.43
C ALA C 72 16.39 31.36 4.41
N PRO C 73 17.52 32.01 4.30
CA PRO C 73 17.85 33.14 5.20
C PRO C 73 16.99 34.36 4.85
N PRO C 74 16.85 35.25 5.81
CA PRO C 74 16.04 36.47 5.59
C PRO C 74 16.80 37.48 4.73
N LYS C 75 16.12 38.17 3.86
CA LYS C 75 16.81 39.16 2.99
C LYS C 75 16.04 40.49 3.00
N TYR A 1 5.59 10.87 0.61
CA TYR A 1 5.64 10.03 1.84
C TYR A 1 6.49 10.71 2.93
N GLY A 2 7.63 11.26 2.59
CA GLY A 2 8.48 11.91 3.63
C GLY A 2 8.74 10.91 4.74
N ASN A 3 9.44 9.86 4.42
CA ASN A 3 9.70 8.83 5.45
C ASN A 3 11.07 8.18 5.27
N MET A 4 11.88 8.64 4.34
CA MET A 4 13.19 7.97 4.12
C MET A 4 12.96 6.47 3.90
N THR A 5 11.77 6.11 3.51
CA THR A 5 11.41 4.68 3.29
C THR A 5 11.46 4.34 1.81
N GLU A 6 10.87 5.16 0.99
CA GLU A 6 10.84 4.88 -0.47
C GLU A 6 12.26 4.67 -0.98
N ASP A 7 13.21 5.35 -0.43
CA ASP A 7 14.62 5.13 -0.88
C ASP A 7 15.12 3.82 -0.30
N HIS A 8 14.56 3.43 0.81
CA HIS A 8 14.99 2.17 1.46
C HIS A 8 14.14 1.02 0.91
N VAL A 9 12.99 1.35 0.39
CA VAL A 9 12.10 0.33 -0.22
C VAL A 9 12.50 0.22 -1.68
N MET A 10 12.90 1.34 -2.25
CA MET A 10 13.33 1.33 -3.66
C MET A 10 14.60 0.50 -3.76
N HIS A 11 15.44 0.60 -2.77
CA HIS A 11 16.69 -0.19 -2.78
C HIS A 11 16.34 -1.66 -2.52
N LEU A 12 15.39 -1.90 -1.66
CA LEU A 12 14.97 -3.29 -1.38
C LEU A 12 14.41 -3.90 -2.66
N LEU A 13 13.99 -3.07 -3.57
CA LEU A 13 13.44 -3.57 -4.86
C LEU A 13 14.52 -3.49 -5.94
N GLN A 14 15.47 -2.63 -5.75
CA GLN A 14 16.56 -2.48 -6.76
C GLN A 14 17.62 -3.58 -6.56
N ASN A 15 17.49 -4.38 -5.54
CA ASN A 15 18.47 -5.47 -5.31
C ASN A 15 17.79 -6.80 -5.59
N ALA A 16 16.50 -6.87 -5.42
CA ALA A 16 15.77 -8.13 -5.70
C ALA A 16 15.58 -8.29 -7.18
N ASP A 17 15.51 -7.20 -7.87
CA ASP A 17 15.32 -7.30 -9.34
C ASP A 17 16.23 -6.30 -10.06
N PRO A 18 17.04 -6.79 -10.96
CA PRO A 18 17.96 -5.92 -11.72
C PRO A 18 17.19 -5.13 -12.81
N LEU A 19 15.90 -5.35 -12.92
CA LEU A 19 15.12 -4.61 -13.95
C LEU A 19 14.03 -3.75 -13.31
N LYS A 20 14.23 -3.34 -12.07
CA LYS A 20 13.19 -2.51 -11.41
C LYS A 20 13.60 -1.03 -11.46
N VAL A 21 12.70 -0.19 -11.86
CA VAL A 21 13.02 1.27 -11.93
C VAL A 21 11.89 2.11 -11.41
N TYR A 22 12.22 3.27 -10.95
CA TYR A 22 11.18 4.21 -10.47
C TYR A 22 11.52 5.57 -11.05
N PRO A 23 11.12 5.77 -12.27
CA PRO A 23 11.41 7.04 -12.95
C PRO A 23 10.83 8.21 -12.16
N PRO A 24 11.50 9.33 -12.26
CA PRO A 24 11.06 10.52 -11.52
C PRO A 24 9.70 10.98 -12.05
N LEU A 25 8.67 10.70 -11.31
CA LEU A 25 7.32 11.12 -11.74
C LEU A 25 7.06 12.51 -11.17
N LYS A 26 7.67 13.51 -11.75
CA LYS A 26 7.51 14.90 -11.24
C LYS A 26 6.33 15.60 -11.91
N GLY A 27 5.83 15.05 -13.00
CA GLY A 27 4.67 15.67 -13.70
C GLY A 27 3.56 15.98 -12.70
N SER A 28 2.84 14.97 -12.33
CA SER A 28 1.71 15.09 -11.36
C SER A 28 1.30 13.67 -11.00
N PHE A 29 0.68 13.46 -9.88
CA PHE A 29 0.28 12.07 -9.53
C PHE A 29 -0.50 11.39 -10.67
N PRO A 30 -1.40 12.11 -11.31
CA PRO A 30 -2.15 11.50 -12.43
C PRO A 30 -1.26 11.38 -13.67
N GLU A 31 -0.19 12.13 -13.71
CA GLU A 31 0.76 12.06 -14.85
C GLU A 31 1.78 11.00 -14.48
N ASN A 32 2.14 11.04 -13.25
CA ASN A 32 3.10 10.07 -12.67
C ASN A 32 2.50 8.67 -12.73
N LEU A 33 1.19 8.60 -12.60
CA LEU A 33 0.53 7.26 -12.67
C LEU A 33 0.39 6.85 -14.12
N ARG A 34 -0.02 7.75 -14.94
CA ARG A 34 -0.15 7.46 -16.40
C ARG A 34 1.24 7.32 -17.00
N HIS A 35 2.22 7.92 -16.39
CA HIS A 35 3.61 7.77 -16.90
C HIS A 35 4.06 6.38 -16.54
N LEU A 36 3.98 6.02 -15.29
CA LEU A 36 4.36 4.64 -14.88
C LEU A 36 3.58 3.66 -15.75
N LYS A 37 2.37 4.00 -16.02
CA LYS A 37 1.50 3.14 -16.84
C LYS A 37 1.97 3.17 -18.28
N ASN A 38 2.07 4.34 -18.82
CA ASN A 38 2.52 4.50 -20.22
C ASN A 38 4.02 4.18 -20.33
N THR A 39 4.68 4.03 -19.23
CA THR A 39 6.15 3.75 -19.27
C THR A 39 6.46 2.37 -18.71
N MET A 40 6.16 2.15 -17.46
CA MET A 40 6.45 0.81 -16.85
C MET A 40 5.74 -0.29 -17.65
N GLU A 41 5.96 -1.51 -17.28
CA GLU A 41 5.29 -2.64 -17.98
C GLU A 41 3.80 -2.55 -17.78
N THR A 42 3.09 -2.59 -18.86
CA THR A 42 1.60 -2.54 -18.78
C THR A 42 1.14 -3.52 -17.75
N ILE A 43 1.87 -4.59 -17.62
CA ILE A 43 1.51 -5.64 -16.65
C ILE A 43 1.98 -5.25 -15.27
N ASP A 44 3.02 -4.49 -15.21
CA ASP A 44 3.46 -4.00 -13.89
C ASP A 44 2.48 -2.89 -13.55
N TRP A 45 1.99 -2.24 -14.57
CA TRP A 45 0.97 -1.21 -14.37
C TRP A 45 -0.33 -1.92 -14.04
N LYS A 46 -0.56 -3.06 -14.64
CA LYS A 46 -1.82 -3.79 -14.31
C LYS A 46 -1.79 -4.07 -12.83
N VAL A 47 -0.68 -4.57 -12.43
CA VAL A 47 -0.47 -4.91 -11.01
C VAL A 47 -0.42 -3.63 -10.19
N PHE A 48 0.16 -2.58 -10.73
CA PHE A 48 0.20 -1.31 -9.97
C PHE A 48 -1.20 -0.75 -9.84
N GLU A 49 -1.95 -0.80 -10.90
CA GLU A 49 -3.35 -0.31 -10.83
C GLU A 49 -4.09 -1.15 -9.81
N SER A 50 -3.92 -2.44 -9.88
CA SER A 50 -4.58 -3.32 -8.89
C SER A 50 -4.01 -2.96 -7.51
N TRP A 51 -2.78 -2.55 -7.47
CA TRP A 51 -2.16 -2.14 -6.18
C TRP A 51 -2.82 -0.85 -5.73
N MET A 52 -3.07 0.02 -6.64
CA MET A 52 -3.73 1.30 -6.29
C MET A 52 -5.18 1.01 -5.94
N HIS A 53 -5.76 0.07 -6.64
CA HIS A 53 -7.17 -0.32 -6.38
C HIS A 53 -7.23 -0.97 -4.99
N HIS A 54 -6.31 -1.86 -4.70
CA HIS A 54 -6.30 -2.48 -3.35
C HIS A 54 -5.98 -1.38 -2.36
N TRP A 55 -4.99 -0.59 -2.66
CA TRP A 55 -4.66 0.56 -1.81
C TRP A 55 -5.92 1.39 -1.59
N LEU A 56 -6.69 1.51 -2.64
CA LEU A 56 -7.94 2.30 -2.54
C LEU A 56 -8.94 1.60 -1.65
N LEU A 57 -9.31 0.38 -1.95
CA LEU A 57 -10.28 -0.34 -1.09
C LEU A 57 -9.85 -0.23 0.35
N PHE A 58 -8.71 -0.80 0.62
CA PHE A 58 -8.15 -0.76 2.02
C PHE A 58 -8.41 0.58 2.69
N GLU A 59 -7.79 1.62 2.21
CA GLU A 59 -7.98 2.96 2.82
C GLU A 59 -9.47 3.30 2.90
N MET A 60 -10.24 2.83 1.99
CA MET A 60 -11.71 3.11 2.01
C MET A 60 -12.36 2.19 3.08
N SER A 61 -12.20 0.90 2.94
CA SER A 61 -12.76 -0.04 3.95
C SER A 61 -12.29 0.39 5.35
N ARG A 62 -11.06 0.79 5.46
CA ARG A 62 -10.51 1.20 6.79
C ARG A 62 -10.80 2.69 7.07
N HIS A 63 -11.89 3.21 6.58
CA HIS A 63 -12.21 4.65 6.85
C HIS A 63 -13.28 4.75 7.94
N SER A 64 -13.41 3.74 8.75
CA SER A 64 -14.43 3.79 9.84
C SER A 64 -14.08 4.87 10.87
N LEU A 65 -12.88 5.36 10.85
CA LEU A 65 -12.48 6.42 11.83
C LEU A 65 -12.57 7.79 11.17
N GLU A 66 -12.12 7.90 9.96
CA GLU A 66 -12.16 9.22 9.26
C GLU A 66 -13.56 9.49 8.69
N GLN A 67 -14.56 9.46 9.53
CA GLN A 67 -15.95 9.73 9.04
C GLN A 67 -16.84 10.19 10.20
N LYS A 68 -17.99 10.72 9.88
CA LYS A 68 -18.92 11.19 10.95
C LYS A 68 -19.91 10.08 11.34
N PRO A 69 -20.40 10.16 12.55
CA PRO A 69 -21.38 9.14 13.03
C PRO A 69 -22.75 9.39 12.40
N THR A 70 -23.37 8.37 11.88
CA THR A 70 -24.70 8.56 11.25
C THR A 70 -25.68 7.47 11.71
N ASP A 71 -26.95 7.72 11.61
CA ASP A 71 -27.96 6.71 12.04
C ASP A 71 -29.37 7.17 11.65
N ALA A 72 -30.20 6.26 11.23
CA ALA A 72 -31.58 6.65 10.83
C ALA A 72 -32.59 5.57 11.26
N PRO A 73 -33.28 5.83 12.34
CA PRO A 73 -34.29 4.86 12.85
C PRO A 73 -35.54 4.89 11.97
N PRO A 74 -35.80 3.78 11.30
CA PRO A 74 -36.99 3.70 10.41
C PRO A 74 -38.27 3.60 11.24
N LYS A 75 -39.37 3.26 10.62
CA LYS A 75 -40.65 3.14 11.37
C LYS A 75 -41.04 1.68 11.54
N TYR B 1 -8.22 7.77 4.65
CA TYR B 1 -6.96 8.39 4.13
C TYR B 1 -7.00 9.92 4.22
N GLY B 2 -8.11 10.54 3.86
CA GLY B 2 -8.17 12.02 3.92
C GLY B 2 -7.02 12.59 3.13
N ASN B 3 -7.00 12.37 1.85
CA ASN B 3 -5.88 12.89 1.03
C ASN B 3 -6.34 13.30 -0.36
N MET B 4 -7.62 13.26 -0.65
CA MET B 4 -8.07 13.61 -2.03
C MET B 4 -7.29 12.75 -3.04
N THR B 5 -6.78 11.63 -2.59
CA THR B 5 -5.99 10.73 -3.46
C THR B 5 -6.83 9.56 -3.92
N GLU B 6 -7.52 8.94 -3.02
CA GLU B 6 -8.35 7.76 -3.39
C GLU B 6 -9.30 8.11 -4.53
N ASP B 7 -9.76 9.33 -4.57
CA ASP B 7 -10.65 9.74 -5.69
C ASP B 7 -9.81 9.95 -6.93
N HIS B 8 -8.57 10.28 -6.73
CA HIS B 8 -7.67 10.52 -7.88
C HIS B 8 -6.98 9.20 -8.27
N VAL B 9 -6.95 8.28 -7.35
CA VAL B 9 -6.36 6.94 -7.61
C VAL B 9 -7.50 6.06 -8.12
N MET B 10 -8.68 6.31 -7.60
CA MET B 10 -9.86 5.54 -8.06
C MET B 10 -10.11 5.89 -9.52
N HIS B 11 -9.91 7.12 -9.87
CA HIS B 11 -10.11 7.53 -11.28
C HIS B 11 -8.98 6.96 -12.12
N LEU B 12 -7.79 6.95 -11.58
CA LEU B 12 -6.64 6.38 -12.33
C LEU B 12 -6.90 4.89 -12.58
N LEU B 13 -7.76 4.31 -11.79
CA LEU B 13 -8.09 2.86 -11.97
C LEU B 13 -9.41 2.73 -12.74
N GLN B 14 -10.22 3.75 -12.68
CA GLN B 14 -11.52 3.72 -13.40
C GLN B 14 -11.32 4.05 -14.89
N ASN B 15 -10.13 4.42 -15.28
CA ASN B 15 -9.88 4.74 -16.71
C ASN B 15 -9.02 3.63 -17.31
N ALA B 16 -8.22 2.99 -16.50
CA ALA B 16 -7.37 1.88 -17.00
C ALA B 16 -8.20 0.64 -17.19
N ASP B 17 -9.21 0.51 -16.41
CA ASP B 17 -10.07 -0.69 -16.54
C ASP B 17 -11.55 -0.32 -16.46
N PRO B 18 -12.30 -0.69 -17.47
CA PRO B 18 -13.75 -0.38 -17.48
C PRO B 18 -14.52 -1.31 -16.54
N LEU B 19 -13.84 -2.21 -15.87
CA LEU B 19 -14.55 -3.14 -14.95
C LEU B 19 -14.02 -2.97 -13.51
N LYS B 20 -13.51 -1.82 -13.18
CA LYS B 20 -12.99 -1.61 -11.81
C LYS B 20 -14.02 -0.85 -10.96
N VAL B 21 -14.29 -1.34 -9.78
CA VAL B 21 -15.29 -0.65 -8.92
C VAL B 21 -14.81 -0.61 -7.48
N TYR B 22 -15.29 0.36 -6.76
CA TYR B 22 -14.96 0.45 -5.34
C TYR B 22 -16.24 0.75 -4.59
N PRO B 23 -16.99 -0.29 -4.33
CA PRO B 23 -18.27 -0.13 -3.64
C PRO B 23 -18.08 0.55 -2.30
N PRO B 24 -19.08 1.28 -1.89
CA PRO B 24 -19.00 2.01 -0.62
C PRO B 24 -18.92 1.03 0.54
N LEU B 25 -17.76 0.86 1.09
CA LEU B 25 -17.61 -0.08 2.22
C LEU B 25 -17.84 0.72 3.51
N LYS B 26 -19.07 1.03 3.79
CA LYS B 26 -19.40 1.84 5.01
C LYS B 26 -19.64 0.92 6.21
N GLY B 27 -19.84 -0.35 5.99
CA GLY B 27 -20.07 -1.28 7.12
C GLY B 27 -18.99 -1.09 8.20
N SER B 28 -17.84 -1.63 7.93
CA SER B 28 -16.69 -1.53 8.88
C SER B 28 -15.47 -2.05 8.13
N PHE B 29 -14.30 -1.66 8.49
CA PHE B 29 -13.10 -2.17 7.75
C PHE B 29 -13.12 -3.69 7.61
N PRO B 30 -13.50 -4.41 8.65
CA PRO B 30 -13.55 -5.89 8.54
C PRO B 30 -14.78 -6.32 7.73
N GLU B 31 -15.74 -5.44 7.61
CA GLU B 31 -16.95 -5.75 6.78
C GLU B 31 -16.63 -5.29 5.37
N ASN B 32 -16.00 -4.17 5.32
CA ASN B 32 -15.56 -3.57 4.04
C ASN B 32 -14.55 -4.49 3.38
N LEU B 33 -13.78 -5.18 4.17
CA LEU B 33 -12.77 -6.12 3.60
C LEU B 33 -13.46 -7.41 3.19
N ARG B 34 -14.30 -7.89 4.05
CA ARG B 34 -15.07 -9.13 3.73
C ARG B 34 -16.10 -8.82 2.65
N HIS B 35 -16.49 -7.58 2.55
CA HIS B 35 -17.46 -7.21 1.47
C HIS B 35 -16.69 -7.21 0.17
N LEU B 36 -15.60 -6.51 0.11
CA LEU B 36 -14.78 -6.51 -1.12
C LEU B 36 -14.44 -7.95 -1.47
N LYS B 37 -14.22 -8.72 -0.46
CA LYS B 37 -13.86 -10.14 -0.64
C LYS B 37 -15.10 -10.90 -1.11
N ASN B 38 -16.13 -10.79 -0.35
CA ASN B 38 -17.41 -11.49 -0.69
C ASN B 38 -18.06 -10.83 -1.90
N THR B 39 -17.56 -9.70 -2.32
CA THR B 39 -18.18 -8.98 -3.48
C THR B 39 -17.21 -8.92 -4.65
N MET B 40 -16.10 -8.28 -4.47
CA MET B 40 -15.11 -8.18 -5.59
C MET B 40 -14.70 -9.57 -6.07
N GLU B 41 -13.89 -9.65 -7.09
CA GLU B 41 -13.44 -10.97 -7.58
C GLU B 41 -12.61 -11.65 -6.53
N THR B 42 -12.95 -12.85 -6.24
CA THR B 42 -12.19 -13.65 -5.23
C THR B 42 -10.72 -13.53 -5.55
N ILE B 43 -10.44 -13.42 -6.81
CA ILE B 43 -9.03 -13.33 -7.24
C ILE B 43 -8.54 -11.91 -7.09
N ASP B 44 -9.42 -10.97 -7.17
CA ASP B 44 -9.01 -9.58 -6.93
C ASP B 44 -8.88 -9.48 -5.42
N TRP B 45 -9.69 -10.26 -4.74
CA TRP B 45 -9.59 -10.31 -3.28
C TRP B 45 -8.33 -11.08 -2.93
N LYS B 46 -8.01 -12.08 -3.71
CA LYS B 46 -6.77 -12.85 -3.43
C LYS B 46 -5.63 -11.87 -3.46
N VAL B 47 -5.64 -11.13 -4.52
CA VAL B 47 -4.61 -10.11 -4.73
C VAL B 47 -4.76 -9.00 -3.70
N PHE B 48 -5.97 -8.67 -3.35
CA PHE B 48 -6.17 -7.60 -2.33
C PHE B 48 -5.68 -8.11 -0.98
N GLU B 49 -5.99 -9.32 -0.67
CA GLU B 49 -5.51 -9.90 0.61
C GLU B 49 -4.00 -9.90 0.59
N SER B 50 -3.44 -10.34 -0.50
CA SER B 50 -1.96 -10.33 -0.62
C SER B 50 -1.50 -8.88 -0.54
N TRP B 51 -2.31 -7.98 -1.04
CA TRP B 51 -1.96 -6.54 -0.96
C TRP B 51 -2.02 -6.09 0.48
N MET B 52 -2.99 -6.57 1.20
CA MET B 52 -3.10 -6.21 2.63
C MET B 52 -1.98 -6.91 3.38
N HIS B 53 -1.67 -8.11 2.97
CA HIS B 53 -0.58 -8.87 3.61
C HIS B 53 0.75 -8.15 3.33
N HIS B 54 0.97 -7.75 2.10
CA HIS B 54 2.22 -7.00 1.79
C HIS B 54 2.13 -5.68 2.54
N TRP B 55 1.01 -5.03 2.44
CA TRP B 55 0.79 -3.78 3.20
C TRP B 55 1.13 -4.05 4.67
N LEU B 56 0.74 -5.19 5.14
CA LEU B 56 1.00 -5.55 6.55
C LEU B 56 2.49 -5.75 6.79
N LEU B 57 3.12 -6.65 6.07
CA LEU B 57 4.59 -6.86 6.26
C LEU B 57 5.29 -5.53 6.23
N PHE B 58 5.20 -4.88 5.10
CA PHE B 58 5.85 -3.54 4.93
C PHE B 58 5.72 -2.69 6.20
N GLU B 59 4.52 -2.29 6.52
CA GLU B 59 4.31 -1.45 7.74
C GLU B 59 4.94 -2.11 8.96
N MET B 60 4.94 -3.41 8.99
CA MET B 60 5.55 -4.12 10.15
C MET B 60 7.08 -4.07 10.01
N SER B 61 7.60 -4.56 8.92
CA SER B 61 9.07 -4.51 8.69
C SER B 61 9.56 -3.07 8.88
N ARG B 62 8.81 -2.12 8.39
CA ARG B 62 9.22 -0.69 8.53
C ARG B 62 8.75 -0.10 9.86
N HIS B 63 8.68 -0.88 10.90
CA HIS B 63 8.25 -0.33 12.22
C HIS B 63 9.47 -0.11 13.12
N SER B 64 10.63 0.02 12.54
CA SER B 64 11.86 0.23 13.36
C SER B 64 11.80 1.58 14.08
N LEU B 65 10.92 2.45 13.67
CA LEU B 65 10.82 3.79 14.34
C LEU B 65 9.67 3.79 15.34
N GLU B 66 8.57 3.21 14.99
CA GLU B 66 7.41 3.18 15.92
C GLU B 66 7.58 2.08 16.97
N GLN B 67 8.67 2.08 17.69
CA GLN B 67 8.88 1.04 18.73
C GLN B 67 9.86 1.52 19.80
N LYS B 68 9.95 0.83 20.91
CA LYS B 68 10.88 1.26 21.99
C LYS B 68 12.23 0.53 21.84
N PRO B 69 13.26 1.16 22.36
CA PRO B 69 14.62 0.56 22.29
C PRO B 69 14.74 -0.59 23.28
N THR B 70 15.25 -1.71 22.86
CA THR B 70 15.39 -2.87 23.78
C THR B 70 16.77 -3.51 23.65
N ASP B 71 17.20 -4.23 24.65
CA ASP B 71 18.54 -4.87 24.59
C ASP B 71 18.74 -5.79 25.79
N ALA B 72 19.35 -6.93 25.60
CA ALA B 72 19.57 -7.86 26.74
C ALA B 72 20.94 -8.53 26.63
N PRO B 73 21.88 -8.05 27.40
CA PRO B 73 23.24 -8.63 27.38
C PRO B 73 23.25 -9.99 28.10
N PRO B 74 23.53 -11.03 27.36
CA PRO B 74 23.57 -12.39 27.96
C PRO B 74 24.82 -12.57 28.81
N LYS B 75 25.14 -13.78 29.19
CA LYS B 75 26.35 -14.02 30.02
C LYS B 75 27.45 -14.67 29.19
N TYR C 1 3.06 1.57 11.73
CA TYR C 1 1.74 2.15 11.31
C TYR C 1 1.01 2.76 12.51
N GLY C 2 0.98 2.10 13.63
CA GLY C 2 0.25 2.68 14.81
C GLY C 2 -1.18 2.98 14.40
N ASN C 3 -1.92 1.98 14.07
CA ASN C 3 -3.31 2.22 13.63
C ASN C 3 -4.26 1.10 14.06
N MET C 4 -3.79 0.14 14.82
CA MET C 4 -4.69 -0.98 15.21
C MET C 4 -5.30 -1.59 13.94
N THR C 5 -4.65 -1.39 12.81
CA THR C 5 -5.15 -1.91 11.52
C THR C 5 -4.41 -3.17 11.13
N GLU C 6 -3.11 -3.16 11.23
CA GLU C 6 -2.32 -4.35 10.83
C GLU C 6 -2.81 -5.58 11.58
N ASP C 7 -3.26 -5.42 12.77
CA ASP C 7 -3.79 -6.59 13.51
C ASP C 7 -5.17 -6.93 12.99
N HIS C 8 -5.84 -5.95 12.45
CA HIS C 8 -7.19 -6.16 11.92
C HIS C 8 -7.09 -6.55 10.43
N VAL C 9 -5.98 -6.20 9.82
CA VAL C 9 -5.72 -6.56 8.40
C VAL C 9 -5.04 -7.92 8.42
N MET C 10 -4.23 -8.14 9.43
CA MET C 10 -3.52 -9.44 9.56
C MET C 10 -4.59 -10.51 9.81
N HIS C 11 -5.58 -10.18 10.56
CA HIS C 11 -6.66 -11.16 10.83
C HIS C 11 -7.50 -11.34 9.56
N LEU C 12 -7.71 -10.26 8.85
CA LEU C 12 -8.49 -10.36 7.59
C LEU C 12 -7.73 -11.25 6.61
N LEU C 13 -6.45 -11.39 6.82
CA LEU C 13 -5.63 -12.27 5.93
C LEU C 13 -5.41 -13.62 6.59
N GLN C 14 -5.53 -13.67 7.88
CA GLN C 14 -5.34 -14.94 8.62
C GLN C 14 -6.62 -15.79 8.56
N ASN C 15 -7.68 -15.26 8.02
CA ASN C 15 -8.95 -16.02 7.92
C ASN C 15 -9.19 -16.38 6.45
N ALA C 16 -8.70 -15.57 5.56
CA ALA C 16 -8.87 -15.86 4.11
C ALA C 16 -7.91 -16.95 3.69
N ASP C 17 -6.80 -17.01 4.34
CA ASP C 17 -5.82 -18.05 3.97
C ASP C 17 -5.23 -18.71 5.23
N PRO C 18 -5.33 -20.01 5.30
CA PRO C 18 -4.79 -20.74 6.48
C PRO C 18 -3.26 -20.84 6.39
N LEU C 19 -2.66 -20.32 5.35
CA LEU C 19 -1.17 -20.40 5.23
C LEU C 19 -0.56 -19.00 5.19
N LYS C 20 -1.22 -18.03 5.77
CA LYS C 20 -0.66 -16.65 5.76
C LYS C 20 0.03 -16.35 7.09
N VAL C 21 1.23 -15.84 7.06
CA VAL C 21 1.94 -15.52 8.31
C VAL C 21 2.65 -14.19 8.23
N TYR C 22 2.85 -13.58 9.33
CA TYR C 22 3.61 -12.32 9.37
C TYR C 22 4.58 -12.41 10.52
N PRO C 23 5.69 -13.04 10.25
CA PRO C 23 6.72 -13.23 11.28
C PRO C 23 7.17 -11.88 11.83
N PRO C 24 7.54 -11.89 13.09
CA PRO C 24 7.98 -10.64 13.74
C PRO C 24 9.25 -10.13 13.08
N LEU C 25 9.13 -9.12 12.27
CA LEU C 25 10.32 -8.56 11.61
C LEU C 25 10.89 -7.47 12.52
N LYS C 26 11.53 -7.86 13.59
CA LYS C 26 12.08 -6.85 14.55
C LYS C 26 13.51 -6.46 14.17
N GLY C 27 14.14 -7.22 13.31
CA GLY C 27 15.54 -6.88 12.90
C GLY C 27 15.63 -5.42 12.47
N SER C 28 15.17 -5.14 11.29
CA SER C 28 15.18 -3.76 10.73
C SER C 28 14.33 -3.79 9.47
N PHE C 29 13.79 -2.71 9.03
CA PHE C 29 12.96 -2.75 7.79
C PHE C 29 13.71 -3.44 6.64
N PRO C 30 14.98 -3.17 6.48
CA PRO C 30 15.73 -3.84 5.38
C PRO C 30 16.02 -5.30 5.76
N GLU C 31 15.96 -5.61 7.02
CA GLU C 31 16.17 -7.02 7.47
C GLU C 31 14.81 -7.69 7.44
N ASN C 32 13.85 -6.94 7.87
CA ASN C 32 12.44 -7.39 7.87
C ASN C 32 11.99 -7.64 6.45
N LEU C 33 12.50 -6.87 5.53
CA LEU C 33 12.11 -7.07 4.10
C LEU C 33 12.88 -8.25 3.54
N ARG C 34 14.14 -8.29 3.81
CA ARG C 34 14.98 -9.43 3.33
C ARG C 34 14.59 -10.69 4.10
N HIS C 35 14.05 -10.54 5.28
CA HIS C 35 13.60 -11.72 6.06
C HIS C 35 12.33 -12.22 5.40
N LEU C 36 11.38 -11.37 5.22
CA LEU C 36 10.13 -11.79 4.53
C LEU C 36 10.50 -12.39 3.19
N LYS C 37 11.49 -11.83 2.58
CA LYS C 37 11.95 -12.30 1.27
C LYS C 37 12.67 -13.63 1.44
N ASN C 38 13.64 -13.63 2.28
CA ASN C 38 14.43 -14.88 2.54
C ASN C 38 13.57 -15.88 3.31
N THR C 39 12.43 -15.46 3.79
CA THR C 39 11.56 -16.39 4.58
C THR C 39 10.25 -16.66 3.85
N MET C 40 9.46 -15.65 3.64
CA MET C 40 8.15 -15.85 2.95
C MET C 40 8.39 -16.48 1.57
N GLU C 41 7.33 -16.79 0.86
CA GLU C 41 7.49 -17.39 -0.49
C GLU C 41 8.15 -16.40 -1.40
N THR C 42 9.18 -16.84 -2.05
CA THR C 42 9.90 -15.98 -3.02
C THR C 42 8.89 -15.32 -3.92
N ILE C 43 7.84 -16.02 -4.17
CA ILE C 43 6.79 -15.50 -5.06
C ILE C 43 5.88 -14.56 -4.30
N ASP C 44 5.76 -14.78 -3.04
CA ASP C 44 4.97 -13.84 -2.23
C ASP C 44 5.87 -12.64 -2.05
N TRP C 45 7.15 -12.90 -2.03
CA TRP C 45 8.13 -11.80 -1.96
C TRP C 45 8.15 -11.12 -3.30
N LYS C 46 8.00 -11.88 -4.36
CA LYS C 46 7.99 -11.25 -5.70
C LYS C 46 6.87 -10.25 -5.70
N VAL C 47 5.76 -10.73 -5.28
CA VAL C 47 4.54 -9.91 -5.21
C VAL C 47 4.72 -8.84 -4.14
N PHE C 48 5.38 -9.15 -3.07
CA PHE C 48 5.60 -8.12 -2.01
C PHE C 48 6.54 -7.05 -2.55
N GLU C 49 7.57 -7.46 -3.23
CA GLU C 49 8.51 -6.47 -3.80
C GLU C 49 7.73 -5.63 -4.80
N SER C 50 6.96 -6.27 -5.63
CA SER C 50 6.12 -5.49 -6.58
C SER C 50 5.18 -4.62 -5.78
N TRP C 51 4.76 -5.11 -4.64
CA TRP C 51 3.85 -4.30 -3.78
C TRP C 51 4.62 -3.12 -3.22
N MET C 52 5.85 -3.35 -2.88
CA MET C 52 6.69 -2.24 -2.36
C MET C 52 7.01 -1.31 -3.51
N HIS C 53 7.22 -1.88 -4.66
CA HIS C 53 7.52 -1.07 -5.88
C HIS C 53 6.28 -0.25 -6.22
N HIS C 54 5.12 -0.86 -6.21
CA HIS C 54 3.88 -0.08 -6.49
C HIS C 54 3.72 0.91 -5.35
N TRP C 55 3.88 0.45 -4.15
CA TRP C 55 3.81 1.34 -2.98
C TRP C 55 4.78 2.50 -3.21
N LEU C 56 5.92 2.19 -3.77
CA LEU C 56 6.93 3.22 -4.03
C LEU C 56 6.46 4.18 -5.12
N LEU C 57 6.14 3.68 -6.29
CA LEU C 57 5.65 4.58 -7.37
C LEU C 57 4.56 5.47 -6.83
N PHE C 58 3.49 4.85 -6.43
CA PHE C 58 2.33 5.60 -5.86
C PHE C 58 2.80 6.76 -4.98
N GLU C 59 3.40 6.46 -3.86
CA GLU C 59 3.86 7.53 -2.95
C GLU C 59 4.75 8.53 -3.69
N MET C 60 5.46 8.06 -4.68
CA MET C 60 6.33 8.99 -5.46
C MET C 60 5.45 9.79 -6.44
N SER C 61 4.71 9.11 -7.28
CA SER C 61 3.80 9.82 -8.22
C SER C 61 2.91 10.77 -7.43
N ARG C 62 2.44 10.35 -6.29
CA ARG C 62 1.55 11.22 -5.46
C ARG C 62 2.37 12.15 -4.55
N HIS C 63 3.53 12.56 -4.97
CA HIS C 63 4.35 13.48 -4.12
C HIS C 63 4.23 14.91 -4.62
N SER C 64 3.19 15.22 -5.34
CA SER C 64 3.01 16.60 -5.89
C SER C 64 2.80 17.59 -4.75
N LEU C 65 2.49 17.12 -3.57
CA LEU C 65 2.27 18.05 -2.41
C LEU C 65 3.53 18.12 -1.56
N GLU C 66 4.16 17.01 -1.32
CA GLU C 66 5.37 17.00 -0.47
C GLU C 66 6.60 17.44 -1.29
N GLN C 67 6.55 18.60 -1.89
CA GLN C 67 7.70 19.07 -2.69
C GLN C 67 7.67 20.60 -2.83
N LYS C 68 8.75 21.19 -3.27
CA LYS C 68 8.79 22.67 -3.42
C LYS C 68 8.41 23.07 -4.86
N PRO C 69 7.90 24.27 -4.99
CA PRO C 69 7.50 24.77 -6.33
C PRO C 69 8.75 25.13 -7.15
N THR C 70 8.80 24.69 -8.38
CA THR C 70 9.99 25.01 -9.22
C THR C 70 9.55 25.47 -10.62
N ASP C 71 10.40 26.17 -11.31
CA ASP C 71 10.04 26.65 -12.68
C ASP C 71 11.26 27.29 -13.35
N ALA C 72 11.44 27.07 -14.62
CA ALA C 72 12.60 27.66 -15.33
C ALA C 72 12.20 28.12 -16.74
N PRO C 73 12.00 29.41 -16.89
CA PRO C 73 11.62 29.96 -18.21
C PRO C 73 12.83 29.97 -19.16
N PRO C 74 12.76 29.20 -20.21
CA PRO C 74 13.88 29.14 -21.19
C PRO C 74 13.93 30.41 -22.02
N LYS C 75 14.68 30.41 -23.08
CA LYS C 75 14.77 31.62 -23.95
C LYS C 75 14.00 31.40 -25.25
#